data_2KC5
#
_entry.id   2KC5
#
_cell.length_a   1.000
_cell.length_b   1.000
_cell.length_c   1.000
_cell.angle_alpha   90.00
_cell.angle_beta   90.00
_cell.angle_gamma   90.00
#
_symmetry.space_group_name_H-M   'P 1'
#
_entity_poly.entity_id   1
_entity_poly.type   'polypeptide(L)'
_entity_poly.pdbx_seq_one_letter_code
;MTEEIAGFQTSPKAQVQAAFEEIARRSMHDLSFLHPSMPVYVSDFTLFEGQWTGCVITPWMLSAVIFPGPDQLWPLRKVS
EKIGLQLPYGTMTFTVGELDGVSQYLSCSLMSPLSHSMSIEEGQRLTDDCARMILSLPVTNPDVPHAGRRALLFGRRSGE
NA
;
_entity_poly.pdbx_strand_id   A
#
# COMPACT_ATOMS: atom_id res chain seq x y z
N MET A 1 1.53 -2.96 28.26
CA MET A 1 2.86 -2.73 27.63
C MET A 1 2.99 -1.25 27.22
N THR A 2 4.17 -0.64 27.42
CA THR A 2 4.41 0.78 27.18
C THR A 2 4.72 1.08 25.70
N GLU A 3 5.18 0.08 24.94
CA GLU A 3 5.68 0.28 23.59
C GLU A 3 4.52 0.19 22.60
N GLU A 4 4.45 1.13 21.65
CA GLU A 4 3.29 1.33 20.77
C GLU A 4 3.77 1.87 19.41
N ILE A 5 2.89 1.80 18.41
CA ILE A 5 3.02 2.43 17.10
C ILE A 5 1.82 3.37 16.99
N ALA A 6 2.07 4.65 16.70
CA ALA A 6 1.03 5.64 16.52
C ALA A 6 0.37 5.46 15.15
N GLY A 7 -0.93 5.71 15.09
CA GLY A 7 -1.72 5.68 13.87
C GLY A 7 -1.26 6.73 12.87
N PHE A 8 -1.35 6.41 11.58
CA PHE A 8 -0.95 7.28 10.49
C PHE A 8 -2.13 8.15 10.09
N GLN A 9 -1.88 9.42 9.80
CA GLN A 9 -2.91 10.34 9.31
C GLN A 9 -3.28 9.96 7.87
N THR A 10 -2.30 9.58 7.06
CA THR A 10 -2.40 9.00 5.72
C THR A 10 -1.13 8.19 5.47
N SER A 11 -1.15 7.34 4.42
CA SER A 11 -0.04 6.49 4.04
C SER A 11 1.27 7.29 3.83
N PRO A 12 2.44 6.77 4.23
CA PRO A 12 3.76 7.30 3.91
C PRO A 12 4.16 6.98 2.47
N LYS A 13 3.26 7.26 1.51
CA LYS A 13 3.34 6.84 0.11
C LYS A 13 4.66 7.26 -0.54
N ALA A 14 5.08 8.51 -0.34
CA ALA A 14 6.33 9.02 -0.91
C ALA A 14 7.53 8.27 -0.37
N GLN A 15 7.53 7.99 0.94
CA GLN A 15 8.68 7.38 1.61
C GLN A 15 8.79 5.92 1.20
N VAL A 16 7.66 5.20 1.08
CA VAL A 16 7.64 3.85 0.52
C VAL A 16 8.21 3.92 -0.91
N GLN A 17 7.79 4.89 -1.72
CA GLN A 17 8.25 5.02 -3.11
C GLN A 17 9.76 5.24 -3.15
N ALA A 18 10.30 6.24 -2.45
CA ALA A 18 11.70 6.61 -2.51
C ALA A 18 12.59 5.49 -1.95
N ALA A 19 12.15 4.83 -0.87
CA ALA A 19 12.88 3.70 -0.32
C ALA A 19 12.94 2.57 -1.35
N PHE A 20 11.81 2.22 -1.96
CA PHE A 20 11.80 1.14 -2.95
C PHE A 20 12.49 1.52 -4.24
N GLU A 21 12.60 2.81 -4.58
CA GLU A 21 13.39 3.28 -5.71
C GLU A 21 14.86 2.91 -5.47
N GLU A 22 15.32 3.00 -4.21
CA GLU A 22 16.69 2.71 -3.86
C GLU A 22 16.89 1.20 -3.73
N ILE A 23 15.98 0.50 -3.06
CA ILE A 23 16.05 -0.96 -2.90
C ILE A 23 15.99 -1.66 -4.27
N ALA A 24 15.27 -1.10 -5.25
CA ALA A 24 15.24 -1.62 -6.62
C ALA A 24 16.58 -1.42 -7.35
N ARG A 25 17.39 -0.43 -6.94
CA ARG A 25 18.71 -0.17 -7.51
C ARG A 25 19.74 -1.07 -6.83
N ARG A 26 19.64 -1.23 -5.51
CA ARG A 26 20.57 -2.02 -4.71
C ARG A 26 20.55 -3.46 -5.23
N SER A 27 21.70 -3.94 -5.71
CA SER A 27 21.90 -5.26 -6.27
C SER A 27 23.38 -5.57 -6.07
N MET A 28 23.66 -6.57 -5.23
CA MET A 28 25.00 -6.95 -4.83
C MET A 28 25.62 -7.89 -5.88
N HIS A 29 26.91 -8.21 -5.72
CA HIS A 29 27.69 -9.07 -6.61
C HIS A 29 27.81 -8.47 -8.03
N ASP A 30 28.29 -9.25 -8.99
CA ASP A 30 28.68 -8.83 -10.34
C ASP A 30 27.51 -8.30 -11.19
N LEU A 31 26.27 -8.44 -10.68
CA LEU A 31 25.09 -7.83 -11.27
C LEU A 31 25.22 -6.30 -11.25
N SER A 32 25.92 -5.75 -10.25
CA SER A 32 26.08 -4.32 -9.96
C SER A 32 24.76 -3.62 -9.63
N PHE A 33 24.86 -2.49 -8.91
CA PHE A 33 23.71 -1.69 -8.44
C PHE A 33 23.21 -0.78 -9.57
N LEU A 34 22.86 -1.39 -10.71
CA LEU A 34 22.30 -0.71 -11.88
C LEU A 34 20.97 -0.05 -11.50
N HIS A 35 20.65 1.06 -12.16
CA HIS A 35 19.43 1.82 -11.93
C HIS A 35 18.18 0.99 -12.35
N PRO A 36 16.98 1.30 -11.81
CA PRO A 36 15.82 0.43 -11.99
C PRO A 36 15.31 0.31 -13.44
N SER A 37 15.50 1.36 -14.26
CA SER A 37 15.02 1.47 -15.65
C SER A 37 13.48 1.38 -15.78
N MET A 38 12.75 1.42 -14.66
CA MET A 38 11.29 1.40 -14.59
C MET A 38 10.95 2.08 -13.27
N PRO A 39 10.36 3.30 -13.29
CA PRO A 39 10.02 4.03 -12.08
C PRO A 39 9.14 3.20 -11.14
N VAL A 40 9.60 2.97 -9.91
CA VAL A 40 8.75 2.36 -8.89
C VAL A 40 7.59 3.32 -8.58
N TYR A 41 6.41 2.79 -8.23
CA TYR A 41 5.21 3.58 -7.99
C TYR A 41 4.43 2.95 -6.83
N VAL A 42 3.57 3.73 -6.17
CA VAL A 42 2.79 3.29 -5.01
C VAL A 42 1.38 3.87 -5.16
N SER A 43 0.35 3.02 -5.08
CA SER A 43 -1.04 3.46 -4.98
C SER A 43 -1.39 3.62 -3.49
N ASP A 44 -2.31 4.53 -3.17
CA ASP A 44 -2.87 4.75 -1.83
C ASP A 44 -4.39 4.83 -1.95
N PHE A 45 -5.10 4.10 -1.08
CA PHE A 45 -6.53 3.92 -1.19
C PHE A 45 -7.14 3.26 0.05
N THR A 46 -8.37 3.65 0.40
CA THR A 46 -9.28 3.03 1.37
C THR A 46 -8.72 2.90 2.81
N LEU A 47 -9.61 2.64 3.77
CA LEU A 47 -9.29 2.39 5.17
C LEU A 47 -9.68 0.95 5.55
N PHE A 48 -9.10 -0.02 4.83
CA PHE A 48 -9.44 -1.43 4.93
C PHE A 48 -8.94 -2.00 6.26
N GLU A 49 -9.76 -2.80 6.94
CA GLU A 49 -9.51 -3.29 8.31
C GLU A 49 -9.26 -2.13 9.29
N GLY A 50 -9.74 -0.93 8.98
CA GLY A 50 -9.50 0.28 9.77
C GLY A 50 -8.08 0.84 9.59
N GLN A 51 -7.40 0.51 8.49
CA GLN A 51 -6.00 0.85 8.24
C GLN A 51 -5.87 1.34 6.80
N TRP A 52 -5.03 2.34 6.52
CA TRP A 52 -4.89 2.88 5.18
C TRP A 52 -4.29 1.80 4.27
N THR A 53 -4.84 1.63 3.07
CA THR A 53 -4.38 0.59 2.15
C THR A 53 -3.50 1.21 1.06
N GLY A 54 -2.68 0.39 0.41
CA GLY A 54 -1.86 0.78 -0.71
C GLY A 54 -1.26 -0.45 -1.38
N CYS A 55 -0.66 -0.28 -2.55
CA CYS A 55 0.16 -1.30 -3.19
C CYS A 55 1.40 -0.57 -3.72
N VAL A 56 2.55 -1.23 -3.73
CA VAL A 56 3.77 -0.74 -4.36
C VAL A 56 4.04 -1.64 -5.56
N ILE A 57 4.55 -1.07 -6.65
CA ILE A 57 5.06 -1.81 -7.80
C ILE A 57 6.49 -1.34 -8.01
N THR A 58 7.37 -2.26 -8.38
CA THR A 58 8.73 -1.98 -8.79
C THR A 58 9.00 -2.87 -10.02
N PRO A 59 10.15 -2.74 -10.73
CA PRO A 59 10.48 -3.75 -11.74
C PRO A 59 10.66 -5.15 -11.11
N TRP A 60 11.03 -5.22 -9.82
CA TRP A 60 11.38 -6.47 -9.17
C TRP A 60 10.18 -7.14 -8.46
N MET A 61 9.17 -6.39 -8.01
CA MET A 61 8.06 -6.94 -7.22
C MET A 61 6.79 -6.08 -7.29
N LEU A 62 5.68 -6.62 -6.78
CA LEU A 62 4.44 -5.90 -6.52
C LEU A 62 3.99 -6.41 -5.16
N SER A 63 3.70 -5.52 -4.20
CA SER A 63 3.34 -5.90 -2.85
C SER A 63 2.23 -4.99 -2.34
N ALA A 64 1.25 -5.57 -1.67
CA ALA A 64 0.26 -4.81 -0.93
C ALA A 64 0.94 -4.23 0.31
N VAL A 65 0.53 -3.03 0.75
CA VAL A 65 1.06 -2.34 1.92
C VAL A 65 -0.12 -1.71 2.68
N ILE A 66 -0.06 -1.68 4.00
CA ILE A 66 -1.12 -1.23 4.88
C ILE A 66 -0.46 -0.49 6.06
N PHE A 67 -1.09 0.60 6.50
CA PHE A 67 -0.57 1.45 7.57
C PHE A 67 -1.69 1.67 8.59
N PRO A 68 -1.45 1.54 9.92
CA PRO A 68 -2.47 1.78 10.94
C PRO A 68 -3.20 3.11 10.72
N GLY A 69 -4.52 3.10 10.90
CA GLY A 69 -5.40 4.22 10.59
C GLY A 69 -5.24 5.39 11.58
N PRO A 70 -5.98 6.48 11.38
CA PRO A 70 -5.80 7.71 12.14
C PRO A 70 -6.25 7.52 13.60
N ASP A 71 -5.54 8.19 14.53
CA ASP A 71 -5.82 8.20 15.96
C ASP A 71 -5.98 6.77 16.54
N GLN A 72 -4.94 5.96 16.35
CA GLN A 72 -4.85 4.58 16.85
C GLN A 72 -3.53 4.43 17.60
N LEU A 73 -3.51 3.56 18.61
CA LEU A 73 -2.31 3.22 19.38
C LEU A 73 -2.18 1.71 19.30
N TRP A 74 -1.59 1.23 18.20
CA TRP A 74 -1.26 -0.19 18.05
C TRP A 74 -0.13 -0.53 19.04
N PRO A 75 -0.02 -1.77 19.55
CA PRO A 75 1.14 -2.19 20.31
C PRO A 75 2.39 -2.21 19.42
N LEU A 76 3.58 -2.07 20.01
CA LEU A 76 4.82 -2.30 19.27
C LEU A 76 4.84 -3.77 18.86
N ARG A 77 5.09 -4.08 17.58
CA ARG A 77 5.31 -5.44 17.11
C ARG A 77 6.80 -5.65 16.85
N LYS A 78 7.21 -6.91 16.75
CA LYS A 78 8.54 -7.27 16.26
C LYS A 78 8.39 -7.42 14.76
N VAL A 79 9.51 -7.28 14.06
CA VAL A 79 9.51 -7.19 12.61
C VAL A 79 9.55 -8.61 12.07
N SER A 80 9.02 -8.79 10.86
CA SER A 80 8.85 -10.06 10.20
C SER A 80 7.83 -10.99 10.91
N GLU A 81 7.05 -10.48 11.87
CA GLU A 81 5.91 -11.16 12.44
C GLU A 81 4.77 -11.11 11.42
N LYS A 82 3.80 -12.02 11.49
CA LYS A 82 2.62 -11.99 10.62
C LYS A 82 1.38 -11.66 11.42
N ILE A 83 0.50 -10.85 10.83
CA ILE A 83 -0.79 -10.43 11.38
C ILE A 83 -1.83 -10.92 10.38
N GLY A 84 -2.81 -11.72 10.82
CA GLY A 84 -3.89 -12.16 9.95
C GLY A 84 -4.88 -11.01 9.76
N LEU A 85 -5.11 -10.61 8.52
CA LEU A 85 -6.12 -9.61 8.15
C LEU A 85 -7.22 -10.30 7.35
N GLN A 86 -8.46 -9.89 7.54
CA GLN A 86 -9.60 -10.42 6.83
C GLN A 86 -9.88 -9.49 5.64
N LEU A 87 -9.98 -10.07 4.43
CA LEU A 87 -10.35 -9.39 3.20
C LEU A 87 -11.35 -10.29 2.47
N PRO A 88 -12.24 -9.76 1.61
CA PRO A 88 -13.09 -10.61 0.79
C PRO A 88 -12.28 -11.44 -0.23
N TYR A 89 -11.06 -10.99 -0.55
CA TYR A 89 -10.06 -11.73 -1.34
C TYR A 89 -9.69 -13.06 -0.66
N GLY A 90 -9.90 -13.16 0.66
CA GLY A 90 -9.51 -14.25 1.53
C GLY A 90 -8.77 -13.67 2.73
N THR A 91 -8.89 -14.31 3.89
CA THR A 91 -8.06 -13.96 5.04
C THR A 91 -6.61 -14.26 4.67
N MET A 92 -5.71 -13.30 4.91
CA MET A 92 -4.33 -13.33 4.42
C MET A 92 -3.44 -12.70 5.48
N THR A 93 -2.26 -13.27 5.73
CA THR A 93 -1.32 -12.70 6.66
C THR A 93 -0.54 -11.58 5.97
N PHE A 94 -0.46 -10.43 6.62
CA PHE A 94 0.41 -9.33 6.24
C PHE A 94 1.57 -9.36 7.23
N THR A 95 2.79 -9.29 6.72
CA THR A 95 4.01 -9.34 7.49
C THR A 95 4.30 -7.92 7.99
N VAL A 96 4.75 -7.78 9.24
CA VAL A 96 5.22 -6.51 9.79
C VAL A 96 6.56 -6.20 9.11
N GLY A 97 6.60 -5.18 8.27
CA GLY A 97 7.81 -4.63 7.73
C GLY A 97 8.21 -3.47 8.62
N GLU A 98 9.48 -3.11 8.66
CA GLU A 98 9.98 -1.90 9.29
C GLU A 98 10.96 -1.27 8.30
N LEU A 99 10.72 -0.03 7.89
CA LEU A 99 11.45 0.61 6.80
C LEU A 99 11.71 2.09 7.10
N ASP A 100 12.85 2.60 6.66
CA ASP A 100 13.26 3.99 6.90
C ASP A 100 12.24 4.97 6.33
N GLY A 101 11.85 5.97 7.14
CA GLY A 101 10.86 6.98 6.77
C GLY A 101 9.42 6.44 6.74
N VAL A 102 9.21 5.16 7.04
CA VAL A 102 7.92 4.48 6.98
C VAL A 102 7.58 3.90 8.36
N SER A 103 8.59 3.58 9.19
CA SER A 103 8.46 2.91 10.47
C SER A 103 7.80 1.54 10.24
N GLN A 104 7.05 1.03 11.22
CA GLN A 104 6.38 -0.26 11.09
C GLN A 104 5.12 -0.11 10.25
N TYR A 105 4.91 -1.08 9.35
CA TYR A 105 3.80 -1.16 8.42
C TYR A 105 3.55 -2.63 8.10
N LEU A 106 2.42 -2.96 7.49
CA LEU A 106 1.96 -4.34 7.28
C LEU A 106 1.89 -4.57 5.78
N SER A 107 2.61 -5.57 5.25
CA SER A 107 2.78 -5.73 3.81
C SER A 107 2.79 -7.21 3.42
N CYS A 108 2.50 -7.54 2.16
CA CYS A 108 2.70 -8.88 1.62
C CYS A 108 3.02 -8.81 0.13
N SER A 109 3.94 -9.64 -0.32
CA SER A 109 4.28 -9.78 -1.74
C SER A 109 3.09 -10.38 -2.48
N LEU A 110 2.79 -9.87 -3.67
CA LEU A 110 1.69 -10.31 -4.51
C LEU A 110 2.24 -11.07 -5.73
N MET A 111 3.23 -10.51 -6.43
CA MET A 111 3.82 -11.11 -7.63
C MET A 111 5.16 -10.44 -7.96
N SER A 112 5.89 -10.99 -8.93
CA SER A 112 7.07 -10.38 -9.52
C SER A 112 6.70 -10.00 -10.97
N PRO A 113 6.59 -8.69 -11.33
CA PRO A 113 6.08 -8.26 -12.63
C PRO A 113 7.17 -8.33 -13.72
N LEU A 114 7.72 -9.54 -13.95
CA LEU A 114 8.88 -9.78 -14.81
C LEU A 114 8.47 -10.13 -16.24
N SER A 115 7.30 -9.63 -16.68
CA SER A 115 6.78 -9.82 -18.02
C SER A 115 7.57 -8.97 -19.02
N HIS A 116 7.75 -9.44 -20.25
CA HIS A 116 8.44 -8.64 -21.28
C HIS A 116 7.54 -7.55 -21.86
N SER A 117 6.21 -7.70 -21.71
CA SER A 117 5.20 -6.71 -22.04
C SER A 117 5.13 -5.56 -21.00
N MET A 118 5.91 -5.66 -19.91
CA MET A 118 5.91 -4.71 -18.82
C MET A 118 6.32 -3.30 -19.31
N SER A 119 5.69 -2.28 -18.74
CA SER A 119 5.95 -0.86 -18.98
C SER A 119 5.46 -0.09 -17.75
N ILE A 120 5.79 1.19 -17.61
CA ILE A 120 5.37 2.02 -16.48
C ILE A 120 3.83 2.10 -16.43
N GLU A 121 3.16 2.03 -17.59
CA GLU A 121 1.71 2.06 -17.65
C GLU A 121 1.14 0.79 -17.02
N GLU A 122 1.69 -0.39 -17.36
CA GLU A 122 1.33 -1.66 -16.74
C GLU A 122 1.70 -1.64 -15.27
N GLY A 123 2.78 -0.96 -14.88
CA GLY A 123 3.10 -0.74 -13.49
C GLY A 123 1.94 -0.09 -12.76
N GLN A 124 1.55 1.12 -13.16
CA GLN A 124 0.53 1.91 -12.49
C GLN A 124 -0.85 1.23 -12.59
N ARG A 125 -1.20 0.71 -13.77
CA ARG A 125 -2.44 -0.02 -13.99
C ARG A 125 -2.51 -1.22 -13.05
N LEU A 126 -1.41 -1.94 -12.87
CA LEU A 126 -1.39 -3.14 -12.05
C LEU A 126 -1.30 -2.83 -10.57
N THR A 127 -0.82 -1.66 -10.15
CA THR A 127 -0.94 -1.25 -8.74
C THR A 127 -2.41 -1.00 -8.42
N ASP A 128 -3.14 -0.33 -9.32
CA ASP A 128 -4.57 -0.06 -9.15
C ASP A 128 -5.40 -1.33 -9.27
N ASP A 129 -5.08 -2.20 -10.23
CA ASP A 129 -5.73 -3.49 -10.36
C ASP A 129 -5.39 -4.39 -9.16
N CYS A 130 -4.20 -4.25 -8.57
CA CYS A 130 -3.87 -5.01 -7.37
C CYS A 130 -4.70 -4.52 -6.18
N ALA A 131 -4.87 -3.20 -6.06
CA ALA A 131 -5.77 -2.60 -5.07
C ALA A 131 -7.18 -3.17 -5.25
N ARG A 132 -7.73 -3.09 -6.47
CA ARG A 132 -9.05 -3.63 -6.80
C ARG A 132 -9.13 -5.10 -6.38
N MET A 133 -8.18 -5.92 -6.82
CA MET A 133 -8.10 -7.36 -6.55
C MET A 133 -8.24 -7.63 -5.05
N ILE A 134 -7.42 -7.03 -4.19
CA ILE A 134 -7.39 -7.38 -2.77
C ILE A 134 -8.56 -6.76 -1.99
N LEU A 135 -9.12 -5.64 -2.46
CA LEU A 135 -10.37 -5.10 -1.92
C LEU A 135 -11.55 -5.97 -2.32
N SER A 136 -11.48 -6.55 -3.53
CA SER A 136 -12.57 -7.24 -4.22
C SER A 136 -13.81 -6.34 -4.40
N LEU A 137 -13.57 -5.03 -4.43
CA LEU A 137 -14.54 -3.94 -4.52
C LEU A 137 -13.95 -2.86 -5.43
N PRO A 138 -14.79 -2.09 -6.15
CA PRO A 138 -14.35 -0.96 -6.96
C PRO A 138 -13.61 0.08 -6.11
N VAL A 139 -12.68 0.80 -6.75
CA VAL A 139 -11.82 1.79 -6.11
C VAL A 139 -11.48 2.85 -7.16
N THR A 140 -11.20 4.08 -6.72
CA THR A 140 -10.85 5.19 -7.60
C THR A 140 -9.56 4.84 -8.37
N ASN A 141 -9.64 4.79 -9.70
CA ASN A 141 -8.44 4.70 -10.54
C ASN A 141 -7.76 6.07 -10.49
N PRO A 142 -6.48 6.19 -10.13
CA PRO A 142 -5.84 7.47 -9.85
C PRO A 142 -5.39 8.20 -11.13
N ASP A 143 -6.34 8.48 -12.03
CA ASP A 143 -6.17 9.30 -13.23
C ASP A 143 -7.44 10.14 -13.48
N VAL A 144 -8.00 10.69 -12.39
CA VAL A 144 -9.20 11.52 -12.43
C VAL A 144 -8.83 12.95 -12.91
N PRO A 145 -9.82 13.83 -13.18
CA PRO A 145 -9.61 15.25 -13.44
C PRO A 145 -8.73 15.96 -12.41
N HIS A 146 -8.16 17.12 -12.80
CA HIS A 146 -7.44 17.99 -11.87
C HIS A 146 -8.43 18.49 -10.82
N ALA A 147 -8.17 18.18 -9.54
CA ALA A 147 -9.09 18.46 -8.44
C ALA A 147 -8.78 19.80 -7.74
N GLY A 148 -7.60 20.39 -7.99
CA GLY A 148 -7.21 21.66 -7.38
C GLY A 148 -8.06 22.80 -7.92
N ARG A 149 -8.34 23.80 -7.08
CA ARG A 149 -9.07 25.03 -7.41
C ARG A 149 -8.43 26.18 -6.64
N ARG A 150 -8.67 27.42 -7.08
CA ARG A 150 -8.25 28.61 -6.33
C ARG A 150 -9.03 28.67 -5.02
N ALA A 151 -8.40 29.16 -3.96
CA ALA A 151 -9.09 29.47 -2.71
C ALA A 151 -9.65 30.90 -2.81
N LEU A 152 -10.85 31.10 -2.28
CA LEU A 152 -11.56 32.38 -2.21
C LEU A 152 -12.59 32.33 -1.08
N LEU A 153 -13.14 33.49 -0.71
CA LEU A 153 -14.07 33.69 0.41
C LEU A 153 -13.48 33.08 1.69
N PHE A 154 -12.30 33.60 2.07
CA PHE A 154 -11.59 33.19 3.27
C PHE A 154 -12.39 33.58 4.53
N GLY A 155 -12.27 32.80 5.59
CA GLY A 155 -12.96 33.02 6.86
C GLY A 155 -12.71 31.85 7.82
N ARG A 156 -13.36 31.89 8.98
CA ARG A 156 -13.34 30.84 10.00
C ARG A 156 -14.70 30.85 10.69
N ARG A 157 -15.18 29.69 11.14
CA ARG A 157 -16.36 29.64 12.00
C ARG A 157 -15.96 30.22 13.35
N SER A 158 -16.71 31.19 13.86
CA SER A 158 -16.48 31.84 15.15
C SER A 158 -17.84 32.02 15.84
N GLY A 159 -17.84 32.02 17.18
CA GLY A 159 -19.03 32.13 18.01
C GLY A 159 -18.91 31.10 19.13
N GLU A 160 -19.54 29.94 18.93
CA GLU A 160 -19.36 28.79 19.82
C GLU A 160 -17.91 28.28 19.72
N ASN A 161 -17.32 28.34 18.52
CA ASN A 161 -15.89 28.09 18.33
C ASN A 161 -15.12 29.33 18.80
N ALA A 162 -14.20 29.15 19.74
CA ALA A 162 -13.41 30.23 20.31
C ALA A 162 -12.40 30.73 19.26
N MET A 1 12.26 4.08 23.42
CA MET A 1 11.22 3.62 22.47
C MET A 1 9.92 3.29 23.23
N THR A 2 8.76 3.65 22.66
CA THR A 2 7.44 3.37 23.24
C THR A 2 7.09 1.89 23.07
N GLU A 3 6.22 1.35 23.94
CA GLU A 3 5.71 -0.02 23.83
C GLU A 3 4.48 -0.08 22.91
N GLU A 4 4.31 0.95 22.09
CA GLU A 4 3.18 1.22 21.22
C GLU A 4 3.71 1.92 19.96
N ILE A 5 2.96 1.81 18.86
CA ILE A 5 3.20 2.46 17.57
C ILE A 5 1.99 3.35 17.31
N ALA A 6 2.23 4.61 16.94
CA ALA A 6 1.16 5.56 16.65
C ALA A 6 0.53 5.24 15.29
N GLY A 7 -0.79 5.40 15.21
CA GLY A 7 -1.56 5.25 13.99
C GLY A 7 -1.19 6.30 12.94
N PHE A 8 -1.34 5.98 11.66
CA PHE A 8 -1.04 6.87 10.54
C PHE A 8 -2.29 7.62 10.14
N GLN A 9 -2.12 8.83 9.58
CA GLN A 9 -3.24 9.63 9.09
C GLN A 9 -3.47 9.43 7.59
N THR A 10 -2.48 8.92 6.85
CA THR A 10 -2.55 8.46 5.47
C THR A 10 -1.39 7.47 5.26
N SER A 11 -1.45 6.70 4.17
CA SER A 11 -0.35 5.87 3.72
C SER A 11 0.89 6.75 3.50
N PRO A 12 2.10 6.37 3.98
CA PRO A 12 3.37 7.02 3.64
C PRO A 12 3.81 6.75 2.19
N LYS A 13 2.93 6.95 1.20
CA LYS A 13 3.11 6.54 -0.20
C LYS A 13 4.43 7.03 -0.78
N ALA A 14 4.76 8.30 -0.59
CA ALA A 14 6.00 8.88 -1.11
C ALA A 14 7.22 8.25 -0.44
N GLN A 15 7.14 8.00 0.87
CA GLN A 15 8.26 7.49 1.66
C GLN A 15 8.50 6.01 1.33
N VAL A 16 7.42 5.22 1.15
CA VAL A 16 7.51 3.84 0.68
C VAL A 16 8.14 3.84 -0.73
N GLN A 17 7.68 4.71 -1.63
CA GLN A 17 8.21 4.81 -2.98
C GLN A 17 9.69 5.16 -2.94
N ALA A 18 10.10 6.19 -2.20
CA ALA A 18 11.49 6.64 -2.13
C ALA A 18 12.37 5.52 -1.58
N ALA A 19 11.93 4.82 -0.54
CA ALA A 19 12.68 3.71 0.02
C ALA A 19 12.88 2.63 -1.03
N PHE A 20 11.83 2.22 -1.74
CA PHE A 20 11.95 1.22 -2.79
C PHE A 20 12.78 1.74 -3.96
N GLU A 21 12.84 3.04 -4.21
CA GLU A 21 13.70 3.61 -5.25
C GLU A 21 15.18 3.44 -4.90
N GLU A 22 15.56 3.41 -3.62
CA GLU A 22 16.93 3.07 -3.21
C GLU A 22 17.11 1.57 -3.31
N ILE A 23 16.23 0.83 -2.63
CA ILE A 23 16.37 -0.62 -2.41
C ILE A 23 16.39 -1.34 -3.75
N ALA A 24 15.49 -0.98 -4.68
CA ALA A 24 15.40 -1.62 -5.99
C ALA A 24 16.69 -1.42 -6.80
N ARG A 25 17.41 -0.31 -6.57
CA ARG A 25 18.64 -0.01 -7.30
C ARG A 25 19.81 -0.77 -6.68
N ARG A 26 19.89 -0.80 -5.35
CA ARG A 26 20.86 -1.61 -4.62
C ARG A 26 20.77 -3.07 -5.05
N SER A 27 19.55 -3.62 -5.13
CA SER A 27 19.34 -4.99 -5.58
C SER A 27 19.64 -5.13 -7.07
N MET A 28 18.95 -4.35 -7.92
CA MET A 28 18.91 -4.47 -9.38
C MET A 28 18.79 -5.94 -9.81
N HIS A 29 19.33 -6.30 -10.98
CA HIS A 29 19.37 -7.65 -11.54
C HIS A 29 20.75 -7.86 -12.16
N ASP A 30 21.11 -9.10 -12.49
CA ASP A 30 22.48 -9.46 -12.90
C ASP A 30 22.92 -8.76 -14.19
N LEU A 31 21.96 -8.49 -15.10
CA LEU A 31 22.18 -7.76 -16.35
C LEU A 31 22.23 -6.23 -16.16
N SER A 32 22.15 -5.76 -14.91
CA SER A 32 22.28 -4.37 -14.44
C SER A 32 21.18 -3.38 -14.90
N PHE A 33 20.75 -3.40 -16.16
CA PHE A 33 19.90 -2.33 -16.69
C PHE A 33 18.44 -2.41 -16.20
N LEU A 34 17.97 -3.56 -15.71
CA LEU A 34 16.66 -3.66 -15.08
C LEU A 34 16.80 -3.16 -13.64
N HIS A 35 16.51 -1.88 -13.45
CA HIS A 35 16.60 -1.11 -12.21
C HIS A 35 15.40 -0.14 -12.19
N PRO A 36 15.35 0.94 -11.40
CA PRO A 36 14.25 1.92 -11.44
C PRO A 36 13.96 2.63 -12.79
N SER A 37 14.53 2.16 -13.91
CA SER A 37 14.13 2.56 -15.25
C SER A 37 12.65 2.19 -15.41
N MET A 38 12.32 0.97 -14.99
CA MET A 38 10.96 0.48 -14.81
C MET A 38 10.45 1.04 -13.48
N PRO A 39 9.15 1.33 -13.32
CA PRO A 39 8.64 2.05 -12.16
C PRO A 39 8.74 1.29 -10.83
N VAL A 40 8.97 2.04 -9.75
CA VAL A 40 8.85 1.59 -8.36
C VAL A 40 7.61 2.34 -7.83
N TYR A 41 6.47 2.16 -8.50
CA TYR A 41 5.24 2.94 -8.31
C TYR A 41 4.41 2.41 -7.14
N VAL A 42 3.56 3.25 -6.55
CA VAL A 42 2.76 2.91 -5.38
C VAL A 42 1.36 3.51 -5.53
N SER A 43 0.33 2.67 -5.38
CA SER A 43 -1.06 3.10 -5.25
C SER A 43 -1.40 3.29 -3.77
N ASP A 44 -2.24 4.27 -3.44
CA ASP A 44 -2.83 4.48 -2.13
C ASP A 44 -4.36 4.54 -2.29
N PHE A 45 -5.10 3.90 -1.38
CA PHE A 45 -6.54 3.81 -1.47
C PHE A 45 -7.21 3.43 -0.13
N THR A 46 -8.23 4.21 0.23
CA THR A 46 -9.23 4.02 1.28
C THR A 46 -8.70 3.63 2.68
N LEU A 47 -9.65 3.47 3.61
CA LEU A 47 -9.49 2.93 4.94
C LEU A 47 -10.36 1.67 4.94
N PHE A 48 -9.80 0.54 4.49
CA PHE A 48 -10.60 -0.66 4.19
C PHE A 48 -11.08 -1.40 5.44
N GLU A 49 -10.24 -1.49 6.47
CA GLU A 49 -10.53 -2.22 7.69
C GLU A 49 -9.87 -1.50 8.86
N GLY A 50 -10.22 -0.21 9.02
CA GLY A 50 -9.62 0.67 10.03
C GLY A 50 -8.13 0.89 9.80
N GLN A 51 -7.64 0.65 8.57
CA GLN A 51 -6.25 0.69 8.18
C GLN A 51 -6.23 1.25 6.76
N TRP A 52 -5.27 2.11 6.44
CA TRP A 52 -5.14 2.69 5.10
C TRP A 52 -4.59 1.63 4.16
N THR A 53 -5.04 1.60 2.90
CA THR A 53 -4.66 0.52 1.99
C THR A 53 -3.74 1.08 0.90
N GLY A 54 -2.88 0.22 0.33
CA GLY A 54 -1.98 0.59 -0.73
C GLY A 54 -1.46 -0.66 -1.41
N CYS A 55 -0.82 -0.49 -2.56
CA CYS A 55 -0.06 -1.52 -3.25
C CYS A 55 1.18 -0.84 -3.82
N VAL A 56 2.27 -1.57 -4.00
CA VAL A 56 3.52 -1.11 -4.55
C VAL A 56 3.86 -2.09 -5.67
N ILE A 57 4.45 -1.60 -6.76
CA ILE A 57 5.05 -2.41 -7.81
C ILE A 57 6.45 -1.89 -7.99
N THR A 58 7.37 -2.77 -8.35
CA THR A 58 8.74 -2.44 -8.66
C THR A 58 9.16 -3.24 -9.91
N PRO A 59 10.40 -3.05 -10.40
CA PRO A 59 10.97 -3.92 -11.44
C PRO A 59 11.12 -5.38 -10.99
N TRP A 60 10.84 -5.71 -9.72
CA TRP A 60 11.14 -7.01 -9.14
C TRP A 60 9.96 -7.65 -8.37
N MET A 61 8.98 -6.87 -7.88
CA MET A 61 7.88 -7.39 -7.08
C MET A 61 6.60 -6.54 -7.22
N LEU A 62 5.49 -7.05 -6.70
CA LEU A 62 4.24 -6.33 -6.52
C LEU A 62 3.74 -6.78 -5.16
N SER A 63 3.51 -5.86 -4.24
CA SER A 63 3.12 -6.19 -2.87
C SER A 63 2.06 -5.21 -2.39
N ALA A 64 1.02 -5.76 -1.77
CA ALA A 64 0.04 -4.98 -1.03
C ALA A 64 0.75 -4.36 0.17
N VAL A 65 0.35 -3.16 0.59
CA VAL A 65 0.91 -2.47 1.75
C VAL A 65 -0.24 -1.85 2.53
N ILE A 66 -0.18 -1.86 3.86
CA ILE A 66 -1.30 -1.50 4.73
C ILE A 66 -0.70 -0.79 5.95
N PHE A 67 -1.41 0.21 6.47
CA PHE A 67 -0.92 1.08 7.55
C PHE A 67 -2.01 1.20 8.62
N PRO A 68 -1.67 1.13 9.93
CA PRO A 68 -2.58 1.45 11.02
C PRO A 68 -3.33 2.76 10.79
N GLY A 69 -4.63 2.80 11.12
CA GLY A 69 -5.50 3.94 10.86
C GLY A 69 -5.28 5.09 11.84
N PRO A 70 -6.04 6.19 11.69
CA PRO A 70 -5.85 7.42 12.46
C PRO A 70 -6.28 7.22 13.92
N ASP A 71 -5.57 7.88 14.84
CA ASP A 71 -5.82 7.87 16.28
C ASP A 71 -5.93 6.44 16.84
N GLN A 72 -4.90 5.63 16.57
CA GLN A 72 -4.75 4.27 17.07
C GLN A 72 -3.40 4.20 17.79
N LEU A 73 -3.27 3.28 18.75
CA LEU A 73 -2.03 2.96 19.44
C LEU A 73 -1.89 1.45 19.35
N TRP A 74 -1.32 0.99 18.23
CA TRP A 74 -1.00 -0.43 18.07
C TRP A 74 0.08 -0.83 19.07
N PRO A 75 0.16 -2.10 19.50
CA PRO A 75 1.28 -2.59 20.31
C PRO A 75 2.60 -2.49 19.55
N LEU A 76 3.72 -2.41 20.29
CA LEU A 76 5.06 -2.53 19.70
C LEU A 76 5.19 -3.91 19.05
N ARG A 77 5.64 -3.95 17.79
CA ARG A 77 5.89 -5.19 17.03
C ARG A 77 7.11 -4.95 16.15
N LYS A 78 7.76 -6.03 15.69
CA LYS A 78 8.98 -5.96 14.88
C LYS A 78 8.79 -6.70 13.58
N VAL A 79 9.81 -6.55 12.76
CA VAL A 79 9.86 -6.94 11.37
C VAL A 79 9.88 -8.46 11.26
N SER A 80 9.33 -8.94 10.16
CA SER A 80 9.17 -10.35 9.81
C SER A 80 8.13 -11.09 10.69
N GLU A 81 7.48 -10.40 11.63
CA GLU A 81 6.33 -10.91 12.36
C GLU A 81 5.14 -10.91 11.41
N LYS A 82 4.13 -11.74 11.64
CA LYS A 82 2.90 -11.76 10.83
C LYS A 82 1.70 -11.46 11.70
N ILE A 83 0.74 -10.73 11.10
CA ILE A 83 -0.54 -10.35 11.70
C ILE A 83 -1.59 -11.01 10.82
N GLY A 84 -2.48 -11.83 11.40
CA GLY A 84 -3.62 -12.39 10.66
C GLY A 84 -4.60 -11.26 10.39
N LEU A 85 -4.85 -10.96 9.12
CA LEU A 85 -5.64 -9.81 8.69
C LEU A 85 -6.79 -10.30 7.82
N GLN A 86 -8.01 -9.85 8.11
CA GLN A 86 -9.18 -10.15 7.29
C GLN A 86 -9.19 -9.13 6.15
N LEU A 87 -9.30 -9.60 4.89
CA LEU A 87 -9.49 -8.76 3.70
C LEU A 87 -10.60 -9.37 2.84
N PRO A 88 -11.22 -8.59 1.95
CA PRO A 88 -12.15 -9.13 0.96
C PRO A 88 -11.52 -10.20 0.04
N TYR A 89 -10.19 -10.13 -0.16
CA TYR A 89 -9.42 -11.15 -0.88
C TYR A 89 -9.40 -12.51 -0.17
N GLY A 90 -9.89 -12.58 1.07
CA GLY A 90 -9.76 -13.70 1.98
C GLY A 90 -8.79 -13.30 3.10
N THR A 91 -8.90 -13.95 4.24
CA THR A 91 -8.01 -13.70 5.37
C THR A 91 -6.59 -14.15 4.99
N MET A 92 -5.59 -13.30 5.21
CA MET A 92 -4.19 -13.55 4.85
C MET A 92 -3.34 -12.95 5.96
N THR A 93 -2.20 -13.58 6.28
CA THR A 93 -1.24 -12.98 7.17
C THR A 93 -0.48 -11.90 6.40
N PHE A 94 -0.51 -10.67 6.92
CA PHE A 94 0.33 -9.58 6.44
C PHE A 94 1.56 -9.56 7.33
N THR A 95 2.74 -9.41 6.73
CA THR A 95 4.00 -9.39 7.44
C THR A 95 4.31 -7.95 7.84
N VAL A 96 4.91 -7.74 9.01
CA VAL A 96 5.45 -6.45 9.40
C VAL A 96 6.75 -6.27 8.64
N GLY A 97 6.83 -5.23 7.82
CA GLY A 97 8.05 -4.77 7.18
C GLY A 97 8.49 -3.49 7.87
N GLU A 98 9.69 -3.01 7.57
CA GLU A 98 10.16 -1.69 7.97
C GLU A 98 10.91 -1.07 6.79
N LEU A 99 10.74 0.23 6.57
CA LEU A 99 11.54 1.01 5.62
C LEU A 99 11.99 2.29 6.34
N ASP A 100 13.13 2.84 5.92
CA ASP A 100 13.57 4.14 6.42
C ASP A 100 12.54 5.20 6.02
N GLY A 101 12.17 6.09 6.95
CA GLY A 101 11.15 7.11 6.75
C GLY A 101 9.72 6.54 6.79
N VAL A 102 9.53 5.24 7.06
CA VAL A 102 8.22 4.61 7.20
C VAL A 102 8.11 3.95 8.58
N SER A 103 9.21 3.42 9.12
CA SER A 103 9.20 2.59 10.31
C SER A 103 8.33 1.35 10.01
N GLN A 104 7.78 0.69 11.03
CA GLN A 104 6.95 -0.48 10.84
C GLN A 104 5.74 -0.14 9.96
N TYR A 105 5.43 -1.03 9.02
CA TYR A 105 4.23 -1.03 8.20
C TYR A 105 3.89 -2.49 7.87
N LEU A 106 2.69 -2.77 7.37
CA LEU A 106 2.29 -4.13 7.02
C LEU A 106 2.38 -4.27 5.50
N SER A 107 2.79 -5.43 5.02
CA SER A 107 2.87 -5.74 3.60
C SER A 107 2.54 -7.22 3.34
N CYS A 108 2.18 -7.56 2.10
CA CYS A 108 2.02 -8.94 1.66
C CYS A 108 2.41 -9.00 0.18
N SER A 109 3.29 -9.93 -0.19
CA SER A 109 3.70 -10.12 -1.57
C SER A 109 2.51 -10.64 -2.37
N LEU A 110 2.28 -10.08 -3.56
CA LEU A 110 1.20 -10.46 -4.45
C LEU A 110 1.77 -11.27 -5.62
N MET A 111 2.68 -10.66 -6.38
CA MET A 111 3.32 -11.25 -7.57
C MET A 111 4.79 -10.83 -7.62
N SER A 112 5.58 -11.49 -8.46
CA SER A 112 7.00 -11.17 -8.68
C SER A 112 7.23 -10.86 -10.18
N PRO A 113 6.64 -9.76 -10.72
CA PRO A 113 6.82 -9.38 -12.11
C PRO A 113 8.30 -9.13 -12.41
N LEU A 114 8.79 -9.69 -13.52
CA LEU A 114 10.12 -9.46 -14.08
C LEU A 114 10.02 -9.82 -15.56
N SER A 115 9.52 -8.87 -16.35
CA SER A 115 9.15 -9.06 -17.75
C SER A 115 9.53 -7.81 -18.54
N HIS A 116 9.90 -7.93 -19.80
CA HIS A 116 10.31 -6.76 -20.58
C HIS A 116 9.12 -5.96 -21.12
N SER A 117 7.92 -6.55 -21.13
CA SER A 117 6.68 -5.85 -21.45
C SER A 117 6.24 -4.91 -20.30
N MET A 118 6.90 -5.01 -19.13
CA MET A 118 6.69 -4.17 -17.97
C MET A 118 7.10 -2.73 -18.31
N SER A 119 6.35 -1.73 -17.83
CA SER A 119 6.52 -0.34 -18.20
C SER A 119 5.95 0.57 -17.10
N ILE A 120 6.14 1.88 -17.24
CA ILE A 120 5.47 2.91 -16.43
C ILE A 120 3.93 2.80 -16.53
N GLU A 121 3.40 2.19 -17.59
CA GLU A 121 1.98 2.04 -17.83
C GLU A 121 1.47 0.79 -17.11
N GLU A 122 2.19 -0.34 -17.22
CA GLU A 122 1.88 -1.55 -16.45
C GLU A 122 2.06 -1.27 -14.96
N GLY A 123 3.00 -0.38 -14.58
CA GLY A 123 3.18 0.02 -13.19
C GLY A 123 1.92 0.66 -12.65
N GLN A 124 1.42 1.69 -13.33
CA GLN A 124 0.22 2.41 -12.87
C GLN A 124 -1.00 1.47 -12.92
N ARG A 125 -1.20 0.77 -14.05
CA ARG A 125 -2.39 -0.07 -14.21
C ARG A 125 -2.40 -1.23 -13.23
N LEU A 126 -1.30 -1.96 -13.05
CA LEU A 126 -1.32 -3.19 -12.25
C LEU A 126 -1.35 -2.89 -10.78
N THR A 127 -0.79 -1.77 -10.30
CA THR A 127 -0.87 -1.45 -8.88
C THR A 127 -2.31 -1.04 -8.53
N ASP A 128 -3.00 -0.32 -9.43
CA ASP A 128 -4.41 0.04 -9.25
C ASP A 128 -5.32 -1.19 -9.39
N ASP A 129 -5.04 -2.08 -10.36
CA ASP A 129 -5.77 -3.34 -10.47
C ASP A 129 -5.49 -4.24 -9.27
N CYS A 130 -4.31 -4.14 -8.67
CA CYS A 130 -4.00 -4.89 -7.46
C CYS A 130 -4.81 -4.34 -6.28
N ALA A 131 -4.95 -3.01 -6.18
CA ALA A 131 -5.84 -2.39 -5.20
C ALA A 131 -7.26 -2.89 -5.39
N ARG A 132 -7.77 -2.83 -6.62
CA ARG A 132 -9.11 -3.27 -6.98
C ARG A 132 -9.30 -4.73 -6.56
N MET A 133 -8.44 -5.64 -7.01
CA MET A 133 -8.65 -7.06 -6.78
C MET A 133 -8.70 -7.38 -5.28
N ILE A 134 -7.87 -6.75 -4.44
CA ILE A 134 -7.86 -7.06 -3.01
C ILE A 134 -9.02 -6.38 -2.26
N LEU A 135 -9.59 -5.29 -2.80
CA LEU A 135 -10.84 -4.74 -2.28
C LEU A 135 -12.00 -5.65 -2.70
N SER A 136 -11.84 -6.36 -3.83
CA SER A 136 -12.85 -7.20 -4.47
C SER A 136 -14.16 -6.46 -4.79
N LEU A 137 -14.06 -5.14 -4.87
CA LEU A 137 -15.14 -4.16 -5.02
C LEU A 137 -14.55 -2.95 -5.75
N PRO A 138 -15.35 -2.22 -6.54
CA PRO A 138 -14.95 -0.94 -7.11
C PRO A 138 -14.70 0.08 -5.99
N VAL A 139 -13.95 1.14 -6.33
CA VAL A 139 -13.60 2.21 -5.38
C VAL A 139 -14.81 3.15 -5.18
N THR A 140 -14.67 4.09 -4.24
CA THR A 140 -15.67 5.10 -3.90
C THR A 140 -16.19 5.82 -5.15
N ASN A 141 -17.50 6.08 -5.19
CA ASN A 141 -18.15 6.93 -6.18
C ASN A 141 -18.97 7.99 -5.42
N PRO A 142 -18.68 9.29 -5.58
CA PRO A 142 -19.37 10.34 -4.82
C PRO A 142 -20.81 10.54 -5.30
N ASP A 143 -21.60 11.21 -4.47
CA ASP A 143 -22.94 11.68 -4.76
C ASP A 143 -23.10 13.08 -4.15
N VAL A 144 -23.60 14.02 -4.94
CA VAL A 144 -23.69 15.44 -4.58
C VAL A 144 -24.97 16.01 -5.22
N PRO A 145 -25.64 17.00 -4.60
CA PRO A 145 -26.73 17.73 -5.23
C PRO A 145 -26.28 18.42 -6.51
N HIS A 146 -27.24 18.80 -7.37
CA HIS A 146 -26.95 19.53 -8.61
C HIS A 146 -26.29 20.87 -8.24
N ALA A 147 -25.28 21.26 -9.01
CA ALA A 147 -24.52 22.50 -8.80
C ALA A 147 -25.36 23.72 -9.19
N GLY A 148 -24.87 24.92 -8.88
CA GLY A 148 -25.55 26.18 -9.16
C GLY A 148 -25.61 26.52 -10.66
N ARG A 149 -24.84 25.83 -11.51
CA ARG A 149 -24.88 25.92 -12.96
C ARG A 149 -24.89 24.51 -13.54
N ARG A 150 -25.33 24.38 -14.81
CA ARG A 150 -25.25 23.12 -15.54
C ARG A 150 -23.78 22.75 -15.75
N ALA A 151 -23.49 21.44 -15.88
CA ALA A 151 -22.17 20.98 -16.31
C ALA A 151 -21.94 21.47 -17.74
N LEU A 152 -20.78 22.07 -18.00
CA LEU A 152 -20.45 22.71 -19.28
C LEU A 152 -18.94 22.66 -19.51
N LEU A 153 -18.51 22.93 -20.75
CA LEU A 153 -17.12 22.73 -21.18
C LEU A 153 -16.27 24.01 -20.99
N PHE A 154 -16.90 25.17 -20.98
CA PHE A 154 -16.19 26.46 -20.94
C PHE A 154 -15.60 26.73 -19.55
N GLY A 155 -14.59 27.61 -19.50
CA GLY A 155 -13.99 28.07 -18.24
C GLY A 155 -13.10 27.03 -17.55
N ARG A 156 -12.76 25.94 -18.24
CA ARG A 156 -11.83 24.92 -17.74
C ARG A 156 -10.40 25.36 -18.08
N ARG A 157 -9.43 24.99 -17.24
CA ARG A 157 -8.04 25.44 -17.37
C ARG A 157 -7.08 24.35 -17.85
N SER A 158 -7.60 23.15 -18.17
CA SER A 158 -6.83 22.02 -18.68
C SER A 158 -5.64 21.65 -17.76
N GLY A 159 -5.87 21.69 -16.44
CA GLY A 159 -4.83 21.48 -15.43
C GLY A 159 -4.26 20.07 -15.42
N GLU A 160 -4.95 19.09 -16.04
CA GLU A 160 -4.50 17.71 -16.13
C GLU A 160 -3.49 17.52 -17.27
N ASN A 161 -3.30 18.52 -18.14
CA ASN A 161 -2.34 18.47 -19.25
C ASN A 161 -0.90 18.52 -18.70
N ALA A 162 0.03 17.86 -19.41
CA ALA A 162 1.45 17.89 -19.07
C ALA A 162 1.99 19.31 -19.23
N MET A 1 3.60 -4.77 28.14
CA MET A 1 2.80 -5.61 27.19
C MET A 1 3.13 -5.22 25.74
N THR A 2 2.64 -4.07 25.25
CA THR A 2 3.04 -3.48 23.98
C THR A 2 3.13 -1.96 24.22
N GLU A 3 4.17 -1.32 23.67
CA GLU A 3 4.46 0.09 23.95
C GLU A 3 3.94 1.05 22.87
N GLU A 4 3.23 0.46 21.90
CA GLU A 4 2.43 1.04 20.82
C GLU A 4 3.13 2.09 19.93
N ILE A 5 2.48 2.41 18.81
CA ILE A 5 2.90 3.40 17.81
C ILE A 5 1.66 4.26 17.54
N ALA A 6 1.82 5.56 17.29
CA ALA A 6 0.69 6.42 16.94
C ALA A 6 0.26 6.17 15.48
N GLY A 7 -1.04 6.31 15.21
CA GLY A 7 -1.60 6.30 13.86
C GLY A 7 -1.21 7.57 13.09
N PHE A 8 -1.38 7.53 11.77
CA PHE A 8 -1.05 8.62 10.85
C PHE A 8 -2.26 8.96 9.99
N GLN A 9 -2.45 10.25 9.73
CA GLN A 9 -3.64 10.75 9.04
C GLN A 9 -3.61 10.41 7.54
N THR A 10 -2.43 10.11 6.98
CA THR A 10 -2.23 9.61 5.62
C THR A 10 -1.02 8.66 5.63
N SER A 11 -0.97 7.70 4.70
CA SER A 11 0.20 6.87 4.51
C SER A 11 1.39 7.72 4.00
N PRO A 12 2.64 7.37 4.33
CA PRO A 12 3.85 8.03 3.84
C PRO A 12 4.19 7.57 2.41
N LYS A 13 3.26 7.69 1.47
CA LYS A 13 3.33 7.10 0.11
C LYS A 13 4.61 7.51 -0.61
N ALA A 14 5.01 8.78 -0.55
CA ALA A 14 6.21 9.26 -1.21
C ALA A 14 7.46 8.60 -0.63
N GLN A 15 7.50 8.44 0.69
CA GLN A 15 8.66 7.87 1.37
C GLN A 15 8.72 6.36 1.16
N VAL A 16 7.58 5.67 1.10
CA VAL A 16 7.50 4.27 0.69
C VAL A 16 8.04 4.15 -0.75
N GLN A 17 7.62 5.04 -1.66
CA GLN A 17 8.07 5.03 -3.04
C GLN A 17 9.59 5.22 -3.10
N ALA A 18 10.13 6.23 -2.42
CA ALA A 18 11.55 6.53 -2.46
C ALA A 18 12.39 5.40 -1.85
N ALA A 19 11.92 4.79 -0.76
CA ALA A 19 12.61 3.65 -0.15
C ALA A 19 12.68 2.50 -1.14
N PHE A 20 11.55 2.15 -1.75
CA PHE A 20 11.53 1.04 -2.69
C PHE A 20 12.24 1.37 -4.00
N GLU A 21 12.29 2.64 -4.43
CA GLU A 21 13.11 3.07 -5.54
C GLU A 21 14.57 2.77 -5.23
N GLU A 22 15.01 3.01 -3.99
CA GLU A 22 16.42 2.84 -3.63
C GLU A 22 16.75 1.36 -3.59
N ILE A 23 15.89 0.55 -2.95
CA ILE A 23 16.04 -0.89 -2.89
C ILE A 23 16.07 -1.46 -4.32
N ALA A 24 15.17 -1.01 -5.20
CA ALA A 24 15.12 -1.45 -6.60
C ALA A 24 16.40 -1.02 -7.36
N ARG A 25 16.96 0.15 -7.04
CA ARG A 25 18.15 0.69 -7.69
C ARG A 25 19.38 -0.11 -7.23
N ARG A 26 19.40 -0.54 -5.98
CA ARG A 26 20.37 -1.49 -5.45
C ARG A 26 20.24 -2.84 -6.15
N SER A 27 19.02 -3.34 -6.39
CA SER A 27 18.81 -4.64 -7.02
C SER A 27 19.27 -4.65 -8.49
N MET A 28 18.83 -3.68 -9.29
CA MET A 28 19.16 -3.60 -10.71
C MET A 28 20.61 -3.15 -10.90
N HIS A 29 21.22 -3.52 -12.03
CA HIS A 29 22.61 -3.20 -12.35
C HIS A 29 22.74 -3.05 -13.86
N ASP A 30 23.74 -2.25 -14.30
CA ASP A 30 24.11 -1.92 -15.69
C ASP A 30 23.04 -1.15 -16.48
N LEU A 31 21.78 -1.62 -16.50
CA LEU A 31 20.70 -0.97 -17.24
C LEU A 31 20.09 0.21 -16.48
N SER A 32 20.47 0.43 -15.21
CA SER A 32 19.99 1.53 -14.39
C SER A 32 20.53 2.86 -14.92
N PHE A 33 19.71 3.92 -14.85
CA PHE A 33 20.07 5.29 -15.22
C PHE A 33 19.99 6.16 -13.97
N LEU A 34 20.74 5.76 -12.92
CA LEU A 34 20.68 6.28 -11.54
C LEU A 34 19.27 6.18 -10.95
N HIS A 35 18.41 5.38 -11.57
CA HIS A 35 17.01 5.11 -11.25
C HIS A 35 16.72 3.71 -11.81
N PRO A 36 15.76 2.95 -11.24
CA PRO A 36 15.45 1.61 -11.72
C PRO A 36 14.96 1.58 -13.18
N SER A 37 14.93 0.38 -13.77
CA SER A 37 14.61 0.13 -15.18
C SER A 37 13.19 0.58 -15.55
N MET A 38 12.26 0.47 -14.60
CA MET A 38 10.87 0.94 -14.70
C MET A 38 10.58 1.62 -13.36
N PRO A 39 9.73 2.66 -13.33
CA PRO A 39 9.57 3.49 -12.15
C PRO A 39 8.92 2.68 -11.03
N VAL A 40 9.47 2.81 -9.81
CA VAL A 40 8.82 2.29 -8.63
C VAL A 40 7.60 3.18 -8.38
N TYR A 41 6.42 2.59 -8.19
CA TYR A 41 5.14 3.30 -8.16
C TYR A 41 4.29 2.72 -7.03
N VAL A 42 3.41 3.53 -6.44
CA VAL A 42 2.65 3.16 -5.26
C VAL A 42 1.23 3.71 -5.38
N SER A 43 0.21 2.87 -5.29
CA SER A 43 -1.18 3.28 -5.14
C SER A 43 -1.45 3.34 -3.63
N ASP A 44 -2.11 4.41 -3.14
CA ASP A 44 -2.63 4.50 -1.77
C ASP A 44 -4.13 4.74 -1.86
N PHE A 45 -4.90 4.03 -1.03
CA PHE A 45 -6.35 3.99 -1.16
C PHE A 45 -7.04 3.36 0.06
N THR A 46 -8.19 3.92 0.42
CA THR A 46 -9.18 3.41 1.38
C THR A 46 -8.67 3.16 2.81
N LEU A 47 -9.59 3.13 3.78
CA LEU A 47 -9.36 2.69 5.15
C LEU A 47 -10.15 1.39 5.26
N PHE A 48 -9.73 0.37 4.51
CA PHE A 48 -10.50 -0.86 4.25
C PHE A 48 -10.98 -1.67 5.45
N GLU A 49 -10.21 -1.71 6.53
CA GLU A 49 -10.62 -2.37 7.78
C GLU A 49 -10.28 -1.51 9.00
N GLY A 50 -10.21 -0.19 8.82
CA GLY A 50 -9.70 0.73 9.83
C GLY A 50 -8.17 0.92 9.72
N GLN A 51 -7.55 0.54 8.59
CA GLN A 51 -6.14 0.76 8.31
C GLN A 51 -6.06 1.21 6.86
N TRP A 52 -5.14 2.13 6.55
CA TRP A 52 -5.03 2.64 5.19
C TRP A 52 -4.50 1.52 4.30
N THR A 53 -4.97 1.44 3.06
CA THR A 53 -4.58 0.37 2.15
C THR A 53 -3.65 0.96 1.08
N GLY A 54 -2.80 0.12 0.49
CA GLY A 54 -1.85 0.55 -0.52
C GLY A 54 -1.30 -0.66 -1.26
N CYS A 55 -0.70 -0.43 -2.42
CA CYS A 55 0.07 -1.42 -3.15
C CYS A 55 1.28 -0.70 -3.73
N VAL A 56 2.41 -1.38 -3.83
CA VAL A 56 3.62 -0.88 -4.44
C VAL A 56 4.03 -1.87 -5.54
N ILE A 57 4.57 -1.36 -6.64
CA ILE A 57 5.21 -2.16 -7.67
C ILE A 57 6.60 -1.59 -7.90
N THR A 58 7.51 -2.46 -8.29
CA THR A 58 8.85 -2.14 -8.68
C THR A 58 9.20 -3.05 -9.88
N PRO A 59 10.39 -2.91 -10.49
CA PRO A 59 10.85 -3.91 -11.45
C PRO A 59 10.99 -5.30 -10.78
N TRP A 60 11.27 -5.33 -9.47
CA TRP A 60 11.62 -6.56 -8.76
C TRP A 60 10.43 -7.23 -8.06
N MET A 61 9.36 -6.52 -7.68
CA MET A 61 8.23 -7.08 -6.93
C MET A 61 6.93 -6.26 -7.08
N LEU A 62 5.83 -6.83 -6.58
CA LEU A 62 4.55 -6.16 -6.39
C LEU A 62 4.12 -6.62 -5.00
N SER A 63 3.83 -5.70 -4.08
CA SER A 63 3.44 -6.03 -2.74
C SER A 63 2.28 -5.14 -2.31
N ALA A 64 1.26 -5.75 -1.69
CA ALA A 64 0.20 -5.02 -1.02
C ALA A 64 0.79 -4.52 0.30
N VAL A 65 0.38 -3.33 0.75
CA VAL A 65 0.87 -2.72 1.97
C VAL A 65 -0.32 -2.09 2.71
N ILE A 66 -0.28 -2.09 4.04
CA ILE A 66 -1.36 -1.66 4.91
C ILE A 66 -0.69 -0.85 6.03
N PHE A 67 -1.27 0.30 6.37
CA PHE A 67 -0.67 1.30 7.25
C PHE A 67 -1.59 1.58 8.45
N PRO A 68 -1.04 1.96 9.63
CA PRO A 68 -1.80 2.35 10.83
C PRO A 68 -2.98 3.30 10.55
N GLY A 69 -4.00 3.23 11.43
CA GLY A 69 -5.23 4.00 11.30
C GLY A 69 -5.03 5.53 11.44
N PRO A 70 -6.09 6.33 11.24
CA PRO A 70 -5.98 7.79 11.11
C PRO A 70 -5.38 8.48 12.33
N ASP A 71 -5.88 8.16 13.53
CA ASP A 71 -5.44 8.70 14.81
C ASP A 71 -5.93 7.74 15.90
N GLN A 72 -5.11 6.75 16.22
CA GLN A 72 -5.34 5.74 17.24
C GLN A 72 -3.97 5.23 17.66
N LEU A 73 -3.94 4.26 18.58
CA LEU A 73 -2.73 3.54 18.89
C LEU A 73 -2.76 2.25 18.05
N TRP A 74 -1.61 1.94 17.47
CA TRP A 74 -1.32 0.72 16.72
C TRP A 74 -0.39 -0.13 17.60
N PRO A 75 -0.50 -1.47 17.60
CA PRO A 75 0.33 -2.31 18.46
C PRO A 75 1.80 -2.23 18.02
N LEU A 76 2.72 -2.12 18.99
CA LEU A 76 4.16 -2.25 18.74
C LEU A 76 4.44 -3.74 18.60
N ARG A 77 5.14 -4.17 17.55
CA ARG A 77 5.36 -5.59 17.27
C ARG A 77 6.80 -5.82 16.82
N LYS A 78 7.27 -7.05 16.96
CA LYS A 78 8.55 -7.48 16.38
C LYS A 78 8.33 -7.63 14.88
N VAL A 79 9.40 -7.41 14.14
CA VAL A 79 9.40 -7.29 12.69
C VAL A 79 9.62 -8.68 12.10
N SER A 80 9.17 -8.90 10.87
CA SER A 80 9.21 -10.19 10.21
C SER A 80 8.38 -11.26 10.96
N GLU A 81 7.28 -10.82 11.59
CA GLU A 81 6.24 -11.63 12.19
C GLU A 81 4.98 -11.43 11.34
N LYS A 82 4.08 -12.41 11.27
CA LYS A 82 2.87 -12.32 10.45
C LYS A 82 1.64 -12.09 11.32
N ILE A 83 0.72 -11.26 10.83
CA ILE A 83 -0.59 -10.99 11.41
C ILE A 83 -1.60 -11.44 10.36
N GLY A 84 -2.60 -12.24 10.75
CA GLY A 84 -3.68 -12.64 9.86
C GLY A 84 -4.65 -11.47 9.71
N LEU A 85 -4.89 -11.03 8.47
CA LEU A 85 -5.87 -10.00 8.17
C LEU A 85 -7.00 -10.64 7.36
N GLN A 86 -8.24 -10.23 7.63
CA GLN A 86 -9.38 -10.61 6.82
C GLN A 86 -9.51 -9.56 5.71
N LEU A 87 -9.57 -9.98 4.44
CA LEU A 87 -9.83 -9.13 3.29
C LEU A 87 -10.86 -9.82 2.39
N PRO A 88 -11.59 -9.10 1.52
CA PRO A 88 -12.47 -9.73 0.54
C PRO A 88 -11.75 -10.67 -0.45
N TYR A 89 -10.45 -10.45 -0.64
CA TYR A 89 -9.57 -11.31 -1.43
C TYR A 89 -9.42 -12.71 -0.82
N GLY A 90 -9.79 -12.87 0.46
CA GLY A 90 -9.55 -14.04 1.29
C GLY A 90 -8.69 -13.61 2.47
N THR A 91 -8.81 -14.30 3.60
CA THR A 91 -7.97 -14.06 4.77
C THR A 91 -6.53 -14.40 4.39
N MET A 92 -5.59 -13.51 4.70
CA MET A 92 -4.21 -13.58 4.23
C MET A 92 -3.32 -12.96 5.31
N THR A 93 -2.18 -13.57 5.59
CA THR A 93 -1.22 -13.03 6.53
C THR A 93 -0.44 -11.91 5.86
N PHE A 94 -0.28 -10.79 6.57
CA PHE A 94 0.62 -9.71 6.20
C PHE A 94 1.74 -9.72 7.22
N THR A 95 2.97 -9.54 6.77
CA THR A 95 4.15 -9.51 7.60
C THR A 95 4.34 -8.10 8.13
N VAL A 96 4.69 -7.94 9.41
CA VAL A 96 5.10 -6.66 9.94
C VAL A 96 6.46 -6.34 9.32
N GLY A 97 6.55 -5.28 8.54
CA GLY A 97 7.79 -4.75 8.02
C GLY A 97 8.14 -3.50 8.80
N GLU A 98 9.41 -3.13 8.81
CA GLU A 98 9.88 -1.87 9.36
C GLU A 98 10.71 -1.24 8.23
N LEU A 99 10.02 -0.59 7.29
CA LEU A 99 10.62 -0.13 6.04
C LEU A 99 11.64 0.96 6.38
N ASP A 100 12.86 0.82 5.85
CA ASP A 100 13.99 1.69 6.21
C ASP A 100 13.68 3.15 5.85
N GLY A 101 13.90 4.06 6.79
CA GLY A 101 13.62 5.48 6.64
C GLY A 101 12.12 5.81 6.72
N VAL A 102 11.25 4.85 7.04
CA VAL A 102 9.82 5.04 7.20
C VAL A 102 9.46 4.58 8.62
N SER A 103 8.55 3.62 8.77
CA SER A 103 7.94 3.21 10.04
C SER A 103 7.56 1.73 9.98
N GLN A 104 7.06 1.17 11.09
CA GLN A 104 6.46 -0.17 11.06
C GLN A 104 5.14 -0.08 10.28
N TYR A 105 4.87 -1.11 9.49
CA TYR A 105 3.66 -1.25 8.69
C TYR A 105 3.44 -2.74 8.39
N LEU A 106 2.39 -3.08 7.66
CA LEU A 106 2.07 -4.46 7.29
C LEU A 106 2.22 -4.57 5.77
N SER A 107 2.84 -5.65 5.28
CA SER A 107 3.09 -5.86 3.86
C SER A 107 2.84 -7.32 3.47
N CYS A 108 2.50 -7.58 2.21
CA CYS A 108 2.37 -8.93 1.66
C CYS A 108 2.93 -8.89 0.24
N SER A 109 4.01 -9.62 -0.01
CA SER A 109 4.60 -9.75 -1.34
C SER A 109 3.73 -10.71 -2.16
N LEU A 110 3.46 -10.34 -3.43
CA LEU A 110 2.48 -11.04 -4.26
C LEU A 110 3.11 -11.70 -5.48
N MET A 111 4.03 -11.01 -6.17
CA MET A 111 4.65 -11.50 -7.40
C MET A 111 5.98 -10.78 -7.63
N SER A 112 6.80 -11.32 -8.53
CA SER A 112 8.01 -10.67 -9.04
C SER A 112 7.78 -10.38 -10.53
N PRO A 113 7.32 -9.17 -10.91
CA PRO A 113 6.87 -8.84 -12.26
C PRO A 113 8.03 -8.48 -13.21
N LEU A 114 9.19 -9.15 -13.08
CA LEU A 114 10.37 -8.89 -13.91
C LEU A 114 10.17 -9.60 -15.25
N SER A 115 9.25 -9.07 -16.06
CA SER A 115 8.74 -9.70 -17.28
C SER A 115 8.58 -8.67 -18.40
N HIS A 116 8.49 -9.14 -19.65
CA HIS A 116 8.16 -8.26 -20.78
C HIS A 116 6.66 -7.90 -20.79
N SER A 117 5.84 -8.68 -20.08
CA SER A 117 4.42 -8.38 -19.81
C SER A 117 4.25 -7.31 -18.72
N MET A 118 5.31 -6.58 -18.40
CA MET A 118 5.38 -5.47 -17.45
C MET A 118 6.07 -4.30 -18.17
N SER A 119 5.70 -3.07 -17.82
CA SER A 119 6.14 -1.84 -18.48
C SER A 119 5.90 -0.66 -17.54
N ILE A 120 6.23 0.56 -17.95
CA ILE A 120 5.87 1.78 -17.25
C ILE A 120 4.33 1.84 -17.07
N GLU A 121 3.59 1.44 -18.11
CA GLU A 121 2.14 1.50 -18.12
C GLU A 121 1.58 0.44 -17.17
N GLU A 122 2.10 -0.79 -17.20
CA GLU A 122 1.68 -1.83 -16.27
C GLU A 122 2.14 -1.50 -14.84
N GLY A 123 3.17 -0.66 -14.66
CA GLY A 123 3.53 -0.12 -13.36
C GLY A 123 2.34 0.65 -12.77
N GLN A 124 1.72 1.52 -13.56
CA GLN A 124 0.52 2.23 -13.11
C GLN A 124 -0.66 1.25 -12.99
N ARG A 125 -0.97 0.51 -14.08
CA ARG A 125 -2.21 -0.29 -14.14
C ARG A 125 -2.22 -1.41 -13.11
N LEU A 126 -1.11 -2.13 -12.92
CA LEU A 126 -1.13 -3.33 -12.09
C LEU A 126 -1.16 -2.97 -10.61
N THR A 127 -0.63 -1.83 -10.20
CA THR A 127 -0.76 -1.40 -8.81
C THR A 127 -2.22 -0.99 -8.53
N ASP A 128 -2.88 -0.34 -9.49
CA ASP A 128 -4.29 0.01 -9.38
C ASP A 128 -5.19 -1.22 -9.42
N ASP A 129 -4.89 -2.19 -10.30
CA ASP A 129 -5.60 -3.47 -10.32
C ASP A 129 -5.33 -4.25 -9.03
N CYS A 130 -4.11 -4.12 -8.48
CA CYS A 130 -3.75 -4.78 -7.25
C CYS A 130 -4.54 -4.17 -6.08
N ALA A 131 -4.83 -2.87 -6.14
CA ALA A 131 -5.73 -2.21 -5.22
C ALA A 131 -7.15 -2.72 -5.42
N ARG A 132 -7.65 -2.72 -6.65
CA ARG A 132 -9.01 -3.15 -6.98
C ARG A 132 -9.26 -4.55 -6.42
N MET A 133 -8.39 -5.52 -6.68
CA MET A 133 -8.64 -6.92 -6.34
C MET A 133 -8.87 -7.12 -4.83
N ILE A 134 -8.33 -6.25 -3.96
CA ILE A 134 -8.49 -6.34 -2.50
C ILE A 134 -9.64 -5.46 -1.99
N LEU A 135 -10.41 -4.80 -2.87
CA LEU A 135 -11.47 -3.84 -2.55
C LEU A 135 -12.86 -4.34 -2.98
N SER A 136 -13.11 -5.65 -2.97
CA SER A 136 -14.39 -6.26 -3.35
C SER A 136 -15.42 -6.12 -2.21
N LEU A 137 -15.77 -4.88 -1.91
CA LEU A 137 -16.69 -4.42 -0.85
C LEU A 137 -16.10 -4.78 0.53
N PRO A 138 -15.11 -3.99 1.00
CA PRO A 138 -14.39 -4.27 2.24
C PRO A 138 -15.23 -3.95 3.48
N VAL A 139 -14.77 -4.41 4.64
CA VAL A 139 -15.55 -4.39 5.88
C VAL A 139 -15.77 -2.95 6.41
N THR A 140 -14.83 -2.03 6.14
CA THR A 140 -14.93 -0.61 6.47
C THR A 140 -14.96 0.16 5.15
N ASN A 141 -15.93 -0.16 4.28
CA ASN A 141 -16.22 0.65 3.10
C ASN A 141 -16.66 2.05 3.59
N PRO A 142 -15.98 3.16 3.22
CA PRO A 142 -16.23 4.45 3.84
C PRO A 142 -17.67 4.95 3.63
N ASP A 143 -18.27 5.47 4.70
CA ASP A 143 -19.59 6.08 4.73
C ASP A 143 -19.66 6.98 5.96
N VAL A 144 -20.41 8.08 5.90
CA VAL A 144 -20.63 8.99 7.03
C VAL A 144 -22.01 9.65 6.90
N PRO A 145 -22.66 9.99 8.04
CA PRO A 145 -23.87 10.81 8.08
C PRO A 145 -23.62 12.19 7.45
N HIS A 146 -24.67 13.03 7.40
CA HIS A 146 -24.51 14.43 7.02
C HIS A 146 -23.59 15.07 8.08
N ALA A 147 -22.46 15.63 7.64
CA ALA A 147 -21.45 16.20 8.52
C ALA A 147 -21.91 17.58 9.03
N GLY A 148 -21.20 18.12 10.02
CA GLY A 148 -21.47 19.41 10.63
C GLY A 148 -20.30 19.83 11.53
N ARG A 149 -20.40 21.03 12.11
CA ARG A 149 -19.36 21.58 12.98
C ARG A 149 -19.30 20.78 14.29
N ARG A 150 -18.12 20.74 14.91
CA ARG A 150 -17.87 20.09 16.21
C ARG A 150 -17.30 21.12 17.18
N ALA A 151 -17.93 22.30 17.25
CA ALA A 151 -17.57 23.34 18.21
C ALA A 151 -17.87 22.79 19.62
N LEU A 152 -16.87 22.82 20.49
CA LEU A 152 -16.92 22.24 21.85
C LEU A 152 -16.09 23.14 22.77
N LEU A 153 -16.32 23.05 24.08
CA LEU A 153 -15.55 23.78 25.08
C LEU A 153 -14.12 23.24 25.09
N PHE A 154 -13.14 24.12 24.88
CA PHE A 154 -11.72 23.75 24.88
C PHE A 154 -11.23 23.54 26.32
N GLY A 155 -10.25 22.66 26.50
CA GLY A 155 -9.57 22.44 27.77
C GLY A 155 -8.43 21.44 27.59
N ARG A 156 -7.42 21.53 28.46
CA ARG A 156 -6.27 20.64 28.53
C ARG A 156 -5.92 20.53 30.00
N ARG A 157 -6.39 19.46 30.66
CA ARG A 157 -6.34 19.34 32.13
C ARG A 157 -4.89 19.25 32.61
N SER A 158 -4.04 18.52 31.90
CA SER A 158 -2.64 18.33 32.26
C SER A 158 -1.80 19.49 31.70
N GLY A 159 -0.74 19.88 32.42
CA GLY A 159 0.23 20.87 31.97
C GLY A 159 -0.36 22.28 32.03
N GLU A 160 -1.09 22.66 31.00
CA GLU A 160 -1.69 24.00 30.84
C GLU A 160 -2.80 24.22 31.88
N ASN A 161 -3.52 23.15 32.24
CA ASN A 161 -4.68 23.17 33.13
C ASN A 161 -5.75 24.17 32.65
N ALA A 162 -6.00 24.17 31.33
CA ALA A 162 -7.11 24.89 30.73
C ALA A 162 -8.39 24.09 30.98
N MET A 1 11.66 6.94 24.55
CA MET A 1 11.13 5.75 23.84
C MET A 1 9.74 5.36 24.39
N THR A 2 8.83 4.92 23.53
CA THR A 2 7.47 4.48 23.88
C THR A 2 7.18 3.17 23.14
N GLU A 3 6.34 2.31 23.72
CA GLU A 3 6.00 0.99 23.17
C GLU A 3 4.80 1.12 22.21
N GLU A 4 4.82 2.17 21.37
CA GLU A 4 3.70 2.60 20.54
C GLU A 4 4.21 3.07 19.18
N ILE A 5 3.33 3.05 18.17
CA ILE A 5 3.51 3.59 16.83
C ILE A 5 2.30 4.48 16.58
N ALA A 6 2.51 5.74 16.23
CA ALA A 6 1.41 6.62 15.84
C ALA A 6 0.91 6.19 14.46
N GLY A 7 -0.41 5.98 14.34
CA GLY A 7 -1.05 5.66 13.07
C GLY A 7 -0.99 6.85 12.11
N PHE A 8 -1.03 6.56 10.81
CA PHE A 8 -0.92 7.55 9.76
C PHE A 8 -2.29 8.17 9.49
N GLN A 9 -2.33 9.50 9.34
CA GLN A 9 -3.57 10.18 8.93
C GLN A 9 -3.85 9.89 7.46
N THR A 10 -2.83 9.73 6.62
CA THR A 10 -2.90 9.27 5.23
C THR A 10 -1.58 8.56 4.90
N SER A 11 -1.63 7.65 3.92
CA SER A 11 -0.56 6.72 3.57
C SER A 11 0.79 7.42 3.30
N PRO A 12 1.93 6.86 3.78
CA PRO A 12 3.28 7.35 3.50
C PRO A 12 3.78 6.84 2.14
N LYS A 13 2.94 6.90 1.08
CA LYS A 13 3.23 6.24 -0.19
C LYS A 13 4.51 6.76 -0.86
N ALA A 14 4.79 8.07 -0.72
CA ALA A 14 6.01 8.67 -1.25
C ALA A 14 7.25 8.10 -0.56
N GLN A 15 7.18 7.94 0.76
CA GLN A 15 8.29 7.46 1.56
C GLN A 15 8.56 5.99 1.23
N VAL A 16 7.50 5.19 1.07
CA VAL A 16 7.60 3.80 0.61
C VAL A 16 8.26 3.79 -0.78
N GLN A 17 7.81 4.66 -1.69
CA GLN A 17 8.31 4.73 -3.06
C GLN A 17 9.80 5.05 -3.06
N ALA A 18 10.22 6.12 -2.39
CA ALA A 18 11.59 6.62 -2.45
C ALA A 18 12.57 5.59 -1.90
N ALA A 19 12.24 4.97 -0.76
CA ALA A 19 13.12 3.98 -0.16
C ALA A 19 13.31 2.80 -1.12
N PHE A 20 12.21 2.30 -1.69
CA PHE A 20 12.30 1.21 -2.66
C PHE A 20 12.97 1.65 -3.96
N GLU A 21 12.93 2.92 -4.33
CA GLU A 21 13.62 3.42 -5.51
C GLU A 21 15.13 3.25 -5.35
N GLU A 22 15.67 3.40 -4.13
CA GLU A 22 17.09 3.15 -3.89
C GLU A 22 17.36 1.65 -3.98
N ILE A 23 16.55 0.86 -3.26
CA ILE A 23 16.78 -0.57 -3.06
C ILE A 23 16.66 -1.34 -4.38
N ALA A 24 15.69 -0.96 -5.23
CA ALA A 24 15.48 -1.60 -6.53
C ALA A 24 16.64 -1.29 -7.49
N ARG A 25 17.32 -0.16 -7.30
CA ARG A 25 18.53 0.19 -8.02
C ARG A 25 19.69 -0.46 -7.27
N ARG A 26 20.42 0.29 -6.44
CA ARG A 26 21.65 -0.13 -5.75
C ARG A 26 22.69 -0.81 -6.67
N SER A 27 22.67 -0.49 -7.97
CA SER A 27 23.51 -1.06 -9.02
C SER A 27 24.17 0.03 -9.88
N MET A 28 24.06 1.29 -9.46
CA MET A 28 24.52 2.45 -10.23
C MET A 28 26.01 2.68 -10.02
N HIS A 29 26.73 3.12 -11.06
CA HIS A 29 28.15 3.45 -11.01
C HIS A 29 28.38 4.96 -11.23
N ASP A 30 27.49 5.63 -11.96
CA ASP A 30 27.44 7.07 -12.08
C ASP A 30 26.02 7.46 -11.72
N LEU A 31 25.84 8.52 -10.93
CA LEU A 31 24.54 8.83 -10.33
C LEU A 31 23.55 9.41 -11.34
N SER A 32 23.95 9.57 -12.61
CA SER A 32 23.02 9.91 -13.69
C SER A 32 22.04 8.75 -13.93
N PHE A 33 22.44 7.51 -13.61
CA PHE A 33 21.63 6.31 -13.79
C PHE A 33 20.88 5.95 -12.51
N LEU A 34 20.47 6.95 -11.72
CA LEU A 34 19.79 6.77 -10.43
C LEU A 34 18.47 6.02 -10.57
N HIS A 35 17.79 6.17 -11.71
CA HIS A 35 16.47 5.63 -11.96
C HIS A 35 16.49 4.09 -12.07
N PRO A 36 15.56 3.37 -11.42
CA PRO A 36 15.36 1.94 -11.64
C PRO A 36 14.94 1.67 -13.10
N SER A 37 15.21 0.47 -13.60
CA SER A 37 15.01 0.13 -15.01
C SER A 37 13.53 -0.15 -15.37
N MET A 38 12.66 -0.32 -14.37
CA MET A 38 11.22 -0.47 -14.47
C MET A 38 10.63 0.31 -13.28
N PRO A 39 9.35 0.71 -13.33
CA PRO A 39 8.80 1.65 -12.36
C PRO A 39 8.75 1.11 -10.93
N VAL A 40 9.14 1.98 -9.98
CA VAL A 40 8.93 1.77 -8.55
C VAL A 40 7.83 2.79 -8.21
N TYR A 41 6.63 2.32 -7.87
CA TYR A 41 5.44 3.17 -7.75
C TYR A 41 4.51 2.60 -6.67
N VAL A 42 3.72 3.44 -6.02
CA VAL A 42 2.88 3.05 -4.87
C VAL A 42 1.51 3.73 -5.01
N SER A 43 0.45 2.93 -5.18
CA SER A 43 -0.93 3.40 -5.09
C SER A 43 -1.37 3.52 -3.62
N ASP A 44 -2.38 4.34 -3.35
CA ASP A 44 -2.98 4.59 -2.04
C ASP A 44 -4.48 4.29 -2.08
N PHE A 45 -5.02 3.69 -1.01
CA PHE A 45 -6.38 3.15 -0.99
C PHE A 45 -7.06 3.24 0.38
N THR A 46 -8.36 2.94 0.34
CA THR A 46 -9.39 3.11 1.36
C THR A 46 -9.02 2.50 2.73
N LEU A 47 -9.81 2.86 3.75
CA LEU A 47 -9.66 2.29 5.07
C LEU A 47 -10.31 0.89 5.08
N PHE A 48 -9.56 -0.13 5.48
CA PHE A 48 -9.98 -1.52 5.57
C PHE A 48 -9.37 -2.10 6.85
N GLU A 49 -10.14 -2.85 7.65
CA GLU A 49 -9.75 -3.30 9.00
C GLU A 49 -9.37 -2.11 9.90
N GLY A 50 -9.87 -0.91 9.61
CA GLY A 50 -9.52 0.34 10.31
C GLY A 50 -8.14 0.89 9.92
N GLN A 51 -7.45 0.29 8.95
CA GLN A 51 -6.09 0.63 8.52
C GLN A 51 -6.12 1.07 7.05
N TRP A 52 -5.15 1.83 6.56
CA TRP A 52 -5.14 2.26 5.15
C TRP A 52 -4.63 1.13 4.26
N THR A 53 -5.12 1.02 3.01
CA THR A 53 -4.55 0.12 2.03
C THR A 53 -3.60 0.89 1.10
N GLY A 54 -2.76 0.15 0.40
CA GLY A 54 -1.93 0.62 -0.69
C GLY A 54 -1.43 -0.60 -1.45
N CYS A 55 -0.79 -0.40 -2.59
CA CYS A 55 -0.06 -1.45 -3.29
C CYS A 55 1.23 -0.80 -3.78
N VAL A 56 2.29 -1.56 -3.95
CA VAL A 56 3.55 -1.10 -4.49
C VAL A 56 3.98 -2.05 -5.59
N ILE A 57 4.50 -1.52 -6.69
CA ILE A 57 5.18 -2.28 -7.71
C ILE A 57 6.61 -1.76 -7.69
N THR A 58 7.55 -2.65 -7.96
CA THR A 58 8.96 -2.35 -8.10
C THR A 58 9.51 -3.47 -9.00
N PRO A 59 10.65 -3.28 -9.71
CA PRO A 59 11.18 -4.30 -10.63
C PRO A 59 11.29 -5.70 -10.00
N TRP A 60 11.50 -5.76 -8.68
CA TRP A 60 11.74 -6.98 -7.96
C TRP A 60 10.47 -7.62 -7.36
N MET A 61 9.36 -6.89 -7.16
CA MET A 61 8.16 -7.44 -6.51
C MET A 61 6.92 -6.53 -6.70
N LEU A 62 5.72 -7.08 -6.53
CA LEU A 62 4.48 -6.33 -6.41
C LEU A 62 3.89 -6.81 -5.10
N SER A 63 3.58 -5.88 -4.20
CA SER A 63 3.16 -6.22 -2.86
C SER A 63 2.01 -5.32 -2.45
N ALA A 64 0.99 -5.94 -1.87
CA ALA A 64 -0.06 -5.21 -1.19
C ALA A 64 0.58 -4.63 0.08
N VAL A 65 0.20 -3.43 0.49
CA VAL A 65 0.73 -2.80 1.69
C VAL A 65 -0.42 -2.19 2.48
N ILE A 66 -0.27 -2.13 3.80
CA ILE A 66 -1.26 -1.59 4.71
C ILE A 66 -0.48 -0.70 5.69
N PHE A 67 -1.08 0.41 6.10
CA PHE A 67 -0.47 1.37 7.02
C PHE A 67 -1.41 1.53 8.21
N PRO A 68 -0.92 1.61 9.46
CA PRO A 68 -1.79 1.83 10.60
C PRO A 68 -2.63 3.08 10.37
N GLY A 69 -3.94 2.97 10.61
CA GLY A 69 -4.93 3.97 10.22
C GLY A 69 -4.91 5.24 11.07
N PRO A 70 -5.86 6.15 10.82
CA PRO A 70 -5.91 7.45 11.45
C PRO A 70 -6.31 7.30 12.92
N ASP A 71 -5.88 8.27 13.74
CA ASP A 71 -6.25 8.44 15.15
C ASP A 71 -6.18 7.12 15.96
N GLN A 72 -5.10 6.37 15.76
CA GLN A 72 -4.84 5.09 16.41
C GLN A 72 -3.40 5.10 16.91
N LEU A 73 -3.18 4.49 18.07
CA LEU A 73 -1.85 4.26 18.62
C LEU A 73 -1.67 2.75 18.56
N TRP A 74 -1.02 2.29 17.49
CA TRP A 74 -0.62 0.89 17.39
C TRP A 74 0.42 0.58 18.47
N PRO A 75 0.57 -0.69 18.88
CA PRO A 75 1.68 -1.11 19.73
C PRO A 75 2.99 -1.05 18.94
N LEU A 76 4.13 -1.09 19.64
CA LEU A 76 5.44 -1.26 19.02
C LEU A 76 5.55 -2.71 18.52
N ARG A 77 5.10 -2.96 17.28
CA ARG A 77 5.17 -4.30 16.67
C ARG A 77 6.63 -4.62 16.33
N LYS A 78 6.98 -5.90 16.39
CA LYS A 78 8.26 -6.38 15.88
C LYS A 78 8.06 -6.76 14.42
N VAL A 79 9.19 -6.80 13.72
CA VAL A 79 9.26 -6.91 12.28
C VAL A 79 9.35 -8.41 11.93
N SER A 80 8.90 -8.76 10.73
CA SER A 80 8.80 -10.12 10.24
C SER A 80 7.76 -10.98 10.99
N GLU A 81 6.99 -10.39 11.91
CA GLU A 81 5.83 -11.00 12.53
C GLU A 81 4.65 -10.89 11.57
N LYS A 82 3.62 -11.72 11.72
CA LYS A 82 2.44 -11.69 10.85
C LYS A 82 1.20 -11.26 11.63
N ILE A 83 0.32 -10.51 10.97
CA ILE A 83 -0.96 -10.04 11.47
C ILE A 83 -2.01 -10.66 10.55
N GLY A 84 -2.94 -11.43 11.10
CA GLY A 84 -4.07 -11.96 10.32
C GLY A 84 -5.08 -10.85 10.10
N LEU A 85 -5.44 -10.59 8.85
CA LEU A 85 -6.44 -9.58 8.47
C LEU A 85 -7.54 -10.25 7.67
N GLN A 86 -8.78 -9.85 7.89
CA GLN A 86 -9.93 -10.27 7.10
C GLN A 86 -10.09 -9.28 5.95
N LEU A 87 -10.29 -9.77 4.73
CA LEU A 87 -10.62 -8.98 3.55
C LEU A 87 -11.38 -9.90 2.58
N PRO A 88 -12.19 -9.36 1.64
CA PRO A 88 -13.01 -10.17 0.73
C PRO A 88 -12.21 -11.11 -0.18
N TYR A 89 -10.92 -10.85 -0.39
CA TYR A 89 -9.99 -11.73 -1.10
C TYR A 89 -9.82 -13.08 -0.39
N GLY A 90 -10.15 -13.14 0.91
CA GLY A 90 -9.88 -14.24 1.82
C GLY A 90 -9.04 -13.71 2.97
N THR A 91 -9.25 -14.25 4.17
CA THR A 91 -8.44 -13.91 5.33
C THR A 91 -6.99 -14.29 5.03
N MET A 92 -6.05 -13.37 5.27
CA MET A 92 -4.67 -13.51 4.83
C MET A 92 -3.77 -12.79 5.83
N THR A 93 -2.56 -13.30 6.06
CA THR A 93 -1.60 -12.64 6.91
C THR A 93 -0.82 -11.58 6.14
N PHE A 94 -0.68 -10.40 6.75
CA PHE A 94 0.21 -9.35 6.29
C PHE A 94 1.39 -9.38 7.26
N THR A 95 2.60 -9.36 6.75
CA THR A 95 3.82 -9.35 7.54
C THR A 95 4.08 -7.91 7.97
N VAL A 96 4.59 -7.69 9.17
CA VAL A 96 5.08 -6.39 9.60
C VAL A 96 6.43 -6.18 8.91
N GLY A 97 6.52 -5.22 8.01
CA GLY A 97 7.76 -4.79 7.40
C GLY A 97 8.28 -3.56 8.13
N GLU A 98 9.55 -3.25 7.94
CA GLU A 98 10.16 -2.00 8.37
C GLU A 98 10.91 -1.46 7.14
N LEU A 99 10.75 -0.17 6.85
CA LEU A 99 11.33 0.48 5.68
C LEU A 99 11.75 1.89 6.07
N ASP A 100 12.85 2.39 5.48
CA ASP A 100 13.39 3.70 5.81
C ASP A 100 12.37 4.80 5.54
N GLY A 101 12.22 5.74 6.49
CA GLY A 101 11.25 6.83 6.41
C GLY A 101 9.80 6.37 6.61
N VAL A 102 9.56 5.09 6.93
CA VAL A 102 8.23 4.52 7.13
C VAL A 102 8.15 3.85 8.51
N SER A 103 9.27 3.28 9.01
CA SER A 103 9.30 2.43 10.20
C SER A 103 8.33 1.26 9.98
N GLN A 104 7.74 0.73 11.05
CA GLN A 104 6.79 -0.39 10.98
C GLN A 104 5.59 -0.03 10.10
N TYR A 105 5.26 -0.94 9.19
CA TYR A 105 4.05 -0.94 8.37
C TYR A 105 3.76 -2.39 7.99
N LEU A 106 2.70 -2.67 7.24
CA LEU A 106 2.29 -4.03 6.90
C LEU A 106 2.45 -4.24 5.40
N SER A 107 2.85 -5.45 4.98
CA SER A 107 3.06 -5.81 3.59
C SER A 107 2.60 -7.26 3.35
N CYS A 108 2.24 -7.58 2.10
CA CYS A 108 1.97 -8.95 1.67
C CYS A 108 2.46 -9.03 0.21
N SER A 109 3.53 -9.78 -0.04
CA SER A 109 4.07 -9.96 -1.38
C SER A 109 3.06 -10.77 -2.20
N LEU A 110 2.72 -10.29 -3.41
CA LEU A 110 1.71 -10.91 -4.26
C LEU A 110 2.41 -11.81 -5.26
N MET A 111 3.30 -11.24 -6.09
CA MET A 111 4.11 -11.95 -7.08
C MET A 111 5.21 -11.00 -7.57
N SER A 112 6.17 -11.52 -8.32
CA SER A 112 7.16 -10.70 -9.01
C SER A 112 6.59 -10.27 -10.38
N PRO A 113 6.66 -8.98 -10.76
CA PRO A 113 6.34 -8.55 -12.12
C PRO A 113 7.40 -9.08 -13.10
N LEU A 114 7.09 -9.04 -14.40
CA LEU A 114 7.96 -9.53 -15.47
C LEU A 114 7.99 -8.51 -16.59
N SER A 115 9.17 -8.32 -17.20
CA SER A 115 9.44 -7.27 -18.18
C SER A 115 8.59 -7.39 -19.46
N HIS A 116 7.99 -8.55 -19.72
CA HIS A 116 7.18 -8.79 -20.91
C HIS A 116 6.00 -7.83 -20.96
N SER A 117 6.00 -6.94 -21.97
CA SER A 117 5.01 -5.89 -22.19
C SER A 117 4.83 -4.94 -20.97
N MET A 118 5.80 -4.87 -20.06
CA MET A 118 5.78 -3.94 -18.94
C MET A 118 6.12 -2.53 -19.42
N SER A 119 5.63 -1.53 -18.70
CA SER A 119 5.86 -0.12 -18.94
C SER A 119 5.59 0.64 -17.63
N ILE A 120 5.80 1.95 -17.63
CA ILE A 120 5.38 2.83 -16.55
C ILE A 120 3.86 2.70 -16.36
N GLU A 121 3.11 2.54 -17.46
CA GLU A 121 1.66 2.51 -17.45
C GLU A 121 1.17 1.21 -16.85
N GLU A 122 1.74 0.05 -17.23
CA GLU A 122 1.46 -1.23 -16.60
C GLU A 122 1.90 -1.23 -15.14
N GLY A 123 2.97 -0.50 -14.79
CA GLY A 123 3.32 -0.27 -13.39
C GLY A 123 2.16 0.35 -12.62
N GLN A 124 1.68 1.52 -13.04
CA GLN A 124 0.62 2.23 -12.34
C GLN A 124 -0.68 1.41 -12.37
N ARG A 125 -1.07 0.91 -13.54
CA ARG A 125 -2.27 0.13 -13.76
C ARG A 125 -2.28 -1.11 -12.89
N LEU A 126 -1.17 -1.85 -12.80
CA LEU A 126 -1.14 -3.11 -12.07
C LEU A 126 -1.05 -2.88 -10.57
N THR A 127 -0.47 -1.77 -10.11
CA THR A 127 -0.50 -1.46 -8.69
C THR A 127 -1.94 -1.17 -8.25
N ASP A 128 -2.68 -0.40 -9.06
CA ASP A 128 -4.09 -0.09 -8.81
C ASP A 128 -4.95 -1.35 -8.94
N ASP A 129 -4.74 -2.13 -9.99
CA ASP A 129 -5.49 -3.37 -10.21
C ASP A 129 -5.21 -4.37 -9.10
N CYS A 130 -3.99 -4.37 -8.54
CA CYS A 130 -3.65 -5.32 -7.47
C CYS A 130 -4.43 -4.98 -6.20
N ALA A 131 -4.59 -3.70 -5.87
CA ALA A 131 -5.45 -3.27 -4.77
C ALA A 131 -6.91 -3.61 -5.10
N ARG A 132 -7.41 -3.24 -6.28
CA ARG A 132 -8.79 -3.50 -6.69
C ARG A 132 -9.14 -4.98 -6.53
N MET A 133 -8.31 -5.85 -7.08
CA MET A 133 -8.34 -7.31 -6.96
C MET A 133 -8.60 -7.77 -5.53
N ILE A 134 -7.90 -7.22 -4.54
CA ILE A 134 -8.01 -7.68 -3.15
C ILE A 134 -9.05 -6.88 -2.35
N LEU A 135 -9.48 -5.71 -2.85
CA LEU A 135 -10.40 -4.81 -2.16
C LEU A 135 -11.84 -5.27 -2.34
N SER A 136 -12.39 -5.07 -3.55
CA SER A 136 -13.81 -5.21 -3.81
C SER A 136 -14.14 -5.72 -5.22
N LEU A 137 -13.24 -6.52 -5.79
CA LEU A 137 -13.43 -7.14 -7.11
C LEU A 137 -14.81 -7.82 -7.20
N PRO A 138 -15.65 -7.48 -8.20
CA PRO A 138 -17.02 -7.97 -8.27
C PRO A 138 -17.10 -9.41 -8.80
N VAL A 139 -18.28 -10.00 -8.65
CA VAL A 139 -18.68 -11.27 -9.25
C VAL A 139 -20.02 -11.00 -9.98
N THR A 140 -20.25 -11.67 -11.12
CA THR A 140 -21.41 -11.41 -11.96
C THR A 140 -22.70 -11.69 -11.18
N ASN A 141 -23.67 -10.77 -11.29
CA ASN A 141 -25.05 -10.92 -10.81
C ASN A 141 -25.94 -10.15 -11.79
N PRO A 142 -26.85 -10.82 -12.53
CA PRO A 142 -27.78 -10.14 -13.41
C PRO A 142 -28.86 -9.43 -12.59
N ASP A 143 -29.10 -8.16 -12.91
CA ASP A 143 -30.08 -7.28 -12.27
C ASP A 143 -30.49 -6.19 -13.27
N VAL A 144 -31.71 -5.66 -13.16
CA VAL A 144 -32.21 -4.56 -13.97
C VAL A 144 -33.15 -3.69 -13.10
N PRO A 145 -33.14 -2.35 -13.27
CA PRO A 145 -34.12 -1.45 -12.66
C PRO A 145 -35.52 -1.66 -13.28
N HIS A 146 -36.50 -0.84 -12.88
CA HIS A 146 -37.80 -0.79 -13.55
C HIS A 146 -37.55 -0.47 -15.03
N ALA A 147 -38.02 -1.33 -15.93
CA ALA A 147 -37.81 -1.18 -17.36
C ALA A 147 -38.84 -0.17 -17.89
N GLY A 148 -38.37 0.87 -18.57
CA GLY A 148 -39.21 1.97 -19.03
C GLY A 148 -39.68 2.86 -17.87
N ARG A 149 -40.39 3.93 -18.21
CA ARG A 149 -40.96 4.86 -17.23
C ARG A 149 -42.13 4.19 -16.49
N ARG A 150 -42.51 4.76 -15.34
CA ARG A 150 -43.73 4.36 -14.62
C ARG A 150 -44.93 4.52 -15.56
N ALA A 151 -45.92 3.61 -15.46
CA ALA A 151 -47.20 3.77 -16.14
C ALA A 151 -47.90 4.98 -15.50
N LEU A 152 -47.98 6.08 -16.23
CA LEU A 152 -48.41 7.39 -15.73
C LEU A 152 -48.92 8.20 -16.93
N LEU A 153 -49.99 8.98 -16.73
CA LEU A 153 -50.59 9.82 -17.75
C LEU A 153 -51.23 11.04 -17.08
N PHE A 154 -51.22 12.17 -17.78
CA PHE A 154 -51.90 13.42 -17.38
C PHE A 154 -52.74 13.92 -18.56
N GLY A 155 -53.73 14.77 -18.28
CA GLY A 155 -54.62 15.32 -19.29
C GLY A 155 -55.58 16.34 -18.67
N ARG A 156 -56.54 16.82 -19.47
CA ARG A 156 -57.49 17.87 -19.05
C ARG A 156 -58.51 17.35 -18.04
N ARG A 157 -58.74 16.03 -17.97
CA ARG A 157 -59.77 15.40 -17.13
C ARG A 157 -61.12 16.06 -17.42
N SER A 158 -61.49 16.11 -18.70
CA SER A 158 -62.71 16.73 -19.19
C SER A 158 -63.94 16.07 -18.52
N GLY A 159 -64.94 16.90 -18.18
CA GLY A 159 -66.17 16.48 -17.54
C GLY A 159 -65.96 16.27 -16.05
N GLU A 160 -66.58 17.14 -15.23
CA GLU A 160 -66.50 17.15 -13.77
C GLU A 160 -65.03 17.08 -13.30
N ASN A 161 -64.21 18.01 -13.82
CA ASN A 161 -62.79 18.08 -13.50
C ASN A 161 -62.62 18.37 -12.00
N ALA A 162 -61.91 17.49 -11.29
CA ALA A 162 -61.55 17.62 -9.88
C ALA A 162 -60.23 16.87 -9.69
N MET A 1 10.56 8.08 23.30
CA MET A 1 9.23 7.89 22.62
C MET A 1 8.41 6.81 23.32
N THR A 2 7.08 6.88 23.22
CA THR A 2 6.16 5.86 23.72
C THR A 2 6.23 4.59 22.84
N GLU A 3 5.84 3.44 23.40
CA GLU A 3 5.83 2.16 22.69
C GLU A 3 4.47 2.01 21.98
N GLU A 4 4.12 3.02 21.17
CA GLU A 4 2.82 3.19 20.53
C GLU A 4 3.02 3.94 19.20
N ILE A 5 2.07 3.80 18.29
CA ILE A 5 1.95 4.57 17.05
C ILE A 5 0.53 5.18 17.08
N ALA A 6 0.39 6.48 16.79
CA ALA A 6 -0.89 7.19 16.78
C ALA A 6 -0.83 8.38 15.82
N GLY A 7 -2.00 8.93 15.45
CA GLY A 7 -2.15 10.11 14.59
C GLY A 7 -3.23 9.87 13.54
N PHE A 8 -3.10 10.51 12.37
CA PHE A 8 -3.89 10.24 11.19
C PHE A 8 -3.24 9.08 10.44
N GLN A 9 -1.92 8.90 10.60
CA GLN A 9 -1.14 7.72 10.19
C GLN A 9 -1.18 7.34 8.69
N THR A 10 -1.61 8.26 7.84
CA THR A 10 -1.75 8.04 6.40
C THR A 10 -0.47 7.50 5.76
N SER A 11 -0.65 6.64 4.76
CA SER A 11 0.39 5.92 4.05
C SER A 11 1.54 6.86 3.63
N PRO A 12 2.82 6.58 3.98
CA PRO A 12 3.98 7.35 3.53
C PRO A 12 4.31 7.10 2.05
N LYS A 13 3.34 7.25 1.15
CA LYS A 13 3.39 6.85 -0.27
C LYS A 13 4.68 7.30 -0.97
N ALA A 14 5.05 8.57 -0.83
CA ALA A 14 6.27 9.10 -1.46
C ALA A 14 7.53 8.47 -0.87
N GLN A 15 7.57 8.29 0.45
CA GLN A 15 8.73 7.77 1.16
C GLN A 15 8.89 6.28 0.86
N VAL A 16 7.78 5.52 0.78
CA VAL A 16 7.78 4.13 0.36
C VAL A 16 8.29 4.06 -1.09
N GLN A 17 7.83 4.95 -1.97
CA GLN A 17 8.28 4.98 -3.36
C GLN A 17 9.79 5.20 -3.43
N ALA A 18 10.31 6.26 -2.80
CA ALA A 18 11.72 6.60 -2.85
C ALA A 18 12.59 5.49 -2.26
N ALA A 19 12.15 4.90 -1.14
CA ALA A 19 12.87 3.78 -0.52
C ALA A 19 12.92 2.60 -1.47
N PHE A 20 11.80 2.24 -2.08
CA PHE A 20 11.78 1.12 -3.03
C PHE A 20 12.54 1.45 -4.31
N GLU A 21 12.67 2.71 -4.69
CA GLU A 21 13.48 3.11 -5.82
C GLU A 21 14.97 2.84 -5.53
N GLU A 22 15.39 2.96 -4.27
CA GLU A 22 16.75 2.65 -3.86
C GLU A 22 16.93 1.13 -3.74
N ILE A 23 15.97 0.45 -3.09
CA ILE A 23 16.02 -1.00 -2.91
C ILE A 23 16.03 -1.67 -4.29
N ALA A 24 15.27 -1.17 -5.26
CA ALA A 24 15.27 -1.69 -6.63
C ALA A 24 16.64 -1.52 -7.29
N ARG A 25 17.38 -0.43 -7.00
CA ARG A 25 18.71 -0.22 -7.55
C ARG A 25 19.68 -1.20 -6.87
N ARG A 26 19.57 -1.38 -5.56
CA ARG A 26 20.36 -2.34 -4.80
C ARG A 26 20.12 -3.77 -5.32
N SER A 27 18.88 -4.15 -5.64
CA SER A 27 18.60 -5.45 -6.22
C SER A 27 19.20 -5.57 -7.63
N MET A 28 18.98 -4.57 -8.49
CA MET A 28 19.40 -4.57 -9.88
C MET A 28 20.78 -3.94 -10.05
N HIS A 29 21.74 -4.28 -9.17
CA HIS A 29 23.05 -3.64 -9.12
C HIS A 29 23.94 -3.99 -10.33
N ASP A 30 23.49 -4.86 -11.24
CA ASP A 30 24.17 -5.08 -12.52
C ASP A 30 24.19 -3.78 -13.35
N LEU A 31 23.22 -2.89 -13.11
CA LEU A 31 23.14 -1.55 -13.72
C LEU A 31 24.04 -0.54 -12.98
N SER A 32 24.88 -0.99 -12.05
CA SER A 32 25.74 -0.16 -11.22
C SER A 32 24.90 0.91 -10.50
N PHE A 33 25.33 2.19 -10.51
CA PHE A 33 24.67 3.25 -9.74
C PHE A 33 23.42 3.81 -10.44
N LEU A 34 23.08 3.35 -11.65
CA LEU A 34 21.94 3.89 -12.40
C LEU A 34 20.64 3.63 -11.65
N HIS A 35 19.70 4.56 -11.79
CA HIS A 35 18.36 4.45 -11.22
C HIS A 35 17.56 3.36 -11.98
N PRO A 36 16.48 2.82 -11.39
CA PRO A 36 15.72 1.75 -12.02
C PRO A 36 15.17 2.12 -13.40
N SER A 37 15.07 1.13 -14.29
CA SER A 37 14.78 1.33 -15.71
C SER A 37 13.37 1.92 -15.94
N MET A 38 12.45 1.69 -15.00
CA MET A 38 11.13 2.32 -14.95
C MET A 38 10.89 2.71 -13.50
N PRO A 39 10.36 3.92 -13.22
CA PRO A 39 9.99 4.34 -11.88
C PRO A 39 9.16 3.31 -11.13
N VAL A 40 9.56 2.99 -9.90
CA VAL A 40 8.72 2.20 -8.98
C VAL A 40 7.49 3.07 -8.64
N TYR A 41 6.34 2.49 -8.31
CA TYR A 41 5.11 3.23 -8.08
C TYR A 41 4.35 2.64 -6.89
N VAL A 42 3.51 3.44 -6.22
CA VAL A 42 2.78 3.04 -5.03
C VAL A 42 1.36 3.59 -5.11
N SER A 43 0.34 2.74 -5.21
CA SER A 43 -1.05 3.14 -5.05
C SER A 43 -1.36 3.28 -3.56
N ASP A 44 -2.16 4.28 -3.17
CA ASP A 44 -2.72 4.45 -1.84
C ASP A 44 -4.23 4.57 -1.99
N PHE A 45 -5.00 3.86 -1.14
CA PHE A 45 -6.44 3.76 -1.29
C PHE A 45 -7.15 3.22 -0.04
N THR A 46 -8.33 3.76 0.24
CA THR A 46 -9.35 3.30 1.19
C THR A 46 -8.86 3.08 2.64
N LEU A 47 -9.84 2.93 3.55
CA LEU A 47 -9.62 2.48 4.91
C LEU A 47 -10.31 1.13 5.00
N PHE A 48 -9.53 0.05 5.12
CA PHE A 48 -9.97 -1.34 5.02
C PHE A 48 -9.40 -2.08 6.23
N GLU A 49 -10.19 -2.92 6.89
CA GLU A 49 -9.84 -3.51 8.20
C GLU A 49 -9.51 -2.40 9.22
N GLY A 50 -10.06 -1.19 9.00
CA GLY A 50 -9.78 0.01 9.80
C GLY A 50 -8.40 0.63 9.53
N GLN A 51 -7.63 0.10 8.58
CA GLN A 51 -6.25 0.49 8.30
C GLN A 51 -6.16 1.11 6.89
N TRP A 52 -5.18 1.97 6.59
CA TRP A 52 -5.05 2.58 5.27
C TRP A 52 -4.52 1.53 4.29
N THR A 53 -5.03 1.43 3.06
CA THR A 53 -4.64 0.36 2.13
C THR A 53 -3.69 0.90 1.05
N GLY A 54 -2.87 0.04 0.45
CA GLY A 54 -1.93 0.44 -0.59
C GLY A 54 -1.37 -0.78 -1.32
N CYS A 55 -0.64 -0.52 -2.41
CA CYS A 55 0.15 -1.52 -3.13
C CYS A 55 1.39 -0.80 -3.65
N VAL A 56 2.49 -1.50 -3.83
CA VAL A 56 3.71 -1.02 -4.44
C VAL A 56 4.06 -1.97 -5.58
N ILE A 57 4.61 -1.43 -6.67
CA ILE A 57 5.21 -2.18 -7.75
C ILE A 57 6.59 -1.61 -7.96
N THR A 58 7.48 -2.47 -8.43
CA THR A 58 8.80 -2.11 -8.90
C THR A 58 9.03 -2.97 -10.15
N PRO A 59 10.15 -2.81 -10.88
CA PRO A 59 10.50 -3.77 -11.92
C PRO A 59 10.67 -5.18 -11.32
N TRP A 60 11.10 -5.28 -10.05
CA TRP A 60 11.47 -6.56 -9.44
C TRP A 60 10.32 -7.25 -8.70
N MET A 61 9.29 -6.53 -8.20
CA MET A 61 8.21 -7.12 -7.40
C MET A 61 6.92 -6.30 -7.45
N LEU A 62 5.83 -6.86 -6.90
CA LEU A 62 4.57 -6.19 -6.61
C LEU A 62 4.17 -6.74 -5.25
N SER A 63 3.86 -5.85 -4.31
CA SER A 63 3.47 -6.22 -2.97
C SER A 63 2.35 -5.30 -2.49
N ALA A 64 1.37 -5.90 -1.82
CA ALA A 64 0.35 -5.17 -1.08
C ALA A 64 1.03 -4.53 0.13
N VAL A 65 0.56 -3.35 0.55
CA VAL A 65 1.04 -2.67 1.76
C VAL A 65 -0.16 -2.06 2.49
N ILE A 66 -0.13 -2.05 3.81
CA ILE A 66 -1.19 -1.55 4.67
C ILE A 66 -0.50 -0.77 5.79
N PHE A 67 -1.10 0.33 6.24
CA PHE A 67 -0.51 1.22 7.23
C PHE A 67 -1.53 1.43 8.36
N PRO A 68 -1.09 1.60 9.62
CA PRO A 68 -1.98 1.83 10.76
C PRO A 68 -3.01 2.92 10.45
N GLY A 69 -4.27 2.70 10.78
CA GLY A 69 -5.36 3.60 10.46
C GLY A 69 -5.38 4.85 11.35
N PRO A 70 -6.25 5.82 11.05
CA PRO A 70 -6.34 7.04 11.82
C PRO A 70 -6.92 6.76 13.21
N ASP A 71 -6.50 7.58 14.17
CA ASP A 71 -7.04 7.68 15.52
C ASP A 71 -7.14 6.31 16.22
N GLN A 72 -6.11 5.49 16.01
CA GLN A 72 -5.94 4.17 16.60
C GLN A 72 -4.56 4.14 17.23
N LEU A 73 -4.50 3.70 18.49
CA LEU A 73 -3.28 3.68 19.27
C LEU A 73 -2.72 2.28 19.15
N TRP A 74 -2.00 2.08 18.05
CA TRP A 74 -1.31 0.83 17.79
C TRP A 74 -0.20 0.67 18.83
N PRO A 75 0.04 -0.54 19.36
CA PRO A 75 1.23 -0.81 20.16
C PRO A 75 2.46 -0.70 19.25
N LEU A 76 3.65 -0.54 19.82
CA LEU A 76 4.88 -0.65 19.03
C LEU A 76 4.99 -2.13 18.62
N ARG A 77 4.75 -2.44 17.34
CA ARG A 77 4.75 -3.83 16.87
C ARG A 77 6.18 -4.34 16.78
N LYS A 78 6.35 -5.66 16.87
CA LYS A 78 7.61 -6.35 16.59
C LYS A 78 7.58 -6.69 15.10
N VAL A 79 8.76 -6.70 14.50
CA VAL A 79 8.93 -6.78 13.06
C VAL A 79 9.02 -8.27 12.67
N SER A 80 8.67 -8.57 11.43
CA SER A 80 8.63 -9.92 10.87
C SER A 80 7.58 -10.83 11.54
N GLU A 81 6.66 -10.27 12.34
CA GLU A 81 5.48 -10.94 12.86
C GLU A 81 4.37 -10.84 11.82
N LYS A 82 3.35 -11.71 11.87
CA LYS A 82 2.22 -11.68 10.95
C LYS A 82 0.94 -11.26 11.69
N ILE A 83 0.10 -10.49 11.01
CA ILE A 83 -1.26 -10.14 11.42
C ILE A 83 -2.16 -10.80 10.39
N GLY A 84 -3.15 -11.59 10.82
CA GLY A 84 -4.19 -12.11 9.94
C GLY A 84 -5.21 -11.00 9.69
N LEU A 85 -5.41 -10.63 8.42
CA LEU A 85 -6.43 -9.67 8.01
C LEU A 85 -7.52 -10.42 7.28
N GLN A 86 -8.78 -10.16 7.62
CA GLN A 86 -9.91 -10.71 6.90
C GLN A 86 -10.19 -9.75 5.75
N LEU A 87 -10.24 -10.27 4.53
CA LEU A 87 -10.52 -9.50 3.32
C LEU A 87 -11.55 -10.29 2.52
N PRO A 88 -12.45 -9.66 1.75
CA PRO A 88 -13.32 -10.36 0.81
C PRO A 88 -12.51 -11.14 -0.26
N TYR A 89 -11.27 -10.72 -0.53
CA TYR A 89 -10.30 -11.45 -1.35
C TYR A 89 -10.00 -12.84 -0.79
N GLY A 90 -10.11 -13.01 0.53
CA GLY A 90 -9.69 -14.18 1.29
C GLY A 90 -8.89 -13.69 2.50
N THR A 91 -9.05 -14.34 3.66
CA THR A 91 -8.25 -14.04 4.83
C THR A 91 -6.78 -14.32 4.49
N MET A 92 -5.89 -13.35 4.79
CA MET A 92 -4.50 -13.38 4.35
C MET A 92 -3.65 -12.70 5.42
N THR A 93 -2.49 -13.27 5.77
CA THR A 93 -1.58 -12.63 6.70
C THR A 93 -0.75 -11.58 5.99
N PHE A 94 -0.54 -10.44 6.67
CA PHE A 94 0.41 -9.42 6.26
C PHE A 94 1.50 -9.43 7.32
N THR A 95 2.76 -9.34 6.88
CA THR A 95 3.90 -9.37 7.76
C THR A 95 4.26 -7.93 8.13
N VAL A 96 4.65 -7.66 9.37
CA VAL A 96 5.15 -6.36 9.79
C VAL A 96 6.54 -6.16 9.19
N GLY A 97 6.76 -5.03 8.53
CA GLY A 97 8.05 -4.56 8.08
C GLY A 97 8.35 -3.28 8.85
N GLU A 98 9.63 -2.90 8.92
CA GLU A 98 10.06 -1.63 9.45
C GLU A 98 10.95 -1.03 8.37
N LEU A 99 10.39 -0.09 7.60
CA LEU A 99 11.06 0.43 6.41
C LEU A 99 12.09 1.46 6.85
N ASP A 100 13.36 1.23 6.51
CA ASP A 100 14.48 2.03 7.00
C ASP A 100 14.32 3.50 6.58
N GLY A 101 14.44 4.42 7.54
CA GLY A 101 14.27 5.84 7.32
C GLY A 101 12.81 6.27 7.15
N VAL A 102 11.84 5.35 7.32
CA VAL A 102 10.41 5.60 7.17
C VAL A 102 9.74 5.17 8.48
N SER A 103 8.89 4.13 8.48
CA SER A 103 8.03 3.75 9.60
C SER A 103 7.74 2.24 9.56
N GLN A 104 7.05 1.72 10.58
CA GLN A 104 6.51 0.37 10.56
C GLN A 104 5.28 0.36 9.65
N TYR A 105 5.07 -0.76 8.94
CA TYR A 105 3.99 -0.97 7.99
C TYR A 105 3.75 -2.48 7.87
N LEU A 106 2.64 -2.87 7.25
CA LEU A 106 2.28 -4.26 7.02
C LEU A 106 2.40 -4.51 5.52
N SER A 107 2.95 -5.64 5.12
CA SER A 107 3.22 -5.95 3.71
C SER A 107 2.83 -7.39 3.39
N CYS A 108 2.47 -7.68 2.13
CA CYS A 108 2.28 -9.02 1.63
C CYS A 108 2.75 -9.05 0.17
N SER A 109 3.69 -9.93 -0.17
CA SER A 109 4.15 -10.10 -1.54
C SER A 109 3.01 -10.62 -2.41
N LEU A 110 2.92 -10.16 -3.67
CA LEU A 110 1.89 -10.59 -4.61
C LEU A 110 2.49 -11.30 -5.81
N MET A 111 3.53 -10.74 -6.44
CA MET A 111 4.21 -11.36 -7.60
C MET A 111 5.61 -10.76 -7.78
N SER A 112 6.44 -11.42 -8.58
CA SER A 112 7.73 -10.93 -9.05
C SER A 112 7.66 -10.86 -10.58
N PRO A 113 7.33 -9.70 -11.18
CA PRO A 113 7.04 -9.63 -12.61
C PRO A 113 8.31 -9.66 -13.46
N LEU A 114 9.10 -8.57 -13.45
CA LEU A 114 10.26 -8.33 -14.32
C LEU A 114 9.94 -8.65 -15.79
N SER A 115 8.72 -8.35 -16.22
CA SER A 115 8.21 -8.69 -17.55
C SER A 115 8.81 -7.75 -18.59
N HIS A 116 9.01 -8.22 -19.83
CA HIS A 116 9.47 -7.34 -20.91
C HIS A 116 8.32 -6.49 -21.46
N SER A 117 7.07 -6.94 -21.29
CA SER A 117 5.87 -6.18 -21.64
C SER A 117 5.54 -5.10 -20.59
N MET A 118 6.36 -4.97 -19.53
CA MET A 118 6.21 -3.95 -18.50
C MET A 118 6.34 -2.56 -19.13
N SER A 119 5.53 -1.61 -18.63
CA SER A 119 5.53 -0.20 -19.01
C SER A 119 5.24 0.60 -17.74
N ILE A 120 5.61 1.88 -17.68
CA ILE A 120 5.33 2.73 -16.52
C ILE A 120 3.81 2.92 -16.32
N GLU A 121 3.04 2.78 -17.40
CA GLU A 121 1.57 2.79 -17.34
C GLU A 121 1.07 1.56 -16.59
N GLU A 122 1.71 0.39 -16.76
CA GLU A 122 1.44 -0.80 -15.96
C GLU A 122 1.94 -0.59 -14.53
N GLY A 123 3.01 0.19 -14.36
CA GLY A 123 3.47 0.65 -13.05
C GLY A 123 2.34 1.32 -12.26
N GLN A 124 1.46 2.07 -12.93
CA GLN A 124 0.28 2.63 -12.28
C GLN A 124 -0.87 1.61 -12.25
N ARG A 125 -1.22 1.04 -13.40
CA ARG A 125 -2.43 0.22 -13.57
C ARG A 125 -2.40 -1.08 -12.77
N LEU A 126 -1.27 -1.76 -12.66
CA LEU A 126 -1.23 -3.08 -12.02
C LEU A 126 -1.25 -2.91 -10.52
N THR A 127 -0.69 -1.82 -10.01
CA THR A 127 -0.69 -1.50 -8.60
C THR A 127 -2.13 -1.19 -8.15
N ASP A 128 -2.87 -0.42 -8.97
CA ASP A 128 -4.30 -0.15 -8.76
C ASP A 128 -5.16 -1.40 -8.92
N ASP A 129 -4.85 -2.25 -9.90
CA ASP A 129 -5.64 -3.46 -10.11
C ASP A 129 -5.35 -4.48 -9.01
N CYS A 130 -4.12 -4.47 -8.47
CA CYS A 130 -3.76 -5.29 -7.33
C CYS A 130 -4.47 -4.78 -6.07
N ALA A 131 -4.50 -3.46 -5.87
CA ALA A 131 -5.25 -2.80 -4.81
C ALA A 131 -6.72 -3.24 -4.84
N ARG A 132 -7.35 -3.18 -6.01
CA ARG A 132 -8.75 -3.53 -6.18
C ARG A 132 -8.97 -5.04 -6.01
N MET A 133 -8.10 -5.86 -6.56
CA MET A 133 -8.07 -7.32 -6.33
C MET A 133 -8.14 -7.62 -4.84
N ILE A 134 -7.22 -7.09 -4.02
CA ILE A 134 -7.18 -7.41 -2.59
C ILE A 134 -8.25 -6.63 -1.78
N LEU A 135 -8.96 -5.70 -2.41
CA LEU A 135 -10.13 -5.05 -1.84
C LEU A 135 -11.24 -6.09 -1.90
N SER A 136 -11.92 -6.20 -3.05
CA SER A 136 -13.00 -7.18 -3.24
C SER A 136 -13.26 -7.57 -4.69
N LEU A 137 -12.36 -7.17 -5.59
CA LEU A 137 -12.54 -7.24 -7.03
C LEU A 137 -13.95 -6.82 -7.51
N PRO A 138 -14.46 -5.63 -7.11
CA PRO A 138 -15.72 -5.11 -7.65
C PRO A 138 -15.63 -4.90 -9.17
N VAL A 139 -16.78 -4.93 -9.83
CA VAL A 139 -16.96 -4.60 -11.24
C VAL A 139 -18.18 -3.67 -11.32
N THR A 140 -18.13 -2.65 -12.18
CA THR A 140 -19.19 -1.66 -12.31
C THR A 140 -20.46 -2.34 -12.84
N ASN A 141 -21.61 -2.06 -12.20
CA ASN A 141 -22.93 -2.53 -12.63
C ASN A 141 -23.97 -1.51 -12.14
N PRO A 142 -24.74 -0.85 -13.03
CA PRO A 142 -25.78 0.09 -12.62
C PRO A 142 -26.84 -0.58 -11.74
N ASP A 143 -27.30 0.11 -10.71
CA ASP A 143 -28.38 -0.29 -9.82
C ASP A 143 -29.00 0.95 -9.19
N VAL A 144 -30.32 0.96 -9.03
CA VAL A 144 -31.07 2.04 -8.38
C VAL A 144 -32.32 1.44 -7.73
N PRO A 145 -32.67 1.86 -6.49
CA PRO A 145 -33.90 1.47 -5.80
C PRO A 145 -35.15 1.60 -6.68
N HIS A 146 -35.77 0.46 -7.01
CA HIS A 146 -37.01 0.33 -7.77
C HIS A 146 -37.02 1.14 -9.09
N ALA A 147 -35.83 1.42 -9.66
CA ALA A 147 -35.63 2.33 -10.79
C ALA A 147 -36.34 3.69 -10.63
N GLY A 148 -36.45 4.17 -9.39
CA GLY A 148 -37.04 5.47 -9.09
C GLY A 148 -36.16 6.59 -9.65
N ARG A 149 -36.79 7.59 -10.28
CA ARG A 149 -36.14 8.71 -10.96
C ARG A 149 -36.92 9.98 -10.63
N ARG A 150 -36.24 11.13 -10.63
CA ARG A 150 -36.88 12.40 -10.27
C ARG A 150 -37.81 12.87 -11.40
N ALA A 151 -37.41 12.65 -12.66
CA ALA A 151 -38.11 13.10 -13.86
C ALA A 151 -38.47 14.60 -13.79
N LEU A 152 -37.56 15.41 -13.24
CA LEU A 152 -37.76 16.83 -13.03
C LEU A 152 -37.62 17.62 -14.33
N LEU A 153 -38.03 18.89 -14.31
CA LEU A 153 -37.79 19.88 -15.36
C LEU A 153 -37.12 21.08 -14.70
N PHE A 154 -36.02 21.56 -15.28
CA PHE A 154 -35.23 22.66 -14.70
C PHE A 154 -35.94 24.01 -14.93
N GLY A 155 -35.66 24.97 -14.05
CA GLY A 155 -36.16 26.34 -14.16
C GLY A 155 -35.47 27.12 -15.28
N ARG A 156 -35.90 28.37 -15.47
CA ARG A 156 -35.36 29.32 -16.45
C ARG A 156 -35.21 30.67 -15.78
N ARG A 157 -34.10 31.37 -16.04
CA ARG A 157 -33.85 32.70 -15.49
C ARG A 157 -34.62 33.75 -16.30
N SER A 158 -34.74 33.54 -17.61
CA SER A 158 -35.30 34.53 -18.52
C SER A 158 -36.82 34.59 -18.34
N GLY A 159 -37.37 35.78 -18.12
CA GLY A 159 -38.77 36.04 -17.88
C GLY A 159 -38.92 37.52 -17.53
N GLU A 160 -40.04 38.11 -17.92
CA GLU A 160 -40.30 39.53 -17.72
C GLU A 160 -40.95 39.75 -16.35
N ASN A 161 -40.80 40.95 -15.80
CA ASN A 161 -41.38 41.38 -14.52
C ASN A 161 -41.73 42.86 -14.59
N ALA A 162 -42.78 43.30 -13.91
CA ALA A 162 -43.23 44.68 -13.83
C ALA A 162 -43.81 44.90 -12.42
N MET A 1 8.65 4.89 28.44
CA MET A 1 8.45 4.41 27.03
C MET A 1 6.97 4.05 26.80
N THR A 2 6.40 4.45 25.66
CA THR A 2 4.98 4.23 25.34
C THR A 2 4.75 2.78 24.88
N GLU A 3 5.67 2.24 24.07
CA GLU A 3 5.53 0.96 23.36
C GLU A 3 4.28 1.00 22.45
N GLU A 4 4.16 2.06 21.66
CA GLU A 4 3.07 2.34 20.72
C GLU A 4 3.65 2.94 19.43
N ILE A 5 2.85 2.95 18.36
CA ILE A 5 3.14 3.57 17.08
C ILE A 5 1.89 4.38 16.73
N ALA A 6 2.07 5.66 16.36
CA ALA A 6 0.96 6.55 16.03
C ALA A 6 0.44 6.25 14.62
N GLY A 7 -0.87 6.41 14.44
CA GLY A 7 -1.56 6.25 13.17
C GLY A 7 -1.13 7.31 12.15
N PHE A 8 -1.21 6.97 10.85
CA PHE A 8 -1.03 7.91 9.77
C PHE A 8 -2.38 8.55 9.49
N GLN A 9 -2.42 9.88 9.39
CA GLN A 9 -3.62 10.57 8.93
C GLN A 9 -3.75 10.39 7.41
N THR A 10 -2.62 10.30 6.70
CA THR A 10 -2.51 9.90 5.30
C THR A 10 -1.15 9.23 5.11
N SER A 11 -1.13 8.27 4.19
CA SER A 11 -0.07 7.31 3.95
C SER A 11 1.28 7.96 3.59
N PRO A 12 2.41 7.30 3.92
CA PRO A 12 3.75 7.74 3.53
C PRO A 12 4.10 7.34 2.08
N LYS A 13 3.16 7.48 1.14
CA LYS A 13 3.27 6.93 -0.23
C LYS A 13 4.57 7.35 -0.92
N ALA A 14 4.93 8.63 -0.83
CA ALA A 14 6.16 9.15 -1.45
C ALA A 14 7.40 8.52 -0.81
N GLN A 15 7.38 8.37 0.52
CA GLN A 15 8.52 7.88 1.27
C GLN A 15 8.71 6.38 1.01
N VAL A 16 7.61 5.61 0.92
CA VAL A 16 7.68 4.21 0.50
C VAL A 16 8.24 4.14 -0.93
N GLN A 17 7.80 5.02 -1.82
CA GLN A 17 8.28 5.02 -3.21
C GLN A 17 9.77 5.32 -3.25
N ALA A 18 10.24 6.37 -2.58
CA ALA A 18 11.64 6.78 -2.60
C ALA A 18 12.54 5.72 -1.96
N ALA A 19 12.07 5.09 -0.86
CA ALA A 19 12.78 3.99 -0.23
C ALA A 19 12.93 2.85 -1.23
N PHE A 20 11.85 2.43 -1.87
CA PHE A 20 11.91 1.34 -2.83
C PHE A 20 12.68 1.72 -4.08
N GLU A 21 12.72 2.98 -4.48
CA GLU A 21 13.52 3.42 -5.61
C GLU A 21 15.01 3.20 -5.30
N GLU A 22 15.43 3.35 -4.04
CA GLU A 22 16.80 3.09 -3.62
C GLU A 22 17.03 1.59 -3.43
N ILE A 23 16.09 0.87 -2.81
CA ILE A 23 16.24 -0.56 -2.55
C ILE A 23 16.26 -1.32 -3.89
N ALA A 24 15.45 -0.88 -4.86
CA ALA A 24 15.42 -1.47 -6.20
C ALA A 24 16.74 -1.19 -6.94
N ARG A 25 17.40 -0.05 -6.68
CA ARG A 25 18.70 0.28 -7.24
C ARG A 25 19.79 -0.56 -6.59
N ARG A 26 19.70 -0.76 -5.27
CA ARG A 26 20.57 -1.65 -4.50
C ARG A 26 20.48 -3.08 -5.05
N SER A 27 19.28 -3.50 -5.42
CA SER A 27 18.97 -4.82 -5.95
C SER A 27 19.34 -4.90 -7.44
N MET A 28 20.61 -4.67 -7.77
CA MET A 28 21.11 -4.66 -9.15
C MET A 28 20.90 -6.04 -9.78
N HIS A 29 19.96 -6.13 -10.73
CA HIS A 29 19.78 -7.33 -11.56
C HIS A 29 20.79 -7.33 -12.72
N ASP A 30 21.35 -6.16 -13.04
CA ASP A 30 22.46 -5.95 -13.94
C ASP A 30 23.34 -4.92 -13.26
N LEU A 31 24.67 -5.06 -13.33
CA LEU A 31 25.57 -4.24 -12.50
C LEU A 31 25.72 -2.80 -13.04
N SER A 32 25.02 -2.45 -14.12
CA SER A 32 24.88 -1.09 -14.63
C SER A 32 23.40 -0.66 -14.63
N PHE A 33 22.52 -1.35 -13.88
CA PHE A 33 21.10 -1.02 -13.76
C PHE A 33 20.91 0.38 -13.16
N LEU A 34 21.73 0.75 -12.15
CA LEU A 34 21.72 2.04 -11.47
C LEU A 34 20.28 2.41 -11.04
N HIS A 35 19.84 3.65 -11.24
CA HIS A 35 18.47 4.05 -10.90
C HIS A 35 17.47 3.30 -11.81
N PRO A 36 16.27 2.91 -11.31
CA PRO A 36 15.37 2.01 -12.02
C PRO A 36 14.97 2.52 -13.42
N SER A 37 15.11 1.65 -14.42
CA SER A 37 14.72 1.92 -15.81
C SER A 37 13.22 1.68 -16.05
N MET A 38 12.51 1.11 -15.07
CA MET A 38 11.09 0.75 -15.11
C MET A 38 10.47 1.20 -13.78
N PRO A 39 9.15 1.44 -13.74
CA PRO A 39 8.51 2.10 -12.61
C PRO A 39 8.59 1.36 -11.27
N VAL A 40 8.97 2.11 -10.25
CA VAL A 40 8.89 1.76 -8.85
C VAL A 40 7.81 2.74 -8.37
N TYR A 41 6.60 2.24 -8.07
CA TYR A 41 5.42 3.07 -7.81
C TYR A 41 4.60 2.46 -6.68
N VAL A 42 3.75 3.27 -6.03
CA VAL A 42 2.95 2.86 -4.89
C VAL A 42 1.55 3.45 -5.06
N SER A 43 0.51 2.65 -5.29
CA SER A 43 -0.87 3.11 -5.24
C SER A 43 -1.29 3.27 -3.76
N ASP A 44 -2.16 4.24 -3.43
CA ASP A 44 -2.63 4.50 -2.07
C ASP A 44 -4.10 4.93 -2.05
N PHE A 45 -4.89 4.29 -1.19
CA PHE A 45 -6.34 4.44 -1.14
C PHE A 45 -7.00 3.51 -0.09
N THR A 46 -8.22 3.91 0.31
CA THR A 46 -9.20 3.15 1.09
C THR A 46 -8.74 2.76 2.50
N LEU A 47 -9.69 2.60 3.43
CA LEU A 47 -9.46 2.02 4.74
C LEU A 47 -10.01 0.60 4.70
N PHE A 48 -9.19 -0.39 5.04
CA PHE A 48 -9.59 -1.79 5.18
C PHE A 48 -8.97 -2.33 6.46
N GLU A 49 -9.72 -3.12 7.24
CA GLU A 49 -9.34 -3.52 8.60
C GLU A 49 -9.00 -2.30 9.49
N GLY A 50 -9.59 -1.14 9.16
CA GLY A 50 -9.35 0.14 9.84
C GLY A 50 -8.01 0.80 9.48
N GLN A 51 -7.26 0.26 8.50
CA GLN A 51 -5.90 0.69 8.14
C GLN A 51 -5.90 1.17 6.68
N TRP A 52 -5.05 2.13 6.31
CA TRP A 52 -4.96 2.64 4.94
C TRP A 52 -4.42 1.54 4.02
N THR A 53 -4.87 1.48 2.76
CA THR A 53 -4.51 0.37 1.86
C THR A 53 -3.66 0.89 0.70
N GLY A 54 -2.92 -0.01 0.05
CA GLY A 54 -2.10 0.33 -1.08
C GLY A 54 -1.46 -0.91 -1.67
N CYS A 55 -0.69 -0.73 -2.73
CA CYS A 55 0.18 -1.73 -3.32
C CYS A 55 1.43 -1.00 -3.76
N VAL A 56 2.57 -1.67 -3.75
CA VAL A 56 3.81 -1.20 -4.33
C VAL A 56 4.12 -2.14 -5.49
N ILE A 57 4.74 -1.61 -6.54
CA ILE A 57 5.31 -2.37 -7.63
C ILE A 57 6.72 -1.85 -7.83
N THR A 58 7.59 -2.71 -8.32
CA THR A 58 8.91 -2.41 -8.78
C THR A 58 9.16 -3.30 -10.00
N PRO A 59 10.26 -3.13 -10.76
CA PRO A 59 10.63 -4.10 -11.78
C PRO A 59 11.20 -5.39 -11.17
N TRP A 60 10.92 -5.70 -9.90
CA TRP A 60 11.36 -6.93 -9.25
C TRP A 60 10.28 -7.57 -8.36
N MET A 61 9.27 -6.84 -7.86
CA MET A 61 8.22 -7.35 -6.99
C MET A 61 6.93 -6.53 -7.11
N LEU A 62 5.82 -7.09 -6.60
CA LEU A 62 4.56 -6.41 -6.41
C LEU A 62 4.07 -6.89 -5.05
N SER A 63 3.77 -5.97 -4.14
CA SER A 63 3.34 -6.31 -2.79
C SER A 63 2.19 -5.42 -2.36
N ALA A 64 1.16 -6.03 -1.79
CA ALA A 64 0.12 -5.28 -1.11
C ALA A 64 0.75 -4.66 0.14
N VAL A 65 0.38 -3.43 0.48
CA VAL A 65 0.93 -2.71 1.62
C VAL A 65 -0.20 -1.97 2.33
N ILE A 66 -0.11 -1.89 3.65
CA ILE A 66 -1.16 -1.40 4.52
C ILE A 66 -0.48 -0.58 5.61
N PHE A 67 -1.00 0.61 5.92
CA PHE A 67 -0.37 1.58 6.82
C PHE A 67 -1.31 1.84 8.00
N PRO A 68 -0.78 2.07 9.23
CA PRO A 68 -1.57 2.41 10.40
C PRO A 68 -2.62 3.49 10.10
N GLY A 69 -3.89 3.21 10.41
CA GLY A 69 -5.01 4.09 10.07
C GLY A 69 -5.00 5.41 10.86
N PRO A 70 -5.95 6.33 10.57
CA PRO A 70 -5.99 7.64 11.20
C PRO A 70 -6.31 7.51 12.69
N ASP A 71 -5.57 8.25 13.51
CA ASP A 71 -5.72 8.34 14.97
C ASP A 71 -5.81 6.95 15.64
N GLN A 72 -5.11 5.94 15.09
CA GLN A 72 -4.97 4.63 15.70
C GLN A 72 -3.72 4.65 16.56
N LEU A 73 -3.70 3.83 17.61
CA LEU A 73 -2.52 3.61 18.43
C LEU A 73 -2.20 2.13 18.30
N TRP A 74 -1.38 1.79 17.29
CA TRP A 74 -0.82 0.45 17.19
C TRP A 74 0.11 0.24 18.39
N PRO A 75 0.29 -1.00 18.90
CA PRO A 75 1.33 -1.28 19.86
C PRO A 75 2.69 -1.21 19.15
N LEU A 76 3.80 -1.21 19.90
CA LEU A 76 5.13 -1.34 19.31
C LEU A 76 5.27 -2.79 18.82
N ARG A 77 4.92 -3.03 17.56
CA ARG A 77 4.94 -4.38 16.98
C ARG A 77 6.39 -4.79 16.68
N LYS A 78 6.63 -6.10 16.72
CA LYS A 78 7.91 -6.70 16.33
C LYS A 78 7.83 -7.01 14.83
N VAL A 79 8.98 -6.95 14.18
CA VAL A 79 9.11 -7.00 12.74
C VAL A 79 9.30 -8.47 12.33
N SER A 80 8.92 -8.78 11.09
CA SER A 80 8.94 -10.12 10.52
C SER A 80 7.99 -11.10 11.27
N GLU A 81 6.98 -10.55 11.95
CA GLU A 81 5.87 -11.27 12.54
C GLU A 81 4.68 -11.15 11.57
N LYS A 82 3.77 -12.12 11.57
CA LYS A 82 2.59 -12.10 10.70
C LYS A 82 1.34 -11.79 11.50
N ILE A 83 0.42 -11.03 10.90
CA ILE A 83 -0.89 -10.67 11.45
C ILE A 83 -1.91 -11.14 10.41
N GLY A 84 -2.91 -11.90 10.83
CA GLY A 84 -3.99 -12.34 9.95
C GLY A 84 -4.94 -11.17 9.70
N LEU A 85 -5.14 -10.81 8.43
CA LEU A 85 -6.12 -9.82 8.00
C LEU A 85 -7.24 -10.55 7.28
N GLN A 86 -8.50 -10.27 7.63
CA GLN A 86 -9.65 -10.77 6.90
C GLN A 86 -9.87 -9.82 5.73
N LEU A 87 -9.96 -10.37 4.51
CA LEU A 87 -10.17 -9.62 3.27
C LEU A 87 -11.23 -10.37 2.46
N PRO A 88 -12.01 -9.70 1.59
CA PRO A 88 -12.96 -10.37 0.71
C PRO A 88 -12.28 -11.37 -0.25
N TYR A 89 -10.99 -11.13 -0.56
CA TYR A 89 -10.15 -12.01 -1.37
C TYR A 89 -9.90 -13.36 -0.68
N GLY A 90 -10.03 -13.41 0.66
CA GLY A 90 -9.64 -14.52 1.51
C GLY A 90 -8.79 -13.98 2.66
N THR A 91 -8.89 -14.58 3.83
CA THR A 91 -8.05 -14.23 4.98
C THR A 91 -6.59 -14.51 4.60
N MET A 92 -5.69 -13.56 4.89
CA MET A 92 -4.32 -13.56 4.42
C MET A 92 -3.45 -12.99 5.52
N THR A 93 -2.30 -13.58 5.82
CA THR A 93 -1.35 -13.00 6.75
C THR A 93 -0.55 -11.91 6.04
N PHE A 94 -0.46 -10.74 6.65
CA PHE A 94 0.43 -9.67 6.24
C PHE A 94 1.55 -9.64 7.26
N THR A 95 2.79 -9.50 6.81
CA THR A 95 3.96 -9.48 7.66
C THR A 95 4.18 -8.02 8.09
N VAL A 96 4.52 -7.79 9.36
CA VAL A 96 4.97 -6.48 9.82
C VAL A 96 6.36 -6.29 9.23
N GLY A 97 6.52 -5.31 8.34
CA GLY A 97 7.82 -4.87 7.86
C GLY A 97 8.19 -3.59 8.58
N GLU A 98 9.46 -3.21 8.53
CA GLU A 98 9.95 -1.92 9.01
C GLU A 98 10.80 -1.38 7.87
N LEU A 99 10.22 -0.51 7.04
CA LEU A 99 10.84 -0.08 5.80
C LEU A 99 11.93 0.96 6.11
N ASP A 100 13.14 0.73 5.61
CA ASP A 100 14.29 1.59 5.88
C ASP A 100 14.01 3.02 5.42
N GLY A 101 14.27 3.99 6.31
CA GLY A 101 14.03 5.40 6.05
C GLY A 101 12.55 5.80 6.13
N VAL A 102 11.65 4.88 6.50
CA VAL A 102 10.22 5.14 6.64
C VAL A 102 9.81 4.67 8.06
N SER A 103 8.88 3.73 8.18
CA SER A 103 8.24 3.32 9.44
C SER A 103 7.81 1.85 9.32
N GLN A 104 7.13 1.32 10.35
CA GLN A 104 6.49 0.01 10.25
C GLN A 104 5.24 0.11 9.39
N TYR A 105 4.95 -1.00 8.69
CA TYR A 105 3.81 -1.17 7.81
C TYR A 105 3.49 -2.67 7.74
N LEU A 106 2.30 -3.04 7.27
CA LEU A 106 1.90 -4.43 7.07
C LEU A 106 1.95 -4.70 5.57
N SER A 107 2.59 -5.78 5.15
CA SER A 107 2.87 -6.04 3.74
C SER A 107 2.62 -7.50 3.39
N CYS A 108 2.26 -7.80 2.14
CA CYS A 108 2.19 -9.16 1.64
C CYS A 108 2.69 -9.16 0.19
N SER A 109 3.70 -9.97 -0.11
CA SER A 109 4.22 -10.12 -1.47
C SER A 109 3.20 -10.89 -2.32
N LEU A 110 2.94 -10.40 -3.54
CA LEU A 110 1.91 -10.95 -4.41
C LEU A 110 2.51 -11.69 -5.60
N MET A 111 3.44 -11.06 -6.33
CA MET A 111 4.08 -11.64 -7.51
C MET A 111 5.41 -10.93 -7.80
N SER A 112 6.19 -11.45 -8.75
CA SER A 112 7.51 -10.93 -9.10
C SER A 112 7.51 -10.50 -10.58
N PRO A 113 6.99 -9.30 -10.92
CA PRO A 113 7.16 -8.72 -12.25
C PRO A 113 8.64 -8.47 -12.55
N LEU A 114 8.96 -8.31 -13.83
CA LEU A 114 10.31 -8.02 -14.34
C LEU A 114 10.18 -6.97 -15.43
N SER A 115 11.23 -6.19 -15.68
CA SER A 115 11.27 -5.07 -16.62
C SER A 115 10.70 -5.38 -18.01
N HIS A 116 10.81 -6.63 -18.48
CA HIS A 116 10.30 -7.01 -19.80
C HIS A 116 8.77 -7.02 -19.86
N SER A 117 8.11 -7.28 -18.73
CA SER A 117 6.67 -7.30 -18.58
C SER A 117 6.20 -6.05 -17.82
N MET A 118 6.85 -4.91 -18.08
CA MET A 118 6.59 -3.63 -17.44
C MET A 118 6.54 -2.52 -18.48
N SER A 119 5.81 -1.46 -18.11
CA SER A 119 5.72 -0.17 -18.76
C SER A 119 5.21 0.78 -17.67
N ILE A 120 5.27 2.09 -17.87
CA ILE A 120 4.76 3.09 -16.93
C ILE A 120 3.27 2.83 -16.64
N GLU A 121 2.52 2.40 -17.66
CA GLU A 121 1.09 2.16 -17.52
C GLU A 121 0.83 0.92 -16.68
N GLU A 122 1.70 -0.10 -16.74
CA GLU A 122 1.62 -1.29 -15.90
C GLU A 122 2.04 -0.94 -14.48
N GLY A 123 3.11 -0.14 -14.31
CA GLY A 123 3.50 0.45 -13.03
C GLY A 123 2.35 1.13 -12.30
N GLN A 124 1.38 1.69 -13.01
CA GLN A 124 0.17 2.25 -12.40
C GLN A 124 -0.95 1.19 -12.29
N ARG A 125 -1.35 0.60 -13.42
CA ARG A 125 -2.55 -0.25 -13.52
C ARG A 125 -2.43 -1.58 -12.78
N LEU A 126 -1.26 -2.19 -12.69
CA LEU A 126 -1.13 -3.48 -12.01
C LEU A 126 -1.18 -3.25 -10.51
N THR A 127 -0.56 -2.18 -10.06
CA THR A 127 -0.56 -1.77 -8.66
C THR A 127 -1.99 -1.44 -8.23
N ASP A 128 -2.75 -0.72 -9.07
CA ASP A 128 -4.18 -0.49 -8.85
C ASP A 128 -4.94 -1.81 -8.81
N ASP A 129 -4.83 -2.66 -9.84
CA ASP A 129 -5.60 -3.88 -9.93
C ASP A 129 -5.32 -4.82 -8.75
N CYS A 130 -4.07 -4.84 -8.28
CA CYS A 130 -3.68 -5.69 -7.16
C CYS A 130 -4.22 -5.15 -5.84
N ALA A 131 -4.45 -3.83 -5.72
CA ALA A 131 -5.16 -3.29 -4.57
C ALA A 131 -6.65 -3.53 -4.75
N ARG A 132 -7.16 -3.36 -5.96
CA ARG A 132 -8.57 -3.41 -6.31
C ARG A 132 -9.16 -4.76 -5.92
N MET A 133 -8.53 -5.82 -6.43
CA MET A 133 -8.88 -7.21 -6.15
C MET A 133 -9.02 -7.50 -4.64
N ILE A 134 -8.24 -6.85 -3.76
CA ILE A 134 -8.32 -7.07 -2.32
C ILE A 134 -9.26 -6.07 -1.61
N LEU A 135 -9.92 -5.18 -2.36
CA LEU A 135 -10.69 -4.03 -1.85
C LEU A 135 -12.14 -4.02 -2.33
N SER A 136 -12.35 -3.74 -3.61
CA SER A 136 -13.68 -3.46 -4.17
C SER A 136 -14.50 -4.69 -4.53
N LEU A 137 -13.91 -5.84 -4.26
CA LEU A 137 -14.52 -7.14 -4.29
C LEU A 137 -15.57 -7.16 -3.15
N PRO A 138 -16.87 -7.28 -3.43
CA PRO A 138 -17.90 -7.06 -2.41
C PRO A 138 -17.98 -8.18 -1.36
N VAL A 139 -18.48 -7.82 -0.19
CA VAL A 139 -18.86 -8.70 0.91
C VAL A 139 -20.02 -8.02 1.65
N THR A 140 -20.91 -8.79 2.30
CA THR A 140 -22.03 -8.24 3.04
C THR A 140 -21.51 -7.48 4.27
N ASN A 141 -21.91 -6.22 4.44
CA ASN A 141 -21.63 -5.41 5.62
C ASN A 141 -22.73 -4.34 5.72
N PRO A 142 -23.52 -4.29 6.81
CA PRO A 142 -24.53 -3.25 7.00
C PRO A 142 -23.90 -1.85 6.99
N ASP A 143 -24.54 -0.91 6.28
CA ASP A 143 -24.00 0.44 6.08
C ASP A 143 -24.12 1.29 7.35
N VAL A 144 -25.15 1.01 8.17
CA VAL A 144 -25.51 1.78 9.35
C VAL A 144 -25.22 0.96 10.62
N PRO A 145 -24.89 1.62 11.76
CA PRO A 145 -24.67 0.93 13.03
C PRO A 145 -25.99 0.52 13.70
N HIS A 146 -27.09 1.23 13.39
CA HIS A 146 -28.43 1.00 13.90
C HIS A 146 -29.42 1.36 12.79
N ALA A 147 -30.58 0.68 12.74
CA ALA A 147 -31.55 0.82 11.66
C ALA A 147 -32.31 2.14 11.73
N GLY A 148 -32.33 2.81 12.88
CA GLY A 148 -33.07 4.07 13.09
C GLY A 148 -34.57 3.80 13.09
N ARG A 149 -35.35 4.81 12.72
CA ARG A 149 -36.80 4.70 12.47
C ARG A 149 -37.55 4.07 13.65
N ARG A 150 -37.17 4.48 14.88
CA ARG A 150 -37.85 4.00 16.10
C ARG A 150 -39.26 4.55 16.20
N ALA A 151 -39.51 5.74 15.63
CA ALA A 151 -40.81 6.42 15.63
C ALA A 151 -41.41 6.57 17.04
N LEU A 152 -40.55 6.87 18.02
CA LEU A 152 -40.97 7.15 19.40
C LEU A 152 -41.70 8.49 19.46
N LEU A 153 -42.44 8.70 20.56
CA LEU A 153 -43.07 9.97 20.91
C LEU A 153 -42.89 10.24 22.40
N PHE A 154 -42.95 11.52 22.77
CA PHE A 154 -42.80 11.96 24.16
C PHE A 154 -44.17 12.15 24.81
N GLY A 155 -44.20 12.11 26.15
CA GLY A 155 -45.39 12.48 26.93
C GLY A 155 -45.61 14.00 26.91
N ARG A 156 -46.72 14.45 27.49
CA ARG A 156 -47.06 15.86 27.66
C ARG A 156 -47.89 15.91 28.93
N ARG A 157 -47.58 16.84 29.83
CA ARG A 157 -48.30 16.95 31.10
C ARG A 157 -49.61 17.69 30.81
N SER A 158 -50.72 17.12 31.29
CA SER A 158 -52.07 17.67 31.15
C SER A 158 -52.48 17.87 29.67
N GLY A 159 -53.63 18.50 29.43
CA GLY A 159 -54.18 18.77 28.12
C GLY A 159 -55.44 19.63 28.28
N GLU A 160 -56.00 20.07 27.15
CA GLU A 160 -57.21 20.87 27.15
C GLU A 160 -58.42 19.99 27.51
N ASN A 161 -59.37 20.54 28.27
CA ASN A 161 -60.61 19.89 28.65
C ASN A 161 -61.70 20.96 28.78
N ALA A 162 -62.98 20.56 28.66
CA ALA A 162 -64.12 21.44 28.85
C ALA A 162 -64.17 21.92 30.30
N MET A 1 14.41 2.79 26.39
CA MET A 1 13.08 2.16 26.17
C MET A 1 12.26 3.00 25.18
N THR A 2 11.59 2.34 24.22
CA THR A 2 10.78 2.98 23.18
C THR A 2 9.51 2.14 23.00
N GLU A 3 8.38 2.79 22.67
CA GLU A 3 7.10 2.15 22.38
C GLU A 3 6.28 3.13 21.53
N GLU A 4 5.26 2.58 20.87
CA GLU A 4 4.27 3.20 20.00
C GLU A 4 4.81 3.96 18.77
N ILE A 5 3.99 4.04 17.73
CA ILE A 5 4.25 4.69 16.44
C ILE A 5 3.00 5.52 16.13
N ALA A 6 3.17 6.74 15.61
CA ALA A 6 2.06 7.61 15.26
C ALA A 6 1.29 7.10 14.03
N GLY A 7 0.00 7.39 13.98
CA GLY A 7 -0.86 7.14 12.83
C GLY A 7 -0.47 7.98 11.61
N PHE A 8 -0.95 7.60 10.42
CA PHE A 8 -0.77 8.31 9.17
C PHE A 8 -2.12 8.77 8.64
N GLN A 9 -2.13 9.83 7.82
CA GLN A 9 -3.36 10.41 7.28
C GLN A 9 -3.78 9.74 5.95
N THR A 10 -2.83 9.11 5.25
CA THR A 10 -2.96 8.28 4.06
C THR A 10 -1.70 7.41 3.99
N SER A 11 -1.53 6.58 2.96
CA SER A 11 -0.27 5.90 2.71
C SER A 11 0.85 6.94 2.55
N PRO A 12 2.04 6.75 3.17
CA PRO A 12 3.22 7.59 2.97
C PRO A 12 3.86 7.29 1.61
N LYS A 13 3.14 7.55 0.51
CA LYS A 13 3.51 7.12 -0.85
C LYS A 13 4.92 7.56 -1.20
N ALA A 14 5.24 8.83 -1.00
CA ALA A 14 6.50 9.38 -1.49
C ALA A 14 7.67 8.75 -0.75
N GLN A 15 7.52 8.58 0.57
CA GLN A 15 8.52 7.98 1.44
C GLN A 15 8.72 6.50 1.06
N VAL A 16 7.64 5.75 0.87
CA VAL A 16 7.71 4.35 0.45
C VAL A 16 8.36 4.27 -0.93
N GLN A 17 8.03 5.19 -1.86
CA GLN A 17 8.55 5.21 -3.21
C GLN A 17 10.07 5.45 -3.17
N ALA A 18 10.54 6.50 -2.49
CA ALA A 18 11.95 6.83 -2.42
C ALA A 18 12.74 5.71 -1.74
N ALA A 19 12.18 5.12 -0.67
CA ALA A 19 12.78 3.98 0.00
C ALA A 19 12.95 2.84 -1.00
N PHE A 20 11.89 2.48 -1.72
CA PHE A 20 11.95 1.40 -2.68
C PHE A 20 12.83 1.72 -3.88
N GLU A 21 12.99 2.98 -4.25
CA GLU A 21 13.89 3.37 -5.32
C GLU A 21 15.35 3.09 -4.92
N GLU A 22 15.66 3.17 -3.62
CA GLU A 22 16.99 2.83 -3.11
C GLU A 22 17.10 1.32 -2.86
N ILE A 23 16.07 0.69 -2.32
CA ILE A 23 16.10 -0.74 -2.03
C ILE A 23 16.19 -1.49 -3.36
N ALA A 24 15.53 -1.02 -4.42
CA ALA A 24 15.62 -1.61 -5.75
C ALA A 24 17.05 -1.59 -6.31
N ARG A 25 17.88 -0.62 -5.90
CA ARG A 25 19.28 -0.53 -6.34
C ARG A 25 20.13 -1.56 -5.61
N ARG A 26 19.77 -1.86 -4.36
CA ARG A 26 20.36 -2.96 -3.62
C ARG A 26 19.89 -4.32 -4.17
N SER A 27 18.61 -4.44 -4.53
CA SER A 27 18.05 -5.68 -5.05
C SER A 27 18.57 -6.04 -6.44
N MET A 28 18.65 -5.06 -7.36
CA MET A 28 18.93 -5.25 -8.77
C MET A 28 19.98 -4.24 -9.22
N HIS A 29 20.73 -4.56 -10.27
CA HIS A 29 21.76 -3.69 -10.83
C HIS A 29 21.54 -3.55 -12.35
N ASP A 30 22.18 -2.54 -12.96
CA ASP A 30 22.13 -2.26 -14.40
C ASP A 30 20.69 -2.05 -14.91
N LEU A 31 19.87 -1.38 -14.09
CA LEU A 31 18.48 -1.01 -14.40
C LEU A 31 18.24 0.51 -14.35
N SER A 32 19.31 1.31 -14.43
CA SER A 32 19.26 2.77 -14.44
C SER A 32 18.45 3.32 -13.27
N PHE A 33 18.87 3.01 -12.03
CA PHE A 33 18.10 3.27 -10.81
C PHE A 33 17.74 4.76 -10.60
N LEU A 34 18.47 5.69 -11.23
CA LEU A 34 18.17 7.12 -11.15
C LEU A 34 16.88 7.48 -11.92
N HIS A 35 16.52 6.70 -12.95
CA HIS A 35 15.27 6.81 -13.69
C HIS A 35 14.90 5.40 -14.16
N PRO A 36 14.31 4.56 -13.29
CA PRO A 36 14.11 3.14 -13.55
C PRO A 36 13.30 2.84 -14.83
N SER A 37 13.65 1.73 -15.50
CA SER A 37 13.03 1.33 -16.77
C SER A 37 11.58 0.85 -16.61
N MET A 38 11.16 0.50 -15.38
CA MET A 38 9.78 0.20 -15.00
C MET A 38 9.52 1.01 -13.73
N PRO A 39 8.28 1.46 -13.48
CA PRO A 39 8.04 2.42 -12.41
C PRO A 39 8.20 1.84 -11.00
N VAL A 40 8.82 2.62 -10.11
CA VAL A 40 8.83 2.37 -8.67
C VAL A 40 7.74 3.34 -8.23
N TYR A 41 6.56 2.85 -7.85
CA TYR A 41 5.36 3.68 -7.62
C TYR A 41 4.47 3.02 -6.56
N VAL A 42 3.56 3.80 -5.97
CA VAL A 42 2.68 3.33 -4.90
C VAL A 42 1.27 3.90 -5.14
N SER A 43 0.24 3.06 -5.14
CA SER A 43 -1.16 3.48 -5.12
C SER A 43 -1.65 3.52 -3.66
N ASP A 44 -2.59 4.42 -3.33
CA ASP A 44 -3.12 4.66 -1.99
C ASP A 44 -4.65 4.46 -1.99
N PHE A 45 -5.19 3.87 -0.93
CA PHE A 45 -6.58 3.41 -0.84
C PHE A 45 -7.15 3.49 0.59
N THR A 46 -8.45 3.17 0.66
CA THR A 46 -9.38 3.29 1.78
C THR A 46 -8.85 2.77 3.13
N LEU A 47 -9.57 3.11 4.19
CA LEU A 47 -9.31 2.67 5.55
C LEU A 47 -9.99 1.30 5.67
N PHE A 48 -9.22 0.21 5.70
CA PHE A 48 -9.77 -1.13 5.59
C PHE A 48 -10.41 -1.58 6.90
N GLU A 49 -9.65 -1.55 7.99
CA GLU A 49 -10.07 -1.88 9.34
C GLU A 49 -9.30 -1.03 10.36
N GLY A 50 -9.37 0.31 10.18
CA GLY A 50 -8.65 1.27 11.01
C GLY A 50 -7.21 1.51 10.55
N GLN A 51 -6.84 1.01 9.36
CA GLN A 51 -5.52 1.12 8.74
C GLN A 51 -5.73 1.41 7.26
N TRP A 52 -4.88 2.23 6.65
CA TRP A 52 -4.99 2.56 5.22
C TRP A 52 -4.52 1.39 4.37
N THR A 53 -5.04 1.25 3.16
CA THR A 53 -4.61 0.22 2.23
C THR A 53 -3.78 0.87 1.12
N GLY A 54 -2.91 0.11 0.46
CA GLY A 54 -2.08 0.58 -0.62
C GLY A 54 -1.46 -0.59 -1.36
N CYS A 55 -0.81 -0.30 -2.49
CA CYS A 55 0.02 -1.27 -3.20
C CYS A 55 1.27 -0.52 -3.66
N VAL A 56 2.41 -1.19 -3.69
CA VAL A 56 3.65 -0.68 -4.28
C VAL A 56 4.00 -1.59 -5.45
N ILE A 57 4.62 -1.03 -6.48
CA ILE A 57 5.23 -1.75 -7.58
C ILE A 57 6.64 -1.23 -7.76
N THR A 58 7.53 -2.08 -8.27
CA THR A 58 8.87 -1.73 -8.69
C THR A 58 9.18 -2.57 -9.95
N PRO A 59 10.37 -2.42 -10.57
CA PRO A 59 10.80 -3.35 -11.61
C PRO A 59 10.92 -4.79 -11.08
N TRP A 60 11.12 -4.96 -9.77
CA TRP A 60 11.46 -6.24 -9.18
C TRP A 60 10.31 -6.91 -8.44
N MET A 61 9.27 -6.19 -8.00
CA MET A 61 8.17 -6.76 -7.20
C MET A 61 6.88 -5.94 -7.30
N LEU A 62 5.79 -6.51 -6.79
CA LEU A 62 4.52 -5.84 -6.55
C LEU A 62 4.08 -6.37 -5.20
N SER A 63 3.77 -5.49 -4.25
CA SER A 63 3.40 -5.88 -2.91
C SER A 63 2.25 -5.01 -2.42
N ALA A 64 1.26 -5.65 -1.82
CA ALA A 64 0.21 -4.92 -1.09
C ALA A 64 0.83 -4.39 0.20
N VAL A 65 0.36 -3.23 0.66
CA VAL A 65 0.87 -2.54 1.84
C VAL A 65 -0.31 -1.98 2.63
N ILE A 66 -0.18 -1.91 3.95
CA ILE A 66 -1.19 -1.40 4.87
C ILE A 66 -0.44 -0.56 5.89
N PHE A 67 -1.00 0.60 6.25
CA PHE A 67 -0.35 1.60 7.11
C PHE A 67 -1.26 1.93 8.29
N PRO A 68 -0.72 2.26 9.48
CA PRO A 68 -1.51 2.76 10.59
C PRO A 68 -2.44 3.89 10.16
N GLY A 69 -3.70 3.84 10.58
CA GLY A 69 -4.73 4.81 10.22
C GLY A 69 -4.51 6.15 10.93
N PRO A 70 -5.48 7.08 10.83
CA PRO A 70 -5.34 8.41 11.41
C PRO A 70 -5.58 8.37 12.93
N ASP A 71 -5.04 9.38 13.62
CA ASP A 71 -5.29 9.72 15.02
C ASP A 71 -5.29 8.50 15.95
N GLN A 72 -4.18 7.75 15.93
CA GLN A 72 -4.00 6.53 16.72
C GLN A 72 -2.52 6.37 17.06
N LEU A 73 -2.24 5.57 18.08
CA LEU A 73 -0.90 5.13 18.42
C LEU A 73 -0.89 3.64 18.11
N TRP A 74 -0.23 3.28 17.01
CA TRP A 74 0.02 1.89 16.65
C TRP A 74 1.05 1.33 17.64
N PRO A 75 0.97 0.06 18.07
CA PRO A 75 1.98 -0.53 18.94
C PRO A 75 3.33 -0.63 18.22
N LEU A 76 4.44 -0.56 18.96
CA LEU A 76 5.77 -0.85 18.40
C LEU A 76 5.87 -2.37 18.30
N ARG A 77 5.53 -2.91 17.12
CA ARG A 77 5.55 -4.34 16.84
C ARG A 77 6.98 -4.79 16.52
N LYS A 78 7.18 -6.10 16.41
CA LYS A 78 8.42 -6.67 15.89
C LYS A 78 8.18 -7.03 14.45
N VAL A 79 9.28 -7.20 13.77
CA VAL A 79 9.34 -7.38 12.34
C VAL A 79 9.25 -8.88 12.07
N SER A 80 8.76 -9.23 10.88
CA SER A 80 8.50 -10.59 10.45
C SER A 80 7.34 -11.26 11.22
N GLU A 81 6.63 -10.53 12.10
CA GLU A 81 5.39 -10.98 12.71
C GLU A 81 4.31 -10.97 11.62
N LYS A 82 3.31 -11.86 11.70
CA LYS A 82 2.20 -11.88 10.74
C LYS A 82 0.90 -11.56 11.46
N ILE A 83 0.07 -10.75 10.80
CA ILE A 83 -1.27 -10.37 11.21
C ILE A 83 -2.17 -11.05 10.19
N GLY A 84 -3.10 -11.91 10.63
CA GLY A 84 -4.09 -12.51 9.75
C GLY A 84 -5.17 -11.48 9.49
N LEU A 85 -5.33 -11.06 8.23
CA LEU A 85 -6.36 -10.13 7.80
C LEU A 85 -7.42 -10.90 7.03
N GLN A 86 -8.70 -10.70 7.37
CA GLN A 86 -9.81 -11.25 6.60
C GLN A 86 -10.13 -10.25 5.48
N LEU A 87 -10.19 -10.72 4.23
CA LEU A 87 -10.62 -9.95 3.06
C LEU A 87 -11.57 -10.86 2.26
N PRO A 88 -12.49 -10.33 1.44
CA PRO A 88 -13.33 -11.17 0.59
C PRO A 88 -12.51 -11.92 -0.47
N TYR A 89 -11.33 -11.38 -0.82
CA TYR A 89 -10.31 -12.04 -1.65
C TYR A 89 -9.89 -13.40 -1.07
N GLY A 90 -9.95 -13.54 0.26
CA GLY A 90 -9.46 -14.66 1.04
C GLY A 90 -8.73 -14.10 2.26
N THR A 91 -8.76 -14.83 3.36
CA THR A 91 -7.96 -14.48 4.54
C THR A 91 -6.48 -14.62 4.15
N MET A 92 -5.67 -13.61 4.46
CA MET A 92 -4.29 -13.52 4.00
C MET A 92 -3.48 -12.84 5.10
N THR A 93 -2.28 -13.34 5.43
CA THR A 93 -1.44 -12.72 6.41
C THR A 93 -0.65 -11.58 5.78
N PHE A 94 -0.61 -10.44 6.48
CA PHE A 94 0.27 -9.34 6.16
C PHE A 94 1.39 -9.40 7.19
N THR A 95 2.64 -9.28 6.74
CA THR A 95 3.81 -9.38 7.57
C THR A 95 4.21 -7.96 8.00
N VAL A 96 4.66 -7.77 9.24
CA VAL A 96 5.22 -6.51 9.67
C VAL A 96 6.61 -6.39 9.05
N GLY A 97 6.84 -5.31 8.31
CA GLY A 97 8.15 -4.92 7.83
C GLY A 97 8.54 -3.62 8.53
N GLU A 98 9.82 -3.32 8.60
CA GLU A 98 10.33 -2.04 9.05
C GLU A 98 11.03 -1.45 7.83
N LEU A 99 10.35 -0.55 7.10
CA LEU A 99 10.83 -0.08 5.80
C LEU A 99 11.97 0.91 6.03
N ASP A 100 13.13 0.63 5.42
CA ASP A 100 14.36 1.38 5.64
C ASP A 100 14.15 2.84 5.22
N GLY A 101 14.49 3.79 6.11
CA GLY A 101 14.31 5.22 5.90
C GLY A 101 12.86 5.69 6.09
N VAL A 102 11.94 4.82 6.51
CA VAL A 102 10.54 5.14 6.76
C VAL A 102 10.19 4.66 8.18
N SER A 103 9.25 3.73 8.33
CA SER A 103 8.65 3.32 9.60
C SER A 103 8.21 1.85 9.46
N GLN A 104 7.62 1.28 10.52
CA GLN A 104 6.98 -0.02 10.41
C GLN A 104 5.69 0.10 9.58
N TYR A 105 5.38 -0.95 8.83
CA TYR A 105 4.17 -1.08 8.01
C TYR A 105 3.82 -2.56 7.90
N LEU A 106 2.63 -2.86 7.42
CA LEU A 106 2.18 -4.23 7.13
C LEU A 106 2.25 -4.41 5.63
N SER A 107 2.72 -5.55 5.13
CA SER A 107 2.87 -5.78 3.70
C SER A 107 2.82 -7.27 3.35
N CYS A 108 2.54 -7.59 2.08
CA CYS A 108 2.68 -8.94 1.54
C CYS A 108 3.04 -8.83 0.06
N SER A 109 4.01 -9.63 -0.38
CA SER A 109 4.41 -9.69 -1.79
C SER A 109 3.35 -10.45 -2.59
N LEU A 110 3.15 -10.04 -3.84
CA LEU A 110 2.09 -10.54 -4.72
C LEU A 110 2.71 -11.25 -5.91
N MET A 111 3.33 -10.52 -6.85
CA MET A 111 3.92 -11.07 -8.07
C MET A 111 5.13 -10.24 -8.48
N SER A 112 6.00 -10.81 -9.32
CA SER A 112 7.08 -10.08 -9.98
C SER A 112 6.46 -9.52 -11.29
N PRO A 113 6.41 -8.19 -11.50
CA PRO A 113 5.63 -7.60 -12.60
C PRO A 113 6.34 -7.58 -13.96
N LEU A 114 7.63 -7.91 -14.04
CA LEU A 114 8.48 -7.73 -15.24
C LEU A 114 8.24 -8.72 -16.39
N SER A 115 7.01 -9.21 -16.54
CA SER A 115 6.57 -9.98 -17.70
C SER A 115 6.69 -9.12 -18.97
N HIS A 116 6.84 -9.72 -20.15
CA HIS A 116 7.17 -8.94 -21.35
C HIS A 116 6.04 -7.98 -21.78
N SER A 117 4.79 -8.28 -21.40
CA SER A 117 3.63 -7.42 -21.65
C SER A 117 3.63 -6.14 -20.78
N MET A 118 4.54 -6.04 -19.80
CA MET A 118 4.67 -4.94 -18.87
C MET A 118 5.03 -3.64 -19.59
N SER A 119 4.60 -2.51 -19.02
CA SER A 119 4.92 -1.15 -19.45
C SER A 119 4.81 -0.24 -18.23
N ILE A 120 5.13 1.05 -18.38
CA ILE A 120 4.86 2.05 -17.34
C ILE A 120 3.34 2.16 -17.09
N GLU A 121 2.51 1.94 -18.12
CA GLU A 121 1.07 2.07 -17.99
C GLU A 121 0.51 0.85 -17.26
N GLU A 122 0.96 -0.36 -17.59
CA GLU A 122 0.65 -1.57 -16.82
C GLU A 122 1.21 -1.46 -15.42
N GLY A 123 2.33 -0.77 -15.19
CA GLY A 123 2.85 -0.59 -13.85
C GLY A 123 1.86 0.20 -13.00
N GLN A 124 1.39 1.35 -13.49
CA GLN A 124 0.41 2.16 -12.77
C GLN A 124 -0.90 1.37 -12.61
N ARG A 125 -1.41 0.80 -13.71
CA ARG A 125 -2.70 0.10 -13.73
C ARG A 125 -2.68 -1.09 -12.80
N LEU A 126 -1.56 -1.83 -12.73
CA LEU A 126 -1.49 -3.06 -11.95
C LEU A 126 -1.27 -2.77 -10.48
N THR A 127 -0.70 -1.62 -10.09
CA THR A 127 -0.67 -1.25 -8.68
C THR A 127 -2.10 -1.02 -8.19
N ASP A 128 -2.92 -0.31 -9.00
CA ASP A 128 -4.33 -0.13 -8.69
C ASP A 128 -5.03 -1.47 -8.71
N ASP A 129 -4.92 -2.24 -9.79
CA ASP A 129 -5.65 -3.50 -9.94
C ASP A 129 -5.28 -4.50 -8.84
N CYS A 130 -4.04 -4.46 -8.38
CA CYS A 130 -3.62 -5.35 -7.31
C CYS A 130 -4.21 -4.93 -5.96
N ALA A 131 -4.46 -3.64 -5.73
CA ALA A 131 -5.22 -3.21 -4.55
C ALA A 131 -6.70 -3.53 -4.76
N ARG A 132 -7.25 -3.16 -5.91
CA ARG A 132 -8.63 -3.33 -6.32
C ARG A 132 -9.10 -4.76 -6.03
N MET A 133 -8.40 -5.74 -6.61
CA MET A 133 -8.67 -7.16 -6.43
C MET A 133 -8.75 -7.56 -4.95
N ILE A 134 -7.85 -7.06 -4.07
CA ILE A 134 -7.83 -7.46 -2.66
C ILE A 134 -8.83 -6.66 -1.82
N LEU A 135 -9.18 -5.43 -2.25
CA LEU A 135 -10.28 -4.66 -1.66
C LEU A 135 -11.61 -5.32 -2.03
N SER A 136 -11.64 -6.10 -3.12
CA SER A 136 -12.79 -6.85 -3.61
C SER A 136 -13.98 -5.94 -3.94
N LEU A 137 -13.68 -4.76 -4.53
CA LEU A 137 -14.63 -3.76 -5.03
C LEU A 137 -15.72 -3.43 -3.97
N PRO A 138 -15.39 -2.63 -2.93
CA PRO A 138 -16.34 -2.25 -1.89
C PRO A 138 -17.58 -1.55 -2.47
N VAL A 139 -18.73 -1.78 -1.85
CA VAL A 139 -20.01 -1.22 -2.32
C VAL A 139 -20.10 0.28 -2.00
N THR A 140 -19.51 0.71 -0.87
CA THR A 140 -19.42 2.12 -0.51
C THR A 140 -18.26 2.72 -1.31
N ASN A 141 -18.54 3.74 -2.13
CA ASN A 141 -17.50 4.50 -2.82
C ASN A 141 -17.00 5.61 -1.90
N PRO A 142 -15.69 5.67 -1.55
CA PRO A 142 -15.15 6.79 -0.80
C PRO A 142 -15.13 8.05 -1.67
N ASP A 143 -15.62 9.16 -1.13
CA ASP A 143 -15.72 10.44 -1.82
C ASP A 143 -14.37 11.17 -1.76
N VAL A 144 -13.39 10.62 -2.49
CA VAL A 144 -12.03 11.14 -2.57
C VAL A 144 -12.00 12.53 -3.22
N PRO A 145 -10.99 13.38 -2.92
CA PRO A 145 -10.87 14.70 -3.53
C PRO A 145 -10.65 14.63 -5.05
N HIS A 146 -10.24 13.48 -5.58
CA HIS A 146 -10.05 13.24 -7.01
C HIS A 146 -11.39 13.07 -7.76
N ALA A 147 -12.53 13.00 -7.05
CA ALA A 147 -13.85 12.87 -7.64
C ALA A 147 -14.25 14.16 -8.39
N GLY A 148 -15.31 14.08 -9.18
CA GLY A 148 -15.76 15.16 -10.07
C GLY A 148 -16.48 16.32 -9.36
N ARG A 149 -16.57 16.32 -8.02
CA ARG A 149 -17.18 17.41 -7.27
C ARG A 149 -16.39 18.70 -7.53
N ARG A 150 -17.10 19.80 -7.81
CA ARG A 150 -16.46 21.10 -8.06
C ARG A 150 -16.01 21.70 -6.73
N ALA A 151 -14.85 22.36 -6.74
CA ALA A 151 -14.38 23.20 -5.64
C ALA A 151 -14.65 24.65 -6.04
N LEU A 152 -15.28 25.42 -5.15
CA LEU A 152 -15.72 26.79 -5.42
C LEU A 152 -14.92 27.75 -4.53
N LEU A 153 -14.47 28.87 -5.10
CA LEU A 153 -13.72 29.90 -4.37
C LEU A 153 -14.67 30.72 -3.49
N PHE A 154 -15.87 31.02 -4.00
CA PHE A 154 -16.80 31.97 -3.40
C PHE A 154 -17.74 31.26 -2.40
N GLY A 155 -18.33 32.05 -1.51
CA GLY A 155 -19.28 31.59 -0.49
C GLY A 155 -19.83 32.80 0.27
N ARG A 156 -20.63 32.54 1.31
CA ARG A 156 -21.24 33.58 2.16
C ARG A 156 -21.09 33.11 3.60
N ARG A 157 -20.29 33.82 4.41
CA ARG A 157 -19.93 33.33 5.75
C ARG A 157 -21.18 33.20 6.61
N SER A 158 -21.39 32.02 7.18
CA SER A 158 -22.56 31.69 8.02
C SER A 158 -23.92 32.02 7.37
N GLY A 159 -23.98 32.03 6.03
CA GLY A 159 -25.18 32.42 5.28
C GLY A 159 -25.60 33.88 5.52
N GLU A 160 -24.72 34.70 6.09
CA GLU A 160 -24.99 36.05 6.59
C GLU A 160 -26.18 36.08 7.56
N ASN A 161 -26.39 35.00 8.32
CA ASN A 161 -27.40 34.91 9.37
C ASN A 161 -27.01 35.85 10.52
N ALA A 162 -27.99 36.57 11.09
CA ALA A 162 -27.84 37.46 12.22
C ALA A 162 -29.14 37.42 13.04
N MET A 1 11.03 -2.08 25.18
CA MET A 1 10.03 -1.18 25.80
C MET A 1 8.95 -0.79 24.78
N THR A 2 7.67 -0.86 25.14
CA THR A 2 6.56 -0.41 24.30
C THR A 2 6.58 1.13 24.21
N GLU A 3 6.83 1.67 23.00
CA GLU A 3 6.98 3.11 22.76
C GLU A 3 6.07 3.63 21.64
N GLU A 4 5.22 2.74 21.14
CA GLU A 4 4.11 2.93 20.21
C GLU A 4 4.49 3.63 18.88
N ILE A 5 3.52 3.68 17.97
CA ILE A 5 3.64 4.24 16.62
C ILE A 5 2.43 5.16 16.43
N ALA A 6 2.64 6.39 15.98
CA ALA A 6 1.54 7.28 15.61
C ALA A 6 1.21 7.01 14.14
N GLY A 7 -0.06 6.68 13.85
CA GLY A 7 -0.55 6.48 12.50
C GLY A 7 -0.81 7.81 11.78
N PHE A 8 -0.85 7.76 10.45
CA PHE A 8 -0.87 8.92 9.57
C PHE A 8 -2.23 9.05 8.87
N GLN A 9 -2.51 10.21 8.28
CA GLN A 9 -3.76 10.52 7.62
C GLN A 9 -3.89 9.84 6.23
N THR A 10 -2.78 9.33 5.69
CA THR A 10 -2.68 8.50 4.49
C THR A 10 -1.43 7.64 4.65
N SER A 11 -1.22 6.63 3.80
CA SER A 11 0.08 5.94 3.78
C SER A 11 1.15 6.95 3.32
N PRO A 12 2.41 6.88 3.83
CA PRO A 12 3.50 7.80 3.46
C PRO A 12 4.08 7.42 2.09
N LYS A 13 3.29 7.58 1.02
CA LYS A 13 3.61 7.07 -0.32
C LYS A 13 4.97 7.53 -0.79
N ALA A 14 5.27 8.81 -0.67
CA ALA A 14 6.51 9.35 -1.23
C ALA A 14 7.72 8.77 -0.52
N GLN A 15 7.61 8.54 0.79
CA GLN A 15 8.67 8.01 1.62
C GLN A 15 8.86 6.51 1.36
N VAL A 16 7.76 5.77 1.21
CA VAL A 16 7.80 4.36 0.80
C VAL A 16 8.45 4.28 -0.60
N GLN A 17 8.04 5.15 -1.53
CA GLN A 17 8.53 5.18 -2.90
C GLN A 17 10.03 5.45 -2.92
N ALA A 18 10.51 6.48 -2.23
CA ALA A 18 11.92 6.86 -2.24
C ALA A 18 12.79 5.74 -1.65
N ALA A 19 12.31 5.09 -0.58
CA ALA A 19 13.02 3.95 -0.01
C ALA A 19 13.10 2.81 -1.02
N PHE A 20 11.98 2.48 -1.66
CA PHE A 20 11.98 1.42 -2.67
C PHE A 20 12.76 1.80 -3.90
N GLU A 21 12.93 3.09 -4.22
CA GLU A 21 13.73 3.53 -5.34
C GLU A 21 15.22 3.27 -5.03
N GLU A 22 15.63 3.35 -3.77
CA GLU A 22 16.97 2.99 -3.36
C GLU A 22 17.12 1.46 -3.40
N ILE A 23 16.15 0.72 -2.85
CA ILE A 23 16.23 -0.73 -2.77
C ILE A 23 16.21 -1.34 -4.18
N ALA A 24 15.39 -0.80 -5.09
CA ALA A 24 15.30 -1.27 -6.47
C ALA A 24 16.60 -1.00 -7.24
N ARG A 25 17.37 0.02 -6.85
CA ARG A 25 18.68 0.31 -7.41
C ARG A 25 19.71 -0.66 -6.81
N ARG A 26 19.67 -0.85 -5.48
CA ARG A 26 20.53 -1.76 -4.74
C ARG A 26 20.51 -3.17 -5.34
N SER A 27 19.34 -3.66 -5.74
CA SER A 27 19.19 -4.88 -6.52
C SER A 27 19.64 -4.57 -7.96
N MET A 28 20.96 -4.59 -8.18
CA MET A 28 21.60 -4.10 -9.39
C MET A 28 21.06 -4.78 -10.65
N HIS A 29 20.68 -3.94 -11.61
CA HIS A 29 20.31 -4.27 -12.98
C HIS A 29 20.71 -3.02 -13.75
N ASP A 30 21.66 -3.11 -14.68
CA ASP A 30 22.25 -1.92 -15.31
C ASP A 30 21.21 -1.06 -16.02
N LEU A 31 20.21 -1.69 -16.63
CA LEU A 31 19.14 -0.99 -17.33
C LEU A 31 18.33 -0.16 -16.34
N SER A 32 18.00 -0.73 -15.17
CA SER A 32 17.25 -0.04 -14.13
C SER A 32 18.12 0.99 -13.40
N PHE A 33 19.44 0.80 -13.35
CA PHE A 33 20.37 1.73 -12.72
C PHE A 33 20.37 3.05 -13.51
N LEU A 34 20.23 2.97 -14.85
CA LEU A 34 20.07 4.12 -15.74
C LEU A 34 18.59 4.54 -15.79
N HIS A 35 18.03 4.83 -14.60
CA HIS A 35 16.61 5.07 -14.29
C HIS A 35 15.75 3.79 -14.47
N PRO A 36 14.85 3.45 -13.52
CA PRO A 36 14.07 2.22 -13.56
C PRO A 36 13.31 2.02 -14.88
N SER A 37 13.37 0.80 -15.43
CA SER A 37 12.70 0.43 -16.67
C SER A 37 11.18 0.25 -16.50
N MET A 38 10.73 0.13 -15.24
CA MET A 38 9.33 -0.01 -14.82
C MET A 38 9.21 0.88 -13.58
N PRO A 39 8.02 1.40 -13.25
CA PRO A 39 7.90 2.43 -12.23
C PRO A 39 8.08 1.87 -10.82
N VAL A 40 8.81 2.61 -9.99
CA VAL A 40 8.84 2.36 -8.55
C VAL A 40 7.77 3.34 -8.07
N TYR A 41 6.57 2.86 -7.77
CA TYR A 41 5.38 3.67 -7.53
C TYR A 41 4.49 3.00 -6.49
N VAL A 42 3.61 3.75 -5.83
CA VAL A 42 2.76 3.30 -4.76
C VAL A 42 1.36 3.88 -4.95
N SER A 43 0.31 3.09 -4.72
CA SER A 43 -1.08 3.54 -4.65
C SER A 43 -1.53 3.51 -3.18
N ASP A 44 -2.48 4.37 -2.79
CA ASP A 44 -2.96 4.53 -1.41
C ASP A 44 -4.42 4.94 -1.41
N PHE A 45 -5.23 4.22 -0.64
CA PHE A 45 -6.69 4.31 -0.65
C PHE A 45 -7.35 3.35 0.37
N THR A 46 -8.56 3.70 0.79
CA THR A 46 -9.51 2.91 1.58
C THR A 46 -8.97 2.60 2.99
N LEU A 47 -9.87 2.44 3.97
CA LEU A 47 -9.52 2.22 5.37
C LEU A 47 -9.89 0.79 5.78
N PHE A 48 -9.31 -0.20 5.10
CA PHE A 48 -9.63 -1.62 5.31
C PHE A 48 -9.15 -2.06 6.68
N GLU A 49 -9.99 -2.79 7.43
CA GLU A 49 -9.71 -3.23 8.80
C GLU A 49 -9.36 -2.03 9.71
N GLY A 50 -9.79 -0.82 9.35
CA GLY A 50 -9.48 0.41 10.08
C GLY A 50 -8.08 0.98 9.75
N GLN A 51 -7.42 0.52 8.69
CA GLN A 51 -6.03 0.83 8.35
C GLN A 51 -5.95 1.21 6.87
N TRP A 52 -5.04 2.08 6.46
CA TRP A 52 -4.98 2.55 5.08
C TRP A 52 -4.51 1.42 4.18
N THR A 53 -5.16 1.21 3.04
CA THR A 53 -4.75 0.19 2.07
C THR A 53 -3.83 0.83 1.02
N GLY A 54 -2.99 0.03 0.38
CA GLY A 54 -2.12 0.48 -0.68
C GLY A 54 -1.49 -0.70 -1.39
N CYS A 55 -0.73 -0.43 -2.45
CA CYS A 55 0.13 -1.39 -3.12
C CYS A 55 1.36 -0.62 -3.58
N VAL A 56 2.49 -1.28 -3.70
CA VAL A 56 3.71 -0.75 -4.32
C VAL A 56 4.03 -1.66 -5.51
N ILE A 57 4.55 -1.07 -6.58
CA ILE A 57 5.11 -1.77 -7.73
C ILE A 57 6.53 -1.26 -7.89
N THR A 58 7.43 -2.14 -8.31
CA THR A 58 8.78 -1.81 -8.72
C THR A 58 9.12 -2.71 -9.92
N PRO A 59 10.29 -2.57 -10.57
CA PRO A 59 10.74 -3.55 -11.55
C PRO A 59 10.88 -4.94 -10.91
N TRP A 60 11.21 -5.00 -9.62
CA TRP A 60 11.59 -6.25 -8.96
C TRP A 60 10.41 -6.93 -8.24
N MET A 61 9.36 -6.21 -7.82
CA MET A 61 8.25 -6.78 -7.05
C MET A 61 6.96 -5.97 -7.17
N LEU A 62 5.86 -6.57 -6.70
CA LEU A 62 4.59 -5.90 -6.49
C LEU A 62 4.09 -6.42 -5.15
N SER A 63 3.85 -5.53 -4.19
CA SER A 63 3.43 -5.91 -2.85
C SER A 63 2.27 -5.04 -2.41
N ALA A 64 1.22 -5.68 -1.92
CA ALA A 64 0.13 -5.01 -1.23
C ALA A 64 0.70 -4.50 0.10
N VAL A 65 0.28 -3.33 0.55
CA VAL A 65 0.75 -2.74 1.80
C VAL A 65 -0.45 -2.20 2.57
N ILE A 66 -0.35 -2.19 3.89
CA ILE A 66 -1.38 -1.69 4.79
C ILE A 66 -0.64 -0.82 5.80
N PHE A 67 -1.15 0.37 6.10
CA PHE A 67 -0.45 1.37 6.90
C PHE A 67 -1.32 1.82 8.09
N PRO A 68 -0.73 2.07 9.27
CA PRO A 68 -1.45 2.55 10.47
C PRO A 68 -2.38 3.74 10.19
N GLY A 69 -3.63 3.61 10.63
CA GLY A 69 -4.72 4.53 10.34
C GLY A 69 -4.61 5.91 11.02
N PRO A 70 -5.55 6.82 10.74
CA PRO A 70 -5.46 8.23 11.12
C PRO A 70 -5.39 8.42 12.63
N ASP A 71 -4.28 9.00 13.09
CA ASP A 71 -4.01 9.38 14.49
C ASP A 71 -4.22 8.22 15.48
N GLN A 72 -4.00 6.97 15.04
CA GLN A 72 -4.08 5.79 15.89
C GLN A 72 -2.75 5.64 16.62
N LEU A 73 -2.82 5.12 17.85
CA LEU A 73 -1.66 4.82 18.67
C LEU A 73 -1.45 3.33 18.56
N TRP A 74 -0.79 2.94 17.47
CA TRP A 74 -0.45 1.56 17.19
C TRP A 74 0.56 1.06 18.22
N PRO A 75 0.51 -0.22 18.61
CA PRO A 75 1.54 -0.84 19.44
C PRO A 75 2.86 -0.87 18.68
N LEU A 76 3.98 -0.95 19.41
CA LEU A 76 5.31 -1.06 18.82
C LEU A 76 5.52 -2.49 18.31
N ARG A 77 4.92 -2.82 17.16
CA ARG A 77 4.94 -4.20 16.62
C ARG A 77 6.37 -4.60 16.26
N LYS A 78 6.66 -5.89 16.39
CA LYS A 78 7.95 -6.49 16.05
C LYS A 78 7.89 -6.96 14.60
N VAL A 79 9.04 -6.98 13.93
CA VAL A 79 9.18 -7.16 12.49
C VAL A 79 9.30 -8.64 12.13
N SER A 80 8.88 -8.99 10.91
CA SER A 80 8.84 -10.35 10.37
C SER A 80 7.79 -11.26 11.04
N GLU A 81 6.94 -10.71 11.91
CA GLU A 81 5.76 -11.36 12.45
C GLU A 81 4.64 -11.20 11.42
N LYS A 82 3.55 -11.98 11.51
CA LYS A 82 2.40 -11.80 10.62
C LYS A 82 1.16 -11.39 11.40
N ILE A 83 0.29 -10.65 10.73
CA ILE A 83 -1.01 -10.17 11.21
C ILE A 83 -2.04 -10.71 10.22
N GLY A 84 -3.03 -11.45 10.69
CA GLY A 84 -4.14 -11.90 9.85
C GLY A 84 -5.11 -10.74 9.66
N LEU A 85 -5.40 -10.38 8.41
CA LEU A 85 -6.40 -9.37 8.05
C LEU A 85 -7.49 -10.08 7.24
N GLN A 86 -8.75 -9.74 7.50
CA GLN A 86 -9.89 -10.30 6.78
C GLN A 86 -10.18 -9.37 5.60
N LEU A 87 -10.19 -9.92 4.38
CA LEU A 87 -10.65 -9.25 3.16
C LEU A 87 -11.58 -10.21 2.41
N PRO A 88 -12.49 -9.74 1.54
CA PRO A 88 -13.39 -10.64 0.83
C PRO A 88 -12.66 -11.55 -0.17
N TYR A 89 -11.47 -11.14 -0.62
CA TYR A 89 -10.54 -11.96 -1.39
C TYR A 89 -10.20 -13.28 -0.66
N GLY A 90 -10.20 -13.23 0.68
CA GLY A 90 -9.78 -14.29 1.59
C GLY A 90 -9.02 -13.63 2.74
N THR A 91 -9.06 -14.24 3.92
CA THR A 91 -8.24 -13.81 5.04
C THR A 91 -6.77 -14.04 4.65
N MET A 92 -5.91 -13.03 4.87
CA MET A 92 -4.55 -12.99 4.36
C MET A 92 -3.65 -12.55 5.52
N THR A 93 -2.56 -13.28 5.76
CA THR A 93 -1.54 -12.85 6.70
C THR A 93 -0.61 -11.88 5.98
N PHE A 94 -0.63 -10.63 6.43
CA PHE A 94 0.34 -9.62 6.02
C PHE A 94 1.51 -9.73 6.99
N THR A 95 2.73 -9.56 6.51
CA THR A 95 3.92 -9.59 7.34
C THR A 95 4.21 -8.15 7.80
N VAL A 96 4.65 -7.98 9.04
CA VAL A 96 5.13 -6.69 9.53
C VAL A 96 6.52 -6.49 8.94
N GLY A 97 6.71 -5.44 8.16
CA GLY A 97 8.01 -4.99 7.67
C GLY A 97 8.35 -3.70 8.40
N GLU A 98 9.60 -3.25 8.30
CA GLU A 98 10.01 -1.93 8.75
C GLU A 98 10.51 -1.21 7.50
N LEU A 99 9.84 -0.11 7.12
CA LEU A 99 10.28 0.71 6.00
C LEU A 99 11.42 1.56 6.54
N ASP A 100 12.62 1.41 5.96
CA ASP A 100 13.83 2.03 6.48
C ASP A 100 13.70 3.56 6.54
N GLY A 101 14.05 4.14 7.69
CA GLY A 101 13.96 5.58 7.93
C GLY A 101 12.53 6.06 8.18
N VAL A 102 11.54 5.16 8.24
CA VAL A 102 10.14 5.46 8.48
C VAL A 102 9.72 4.66 9.72
N SER A 103 8.87 3.63 9.60
CA SER A 103 8.25 2.94 10.72
C SER A 103 7.88 1.50 10.31
N GLN A 104 7.42 0.70 11.26
CA GLN A 104 6.82 -0.59 10.99
C GLN A 104 5.51 -0.38 10.23
N TYR A 105 5.22 -1.26 9.27
CA TYR A 105 4.04 -1.24 8.42
C TYR A 105 3.79 -2.67 7.97
N LEU A 106 2.68 -2.95 7.28
CA LEU A 106 2.32 -4.31 6.87
C LEU A 106 2.48 -4.43 5.37
N SER A 107 2.99 -5.56 4.90
CA SER A 107 3.24 -5.82 3.47
C SER A 107 2.92 -7.28 3.16
N CYS A 108 2.55 -7.58 1.92
CA CYS A 108 2.36 -8.92 1.40
C CYS A 108 2.71 -8.88 -0.09
N SER A 109 3.72 -9.63 -0.52
CA SER A 109 4.11 -9.70 -1.92
C SER A 109 3.06 -10.46 -2.73
N LEU A 110 2.70 -9.95 -3.90
CA LEU A 110 1.84 -10.64 -4.85
C LEU A 110 2.72 -11.55 -5.71
N MET A 111 3.64 -10.94 -6.48
CA MET A 111 4.51 -11.60 -7.43
C MET A 111 5.59 -10.60 -7.89
N SER A 112 6.52 -11.07 -8.71
CA SER A 112 7.50 -10.25 -9.40
C SER A 112 6.87 -9.87 -10.76
N PRO A 113 6.64 -8.58 -11.08
CA PRO A 113 5.89 -8.16 -12.27
C PRO A 113 6.78 -8.05 -13.53
N LEU A 114 7.95 -8.70 -13.54
CA LEU A 114 8.98 -8.56 -14.58
C LEU A 114 8.66 -9.43 -15.81
N SER A 115 7.39 -9.41 -16.23
CA SER A 115 6.90 -10.12 -17.41
C SER A 115 7.38 -9.40 -18.68
N HIS A 116 7.31 -10.08 -19.83
CA HIS A 116 7.66 -9.46 -21.12
C HIS A 116 6.50 -8.59 -21.62
N SER A 117 5.26 -9.02 -21.40
CA SER A 117 4.04 -8.27 -21.75
C SER A 117 3.75 -7.28 -20.60
N MET A 118 4.60 -6.26 -20.49
CA MET A 118 4.63 -5.31 -19.39
C MET A 118 5.10 -3.96 -19.92
N SER A 119 4.72 -2.89 -19.25
CA SER A 119 5.05 -1.50 -19.58
C SER A 119 5.03 -0.69 -18.29
N ILE A 120 5.43 0.59 -18.37
CA ILE A 120 5.25 1.52 -17.24
C ILE A 120 3.77 1.79 -16.95
N GLU A 121 2.92 1.63 -17.96
CA GLU A 121 1.49 1.86 -17.85
C GLU A 121 0.88 0.65 -17.12
N GLU A 122 1.24 -0.57 -17.50
CA GLU A 122 0.88 -1.79 -16.77
C GLU A 122 1.49 -1.77 -15.38
N GLY A 123 2.67 -1.17 -15.17
CA GLY A 123 3.21 -0.98 -13.83
C GLY A 123 2.22 -0.23 -12.94
N GLN A 124 1.86 1.00 -13.33
CA GLN A 124 0.96 1.84 -12.54
C GLN A 124 -0.42 1.20 -12.42
N ARG A 125 -0.98 0.74 -13.55
CA ARG A 125 -2.31 0.14 -13.60
C ARG A 125 -2.36 -1.12 -12.75
N LEU A 126 -1.29 -1.90 -12.66
CA LEU A 126 -1.29 -3.14 -11.89
C LEU A 126 -1.15 -2.86 -10.39
N THR A 127 -0.57 -1.74 -9.96
CA THR A 127 -0.63 -1.37 -8.54
C THR A 127 -2.09 -1.13 -8.15
N ASP A 128 -2.84 -0.37 -8.98
CA ASP A 128 -4.25 -0.10 -8.73
C ASP A 128 -5.09 -1.37 -8.83
N ASP A 129 -4.88 -2.17 -9.89
CA ASP A 129 -5.62 -3.40 -10.09
C ASP A 129 -5.30 -4.42 -9.00
N CYS A 130 -4.07 -4.44 -8.49
CA CYS A 130 -3.72 -5.34 -7.39
C CYS A 130 -4.47 -4.95 -6.12
N ALA A 131 -4.65 -3.66 -5.87
CA ALA A 131 -5.46 -3.19 -4.76
C ALA A 131 -6.92 -3.59 -5.01
N ARG A 132 -7.50 -3.26 -6.17
CA ARG A 132 -8.88 -3.60 -6.53
C ARG A 132 -9.15 -5.09 -6.34
N MET A 133 -8.25 -5.95 -6.81
CA MET A 133 -8.28 -7.39 -6.65
C MET A 133 -8.52 -7.80 -5.19
N ILE A 134 -7.73 -7.27 -4.25
CA ILE A 134 -7.78 -7.72 -2.85
C ILE A 134 -8.81 -6.94 -2.01
N LEU A 135 -9.14 -5.71 -2.40
CA LEU A 135 -10.22 -4.92 -1.82
C LEU A 135 -11.56 -5.61 -2.12
N SER A 136 -11.69 -6.16 -3.33
CA SER A 136 -12.85 -6.93 -3.78
C SER A 136 -14.18 -6.18 -3.70
N LEU A 137 -14.15 -4.86 -3.94
CA LEU A 137 -15.32 -4.01 -4.13
C LEU A 137 -16.44 -4.25 -3.09
N PRO A 138 -16.20 -3.95 -1.80
CA PRO A 138 -17.13 -4.30 -0.73
C PRO A 138 -18.46 -3.55 -0.85
N VAL A 139 -19.55 -4.23 -0.49
CA VAL A 139 -20.92 -3.71 -0.47
C VAL A 139 -21.64 -4.27 0.77
N THR A 140 -22.90 -3.89 0.98
CA THR A 140 -23.77 -4.41 2.02
C THR A 140 -23.77 -5.95 2.01
N ASN A 141 -23.72 -6.57 3.19
CA ASN A 141 -23.72 -8.02 3.38
C ASN A 141 -24.72 -8.37 4.49
N PRO A 142 -25.80 -9.13 4.20
CA PRO A 142 -26.70 -9.65 5.22
C PRO A 142 -25.96 -10.57 6.19
N ASP A 143 -26.33 -10.48 7.48
CA ASP A 143 -25.88 -11.35 8.55
C ASP A 143 -27.09 -11.65 9.44
N VAL A 144 -27.31 -12.92 9.77
CA VAL A 144 -28.50 -13.43 10.42
C VAL A 144 -28.09 -14.40 11.55
N PRO A 145 -28.86 -14.51 12.64
CA PRO A 145 -28.42 -15.23 13.83
C PRO A 145 -28.28 -16.74 13.64
N HIS A 146 -28.97 -17.33 12.64
CA HIS A 146 -28.90 -18.76 12.36
C HIS A 146 -27.67 -19.14 11.52
N ALA A 147 -26.93 -18.17 10.97
CA ALA A 147 -25.74 -18.45 10.16
C ALA A 147 -24.68 -19.11 11.04
N GLY A 148 -24.20 -20.29 10.60
CA GLY A 148 -23.23 -21.09 11.35
C GLY A 148 -23.80 -21.70 12.64
N ARG A 149 -25.12 -21.66 12.83
CA ARG A 149 -25.84 -22.18 14.00
C ARG A 149 -26.96 -23.11 13.54
N ARG A 150 -26.65 -24.02 12.60
CA ARG A 150 -27.54 -25.08 12.13
C ARG A 150 -26.91 -26.42 12.49
N ALA A 151 -27.73 -27.47 12.64
CA ALA A 151 -27.25 -28.82 12.88
C ALA A 151 -26.55 -29.33 11.61
N LEU A 152 -25.46 -30.08 11.80
CA LEU A 152 -24.58 -30.59 10.75
C LEU A 152 -23.96 -31.90 11.24
N LEU A 153 -23.37 -32.69 10.32
CA LEU A 153 -22.65 -33.93 10.60
C LEU A 153 -23.51 -34.88 11.47
N PHE A 154 -24.70 -35.19 10.96
CA PHE A 154 -25.66 -36.06 11.62
C PHE A 154 -25.08 -37.48 11.74
N GLY A 155 -25.41 -38.19 12.82
CA GLY A 155 -25.01 -39.58 13.02
C GLY A 155 -25.76 -40.50 12.05
N ARG A 156 -25.13 -41.62 11.68
CA ARG A 156 -25.67 -42.61 10.74
C ARG A 156 -25.52 -44.02 11.32
N ARG A 157 -25.83 -44.18 12.62
CA ARG A 157 -25.52 -45.41 13.38
C ARG A 157 -24.01 -45.70 13.29
N SER A 158 -23.20 -44.64 13.30
CA SER A 158 -21.78 -44.69 13.02
C SER A 158 -21.09 -45.65 14.00
N GLY A 159 -20.26 -46.56 13.48
CA GLY A 159 -19.57 -47.60 14.24
C GLY A 159 -20.32 -48.93 14.16
N GLU A 160 -21.65 -48.92 14.22
CA GLU A 160 -22.47 -50.11 13.93
C GLU A 160 -22.62 -50.23 12.41
N ASN A 161 -22.65 -49.09 11.73
CA ASN A 161 -22.70 -48.89 10.29
C ASN A 161 -21.45 -48.09 9.88
N ALA A 162 -20.95 -48.31 8.67
CA ALA A 162 -19.75 -47.66 8.15
C ALA A 162 -19.96 -46.15 8.04
N MET A 1 4.14 5.11 26.16
CA MET A 1 5.00 4.05 26.73
C MET A 1 5.71 3.25 25.62
N THR A 2 5.01 2.36 24.92
CA THR A 2 5.54 1.58 23.80
C THR A 2 5.65 2.47 22.54
N GLU A 3 6.49 2.07 21.58
CA GLU A 3 6.81 2.86 20.38
C GLU A 3 5.76 2.69 19.28
N GLU A 4 4.49 2.86 19.65
CA GLU A 4 3.34 2.96 18.78
C GLU A 4 3.60 4.08 17.75
N ILE A 5 3.05 3.92 16.55
CA ILE A 5 3.29 4.80 15.41
C ILE A 5 2.02 5.64 15.24
N ALA A 6 2.14 6.97 15.36
CA ALA A 6 1.06 7.87 15.00
C ALA A 6 1.03 7.97 13.47
N GLY A 7 -0.10 7.58 12.87
CA GLY A 7 -0.25 7.54 11.42
C GLY A 7 -0.53 8.90 10.78
N PHE A 8 -0.62 8.89 9.45
CA PHE A 8 -0.66 10.07 8.59
C PHE A 8 -2.02 10.13 7.86
N GLN A 9 -2.31 11.26 7.20
CA GLN A 9 -3.62 11.49 6.57
C GLN A 9 -3.82 10.65 5.29
N THR A 10 -2.74 10.07 4.76
CA THR A 10 -2.71 9.06 3.69
C THR A 10 -1.44 8.21 3.94
N SER A 11 -1.23 7.14 3.17
CA SER A 11 0.07 6.45 3.20
C SER A 11 1.15 7.44 2.74
N PRO A 12 2.40 7.35 3.25
CA PRO A 12 3.52 8.23 2.87
C PRO A 12 4.06 7.84 1.49
N LYS A 13 3.26 8.06 0.44
CA LYS A 13 3.52 7.55 -0.92
C LYS A 13 4.90 7.94 -1.42
N ALA A 14 5.27 9.21 -1.36
CA ALA A 14 6.53 9.66 -1.97
C ALA A 14 7.72 9.02 -1.26
N GLN A 15 7.63 8.90 0.05
CA GLN A 15 8.66 8.33 0.91
C GLN A 15 8.78 6.82 0.65
N VAL A 16 7.66 6.12 0.52
CA VAL A 16 7.64 4.69 0.16
C VAL A 16 8.22 4.53 -1.25
N GLN A 17 7.88 5.42 -2.20
CA GLN A 17 8.38 5.36 -3.56
C GLN A 17 9.90 5.51 -3.53
N ALA A 18 10.41 6.56 -2.89
CA ALA A 18 11.84 6.83 -2.80
C ALA A 18 12.58 5.63 -2.20
N ALA A 19 12.08 5.11 -1.06
CA ALA A 19 12.72 3.99 -0.39
C ALA A 19 12.80 2.80 -1.35
N PHE A 20 11.69 2.46 -1.99
CA PHE A 20 11.67 1.32 -2.89
C PHE A 20 12.47 1.55 -4.16
N GLU A 21 12.67 2.79 -4.60
CA GLU A 21 13.50 3.10 -5.74
C GLU A 21 14.97 2.74 -5.40
N GLU A 22 15.40 2.91 -4.14
CA GLU A 22 16.74 2.47 -3.71
C GLU A 22 16.76 0.96 -3.58
N ILE A 23 15.77 0.41 -2.89
CA ILE A 23 15.70 -1.03 -2.61
C ILE A 23 15.63 -1.81 -3.93
N ALA A 24 15.01 -1.25 -4.98
CA ALA A 24 14.98 -1.84 -6.31
C ALA A 24 16.33 -1.73 -7.02
N ARG A 25 17.13 -0.69 -6.78
CA ARG A 25 18.46 -0.54 -7.36
C ARG A 25 19.42 -1.55 -6.70
N ARG A 26 19.29 -1.69 -5.38
CA ARG A 26 19.94 -2.76 -4.61
C ARG A 26 19.36 -4.13 -5.02
N SER A 27 18.15 -4.14 -5.61
CA SER A 27 17.37 -5.31 -5.97
C SER A 27 17.35 -6.28 -4.79
N MET A 28 16.94 -5.75 -3.63
CA MET A 28 17.06 -6.37 -2.30
C MET A 28 18.55 -6.50 -1.94
N HIS A 29 19.27 -7.43 -2.58
CA HIS A 29 20.73 -7.53 -2.52
C HIS A 29 21.29 -8.11 -3.84
N ASP A 30 20.45 -8.33 -4.87
CA ASP A 30 20.84 -8.97 -6.13
C ASP A 30 21.54 -7.99 -7.08
N LEU A 31 21.41 -6.68 -6.80
CA LEU A 31 22.12 -5.57 -7.43
C LEU A 31 22.03 -5.61 -8.97
N SER A 32 20.85 -5.95 -9.50
CA SER A 32 20.64 -6.26 -10.91
C SER A 32 19.94 -5.10 -11.64
N PHE A 33 18.91 -4.50 -11.05
CA PHE A 33 18.18 -3.37 -11.63
C PHE A 33 18.88 -2.05 -11.31
N LEU A 34 20.19 -1.99 -11.54
CA LEU A 34 20.94 -0.73 -11.47
C LEU A 34 20.31 0.23 -12.47
N HIS A 35 20.01 1.46 -12.04
CA HIS A 35 19.20 2.44 -12.78
C HIS A 35 17.87 1.76 -13.17
N PRO A 36 16.94 1.53 -12.21
CA PRO A 36 15.76 0.71 -12.40
C PRO A 36 14.97 1.11 -13.65
N SER A 37 14.78 0.12 -14.54
CA SER A 37 14.25 0.34 -15.89
C SER A 37 12.76 0.71 -15.88
N MET A 38 12.07 0.42 -14.76
CA MET A 38 10.70 0.83 -14.51
C MET A 38 10.73 1.55 -13.17
N PRO A 39 10.33 2.82 -13.10
CA PRO A 39 10.12 3.50 -11.83
C PRO A 39 9.24 2.66 -10.91
N VAL A 40 9.69 2.42 -9.67
CA VAL A 40 8.80 1.83 -8.68
C VAL A 40 7.61 2.80 -8.48
N TYR A 41 6.42 2.31 -8.18
CA TYR A 41 5.22 3.15 -8.04
C TYR A 41 4.33 2.59 -6.93
N VAL A 42 3.54 3.45 -6.27
CA VAL A 42 2.71 3.10 -5.14
C VAL A 42 1.31 3.71 -5.28
N SER A 43 0.27 2.90 -5.16
CA SER A 43 -1.13 3.34 -5.05
C SER A 43 -1.50 3.47 -3.56
N ASP A 44 -2.37 4.43 -3.19
CA ASP A 44 -3.00 4.56 -1.88
C ASP A 44 -4.50 4.47 -2.07
N PHE A 45 -5.22 3.76 -1.20
CA PHE A 45 -6.65 3.53 -1.33
C PHE A 45 -7.26 3.00 -0.03
N THR A 46 -8.51 3.37 0.27
CA THR A 46 -9.38 2.82 1.32
C THR A 46 -8.83 2.91 2.76
N LEU A 47 -9.74 2.93 3.74
CA LEU A 47 -9.39 2.78 5.15
C LEU A 47 -9.82 1.38 5.59
N PHE A 48 -8.83 0.53 5.83
CA PHE A 48 -8.95 -0.88 6.12
C PHE A 48 -8.73 -1.07 7.63
N GLU A 49 -9.82 -1.14 8.40
CA GLU A 49 -9.80 -1.32 9.85
C GLU A 49 -8.94 -0.26 10.55
N GLY A 50 -9.11 1.01 10.16
CA GLY A 50 -8.42 2.15 10.77
C GLY A 50 -6.99 2.34 10.27
N GLN A 51 -6.67 1.82 9.08
CA GLN A 51 -5.34 1.86 8.46
C GLN A 51 -5.53 2.22 6.99
N TRP A 52 -4.65 2.98 6.35
CA TRP A 52 -4.74 3.20 4.92
C TRP A 52 -4.29 1.95 4.17
N THR A 53 -4.96 1.58 3.08
CA THR A 53 -4.48 0.50 2.22
C THR A 53 -3.56 1.10 1.16
N GLY A 54 -2.65 0.29 0.63
CA GLY A 54 -1.78 0.67 -0.44
C GLY A 54 -1.22 -0.56 -1.13
N CYS A 55 -0.59 -0.37 -2.27
CA CYS A 55 0.18 -1.39 -2.97
C CYS A 55 1.39 -0.67 -3.55
N VAL A 56 2.52 -1.34 -3.66
CA VAL A 56 3.72 -0.82 -4.31
C VAL A 56 4.20 -1.85 -5.32
N ILE A 57 4.55 -1.41 -6.52
CA ILE A 57 5.19 -2.21 -7.54
C ILE A 57 6.62 -1.71 -7.71
N THR A 58 7.50 -2.61 -8.09
CA THR A 58 8.87 -2.32 -8.47
C THR A 58 9.16 -3.15 -9.74
N PRO A 59 10.34 -3.02 -10.39
CA PRO A 59 10.69 -3.97 -11.45
C PRO A 59 10.91 -5.39 -10.90
N TRP A 60 10.98 -5.57 -9.58
CA TRP A 60 11.31 -6.85 -8.95
C TRP A 60 10.13 -7.52 -8.22
N MET A 61 9.11 -6.77 -7.76
CA MET A 61 8.00 -7.31 -6.97
C MET A 61 6.75 -6.41 -7.04
N LEU A 62 5.63 -6.91 -6.50
CA LEU A 62 4.42 -6.14 -6.23
C LEU A 62 3.98 -6.61 -4.85
N SER A 63 3.85 -5.69 -3.92
CA SER A 63 3.45 -5.99 -2.55
C SER A 63 2.33 -5.07 -2.11
N ALA A 64 1.32 -5.64 -1.47
CA ALA A 64 0.29 -4.87 -0.79
C ALA A 64 0.86 -4.37 0.54
N VAL A 65 0.40 -3.21 1.00
CA VAL A 65 0.83 -2.58 2.24
C VAL A 65 -0.40 -2.01 2.95
N ILE A 66 -0.39 -2.02 4.28
CA ILE A 66 -1.46 -1.55 5.15
C ILE A 66 -0.72 -0.64 6.14
N PHE A 67 -1.01 0.66 6.13
CA PHE A 67 -0.25 1.69 6.82
C PHE A 67 -1.06 2.37 7.93
N PRO A 68 -0.45 2.79 9.07
CA PRO A 68 -1.08 3.58 10.13
C PRO A 68 -2.06 4.67 9.65
N GLY A 69 -3.29 4.67 10.20
CA GLY A 69 -4.39 5.54 9.77
C GLY A 69 -4.29 6.99 10.27
N PRO A 70 -5.28 7.84 9.95
CA PRO A 70 -5.22 9.29 10.16
C PRO A 70 -5.12 9.63 11.65
N ASP A 71 -3.93 10.05 12.08
CA ASP A 71 -3.58 10.36 13.48
C ASP A 71 -3.96 9.22 14.45
N GLN A 72 -3.99 7.98 13.94
CA GLN A 72 -4.29 6.80 14.75
C GLN A 72 -2.99 6.28 15.34
N LEU A 73 -3.02 5.80 16.57
CA LEU A 73 -1.86 5.24 17.26
C LEU A 73 -1.86 3.75 16.97
N TRP A 74 -1.17 3.38 15.89
CA TRP A 74 -1.00 2.01 15.44
C TRP A 74 -0.07 1.34 16.47
N PRO A 75 -0.40 0.14 16.98
CA PRO A 75 0.31 -0.46 18.11
C PRO A 75 1.76 -0.77 17.75
N LEU A 76 2.65 -0.79 18.76
CA LEU A 76 4.00 -1.29 18.57
C LEU A 76 3.89 -2.76 18.16
N ARG A 77 4.57 -3.19 17.09
CA ARG A 77 4.66 -4.59 16.68
C ARG A 77 6.13 -4.98 16.54
N LYS A 78 6.41 -6.27 16.66
CA LYS A 78 7.73 -6.83 16.34
C LYS A 78 7.69 -7.21 14.86
N VAL A 79 8.84 -7.10 14.20
CA VAL A 79 8.97 -7.17 12.75
C VAL A 79 9.20 -8.61 12.29
N SER A 80 8.80 -8.93 11.05
CA SER A 80 8.89 -10.25 10.46
C SER A 80 8.02 -11.29 11.20
N GLU A 81 6.92 -10.82 11.80
CA GLU A 81 5.84 -11.61 12.36
C GLU A 81 4.67 -11.53 11.40
N LYS A 82 3.76 -12.50 11.39
CA LYS A 82 2.57 -12.47 10.54
C LYS A 82 1.33 -12.21 11.37
N ILE A 83 0.41 -11.43 10.82
CA ILE A 83 -0.90 -11.11 11.37
C ILE A 83 -1.90 -11.55 10.31
N GLY A 84 -2.91 -12.34 10.69
CA GLY A 84 -3.99 -12.72 9.78
C GLY A 84 -4.93 -11.53 9.63
N LEU A 85 -5.11 -11.03 8.40
CA LEU A 85 -6.15 -10.04 8.06
C LEU A 85 -7.26 -10.76 7.32
N GLN A 86 -8.51 -10.41 7.62
CA GLN A 86 -9.68 -10.90 6.90
C GLN A 86 -9.94 -9.90 5.76
N LEU A 87 -10.09 -10.39 4.53
CA LEU A 87 -10.44 -9.60 3.35
C LEU A 87 -11.50 -10.38 2.57
N PRO A 88 -12.34 -9.74 1.74
CA PRO A 88 -13.27 -10.48 0.89
C PRO A 88 -12.55 -11.34 -0.16
N TYR A 89 -11.30 -10.99 -0.50
CA TYR A 89 -10.39 -11.81 -1.31
C TYR A 89 -10.16 -13.19 -0.68
N GLY A 90 -10.23 -13.28 0.65
CA GLY A 90 -9.85 -14.43 1.45
C GLY A 90 -8.99 -13.93 2.61
N THR A 91 -9.04 -14.61 3.75
CA THR A 91 -8.17 -14.32 4.87
C THR A 91 -6.72 -14.61 4.45
N MET A 92 -5.80 -13.68 4.74
CA MET A 92 -4.43 -13.72 4.25
C MET A 92 -3.52 -13.12 5.32
N THR A 93 -2.34 -13.70 5.55
CA THR A 93 -1.40 -13.13 6.50
C THR A 93 -0.65 -11.97 5.85
N PHE A 94 -0.52 -10.87 6.58
CA PHE A 94 0.33 -9.75 6.23
C PHE A 94 1.47 -9.79 7.25
N THR A 95 2.69 -9.71 6.77
CA THR A 95 3.89 -9.70 7.59
C THR A 95 4.11 -8.28 8.08
N VAL A 96 4.51 -8.10 9.33
CA VAL A 96 4.93 -6.81 9.85
C VAL A 96 6.28 -6.50 9.19
N GLY A 97 6.36 -5.41 8.43
CA GLY A 97 7.60 -4.90 7.88
C GLY A 97 7.94 -3.60 8.59
N GLU A 98 9.20 -3.20 8.56
CA GLU A 98 9.65 -1.93 9.10
C GLU A 98 10.46 -1.27 7.97
N LEU A 99 9.77 -0.58 7.06
CA LEU A 99 10.36 -0.03 5.85
C LEU A 99 11.38 1.05 6.22
N ASP A 100 12.63 0.90 5.74
CA ASP A 100 13.72 1.83 6.01
C ASP A 100 13.38 3.22 5.46
N GLY A 101 13.66 4.27 6.25
CA GLY A 101 13.33 5.64 5.91
C GLY A 101 11.84 5.96 6.04
N VAL A 102 11.01 5.01 6.50
CA VAL A 102 9.59 5.16 6.71
C VAL A 102 9.33 4.68 8.15
N SER A 103 8.51 3.64 8.36
CA SER A 103 8.03 3.19 9.66
C SER A 103 7.46 1.77 9.53
N GLN A 104 6.88 1.22 10.60
CA GLN A 104 6.25 -0.10 10.56
C GLN A 104 4.95 -0.04 9.74
N TYR A 105 4.67 -1.13 9.03
CA TYR A 105 3.45 -1.37 8.27
C TYR A 105 3.19 -2.88 8.19
N LEU A 106 1.99 -3.29 7.81
CA LEU A 106 1.65 -4.69 7.56
C LEU A 106 1.64 -4.87 6.05
N SER A 107 2.38 -5.82 5.49
CA SER A 107 2.58 -5.93 4.04
C SER A 107 2.66 -7.39 3.60
N CYS A 108 2.37 -7.70 2.34
CA CYS A 108 2.62 -9.03 1.77
C CYS A 108 3.03 -8.90 0.31
N SER A 109 3.99 -9.71 -0.12
CA SER A 109 4.37 -9.86 -1.52
C SER A 109 3.31 -10.69 -2.23
N LEU A 110 2.90 -10.30 -3.44
CA LEU A 110 1.76 -10.91 -4.14
C LEU A 110 2.15 -11.44 -5.52
N MET A 111 3.12 -10.84 -6.22
CA MET A 111 3.63 -11.32 -7.50
C MET A 111 5.03 -10.73 -7.74
N SER A 112 5.75 -11.26 -8.73
CA SER A 112 7.09 -10.83 -9.11
C SER A 112 7.08 -10.41 -10.59
N PRO A 113 6.86 -9.12 -10.90
CA PRO A 113 6.99 -8.57 -12.25
C PRO A 113 8.43 -8.70 -12.78
N LEU A 114 8.60 -8.39 -14.07
CA LEU A 114 9.90 -8.24 -14.72
C LEU A 114 9.74 -7.20 -15.81
N SER A 115 10.65 -6.23 -15.90
CA SER A 115 10.55 -5.04 -16.75
C SER A 115 10.19 -5.31 -18.21
N HIS A 116 10.52 -6.48 -18.76
CA HIS A 116 10.18 -6.86 -20.13
C HIS A 116 8.67 -6.85 -20.37
N SER A 117 7.88 -7.19 -19.35
CA SER A 117 6.42 -7.28 -19.42
C SER A 117 5.77 -6.09 -18.68
N MET A 118 6.43 -4.94 -18.66
CA MET A 118 6.02 -3.75 -17.92
C MET A 118 6.13 -2.50 -18.79
N SER A 119 5.55 -1.42 -18.28
CA SER A 119 5.66 -0.05 -18.75
C SER A 119 5.45 0.83 -17.53
N ILE A 120 5.71 2.14 -17.61
CA ILE A 120 5.36 3.06 -16.53
C ILE A 120 3.84 3.03 -16.31
N GLU A 121 3.06 2.85 -17.38
CA GLU A 121 1.60 2.78 -17.31
C GLU A 121 1.18 1.53 -16.52
N GLU A 122 1.78 0.37 -16.77
CA GLU A 122 1.51 -0.83 -15.98
C GLU A 122 2.02 -0.66 -14.55
N GLY A 123 3.08 0.11 -14.35
CA GLY A 123 3.53 0.52 -13.02
C GLY A 123 2.43 1.20 -12.23
N GLN A 124 1.58 2.00 -12.87
CA GLN A 124 0.42 2.61 -12.22
C GLN A 124 -0.76 1.62 -12.19
N ARG A 125 -1.15 1.08 -13.35
CA ARG A 125 -2.38 0.30 -13.49
C ARG A 125 -2.33 -1.04 -12.74
N LEU A 126 -1.17 -1.67 -12.58
CA LEU A 126 -1.13 -2.98 -11.92
C LEU A 126 -1.12 -2.81 -10.43
N THR A 127 -0.63 -1.69 -9.92
CA THR A 127 -0.67 -1.38 -8.51
C THR A 127 -2.11 -1.06 -8.11
N ASP A 128 -2.84 -0.33 -8.96
CA ASP A 128 -4.28 -0.08 -8.80
C ASP A 128 -5.10 -1.36 -8.97
N ASP A 129 -4.80 -2.19 -9.97
CA ASP A 129 -5.47 -3.47 -10.12
C ASP A 129 -5.18 -4.35 -8.91
N CYS A 130 -3.96 -4.31 -8.39
CA CYS A 130 -3.56 -5.13 -7.27
C CYS A 130 -4.39 -4.74 -6.05
N ALA A 131 -4.53 -3.43 -5.83
CA ALA A 131 -5.30 -2.85 -4.74
C ALA A 131 -6.72 -3.41 -4.71
N ARG A 132 -7.43 -3.40 -5.84
CA ARG A 132 -8.81 -3.89 -5.88
C ARG A 132 -8.92 -5.40 -6.00
N MET A 133 -7.91 -6.06 -6.55
CA MET A 133 -7.83 -7.51 -6.57
C MET A 133 -7.91 -8.06 -5.14
N ILE A 134 -7.20 -7.45 -4.18
CA ILE A 134 -7.29 -7.86 -2.77
C ILE A 134 -8.50 -7.25 -2.04
N LEU A 135 -9.34 -6.46 -2.70
CA LEU A 135 -10.62 -6.03 -2.16
C LEU A 135 -11.65 -7.08 -2.59
N SER A 136 -12.26 -6.87 -3.76
CA SER A 136 -13.38 -7.66 -4.29
C SER A 136 -13.54 -7.40 -5.81
N LEU A 137 -12.44 -7.03 -6.46
CA LEU A 137 -12.37 -6.54 -7.85
C LEU A 137 -13.36 -5.41 -8.23
N PRO A 138 -13.54 -4.35 -7.41
CA PRO A 138 -14.26 -3.15 -7.83
C PRO A 138 -13.44 -2.42 -8.93
N VAL A 139 -13.97 -1.32 -9.46
CA VAL A 139 -13.26 -0.43 -10.39
C VAL A 139 -13.06 0.94 -9.75
N THR A 140 -11.89 1.52 -9.95
CA THR A 140 -11.50 2.84 -9.43
C THR A 140 -12.04 3.93 -10.36
N ASN A 141 -12.27 5.14 -9.84
CA ASN A 141 -12.58 6.34 -10.63
C ASN A 141 -11.45 7.34 -10.37
N PRO A 142 -10.26 7.17 -10.99
CA PRO A 142 -9.11 8.00 -10.71
C PRO A 142 -9.28 9.41 -11.27
N ASP A 143 -8.62 10.39 -10.62
CA ASP A 143 -8.47 11.76 -11.09
C ASP A 143 -7.17 12.30 -10.51
N VAL A 144 -6.31 12.89 -11.35
CA VAL A 144 -5.02 13.45 -10.98
C VAL A 144 -4.65 14.52 -12.02
N PRO A 145 -3.87 15.56 -11.64
CA PRO A 145 -3.44 16.62 -12.56
C PRO A 145 -2.75 16.10 -13.82
N HIS A 146 -1.85 15.11 -13.68
CA HIS A 146 -1.21 14.39 -14.77
C HIS A 146 -0.77 13.01 -14.28
N ALA A 147 -0.58 12.07 -15.21
CA ALA A 147 -0.07 10.72 -14.95
C ALA A 147 1.36 10.59 -15.50
N GLY A 148 2.04 9.49 -15.19
CA GLY A 148 3.31 9.14 -15.80
C GLY A 148 4.49 9.99 -15.30
N ARG A 149 4.42 10.49 -14.05
CA ARG A 149 5.52 11.16 -13.37
C ARG A 149 5.53 10.70 -11.91
N ARG A 150 6.72 10.63 -11.31
CA ARG A 150 6.87 10.22 -9.91
C ARG A 150 6.28 11.28 -8.97
N ALA A 151 6.05 10.91 -7.72
CA ALA A 151 5.68 11.86 -6.67
C ALA A 151 6.83 12.83 -6.34
N LEU A 152 8.08 12.40 -6.56
CA LEU A 152 9.28 13.22 -6.41
C LEU A 152 10.14 13.08 -7.66
N LEU A 153 10.51 14.19 -8.30
CA LEU A 153 11.30 14.20 -9.53
C LEU A 153 12.05 15.54 -9.59
N PHE A 154 13.38 15.50 -9.70
CA PHE A 154 14.29 16.65 -9.72
C PHE A 154 14.23 17.50 -8.43
N GLY A 155 15.15 18.46 -8.31
CA GLY A 155 15.24 19.38 -7.18
C GLY A 155 16.53 20.20 -7.28
N ARG A 156 16.59 21.33 -6.56
CA ARG A 156 17.75 22.20 -6.45
C ARG A 156 17.79 22.68 -5.01
N ARG A 157 18.98 22.87 -4.44
CA ARG A 157 19.09 23.30 -3.05
C ARG A 157 18.63 24.75 -2.91
N SER A 158 17.82 25.03 -1.91
CA SER A 158 17.44 26.39 -1.53
C SER A 158 18.67 27.14 -1.00
N GLY A 159 18.67 28.48 -1.12
CA GLY A 159 19.71 29.35 -0.62
C GLY A 159 19.26 30.79 -0.85
N GLU A 160 20.22 31.68 -1.06
CA GLU A 160 19.95 33.06 -1.47
C GLU A 160 19.39 33.07 -2.89
N ASN A 161 18.57 34.08 -3.20
CA ASN A 161 18.07 34.32 -4.56
C ASN A 161 19.23 34.82 -5.43
N ALA A 162 19.30 34.34 -6.68
CA ALA A 162 20.29 34.74 -7.68
C ALA A 162 19.62 34.68 -9.05
N MET A 1 9.00 2.62 30.13
CA MET A 1 8.90 3.18 28.75
C MET A 1 7.56 2.82 28.11
N THR A 2 7.04 3.67 27.23
CA THR A 2 5.84 3.41 26.44
C THR A 2 6.17 2.42 25.30
N GLU A 3 5.16 1.69 24.83
CA GLU A 3 5.31 0.64 23.82
C GLU A 3 4.19 0.82 22.78
N GLU A 4 4.21 1.96 22.09
CA GLU A 4 3.15 2.44 21.22
C GLU A 4 3.74 3.20 20.02
N ILE A 5 2.93 3.44 18.98
CA ILE A 5 3.26 4.24 17.80
C ILE A 5 1.98 5.01 17.47
N ALA A 6 2.07 6.32 17.19
CA ALA A 6 0.93 7.05 16.65
C ALA A 6 0.78 6.64 15.18
N GLY A 7 -0.43 6.24 14.77
CA GLY A 7 -0.71 5.85 13.39
C GLY A 7 -0.63 7.05 12.43
N PHE A 8 -0.52 6.77 11.13
CA PHE A 8 -0.34 7.78 10.10
C PHE A 8 -1.64 8.54 9.89
N GLN A 9 -1.60 9.87 9.98
CA GLN A 9 -2.78 10.70 9.70
C GLN A 9 -3.14 10.63 8.21
N THR A 10 -2.15 10.46 7.33
CA THR A 10 -2.30 10.16 5.91
C THR A 10 -1.07 9.36 5.47
N SER A 11 -1.25 8.56 4.42
CA SER A 11 -0.30 7.56 3.96
C SER A 11 1.08 8.15 3.63
N PRO A 12 2.18 7.48 4.01
CA PRO A 12 3.56 7.87 3.65
C PRO A 12 3.92 7.41 2.23
N LYS A 13 3.02 7.60 1.25
CA LYS A 13 3.11 7.02 -0.10
C LYS A 13 4.44 7.35 -0.78
N ALA A 14 4.89 8.60 -0.70
CA ALA A 14 6.16 9.03 -1.29
C ALA A 14 7.35 8.32 -0.66
N GLN A 15 7.32 8.17 0.67
CA GLN A 15 8.44 7.60 1.42
C GLN A 15 8.51 6.10 1.17
N VAL A 16 7.35 5.42 1.11
CA VAL A 16 7.28 4.01 0.71
C VAL A 16 7.83 3.88 -0.72
N GLN A 17 7.43 4.76 -1.64
CA GLN A 17 7.86 4.72 -3.03
C GLN A 17 9.38 4.87 -3.11
N ALA A 18 9.94 5.93 -2.52
CA ALA A 18 11.35 6.26 -2.63
C ALA A 18 12.22 5.17 -1.99
N ALA A 19 11.83 4.64 -0.83
CA ALA A 19 12.61 3.61 -0.17
C ALA A 19 12.54 2.30 -0.95
N PHE A 20 11.39 1.94 -1.51
CA PHE A 20 11.33 0.76 -2.39
C PHE A 20 12.09 1.00 -3.69
N GLU A 21 12.17 2.22 -4.19
CA GLU A 21 12.99 2.55 -5.35
C GLU A 21 14.47 2.45 -5.02
N GLU A 22 14.85 2.70 -3.76
CA GLU A 22 16.22 2.53 -3.30
C GLU A 22 16.54 1.03 -3.27
N ILE A 23 15.66 0.24 -2.67
CA ILE A 23 15.80 -1.22 -2.58
C ILE A 23 15.88 -1.80 -4.00
N ALA A 24 15.04 -1.33 -4.93
CA ALA A 24 15.04 -1.77 -6.32
C ALA A 24 16.34 -1.42 -7.07
N ARG A 25 17.08 -0.40 -6.62
CA ARG A 25 18.41 -0.08 -7.14
C ARG A 25 19.43 -1.02 -6.48
N ARG A 26 19.31 -1.17 -5.17
CA ARG A 26 20.23 -1.92 -4.33
C ARG A 26 20.14 -3.43 -4.55
N SER A 27 19.24 -3.92 -5.41
CA SER A 27 19.23 -5.31 -5.84
C SER A 27 20.56 -5.66 -6.54
N MET A 28 21.22 -4.68 -7.18
CA MET A 28 22.51 -4.84 -7.86
C MET A 28 23.64 -4.34 -6.94
N HIS A 29 23.64 -4.75 -5.67
CA HIS A 29 24.53 -4.18 -4.64
C HIS A 29 26.02 -4.44 -4.88
N ASP A 30 26.35 -5.37 -5.79
CA ASP A 30 27.75 -5.66 -6.16
C ASP A 30 28.46 -4.40 -6.71
N LEU A 31 27.71 -3.45 -7.27
CA LEU A 31 28.26 -2.23 -7.85
C LEU A 31 27.35 -0.99 -7.70
N SER A 32 26.03 -1.16 -7.55
CA SER A 32 25.04 -0.09 -7.38
C SER A 32 25.00 1.01 -8.46
N PHE A 33 25.74 0.87 -9.57
CA PHE A 33 25.67 1.77 -10.72
C PHE A 33 24.44 1.47 -11.57
N LEU A 34 24.00 0.20 -11.59
CA LEU A 34 22.75 -0.21 -12.22
C LEU A 34 21.59 0.36 -11.41
N HIS A 35 20.46 0.58 -12.09
CA HIS A 35 19.30 1.32 -11.58
C HIS A 35 18.01 0.59 -11.97
N PRO A 36 16.84 0.94 -11.38
CA PRO A 36 15.61 0.17 -11.52
C PRO A 36 15.15 -0.04 -12.97
N SER A 37 15.37 0.94 -13.86
CA SER A 37 15.00 0.91 -15.29
C SER A 37 13.48 0.78 -15.55
N MET A 38 12.67 0.81 -14.49
CA MET A 38 11.22 0.90 -14.49
C MET A 38 10.89 1.54 -13.14
N PRO A 39 10.24 2.70 -13.11
CA PRO A 39 9.91 3.39 -11.87
C PRO A 39 9.14 2.51 -10.89
N VAL A 40 9.50 2.60 -9.61
CA VAL A 40 8.72 2.02 -8.53
C VAL A 40 7.51 2.94 -8.33
N TYR A 41 6.32 2.39 -8.10
CA TYR A 41 5.08 3.15 -7.97
C TYR A 41 4.23 2.56 -6.85
N VAL A 42 3.38 3.37 -6.22
CA VAL A 42 2.57 2.98 -5.07
C VAL A 42 1.15 3.53 -5.23
N SER A 43 0.14 2.67 -5.28
CA SER A 43 -1.27 3.08 -5.19
C SER A 43 -1.61 3.25 -3.71
N ASP A 44 -2.44 4.24 -3.35
CA ASP A 44 -2.95 4.47 -2.00
C ASP A 44 -4.48 4.55 -2.05
N PHE A 45 -5.14 3.87 -1.11
CA PHE A 45 -6.59 3.68 -1.15
C PHE A 45 -7.14 3.07 0.15
N THR A 46 -8.38 3.41 0.49
CA THR A 46 -9.24 2.82 1.51
C THR A 46 -8.66 2.75 2.95
N LEU A 47 -9.53 2.50 3.94
CA LEU A 47 -9.16 2.24 5.33
C LEU A 47 -9.60 0.82 5.68
N PHE A 48 -8.97 -0.20 5.06
CA PHE A 48 -9.34 -1.58 5.32
C PHE A 48 -8.81 -2.01 6.70
N GLU A 49 -9.63 -2.70 7.48
CA GLU A 49 -9.33 -3.05 8.88
C GLU A 49 -9.04 -1.78 9.72
N GLY A 50 -9.53 -0.61 9.28
CA GLY A 50 -9.27 0.69 9.90
C GLY A 50 -7.87 1.23 9.61
N GLN A 51 -7.13 0.65 8.66
CA GLN A 51 -5.73 0.94 8.36
C GLN A 51 -5.65 1.38 6.88
N TRP A 52 -4.78 2.34 6.55
CA TRP A 52 -4.65 2.82 5.17
C TRP A 52 -4.22 1.66 4.29
N THR A 53 -4.85 1.46 3.13
CA THR A 53 -4.47 0.38 2.23
C THR A 53 -3.58 0.95 1.11
N GLY A 54 -2.78 0.10 0.49
CA GLY A 54 -1.88 0.48 -0.57
C GLY A 54 -1.39 -0.75 -1.30
N CYS A 55 -0.76 -0.55 -2.44
CA CYS A 55 -0.02 -1.57 -3.17
C CYS A 55 1.22 -0.87 -3.72
N VAL A 56 2.33 -1.59 -3.90
CA VAL A 56 3.55 -1.07 -4.50
C VAL A 56 3.97 -2.06 -5.57
N ILE A 57 4.44 -1.54 -6.71
CA ILE A 57 5.10 -2.32 -7.74
C ILE A 57 6.53 -1.82 -7.84
N THR A 58 7.43 -2.74 -8.16
CA THR A 58 8.80 -2.46 -8.46
C THR A 58 9.18 -3.34 -9.67
N PRO A 59 10.38 -3.17 -10.27
CA PRO A 59 10.85 -4.15 -11.24
C PRO A 59 11.06 -5.52 -10.59
N TRP A 60 11.25 -5.59 -9.26
CA TRP A 60 11.58 -6.83 -8.57
C TRP A 60 10.35 -7.57 -7.99
N MET A 61 9.24 -6.88 -7.66
CA MET A 61 8.09 -7.47 -6.99
C MET A 61 6.82 -6.60 -7.07
N LEU A 62 5.69 -7.12 -6.60
CA LEU A 62 4.46 -6.37 -6.37
C LEU A 62 3.97 -6.85 -5.00
N SER A 63 3.68 -5.94 -4.09
CA SER A 63 3.15 -6.28 -2.79
C SER A 63 2.04 -5.34 -2.38
N ALA A 64 1.03 -5.89 -1.72
CA ALA A 64 0.03 -5.10 -1.03
C ALA A 64 0.74 -4.54 0.20
N VAL A 65 0.41 -3.31 0.60
CA VAL A 65 1.00 -2.68 1.78
C VAL A 65 -0.13 -2.01 2.57
N ILE A 66 0.04 -1.90 3.88
CA ILE A 66 -0.91 -1.30 4.79
C ILE A 66 -0.11 -0.42 5.74
N PHE A 67 -0.63 0.76 6.07
CA PHE A 67 -0.02 1.70 7.00
C PHE A 67 -0.97 1.84 8.19
N PRO A 68 -0.49 1.90 9.45
CA PRO A 68 -1.37 2.10 10.60
C PRO A 68 -2.21 3.35 10.38
N GLY A 69 -3.52 3.24 10.58
CA GLY A 69 -4.50 4.25 10.22
C GLY A 69 -4.46 5.52 11.07
N PRO A 70 -5.35 6.49 10.78
CA PRO A 70 -5.38 7.77 11.46
C PRO A 70 -5.97 7.64 12.87
N ASP A 71 -5.64 8.62 13.72
CA ASP A 71 -6.23 8.85 15.05
C ASP A 71 -6.36 7.58 15.90
N GLN A 72 -5.31 6.77 15.93
CA GLN A 72 -5.24 5.54 16.71
C GLN A 72 -3.80 5.29 17.11
N LEU A 73 -3.61 4.68 18.28
CA LEU A 73 -2.31 4.37 18.83
C LEU A 73 -2.11 2.88 18.64
N TRP A 74 -1.25 2.54 17.69
CA TRP A 74 -0.78 1.17 17.52
C TRP A 74 0.17 0.82 18.67
N PRO A 75 0.37 -0.46 18.99
CA PRO A 75 1.43 -0.87 19.90
C PRO A 75 2.78 -0.74 19.20
N LEU A 76 3.88 -0.81 19.95
CA LEU A 76 5.24 -0.92 19.39
C LEU A 76 5.35 -2.32 18.75
N ARG A 77 4.87 -2.46 17.52
CA ARG A 77 4.78 -3.75 16.82
C ARG A 77 6.18 -4.14 16.35
N LYS A 78 6.56 -5.41 16.45
CA LYS A 78 7.86 -5.89 15.96
C LYS A 78 7.68 -6.33 14.52
N VAL A 79 8.71 -6.03 13.75
CA VAL A 79 8.92 -6.40 12.37
C VAL A 79 9.18 -7.91 12.29
N SER A 80 8.90 -8.44 11.11
CA SER A 80 9.00 -9.83 10.70
C SER A 80 7.94 -10.76 11.35
N GLU A 81 7.04 -10.21 12.18
CA GLU A 81 5.87 -10.92 12.68
C GLU A 81 4.78 -10.84 11.60
N LYS A 82 3.81 -11.76 11.64
CA LYS A 82 2.67 -11.76 10.71
C LYS A 82 1.40 -11.40 11.46
N ILE A 83 0.53 -10.64 10.79
CA ILE A 83 -0.78 -10.22 11.26
C ILE A 83 -1.79 -10.77 10.25
N GLY A 84 -2.70 -11.64 10.67
CA GLY A 84 -3.78 -12.13 9.82
C GLY A 84 -4.80 -11.01 9.67
N LEU A 85 -5.11 -10.61 8.43
CA LEU A 85 -6.09 -9.58 8.11
C LEU A 85 -7.10 -10.17 7.14
N GLN A 86 -8.33 -9.65 7.17
CA GLN A 86 -9.44 -10.13 6.38
C GLN A 86 -9.76 -9.11 5.29
N LEU A 87 -9.84 -9.55 4.04
CA LEU A 87 -10.23 -8.74 2.88
C LEU A 87 -11.18 -9.56 2.01
N PRO A 88 -11.86 -8.96 1.00
CA PRO A 88 -12.67 -9.72 0.05
C PRO A 88 -11.88 -10.80 -0.73
N TYR A 89 -10.55 -10.64 -0.85
CA TYR A 89 -9.67 -11.67 -1.39
C TYR A 89 -9.79 -12.99 -0.61
N GLY A 90 -9.94 -12.88 0.71
CA GLY A 90 -9.86 -13.97 1.68
C GLY A 90 -9.04 -13.50 2.86
N THR A 91 -8.65 -14.44 3.73
CA THR A 91 -7.72 -14.18 4.81
C THR A 91 -6.31 -14.19 4.23
N MET A 92 -5.47 -13.23 4.59
CA MET A 92 -4.03 -13.26 4.27
C MET A 92 -3.23 -12.67 5.42
N THR A 93 -2.01 -13.14 5.63
CA THR A 93 -1.11 -12.57 6.61
C THR A 93 -0.29 -11.47 5.95
N PHE A 94 -0.27 -10.29 6.57
CA PHE A 94 0.64 -9.21 6.23
C PHE A 94 1.79 -9.36 7.21
N THR A 95 3.02 -9.39 6.71
CA THR A 95 4.20 -9.34 7.56
C THR A 95 4.38 -7.88 7.97
N VAL A 96 4.73 -7.63 9.23
CA VAL A 96 5.13 -6.30 9.68
C VAL A 96 6.53 -6.07 9.08
N GLY A 97 6.70 -5.01 8.30
CA GLY A 97 7.98 -4.63 7.73
C GLY A 97 8.56 -3.45 8.49
N GLU A 98 9.85 -3.19 8.25
CA GLU A 98 10.56 -1.99 8.69
C GLU A 98 11.09 -1.35 7.40
N LEU A 99 10.82 -0.05 7.16
CA LEU A 99 11.23 0.63 5.93
C LEU A 99 11.67 2.06 6.25
N ASP A 100 12.70 2.56 5.56
CA ASP A 100 13.29 3.87 5.83
C ASP A 100 12.25 4.98 5.65
N GLY A 101 12.21 5.92 6.60
CA GLY A 101 11.25 7.03 6.61
C GLY A 101 9.83 6.61 7.03
N VAL A 102 9.60 5.33 7.30
CA VAL A 102 8.27 4.77 7.58
C VAL A 102 8.29 4.01 8.91
N SER A 103 9.43 3.41 9.28
CA SER A 103 9.54 2.49 10.39
C SER A 103 8.51 1.36 10.22
N GLN A 104 7.61 1.13 11.18
CA GLN A 104 6.76 -0.05 11.19
C GLN A 104 5.55 0.18 10.27
N TYR A 105 5.29 -0.78 9.39
CA TYR A 105 4.16 -0.82 8.46
C TYR A 105 3.94 -2.29 8.10
N LEU A 106 2.95 -2.60 7.28
CA LEU A 106 2.56 -3.97 6.94
C LEU A 106 2.73 -4.19 5.44
N SER A 107 3.17 -5.37 5.02
CA SER A 107 3.38 -5.75 3.62
C SER A 107 2.91 -7.19 3.38
N CYS A 108 2.43 -7.51 2.18
CA CYS A 108 2.12 -8.87 1.75
C CYS A 108 2.56 -8.98 0.30
N SER A 109 3.61 -9.73 0.02
CA SER A 109 4.07 -9.99 -1.35
C SER A 109 3.10 -10.95 -2.02
N LEU A 110 2.73 -10.67 -3.28
CA LEU A 110 1.63 -11.38 -3.96
C LEU A 110 2.13 -12.05 -5.23
N MET A 111 2.87 -11.32 -6.08
CA MET A 111 3.48 -11.86 -7.30
C MET A 111 4.63 -10.91 -7.70
N SER A 112 5.48 -11.35 -8.63
CA SER A 112 6.64 -10.59 -9.09
C SER A 112 6.58 -10.40 -10.61
N PRO A 113 5.59 -9.63 -11.13
CA PRO A 113 5.45 -9.39 -12.56
C PRO A 113 6.62 -8.55 -13.08
N LEU A 114 7.15 -8.92 -14.25
CA LEU A 114 8.11 -8.15 -15.02
C LEU A 114 7.89 -8.52 -16.49
N SER A 115 6.70 -8.19 -17.00
CA SER A 115 6.27 -8.60 -18.32
C SER A 115 7.15 -7.95 -19.40
N HIS A 116 7.34 -8.64 -20.53
CA HIS A 116 8.15 -8.13 -21.63
C HIS A 116 7.51 -6.83 -22.15
N SER A 117 8.35 -5.81 -22.38
CA SER A 117 7.95 -4.49 -22.86
C SER A 117 6.85 -3.83 -22.01
N MET A 118 6.81 -4.10 -20.70
CA MET A 118 5.88 -3.40 -19.80
C MET A 118 6.26 -1.91 -19.71
N SER A 119 5.30 -1.09 -19.29
CA SER A 119 5.40 0.37 -19.25
C SER A 119 5.20 0.86 -17.82
N ILE A 120 5.48 2.15 -17.58
CA ILE A 120 5.12 2.81 -16.33
C ILE A 120 3.60 2.85 -16.18
N GLU A 121 2.85 2.81 -17.30
CA GLU A 121 1.40 2.78 -17.29
C GLU A 121 0.93 1.42 -16.73
N GLU A 122 1.55 0.31 -17.14
CA GLU A 122 1.34 -1.00 -16.51
C GLU A 122 1.82 -0.99 -15.07
N GLY A 123 2.84 -0.20 -14.73
CA GLY A 123 3.22 0.04 -13.35
C GLY A 123 2.04 0.54 -12.55
N GLN A 124 1.48 1.69 -12.92
CA GLN A 124 0.36 2.30 -12.22
C GLN A 124 -0.86 1.37 -12.26
N ARG A 125 -1.23 0.90 -13.46
CA ARG A 125 -2.44 0.12 -13.69
C ARG A 125 -2.39 -1.22 -12.95
N LEU A 126 -1.23 -1.82 -12.72
CA LEU A 126 -1.16 -3.14 -12.08
C LEU A 126 -1.07 -2.97 -10.57
N THR A 127 -0.57 -1.84 -10.10
CA THR A 127 -0.65 -1.52 -8.68
C THR A 127 -2.12 -1.21 -8.32
N ASP A 128 -2.84 -0.50 -9.19
CA ASP A 128 -4.26 -0.21 -9.02
C ASP A 128 -5.12 -1.46 -9.20
N ASP A 129 -4.80 -2.29 -10.20
CA ASP A 129 -5.47 -3.58 -10.35
C ASP A 129 -5.13 -4.49 -9.16
N CYS A 130 -3.95 -4.35 -8.56
CA CYS A 130 -3.61 -5.14 -7.38
C CYS A 130 -4.52 -4.71 -6.21
N ALA A 131 -4.70 -3.41 -6.02
CA ALA A 131 -5.61 -2.83 -5.04
C ALA A 131 -7.03 -3.40 -5.26
N ARG A 132 -7.52 -3.33 -6.51
CA ARG A 132 -8.84 -3.86 -6.86
C ARG A 132 -8.93 -5.34 -6.54
N MET A 133 -8.01 -6.14 -7.05
CA MET A 133 -7.93 -7.59 -6.87
C MET A 133 -8.11 -8.00 -5.41
N ILE A 134 -7.51 -7.28 -4.44
CA ILE A 134 -7.59 -7.68 -3.03
C ILE A 134 -8.84 -7.15 -2.32
N LEU A 135 -9.57 -6.18 -2.89
CA LEU A 135 -10.83 -5.67 -2.40
C LEU A 135 -11.73 -5.36 -3.59
N SER A 136 -12.27 -6.42 -4.17
CA SER A 136 -13.13 -6.51 -5.37
C SER A 136 -14.50 -5.86 -5.16
N LEU A 137 -14.45 -4.59 -4.79
CA LEU A 137 -15.50 -3.66 -4.42
C LEU A 137 -15.12 -2.29 -5.00
N PRO A 138 -16.02 -1.30 -4.98
CA PRO A 138 -15.67 0.07 -5.31
C PRO A 138 -14.57 0.55 -4.36
N VAL A 139 -13.44 1.01 -4.92
CA VAL A 139 -12.29 1.44 -4.14
C VAL A 139 -12.58 2.84 -3.56
N THR A 140 -12.03 3.15 -2.38
CA THR A 140 -12.26 4.40 -1.69
C THR A 140 -11.01 5.29 -1.89
N ASN A 141 -11.19 6.43 -2.55
CA ASN A 141 -10.19 7.48 -2.67
C ASN A 141 -10.91 8.84 -2.61
N PRO A 142 -10.96 9.50 -1.43
CA PRO A 142 -11.44 10.87 -1.32
C PRO A 142 -10.35 11.84 -1.77
N ASP A 143 -10.65 13.14 -1.75
CA ASP A 143 -9.67 14.21 -1.93
C ASP A 143 -8.85 14.30 -0.63
N VAL A 144 -7.84 13.44 -0.52
CA VAL A 144 -7.10 13.24 0.72
C VAL A 144 -6.31 14.52 1.10
N PRO A 145 -6.15 14.80 2.41
CA PRO A 145 -5.25 15.82 2.92
C PRO A 145 -3.80 15.61 2.45
N HIS A 146 -2.93 16.60 2.70
CA HIS A 146 -1.51 16.52 2.37
C HIS A 146 -0.85 15.37 3.13
N ALA A 147 0.21 14.80 2.55
CA ALA A 147 0.98 13.70 3.10
C ALA A 147 2.16 14.25 3.91
N GLY A 148 3.36 13.65 3.81
CA GLY A 148 4.56 14.10 4.52
C GLY A 148 4.53 13.76 6.01
N ARG A 149 3.79 12.71 6.38
CA ARG A 149 3.63 12.28 7.77
C ARG A 149 4.78 11.37 8.18
N ARG A 150 4.96 11.17 9.49
CA ARG A 150 5.96 10.24 10.04
C ARG A 150 5.36 9.58 11.27
N ALA A 151 5.34 8.24 11.28
CA ALA A 151 5.02 7.46 12.47
C ALA A 151 6.37 7.16 13.12
N LEU A 152 6.49 7.30 14.45
CA LEU A 152 7.72 7.08 15.19
C LEU A 152 7.43 6.89 16.69
N LEU A 153 8.45 6.45 17.43
CA LEU A 153 8.46 6.40 18.89
C LEU A 153 9.85 6.88 19.32
N PHE A 154 9.91 7.88 20.22
CA PHE A 154 11.16 8.39 20.77
C PHE A 154 11.51 7.64 22.07
N GLY A 155 12.79 7.61 22.43
CA GLY A 155 13.29 7.01 23.65
C GLY A 155 14.77 7.31 23.82
N ARG A 156 15.27 7.18 25.06
CA ARG A 156 16.67 7.41 25.43
C ARG A 156 17.10 6.29 26.37
N ARG A 157 18.36 5.86 26.29
CA ARG A 157 18.89 4.80 27.16
C ARG A 157 19.20 5.36 28.55
N SER A 158 19.67 6.60 28.63
CA SER A 158 20.11 7.20 29.88
C SER A 158 18.91 7.47 30.80
N GLY A 159 19.11 7.30 32.11
CA GLY A 159 18.14 7.71 33.13
C GLY A 159 18.14 9.23 33.26
N GLU A 160 17.01 9.79 33.72
CA GLU A 160 16.83 11.22 33.96
C GLU A 160 15.81 11.38 35.10
N ASN A 161 15.92 12.45 35.88
CA ASN A 161 14.99 12.73 36.98
C ASN A 161 13.60 13.07 36.42
N ALA A 162 12.55 12.56 37.05
CA ALA A 162 11.15 12.84 36.76
C ALA A 162 10.38 12.84 38.08
N MET A 1 5.20 7.34 23.00
CA MET A 1 6.06 6.24 23.56
C MET A 1 6.69 5.43 22.42
N THR A 2 7.82 4.76 22.68
CA THR A 2 8.56 4.00 21.67
C THR A 2 7.83 2.72 21.25
N GLU A 3 6.98 2.16 22.12
CA GLU A 3 6.26 0.91 21.89
C GLU A 3 4.98 1.15 21.05
N GLU A 4 5.02 2.08 20.10
CA GLU A 4 3.90 2.53 19.29
C GLU A 4 4.38 2.76 17.84
N ILE A 5 3.44 2.78 16.91
CA ILE A 5 3.61 3.14 15.50
C ILE A 5 2.68 4.36 15.30
N ALA A 6 3.17 5.38 14.59
CA ALA A 6 2.38 6.58 14.33
C ALA A 6 1.17 6.24 13.45
N GLY A 7 0.06 6.95 13.66
CA GLY A 7 -1.09 6.89 12.78
C GLY A 7 -0.81 7.70 11.51
N PHE A 8 -1.14 7.17 10.34
CA PHE A 8 -0.92 7.80 9.07
C PHE A 8 -2.20 8.51 8.64
N GLN A 9 -2.08 9.72 8.09
CA GLN A 9 -3.22 10.50 7.63
C GLN A 9 -3.78 9.88 6.34
N THR A 10 -2.89 9.37 5.49
CA THR A 10 -3.12 8.54 4.31
C THR A 10 -1.80 7.79 4.06
N SER A 11 -1.81 6.79 3.17
CA SER A 11 -0.66 5.97 2.84
C SER A 11 0.56 6.85 2.46
N PRO A 12 1.75 6.61 3.04
CA PRO A 12 2.96 7.40 2.84
C PRO A 12 3.63 7.07 1.50
N LYS A 13 2.95 7.35 0.37
CA LYS A 13 3.38 6.92 -0.97
C LYS A 13 4.80 7.34 -1.26
N ALA A 14 5.13 8.63 -1.06
CA ALA A 14 6.41 9.16 -1.50
C ALA A 14 7.56 8.52 -0.71
N GLN A 15 7.35 8.33 0.59
CA GLN A 15 8.33 7.73 1.49
C GLN A 15 8.55 6.26 1.12
N VAL A 16 7.47 5.51 0.90
CA VAL A 16 7.56 4.10 0.49
C VAL A 16 8.23 4.02 -0.88
N GLN A 17 7.89 4.94 -1.79
CA GLN A 17 8.44 4.98 -3.15
C GLN A 17 9.95 5.20 -3.08
N ALA A 18 10.41 6.25 -2.39
CA ALA A 18 11.83 6.60 -2.32
C ALA A 18 12.63 5.47 -1.67
N ALA A 19 12.09 4.86 -0.60
CA ALA A 19 12.74 3.74 0.05
C ALA A 19 12.89 2.58 -0.93
N PHE A 20 11.81 2.21 -1.61
CA PHE A 20 11.86 1.09 -2.54
C PHE A 20 12.65 1.42 -3.80
N GLU A 21 12.78 2.67 -4.20
CA GLU A 21 13.63 3.09 -5.30
C GLU A 21 15.11 2.85 -4.93
N GLU A 22 15.48 3.01 -3.66
CA GLU A 22 16.84 2.74 -3.20
C GLU A 22 17.05 1.23 -3.14
N ILE A 23 16.09 0.50 -2.55
CA ILE A 23 16.17 -0.95 -2.40
C ILE A 23 16.23 -1.58 -3.81
N ALA A 24 15.45 -1.08 -4.78
CA ALA A 24 15.44 -1.59 -6.15
C ALA A 24 16.78 -1.36 -6.86
N ARG A 25 17.54 -0.32 -6.49
CA ARG A 25 18.90 -0.12 -7.01
C ARG A 25 19.80 -1.20 -6.39
N ARG A 26 19.63 -1.40 -5.09
CA ARG A 26 20.43 -2.33 -4.30
C ARG A 26 20.12 -3.79 -4.60
N SER A 27 19.09 -4.09 -5.40
CA SER A 27 18.82 -5.42 -5.96
C SER A 27 19.86 -5.82 -7.03
N MET A 28 20.85 -4.96 -7.31
CA MET A 28 22.01 -5.24 -8.17
C MET A 28 21.63 -5.52 -9.64
N HIS A 29 20.48 -5.02 -10.08
CA HIS A 29 20.03 -4.98 -11.46
C HIS A 29 19.24 -3.67 -11.65
N ASP A 30 19.33 -3.08 -12.84
CA ASP A 30 18.81 -1.72 -13.12
C ASP A 30 19.33 -0.71 -12.08
N LEU A 31 20.60 -0.89 -11.70
CA LEU A 31 21.30 -0.13 -10.65
C LEU A 31 21.97 1.14 -11.19
N SER A 32 21.83 1.40 -12.49
CA SER A 32 22.53 2.44 -13.23
C SER A 32 22.19 3.85 -12.74
N PHE A 33 23.04 4.83 -13.08
CA PHE A 33 22.84 6.25 -12.75
C PHE A 33 21.73 6.89 -13.60
N LEU A 34 21.41 6.28 -14.76
CA LEU A 34 20.29 6.69 -15.61
C LEU A 34 18.96 6.40 -14.90
N HIS A 35 17.87 6.95 -15.44
CA HIS A 35 16.53 6.68 -14.92
C HIS A 35 16.21 5.18 -15.03
N PRO A 36 15.44 4.61 -14.09
CA PRO A 36 15.13 3.19 -14.09
C PRO A 36 14.26 2.81 -15.29
N SER A 37 14.33 1.54 -15.71
CA SER A 37 13.59 1.03 -16.86
C SER A 37 12.07 1.05 -16.63
N MET A 38 11.63 0.94 -15.37
CA MET A 38 10.24 1.09 -14.97
C MET A 38 10.27 1.67 -13.54
N PRO A 39 9.99 2.97 -13.36
CA PRO A 39 9.97 3.63 -12.07
C PRO A 39 9.20 2.87 -10.98
N VAL A 40 9.82 2.80 -9.80
CA VAL A 40 9.16 2.34 -8.59
C VAL A 40 8.00 3.31 -8.31
N TYR A 41 6.83 2.82 -7.93
CA TYR A 41 5.63 3.63 -7.73
C TYR A 41 4.76 2.99 -6.65
N VAL A 42 3.86 3.77 -6.03
CA VAL A 42 2.95 3.32 -5.00
C VAL A 42 1.58 3.93 -5.30
N SER A 43 0.51 3.16 -5.10
CA SER A 43 -0.88 3.63 -5.12
C SER A 43 -1.44 3.57 -3.69
N ASP A 44 -2.42 4.42 -3.36
CA ASP A 44 -3.04 4.58 -2.05
C ASP A 44 -4.54 4.31 -2.11
N PHE A 45 -5.11 3.70 -1.07
CA PHE A 45 -6.48 3.21 -1.03
C PHE A 45 -7.09 3.34 0.38
N THR A 46 -8.38 3.04 0.45
CA THR A 46 -9.28 3.29 1.59
C THR A 46 -8.78 2.74 2.94
N LEU A 47 -9.35 3.31 4.00
CA LEU A 47 -9.23 2.84 5.38
C LEU A 47 -10.13 1.61 5.42
N PHE A 48 -9.52 0.42 5.45
CA PHE A 48 -10.25 -0.83 5.25
C PHE A 48 -11.08 -1.25 6.45
N GLU A 49 -10.43 -1.34 7.62
CA GLU A 49 -11.00 -1.76 8.88
C GLU A 49 -10.54 -0.81 10.00
N GLY A 50 -9.25 -0.47 9.98
CA GLY A 50 -8.57 0.47 10.86
C GLY A 50 -7.27 0.97 10.19
N GLN A 51 -6.94 0.52 8.98
CA GLN A 51 -5.66 0.75 8.32
C GLN A 51 -5.91 1.09 6.85
N TRP A 52 -5.22 2.12 6.34
CA TRP A 52 -5.20 2.45 4.91
C TRP A 52 -4.61 1.29 4.11
N THR A 53 -5.00 1.16 2.85
CA THR A 53 -4.43 0.21 1.90
C THR A 53 -3.51 0.94 0.92
N GLY A 54 -2.65 0.20 0.23
CA GLY A 54 -1.83 0.69 -0.85
C GLY A 54 -1.25 -0.50 -1.61
N CYS A 55 -0.62 -0.25 -2.75
CA CYS A 55 0.18 -1.25 -3.47
C CYS A 55 1.41 -0.56 -4.00
N VAL A 56 2.59 -1.13 -3.79
CA VAL A 56 3.85 -0.67 -4.36
C VAL A 56 4.23 -1.61 -5.50
N ILE A 57 4.90 -1.08 -6.51
CA ILE A 57 5.53 -1.84 -7.57
C ILE A 57 6.95 -1.36 -7.71
N THR A 58 7.84 -2.24 -8.12
CA THR A 58 9.22 -1.95 -8.47
C THR A 58 9.57 -2.78 -9.71
N PRO A 59 10.76 -2.65 -10.31
CA PRO A 59 11.18 -3.60 -11.34
C PRO A 59 11.32 -5.02 -10.75
N TRP A 60 11.45 -5.16 -9.42
CA TRP A 60 11.76 -6.43 -8.77
C TRP A 60 10.55 -7.11 -8.11
N MET A 61 9.49 -6.38 -7.71
CA MET A 61 8.34 -6.94 -6.98
C MET A 61 7.08 -6.07 -7.13
N LEU A 62 5.95 -6.60 -6.66
CA LEU A 62 4.70 -5.88 -6.48
C LEU A 62 4.18 -6.38 -5.15
N SER A 63 3.89 -5.47 -4.22
CA SER A 63 3.45 -5.84 -2.88
C SER A 63 2.32 -4.93 -2.43
N ALA A 64 1.28 -5.56 -1.88
CA ALA A 64 0.23 -4.84 -1.19
C ALA A 64 0.83 -4.31 0.12
N VAL A 65 0.42 -3.13 0.56
CA VAL A 65 0.96 -2.46 1.75
C VAL A 65 -0.20 -1.83 2.52
N ILE A 66 -0.09 -1.74 3.84
CA ILE A 66 -1.16 -1.35 4.74
C ILE A 66 -0.54 -0.52 5.86
N PHE A 67 -1.23 0.54 6.31
CA PHE A 67 -0.69 1.55 7.23
C PHE A 67 -1.69 1.85 8.34
N PRO A 68 -1.27 2.00 9.61
CA PRO A 68 -2.12 2.42 10.72
C PRO A 68 -2.96 3.66 10.38
N GLY A 69 -4.22 3.67 10.80
CA GLY A 69 -5.20 4.71 10.47
C GLY A 69 -4.88 6.07 11.12
N PRO A 70 -5.68 7.10 10.79
CA PRO A 70 -5.44 8.45 11.24
C PRO A 70 -5.68 8.56 12.74
N ASP A 71 -4.83 9.33 13.44
CA ASP A 71 -4.94 9.65 14.86
C ASP A 71 -5.13 8.42 15.76
N GLN A 72 -4.50 7.30 15.37
CA GLN A 72 -4.58 6.02 16.07
C GLN A 72 -3.16 5.49 16.22
N LEU A 73 -2.81 5.05 17.43
CA LEU A 73 -1.46 4.61 17.75
C LEU A 73 -1.51 3.09 17.82
N TRP A 74 -1.08 2.45 16.73
CA TRP A 74 -0.86 1.01 16.72
C TRP A 74 0.25 0.68 17.73
N PRO A 75 0.24 -0.45 18.44
CA PRO A 75 1.37 -0.87 19.26
C PRO A 75 2.52 -1.31 18.35
N LEU A 76 3.77 -1.10 18.79
CA LEU A 76 4.97 -1.57 18.08
C LEU A 76 4.93 -3.11 18.03
N ARG A 77 5.32 -3.72 16.91
CA ARG A 77 5.43 -5.18 16.78
C ARG A 77 6.88 -5.55 16.45
N LYS A 78 7.25 -6.80 16.72
CA LYS A 78 8.52 -7.34 16.25
C LYS A 78 8.31 -7.60 14.76
N VAL A 79 9.34 -7.31 13.98
CA VAL A 79 9.29 -7.26 12.53
C VAL A 79 9.38 -8.70 11.99
N SER A 80 8.93 -8.90 10.74
CA SER A 80 8.90 -10.19 10.06
C SER A 80 7.97 -11.22 10.76
N GLU A 81 6.99 -10.73 11.52
CA GLU A 81 5.88 -11.49 12.08
C GLU A 81 4.66 -11.24 11.20
N LYS A 82 3.70 -12.16 11.17
CA LYS A 82 2.52 -12.04 10.31
C LYS A 82 1.27 -11.83 11.15
N ILE A 83 0.38 -10.97 10.64
CA ILE A 83 -0.92 -10.64 11.20
C ILE A 83 -1.94 -11.20 10.21
N GLY A 84 -2.91 -11.98 10.67
CA GLY A 84 -3.99 -12.44 9.80
C GLY A 84 -4.97 -11.30 9.58
N LEU A 85 -5.16 -10.87 8.33
CA LEU A 85 -6.16 -9.90 7.94
C LEU A 85 -7.26 -10.62 7.18
N GLN A 86 -8.51 -10.20 7.37
CA GLN A 86 -9.66 -10.77 6.69
C GLN A 86 -10.09 -9.76 5.62
N LEU A 87 -10.19 -10.20 4.37
CA LEU A 87 -10.69 -9.43 3.24
C LEU A 87 -11.65 -10.33 2.45
N PRO A 88 -12.59 -9.81 1.64
CA PRO A 88 -13.51 -10.67 0.90
C PRO A 88 -12.80 -11.49 -0.19
N TYR A 89 -11.63 -11.04 -0.64
CA TYR A 89 -10.73 -11.80 -1.50
C TYR A 89 -10.38 -13.16 -0.88
N GLY A 90 -10.24 -13.19 0.45
CA GLY A 90 -9.78 -14.30 1.24
C GLY A 90 -9.00 -13.75 2.43
N THR A 91 -8.89 -14.53 3.51
CA THR A 91 -8.03 -14.19 4.63
C THR A 91 -6.58 -14.27 4.14
N MET A 92 -5.76 -13.27 4.46
CA MET A 92 -4.42 -13.09 3.93
C MET A 92 -3.56 -12.58 5.08
N THR A 93 -2.41 -13.22 5.34
CA THR A 93 -1.48 -12.72 6.32
C THR A 93 -0.69 -11.56 5.71
N PHE A 94 -0.57 -10.47 6.46
CA PHE A 94 0.31 -9.36 6.14
C PHE A 94 1.45 -9.41 7.14
N THR A 95 2.67 -9.33 6.64
CA THR A 95 3.88 -9.32 7.45
C THR A 95 4.09 -7.89 7.97
N VAL A 96 4.57 -7.74 9.21
CA VAL A 96 5.02 -6.47 9.74
C VAL A 96 6.40 -6.24 9.12
N GLY A 97 6.54 -5.16 8.35
CA GLY A 97 7.83 -4.72 7.84
C GLY A 97 8.25 -3.48 8.64
N GLU A 98 9.53 -3.15 8.59
CA GLU A 98 10.06 -1.91 9.12
C GLU A 98 10.89 -1.32 7.98
N LEU A 99 10.27 -0.44 7.18
CA LEU A 99 10.85 0.03 5.93
C LEU A 99 11.88 1.11 6.23
N ASP A 100 13.10 0.94 5.70
CA ASP A 100 14.21 1.85 5.96
C ASP A 100 13.86 3.27 5.50
N GLY A 101 14.15 4.26 6.36
CA GLY A 101 13.84 5.66 6.10
C GLY A 101 12.35 5.99 6.27
N VAL A 102 11.51 5.04 6.68
CA VAL A 102 10.08 5.22 6.93
C VAL A 102 9.82 4.77 8.38
N SER A 103 8.98 3.75 8.61
CA SER A 103 8.60 3.26 9.93
C SER A 103 8.08 1.83 9.78
N GLN A 104 7.47 1.28 10.83
CA GLN A 104 6.75 0.01 10.75
C GLN A 104 5.47 0.20 9.94
N TYR A 105 5.13 -0.82 9.17
CA TYR A 105 3.95 -0.89 8.30
C TYR A 105 3.66 -2.37 8.05
N LEU A 106 2.55 -2.69 7.39
CA LEU A 106 2.19 -4.05 7.03
C LEU A 106 2.38 -4.21 5.52
N SER A 107 2.85 -5.37 5.07
CA SER A 107 3.10 -5.64 3.66
C SER A 107 2.73 -7.09 3.32
N CYS A 108 2.41 -7.37 2.06
CA CYS A 108 2.21 -8.71 1.55
C CYS A 108 2.73 -8.73 0.10
N SER A 109 3.76 -9.53 -0.16
CA SER A 109 4.31 -9.68 -1.50
C SER A 109 3.31 -10.44 -2.37
N LEU A 110 3.05 -9.94 -3.58
CA LEU A 110 2.05 -10.50 -4.47
C LEU A 110 2.73 -11.35 -5.55
N MET A 111 3.51 -10.73 -6.44
CA MET A 111 4.29 -11.44 -7.47
C MET A 111 5.37 -10.49 -8.02
N SER A 112 6.36 -11.07 -8.72
CA SER A 112 7.32 -10.29 -9.49
C SER A 112 6.64 -9.80 -10.78
N PRO A 113 6.67 -8.50 -11.11
CA PRO A 113 5.95 -7.94 -12.25
C PRO A 113 6.74 -7.99 -13.56
N LEU A 114 8.05 -8.29 -13.51
CA LEU A 114 8.93 -8.19 -14.68
C LEU A 114 8.59 -9.28 -15.70
N SER A 115 8.08 -8.83 -16.85
CA SER A 115 7.79 -9.61 -18.04
C SER A 115 8.08 -8.71 -19.24
N HIS A 116 8.12 -9.26 -20.46
CA HIS A 116 8.25 -8.43 -21.67
C HIS A 116 6.95 -7.67 -21.93
N SER A 117 5.80 -8.26 -21.59
CA SER A 117 4.51 -7.61 -21.57
C SER A 117 4.41 -6.81 -20.26
N MET A 118 5.11 -5.67 -20.22
CA MET A 118 5.18 -4.77 -19.07
C MET A 118 5.46 -3.35 -19.60
N SER A 119 4.97 -2.35 -18.89
CA SER A 119 5.24 -0.93 -19.13
C SER A 119 5.04 -0.18 -17.81
N ILE A 120 5.34 1.11 -17.79
CA ILE A 120 4.99 1.98 -16.66
C ILE A 120 3.48 2.17 -16.54
N GLU A 121 2.75 1.99 -17.65
CA GLU A 121 1.30 2.13 -17.67
C GLU A 121 0.70 0.87 -17.03
N GLU A 122 1.21 -0.32 -17.37
CA GLU A 122 0.88 -1.56 -16.69
C GLU A 122 1.34 -1.50 -15.24
N GLY A 123 2.47 -0.84 -14.94
CA GLY A 123 2.91 -0.69 -13.55
C GLY A 123 1.85 0.04 -12.70
N GLN A 124 1.39 1.20 -13.16
CA GLN A 124 0.42 2.03 -12.43
C GLN A 124 -0.98 1.39 -12.46
N ARG A 125 -1.37 0.77 -13.58
CA ARG A 125 -2.64 0.07 -13.67
C ARG A 125 -2.63 -1.15 -12.75
N LEU A 126 -1.48 -1.81 -12.59
CA LEU A 126 -1.38 -3.04 -11.81
C LEU A 126 -1.22 -2.74 -10.33
N THR A 127 -0.69 -1.60 -9.89
CA THR A 127 -0.75 -1.25 -8.48
C THR A 127 -2.22 -1.02 -8.10
N ASP A 128 -2.97 -0.30 -8.93
CA ASP A 128 -4.40 -0.09 -8.72
C ASP A 128 -5.17 -1.40 -8.76
N ASP A 129 -4.96 -2.21 -9.80
CA ASP A 129 -5.67 -3.47 -9.95
C ASP A 129 -5.29 -4.43 -8.82
N CYS A 130 -4.05 -4.39 -8.34
CA CYS A 130 -3.62 -5.26 -7.24
C CYS A 130 -4.30 -4.88 -5.93
N ALA A 131 -4.44 -3.58 -5.67
CA ALA A 131 -5.17 -3.11 -4.50
C ALA A 131 -6.64 -3.49 -4.64
N ARG A 132 -7.26 -3.16 -5.77
CA ARG A 132 -8.68 -3.40 -6.01
C ARG A 132 -9.03 -4.88 -5.89
N MET A 133 -8.25 -5.75 -6.52
CA MET A 133 -8.28 -7.21 -6.37
C MET A 133 -8.50 -7.62 -4.91
N ILE A 134 -7.75 -7.04 -3.96
CA ILE A 134 -7.86 -7.42 -2.55
C ILE A 134 -8.86 -6.56 -1.77
N LEU A 135 -9.20 -5.35 -2.25
CA LEU A 135 -10.28 -4.54 -1.69
C LEU A 135 -11.60 -5.31 -1.82
N SER A 136 -11.84 -5.90 -3.00
CA SER A 136 -13.13 -6.52 -3.36
C SER A 136 -14.32 -5.58 -3.11
N LEU A 137 -14.10 -4.28 -3.37
CA LEU A 137 -14.98 -3.19 -3.00
C LEU A 137 -16.40 -3.36 -3.54
N PRO A 138 -17.44 -3.14 -2.72
CA PRO A 138 -18.83 -3.06 -3.18
C PRO A 138 -19.05 -1.94 -4.20
N VAL A 139 -20.17 -2.01 -4.93
CA VAL A 139 -20.60 -0.94 -5.82
C VAL A 139 -20.92 0.32 -4.98
N THR A 140 -20.64 1.50 -5.55
CA THR A 140 -20.83 2.78 -4.88
C THR A 140 -22.31 3.00 -4.56
N ASN A 141 -22.60 3.60 -3.40
CA ASN A 141 -23.94 4.04 -2.99
C ASN A 141 -23.80 5.48 -2.46
N PRO A 142 -24.36 6.51 -3.14
CA PRO A 142 -24.16 7.92 -2.79
C PRO A 142 -25.06 8.37 -1.62
N ASP A 143 -25.26 7.50 -0.63
CA ASP A 143 -26.04 7.73 0.58
C ASP A 143 -25.49 6.83 1.69
N VAL A 144 -25.43 7.35 2.92
CA VAL A 144 -25.00 6.61 4.11
C VAL A 144 -25.67 7.25 5.34
N PRO A 145 -25.97 6.47 6.39
CA PRO A 145 -26.40 6.98 7.69
C PRO A 145 -25.41 7.99 8.28
N HIS A 146 -25.83 8.70 9.33
CA HIS A 146 -24.93 9.53 10.13
C HIS A 146 -23.84 8.64 10.72
N ALA A 147 -22.58 9.07 10.61
CA ALA A 147 -21.39 8.30 10.97
C ALA A 147 -20.29 9.23 11.48
N GLY A 148 -19.34 8.68 12.21
CA GLY A 148 -18.23 9.42 12.82
C GLY A 148 -18.69 10.25 14.02
N ARG A 149 -17.75 10.98 14.61
CA ARG A 149 -17.97 11.91 15.72
C ARG A 149 -16.91 13.03 15.66
N ARG A 150 -17.19 14.17 16.28
CA ARG A 150 -16.23 15.29 16.32
C ARG A 150 -15.10 14.96 17.28
N ALA A 151 -15.45 14.58 18.51
CA ALA A 151 -14.52 14.26 19.61
C ALA A 151 -13.41 15.31 19.77
N LEU A 152 -13.75 16.60 19.62
CA LEU A 152 -12.80 17.70 19.74
C LEU A 152 -12.61 18.06 21.21
N LEU A 153 -11.41 18.53 21.55
CA LEU A 153 -11.08 19.09 22.86
C LEU A 153 -10.19 20.31 22.61
N PHE A 154 -10.67 21.49 22.99
CA PHE A 154 -10.01 22.76 22.66
C PHE A 154 -8.99 23.16 23.73
N GLY A 155 -9.13 22.67 24.97
CA GLY A 155 -8.28 23.05 26.09
C GLY A 155 -8.50 24.53 26.45
N ARG A 156 -7.49 25.14 27.08
CA ARG A 156 -7.43 26.57 27.38
C ARG A 156 -6.04 27.06 26.99
N ARG A 157 -5.97 28.27 26.43
CA ARG A 157 -4.73 28.84 25.88
C ARG A 157 -4.27 30.11 26.61
N SER A 158 -4.99 30.52 27.67
CA SER A 158 -4.76 31.74 28.43
C SER A 158 -4.92 33.02 27.58
N GLY A 159 -4.86 34.19 28.23
CA GLY A 159 -4.98 35.49 27.57
C GLY A 159 -6.36 35.71 26.96
N GLU A 160 -7.40 35.11 27.55
CA GLU A 160 -8.76 35.05 27.00
C GLU A 160 -8.71 34.48 25.56
N ASN A 161 -8.05 33.31 25.43
CA ASN A 161 -7.73 32.63 24.18
C ASN A 161 -7.04 33.57 23.19
N ALA A 162 -5.86 34.07 23.57
CA ALA A 162 -5.09 35.05 22.82
C ALA A 162 -4.77 34.53 21.41
N MET A 1 11.66 3.78 24.07
CA MET A 1 10.63 3.69 23.01
C MET A 1 9.24 3.44 23.63
N THR A 2 8.22 4.18 23.19
CA THR A 2 6.84 4.02 23.64
C THR A 2 6.31 2.66 23.15
N GLU A 3 5.44 1.99 23.93
CA GLU A 3 4.90 0.67 23.60
C GLU A 3 3.71 0.79 22.63
N GLU A 4 3.69 1.85 21.82
CA GLU A 4 2.61 2.23 20.91
C GLU A 4 3.21 2.81 19.63
N ILE A 5 2.45 2.77 18.54
CA ILE A 5 2.76 3.34 17.23
C ILE A 5 1.54 4.20 16.86
N ALA A 6 1.77 5.45 16.48
CA ALA A 6 0.72 6.31 15.95
C ALA A 6 0.51 5.97 14.47
N GLY A 7 -0.75 5.82 14.07
CA GLY A 7 -1.14 5.57 12.68
C GLY A 7 -0.98 6.80 11.79
N PHE A 8 -1.34 6.64 10.51
CA PHE A 8 -1.08 7.60 9.45
C PHE A 8 -2.35 8.13 8.81
N GLN A 9 -2.26 9.31 8.20
CA GLN A 9 -3.39 10.00 7.56
C GLN A 9 -3.81 9.29 6.26
N THR A 10 -2.86 8.66 5.56
CA THR A 10 -2.96 7.79 4.40
C THR A 10 -1.67 6.95 4.40
N SER A 11 -1.42 6.11 3.38
CA SER A 11 -0.12 5.49 3.23
C SER A 11 0.97 6.58 3.16
N PRO A 12 2.20 6.36 3.67
CA PRO A 12 3.36 7.23 3.45
C PRO A 12 3.85 7.10 2.00
N LYS A 13 2.98 7.35 1.02
CA LYS A 13 3.16 7.05 -0.39
C LYS A 13 4.51 7.49 -0.96
N ALA A 14 4.92 8.74 -0.74
CA ALA A 14 6.20 9.22 -1.25
C ALA A 14 7.38 8.49 -0.61
N GLN A 15 7.30 8.25 0.69
CA GLN A 15 8.36 7.61 1.45
C GLN A 15 8.46 6.12 1.07
N VAL A 16 7.33 5.45 0.87
CA VAL A 16 7.27 4.08 0.35
C VAL A 16 7.90 4.08 -1.05
N GLN A 17 7.58 5.06 -1.91
CA GLN A 17 8.13 5.14 -3.25
C GLN A 17 9.64 5.26 -3.20
N ALA A 18 10.17 6.27 -2.50
CA ALA A 18 11.59 6.57 -2.50
C ALA A 18 12.40 5.43 -1.90
N ALA A 19 11.91 4.82 -0.82
CA ALA A 19 12.58 3.70 -0.18
C ALA A 19 12.62 2.51 -1.13
N PHE A 20 11.47 2.11 -1.68
CA PHE A 20 11.45 0.96 -2.58
C PHE A 20 12.19 1.25 -3.89
N GLU A 21 12.25 2.49 -4.34
CA GLU A 21 13.04 2.87 -5.50
C GLU A 21 14.53 2.69 -5.22
N GLU A 22 14.98 3.00 -4.00
CA GLU A 22 16.39 2.83 -3.64
C GLU A 22 16.69 1.34 -3.48
N ILE A 23 15.80 0.59 -2.84
CA ILE A 23 15.95 -0.85 -2.63
C ILE A 23 15.99 -1.55 -4.00
N ALA A 24 15.06 -1.19 -4.92
CA ALA A 24 15.03 -1.72 -6.27
C ALA A 24 16.31 -1.37 -7.03
N ARG A 25 16.85 -0.17 -6.83
CA ARG A 25 18.01 0.34 -7.55
C ARG A 25 19.23 -0.48 -7.12
N ARG A 26 19.41 -0.63 -5.82
CA ARG A 26 20.46 -1.46 -5.23
C ARG A 26 20.40 -2.89 -5.79
N SER A 27 19.20 -3.49 -5.94
CA SER A 27 19.07 -4.81 -6.56
C SER A 27 19.49 -4.77 -8.03
N MET A 28 19.08 -3.74 -8.78
CA MET A 28 19.33 -3.63 -10.22
C MET A 28 20.82 -3.47 -10.54
N HIS A 29 21.65 -3.03 -9.58
CA HIS A 29 23.10 -2.97 -9.77
C HIS A 29 23.72 -4.34 -10.06
N ASP A 30 23.04 -5.44 -9.71
CA ASP A 30 23.51 -6.80 -10.01
C ASP A 30 23.71 -7.02 -11.52
N LEU A 31 22.99 -6.24 -12.34
CA LEU A 31 23.11 -6.23 -13.81
C LEU A 31 23.51 -4.84 -14.32
N SER A 32 24.21 -4.07 -13.49
CA SER A 32 24.85 -2.79 -13.82
C SER A 32 23.86 -1.67 -14.14
N PHE A 33 22.59 -1.82 -13.75
CA PHE A 33 21.63 -0.72 -13.83
C PHE A 33 21.84 0.13 -12.58
N LEU A 34 22.60 1.21 -12.73
CA LEU A 34 22.85 2.20 -11.68
C LEU A 34 21.60 3.03 -11.35
N HIS A 35 20.59 3.04 -12.23
CA HIS A 35 19.29 3.69 -12.02
C HIS A 35 18.21 2.71 -12.52
N PRO A 36 17.06 2.57 -11.84
CA PRO A 36 16.02 1.62 -12.22
C PRO A 36 15.29 2.10 -13.48
N SER A 37 15.33 1.31 -14.55
CA SER A 37 14.70 1.66 -15.83
C SER A 37 13.18 1.48 -15.80
N MET A 38 12.63 0.72 -14.82
CA MET A 38 11.21 0.57 -14.58
C MET A 38 10.88 1.43 -13.35
N PRO A 39 10.06 2.48 -13.48
CA PRO A 39 9.75 3.36 -12.36
C PRO A 39 9.04 2.63 -11.22
N VAL A 40 9.66 2.57 -10.05
CA VAL A 40 8.97 2.09 -8.85
C VAL A 40 7.79 3.04 -8.61
N TYR A 41 6.58 2.49 -8.46
CA TYR A 41 5.35 3.26 -8.33
C TYR A 41 4.46 2.60 -7.27
N VAL A 42 3.66 3.42 -6.59
CA VAL A 42 2.80 3.03 -5.50
C VAL A 42 1.46 3.77 -5.62
N SER A 43 0.34 3.06 -5.53
CA SER A 43 -0.99 3.68 -5.39
C SER A 43 -1.52 3.46 -3.96
N ASP A 44 -2.36 4.37 -3.47
CA ASP A 44 -2.88 4.45 -2.10
C ASP A 44 -4.39 4.25 -2.11
N PHE A 45 -4.94 3.55 -1.10
CA PHE A 45 -6.32 3.08 -1.08
C PHE A 45 -6.98 3.03 0.30
N THR A 46 -8.29 2.85 0.23
CA THR A 46 -9.32 2.53 1.20
C THR A 46 -8.90 2.24 2.65
N LEU A 47 -9.58 2.89 3.60
CA LEU A 47 -9.47 2.56 5.01
C LEU A 47 -10.39 1.34 5.18
N PHE A 48 -9.85 0.12 5.20
CA PHE A 48 -10.64 -1.11 5.14
C PHE A 48 -11.11 -1.54 6.53
N GLU A 49 -10.18 -1.73 7.47
CA GLU A 49 -10.42 -2.17 8.83
C GLU A 49 -9.50 -1.40 9.77
N GLY A 50 -9.79 -0.10 9.96
CA GLY A 50 -8.99 0.80 10.80
C GLY A 50 -7.58 1.01 10.28
N GLN A 51 -7.33 0.66 9.02
CA GLN A 51 -6.02 0.60 8.38
C GLN A 51 -6.21 1.00 6.92
N TRP A 52 -5.26 1.73 6.35
CA TRP A 52 -5.23 2.08 4.94
C TRP A 52 -4.67 0.93 4.12
N THR A 53 -5.03 0.87 2.85
CA THR A 53 -4.43 -0.01 1.87
C THR A 53 -3.51 0.78 0.95
N GLY A 54 -2.62 0.08 0.25
CA GLY A 54 -1.78 0.59 -0.79
C GLY A 54 -1.20 -0.61 -1.54
N CYS A 55 -0.72 -0.38 -2.74
CA CYS A 55 0.05 -1.37 -3.49
C CYS A 55 1.27 -0.65 -4.03
N VAL A 56 2.38 -1.35 -4.17
CA VAL A 56 3.60 -0.86 -4.79
C VAL A 56 4.06 -1.91 -5.80
N ILE A 57 4.71 -1.46 -6.87
CA ILE A 57 5.34 -2.29 -7.87
C ILE A 57 6.75 -1.77 -8.09
N THR A 58 7.65 -2.67 -8.46
CA THR A 58 9.02 -2.38 -8.77
C THR A 58 9.43 -3.31 -9.93
N PRO A 59 10.64 -3.18 -10.50
CA PRO A 59 11.14 -4.20 -11.42
C PRO A 59 11.29 -5.56 -10.73
N TRP A 60 11.40 -5.61 -9.39
CA TRP A 60 11.71 -6.83 -8.66
C TRP A 60 10.48 -7.51 -8.03
N MET A 61 9.40 -6.78 -7.71
CA MET A 61 8.24 -7.34 -7.00
C MET A 61 6.98 -6.46 -7.17
N LEU A 62 5.84 -6.98 -6.70
CA LEU A 62 4.58 -6.26 -6.52
C LEU A 62 4.15 -6.66 -5.12
N SER A 63 3.83 -5.71 -4.26
CA SER A 63 3.36 -6.02 -2.92
C SER A 63 2.24 -5.08 -2.51
N ALA A 64 1.28 -5.64 -1.79
CA ALA A 64 0.27 -4.87 -1.09
C ALA A 64 0.95 -4.35 0.19
N VAL A 65 0.63 -3.13 0.60
CA VAL A 65 1.17 -2.49 1.80
C VAL A 65 0.00 -1.89 2.57
N ILE A 66 0.08 -1.91 3.90
CA ILE A 66 -1.02 -1.59 4.81
C ILE A 66 -0.44 -0.81 5.99
N PHE A 67 -1.20 0.16 6.50
CA PHE A 67 -0.75 1.11 7.52
C PHE A 67 -1.91 1.38 8.50
N PRO A 68 -1.69 1.58 9.81
CA PRO A 68 -2.76 1.93 10.73
C PRO A 68 -3.38 3.30 10.39
N GLY A 69 -4.67 3.47 10.70
CA GLY A 69 -5.46 4.64 10.30
C GLY A 69 -5.14 5.92 11.09
N PRO A 70 -5.83 7.04 10.80
CA PRO A 70 -5.49 8.35 11.33
C PRO A 70 -5.57 8.39 12.85
N ASP A 71 -4.49 8.82 13.50
CA ASP A 71 -4.38 9.02 14.95
C ASP A 71 -4.86 7.82 15.78
N GLN A 72 -4.70 6.61 15.23
CA GLN A 72 -4.94 5.37 15.97
C GLN A 72 -3.65 5.02 16.70
N LEU A 73 -3.76 4.51 17.92
CA LEU A 73 -2.61 4.09 18.72
C LEU A 73 -2.58 2.57 18.63
N TRP A 74 -1.85 2.06 17.64
CA TRP A 74 -1.53 0.64 17.55
C TRP A 74 -0.49 0.29 18.63
N PRO A 75 -0.36 -0.99 18.99
CA PRO A 75 0.72 -1.44 19.88
C PRO A 75 2.08 -1.35 19.19
N LEU A 76 3.17 -1.45 19.96
CA LEU A 76 4.52 -1.58 19.41
C LEU A 76 4.64 -2.96 18.75
N ARG A 77 4.43 -3.02 17.43
CA ARG A 77 4.61 -4.25 16.65
C ARG A 77 6.11 -4.49 16.47
N LYS A 78 6.52 -5.76 16.43
CA LYS A 78 7.87 -6.16 16.05
C LYS A 78 7.84 -6.69 14.63
N VAL A 79 9.02 -6.69 14.03
CA VAL A 79 9.25 -6.93 12.63
C VAL A 79 9.31 -8.45 12.41
N SER A 80 8.95 -8.87 11.19
CA SER A 80 8.85 -10.26 10.77
C SER A 80 7.72 -11.04 11.48
N GLU A 81 6.88 -10.37 12.28
CA GLU A 81 5.66 -10.93 12.84
C GLU A 81 4.56 -10.87 11.78
N LYS A 82 3.47 -11.63 11.93
CA LYS A 82 2.34 -11.60 10.99
C LYS A 82 1.07 -11.19 11.72
N ILE A 83 0.22 -10.42 11.03
CA ILE A 83 -1.13 -10.07 11.47
C ILE A 83 -2.05 -10.74 10.45
N GLY A 84 -3.02 -11.53 10.91
CA GLY A 84 -4.08 -12.07 10.07
C GLY A 84 -5.09 -10.97 9.78
N LEU A 85 -5.28 -10.63 8.50
CA LEU A 85 -6.25 -9.63 8.07
C LEU A 85 -7.37 -10.32 7.32
N GLN A 86 -8.62 -10.04 7.71
CA GLN A 86 -9.79 -10.45 6.95
C GLN A 86 -9.92 -9.46 5.79
N LEU A 87 -10.09 -9.97 4.57
CA LEU A 87 -10.19 -9.19 3.34
C LEU A 87 -11.26 -9.88 2.46
N PRO A 88 -11.92 -9.16 1.54
CA PRO A 88 -12.85 -9.80 0.59
C PRO A 88 -12.14 -10.78 -0.37
N TYR A 89 -10.82 -10.60 -0.56
CA TYR A 89 -9.95 -11.54 -1.27
C TYR A 89 -9.87 -12.91 -0.57
N GLY A 90 -10.10 -12.95 0.74
CA GLY A 90 -9.88 -14.08 1.62
C GLY A 90 -8.94 -13.65 2.74
N THR A 91 -9.10 -14.24 3.93
CA THR A 91 -8.26 -13.93 5.07
C THR A 91 -6.81 -14.31 4.74
N MET A 92 -5.85 -13.41 4.99
CA MET A 92 -4.46 -13.56 4.59
C MET A 92 -3.60 -12.83 5.61
N THR A 93 -2.42 -13.36 5.93
CA THR A 93 -1.49 -12.69 6.83
C THR A 93 -0.68 -11.64 6.06
N PHE A 94 -0.49 -10.48 6.70
CA PHE A 94 0.44 -9.46 6.24
C PHE A 94 1.56 -9.46 7.27
N THR A 95 2.80 -9.41 6.81
CA THR A 95 3.98 -9.46 7.65
C THR A 95 4.37 -8.02 8.02
N VAL A 96 4.82 -7.78 9.24
CA VAL A 96 5.36 -6.50 9.66
C VAL A 96 6.75 -6.38 9.05
N GLY A 97 6.98 -5.35 8.25
CA GLY A 97 8.30 -4.96 7.78
C GLY A 97 8.66 -3.65 8.49
N GLU A 98 9.90 -3.21 8.32
CA GLU A 98 10.33 -1.87 8.71
C GLU A 98 10.77 -1.18 7.42
N LEU A 99 10.10 -0.09 7.06
CA LEU A 99 10.38 0.63 5.84
C LEU A 99 11.69 1.40 6.04
N ASP A 100 12.62 1.29 5.10
CA ASP A 100 13.97 1.80 5.27
C ASP A 100 13.96 3.31 5.53
N GLY A 101 14.55 3.73 6.66
CA GLY A 101 14.61 5.12 7.07
C GLY A 101 13.29 5.66 7.64
N VAL A 102 12.29 4.81 7.88
CA VAL A 102 10.98 5.19 8.38
C VAL A 102 10.68 4.34 9.63
N SER A 103 9.61 3.53 9.63
CA SER A 103 9.06 2.83 10.79
C SER A 103 8.43 1.50 10.35
N GLN A 104 7.80 0.77 11.28
CA GLN A 104 7.03 -0.42 10.99
C GLN A 104 5.89 -0.11 10.02
N TYR A 105 5.59 -1.07 9.14
CA TYR A 105 4.45 -1.08 8.22
C TYR A 105 4.10 -2.54 7.94
N LEU A 106 2.93 -2.82 7.37
CA LEU A 106 2.51 -4.18 7.04
C LEU A 106 2.62 -4.37 5.53
N SER A 107 3.10 -5.52 5.09
CA SER A 107 3.33 -5.82 3.68
C SER A 107 2.91 -7.26 3.36
N CYS A 108 2.55 -7.54 2.11
CA CYS A 108 2.34 -8.87 1.59
C CYS A 108 2.83 -8.88 0.15
N SER A 109 3.84 -9.69 -0.15
CA SER A 109 4.34 -9.88 -1.52
C SER A 109 3.27 -10.63 -2.33
N LEU A 110 2.97 -10.14 -3.52
CA LEU A 110 1.87 -10.65 -4.35
C LEU A 110 2.43 -11.47 -5.51
N MET A 111 3.16 -10.84 -6.42
CA MET A 111 3.73 -11.47 -7.62
C MET A 111 5.08 -10.83 -7.92
N SER A 112 5.91 -11.51 -8.72
CA SER A 112 7.12 -10.95 -9.29
C SER A 112 6.76 -10.51 -10.71
N PRO A 113 6.69 -9.19 -11.01
CA PRO A 113 6.28 -8.68 -12.31
C PRO A 113 7.39 -8.86 -13.35
N LEU A 114 7.07 -8.53 -14.61
CA LEU A 114 8.06 -8.44 -15.68
C LEU A 114 9.09 -7.38 -15.30
N SER A 115 10.38 -7.68 -15.46
CA SER A 115 11.47 -6.86 -14.95
C SER A 115 12.02 -5.87 -15.99
N HIS A 116 11.93 -6.22 -17.29
CA HIS A 116 12.55 -5.50 -18.39
C HIS A 116 11.55 -5.38 -19.55
N SER A 117 11.73 -4.37 -20.42
CA SER A 117 10.78 -4.04 -21.48
C SER A 117 9.35 -3.85 -20.90
N MET A 118 9.29 -3.16 -19.77
CA MET A 118 8.11 -2.99 -18.93
C MET A 118 7.99 -1.48 -18.67
N SER A 119 6.80 -0.92 -18.88
CA SER A 119 6.58 0.52 -18.92
C SER A 119 5.70 1.04 -17.78
N ILE A 120 5.63 2.38 -17.67
CA ILE A 120 4.98 3.09 -16.58
C ILE A 120 3.47 2.81 -16.52
N GLU A 121 2.84 2.40 -17.61
CA GLU A 121 1.41 2.11 -17.60
C GLU A 121 1.17 0.86 -16.77
N GLU A 122 1.93 -0.22 -16.96
CA GLU A 122 1.93 -1.39 -16.08
C GLU A 122 2.32 -0.94 -14.67
N GLY A 123 3.29 -0.03 -14.56
CA GLY A 123 3.69 0.56 -13.28
C GLY A 123 2.52 1.13 -12.49
N GLN A 124 1.50 1.69 -13.14
CA GLN A 124 0.34 2.26 -12.48
C GLN A 124 -0.81 1.25 -12.43
N ARG A 125 -1.19 0.70 -13.59
CA ARG A 125 -2.39 -0.12 -13.76
C ARG A 125 -2.30 -1.45 -13.02
N LEU A 126 -1.11 -2.05 -12.89
CA LEU A 126 -1.00 -3.35 -12.24
C LEU A 126 -1.06 -3.16 -10.73
N THR A 127 -0.45 -2.10 -10.22
CA THR A 127 -0.48 -1.73 -8.81
C THR A 127 -1.93 -1.44 -8.41
N ASP A 128 -2.63 -0.66 -9.22
CA ASP A 128 -4.04 -0.30 -9.04
C ASP A 128 -4.92 -1.55 -9.07
N ASP A 129 -4.74 -2.41 -10.07
CA ASP A 129 -5.52 -3.65 -10.19
C ASP A 129 -5.28 -4.53 -8.97
N CYS A 130 -4.03 -4.60 -8.48
CA CYS A 130 -3.70 -5.39 -7.31
C CYS A 130 -4.33 -4.83 -6.03
N ALA A 131 -4.66 -3.54 -6.00
CA ALA A 131 -5.45 -2.97 -4.92
C ALA A 131 -6.90 -3.43 -5.06
N ARG A 132 -7.59 -3.24 -6.20
CA ARG A 132 -9.02 -3.63 -6.32
C ARG A 132 -9.18 -5.12 -6.07
N MET A 133 -8.19 -5.89 -6.55
CA MET A 133 -8.06 -7.32 -6.28
C MET A 133 -8.30 -7.64 -4.79
N ILE A 134 -7.86 -6.77 -3.85
CA ILE A 134 -8.06 -6.95 -2.40
C ILE A 134 -9.01 -5.89 -1.80
N LEU A 135 -9.57 -4.98 -2.62
CA LEU A 135 -10.56 -3.96 -2.29
C LEU A 135 -11.70 -4.17 -3.28
N SER A 136 -12.39 -5.30 -3.15
CA SER A 136 -13.53 -5.71 -3.98
C SER A 136 -14.79 -4.87 -3.71
N LEU A 137 -14.63 -3.59 -3.39
CA LEU A 137 -15.64 -2.63 -2.99
C LEU A 137 -15.15 -1.21 -3.34
N PRO A 138 -16.06 -0.22 -3.52
CA PRO A 138 -15.68 1.15 -3.85
C PRO A 138 -14.78 1.78 -2.78
N VAL A 139 -13.77 2.54 -3.23
CA VAL A 139 -12.90 3.33 -2.37
C VAL A 139 -13.66 4.58 -1.87
N THR A 140 -14.46 5.20 -2.73
CA THR A 140 -15.16 6.44 -2.42
C THR A 140 -16.33 6.14 -1.45
N ASN A 141 -16.50 7.00 -0.44
CA ASN A 141 -17.62 6.93 0.50
C ASN A 141 -17.98 8.36 0.91
N PRO A 142 -19.20 8.86 0.64
CA PRO A 142 -19.62 10.19 1.07
C PRO A 142 -19.61 10.33 2.60
N ASP A 143 -19.35 11.55 3.09
CA ASP A 143 -19.48 11.88 4.50
C ASP A 143 -20.96 12.06 4.86
N VAL A 144 -21.47 11.22 5.76
CA VAL A 144 -22.85 11.25 6.23
C VAL A 144 -22.83 10.83 7.72
N PRO A 145 -23.76 11.33 8.56
CA PRO A 145 -23.93 10.92 9.95
C PRO A 145 -24.04 9.41 10.19
N HIS A 146 -24.63 8.66 9.24
CA HIS A 146 -24.74 7.21 9.27
C HIS A 146 -24.58 6.71 7.81
N ALA A 147 -24.07 5.50 7.63
CA ALA A 147 -23.94 4.89 6.32
C ALA A 147 -25.32 4.74 5.67
N GLY A 148 -25.41 5.00 4.36
CA GLY A 148 -26.66 4.91 3.62
C GLY A 148 -27.08 3.47 3.35
N ARG A 149 -26.12 2.54 3.29
CA ARG A 149 -26.33 1.10 3.09
C ARG A 149 -27.23 0.83 1.87
N ARG A 150 -26.98 1.55 0.78
CA ARG A 150 -27.73 1.38 -0.47
C ARG A 150 -27.37 0.04 -1.10
N ALA A 151 -28.28 -0.52 -1.89
CA ALA A 151 -28.10 -1.84 -2.52
C ALA A 151 -27.22 -1.77 -3.78
N LEU A 152 -26.81 -0.56 -4.20
CA LEU A 152 -26.03 -0.30 -5.41
C LEU A 152 -25.07 0.86 -5.17
N LEU A 153 -24.03 0.96 -6.00
CA LEU A 153 -23.15 2.13 -6.04
C LEU A 153 -23.78 3.11 -7.02
N PHE A 154 -24.08 4.33 -6.57
CA PHE A 154 -24.60 5.42 -7.38
C PHE A 154 -23.50 6.45 -7.62
N GLY A 155 -23.49 7.08 -8.80
CA GLY A 155 -22.44 8.01 -9.19
C GLY A 155 -22.46 9.28 -8.33
N ARG A 156 -21.28 9.83 -8.03
CA ARG A 156 -21.16 11.10 -7.30
C ARG A 156 -21.76 12.21 -8.17
N ARG A 157 -22.53 13.12 -7.56
CA ARG A 157 -23.23 14.22 -8.24
C ARG A 157 -24.03 13.70 -9.45
N SER A 158 -24.63 12.51 -9.32
CA SER A 158 -25.43 11.85 -10.34
C SER A 158 -24.70 11.66 -11.69
N GLY A 159 -23.36 11.68 -11.70
CA GLY A 159 -22.56 11.56 -12.91
C GLY A 159 -22.69 12.78 -13.83
N GLU A 160 -23.16 13.93 -13.31
CA GLU A 160 -23.29 15.17 -14.08
C GLU A 160 -21.88 15.67 -14.47
N ASN A 161 -21.75 16.17 -15.70
CA ASN A 161 -20.48 16.67 -16.22
C ASN A 161 -20.09 17.98 -15.51
N ALA A 162 -18.80 18.13 -15.18
CA ALA A 162 -18.21 19.33 -14.61
C ALA A 162 -16.79 19.47 -15.17
N MET A 1 14.83 4.56 21.14
CA MET A 1 14.12 3.43 20.49
C MET A 1 12.70 3.85 20.06
N THR A 2 12.25 3.43 18.88
CA THR A 2 10.91 3.71 18.36
C THR A 2 9.87 2.96 19.21
N GLU A 3 8.74 3.60 19.48
CA GLU A 3 7.58 3.01 20.15
C GLU A 3 6.31 3.72 19.67
N GLU A 4 5.17 3.05 19.78
CA GLU A 4 3.80 3.55 19.59
C GLU A 4 3.72 4.60 18.47
N ILE A 5 3.77 4.10 17.24
CA ILE A 5 3.95 4.85 16.01
C ILE A 5 2.65 5.63 15.73
N ALA A 6 2.75 6.93 15.47
CA ALA A 6 1.60 7.73 15.09
C ALA A 6 1.12 7.30 13.70
N GLY A 7 -0.17 7.03 13.57
CA GLY A 7 -0.84 6.82 12.29
C GLY A 7 -1.36 8.17 11.78
N PHE A 8 -1.31 8.37 10.46
CA PHE A 8 -1.56 9.65 9.81
C PHE A 8 -2.78 9.60 8.89
N GLN A 9 -3.17 10.76 8.37
CA GLN A 9 -4.32 10.95 7.49
C GLN A 9 -4.09 10.39 6.09
N THR A 10 -2.86 10.01 5.75
CA THR A 10 -2.48 9.27 4.55
C THR A 10 -1.27 8.39 4.89
N SER A 11 -1.06 7.32 4.12
CA SER A 11 0.18 6.53 4.19
C SER A 11 1.38 7.41 3.80
N PRO A 12 2.62 7.08 4.20
CA PRO A 12 3.85 7.79 3.80
C PRO A 12 4.24 7.46 2.35
N LYS A 13 3.33 7.67 1.40
CA LYS A 13 3.39 7.23 0.00
C LYS A 13 4.70 7.62 -0.66
N ALA A 14 5.12 8.88 -0.53
CA ALA A 14 6.34 9.38 -1.17
C ALA A 14 7.57 8.73 -0.57
N GLN A 15 7.61 8.59 0.76
CA GLN A 15 8.78 8.05 1.46
C GLN A 15 8.91 6.55 1.17
N VAL A 16 7.79 5.83 1.12
CA VAL A 16 7.74 4.43 0.68
C VAL A 16 8.29 4.35 -0.75
N GLN A 17 7.84 5.24 -1.65
CA GLN A 17 8.27 5.23 -3.04
C GLN A 17 9.78 5.49 -3.14
N ALA A 18 10.29 6.54 -2.50
CA ALA A 18 11.70 6.93 -2.61
C ALA A 18 12.61 5.86 -1.99
N ALA A 19 12.20 5.25 -0.88
CA ALA A 19 12.96 4.17 -0.28
C ALA A 19 13.02 2.99 -1.23
N PHE A 20 11.86 2.57 -1.78
CA PHE A 20 11.83 1.45 -2.72
C PHE A 20 12.53 1.77 -4.03
N GLU A 21 12.61 3.02 -4.45
CA GLU A 21 13.35 3.43 -5.63
C GLU A 21 14.85 3.23 -5.40
N GLU A 22 15.35 3.50 -4.20
CA GLU A 22 16.76 3.32 -3.89
C GLU A 22 17.07 1.83 -3.77
N ILE A 23 16.18 1.05 -3.14
CA ILE A 23 16.32 -0.39 -3.03
C ILE A 23 16.32 -0.97 -4.46
N ALA A 24 15.39 -0.54 -5.33
CA ALA A 24 15.30 -1.03 -6.71
C ALA A 24 16.55 -0.71 -7.52
N ARG A 25 17.24 0.41 -7.23
CA ARG A 25 18.47 0.79 -7.93
C ARG A 25 19.55 -0.25 -7.59
N ARG A 26 19.56 -0.70 -6.34
CA ARG A 26 20.54 -1.61 -5.79
C ARG A 26 20.18 -3.08 -6.03
N SER A 27 18.96 -3.40 -6.45
CA SER A 27 18.55 -4.77 -6.78
C SER A 27 19.40 -5.35 -7.92
N MET A 28 19.68 -4.56 -8.97
CA MET A 28 20.47 -4.95 -10.14
C MET A 28 20.06 -6.35 -10.65
N HIS A 29 18.76 -6.55 -10.91
CA HIS A 29 18.29 -7.84 -11.43
C HIS A 29 18.83 -8.11 -12.84
N ASP A 30 19.22 -7.04 -13.55
CA ASP A 30 19.97 -7.07 -14.80
C ASP A 30 21.24 -6.28 -14.48
N LEU A 31 22.41 -6.76 -14.95
CA LEU A 31 23.68 -6.20 -14.50
C LEU A 31 24.00 -4.84 -15.15
N SER A 32 23.10 -4.32 -16.01
CA SER A 32 23.14 -2.99 -16.58
C SER A 32 21.82 -2.23 -16.28
N PHE A 33 21.09 -2.63 -15.22
CA PHE A 33 19.82 -2.02 -14.84
C PHE A 33 20.00 -0.53 -14.54
N LEU A 34 21.07 -0.17 -13.81
CA LEU A 34 21.44 1.20 -13.46
C LEU A 34 20.25 1.95 -12.83
N HIS A 35 19.76 3.03 -13.44
CA HIS A 35 18.70 3.86 -12.87
C HIS A 35 17.34 3.14 -13.01
N PRO A 36 16.44 3.21 -12.01
CA PRO A 36 15.07 2.74 -12.13
C PRO A 36 14.22 3.66 -13.03
N SER A 37 14.51 3.65 -14.33
CA SER A 37 13.69 4.30 -15.37
C SER A 37 12.36 3.55 -15.59
N MET A 38 12.29 2.27 -15.20
CA MET A 38 11.05 1.50 -15.19
C MET A 38 10.37 1.81 -13.84
N PRO A 39 9.09 2.20 -13.84
CA PRO A 39 8.45 2.75 -12.65
C PRO A 39 8.52 1.96 -11.34
N VAL A 40 8.94 2.69 -10.31
CA VAL A 40 8.86 2.29 -8.91
C VAL A 40 7.72 3.22 -8.44
N TYR A 41 6.50 2.70 -8.29
CA TYR A 41 5.30 3.49 -8.06
C TYR A 41 4.48 2.92 -6.91
N VAL A 42 3.65 3.76 -6.27
CA VAL A 42 2.86 3.38 -5.11
C VAL A 42 1.44 3.92 -5.31
N SER A 43 0.43 3.04 -5.34
CA SER A 43 -0.98 3.40 -5.28
C SER A 43 -1.44 3.40 -3.80
N ASP A 44 -2.33 4.32 -3.41
CA ASP A 44 -2.86 4.48 -2.04
C ASP A 44 -4.39 4.39 -2.07
N PHE A 45 -4.99 3.85 -0.99
CA PHE A 45 -6.40 3.48 -0.95
C PHE A 45 -7.05 3.59 0.44
N THR A 46 -8.37 3.40 0.42
CA THR A 46 -9.37 3.21 1.45
C THR A 46 -8.87 2.87 2.86
N LEU A 47 -9.57 3.38 3.88
CA LEU A 47 -9.34 3.05 5.29
C LEU A 47 -9.99 1.68 5.60
N PHE A 48 -9.39 0.62 5.08
CA PHE A 48 -9.85 -0.76 5.20
C PHE A 48 -9.65 -1.21 6.64
N GLU A 49 -10.73 -1.59 7.34
CA GLU A 49 -10.69 -2.06 8.72
C GLU A 49 -9.92 -1.07 9.64
N GLY A 50 -10.05 0.23 9.38
CA GLY A 50 -9.42 1.29 10.18
C GLY A 50 -7.96 1.59 9.81
N GLN A 51 -7.43 1.07 8.70
CA GLN A 51 -6.06 1.29 8.26
C GLN A 51 -6.01 1.44 6.73
N TRP A 52 -5.16 2.33 6.22
CA TRP A 52 -5.12 2.66 4.79
C TRP A 52 -4.61 1.45 4.00
N THR A 53 -5.20 1.19 2.83
CA THR A 53 -4.69 0.18 1.90
C THR A 53 -3.69 0.85 0.95
N GLY A 54 -2.86 0.06 0.26
CA GLY A 54 -1.91 0.56 -0.72
C GLY A 54 -1.28 -0.60 -1.47
N CYS A 55 -0.58 -0.29 -2.56
CA CYS A 55 0.26 -1.24 -3.27
C CYS A 55 1.50 -0.49 -3.74
N VAL A 56 2.63 -1.18 -3.79
CA VAL A 56 3.86 -0.68 -4.42
C VAL A 56 4.22 -1.67 -5.52
N ILE A 57 4.72 -1.16 -6.64
CA ILE A 57 5.32 -1.94 -7.70
C ILE A 57 6.71 -1.40 -7.89
N THR A 58 7.63 -2.27 -8.28
CA THR A 58 8.96 -1.91 -8.73
C THR A 58 9.30 -2.85 -9.89
N PRO A 59 10.46 -2.68 -10.54
CA PRO A 59 10.96 -3.66 -11.49
C PRO A 59 11.32 -4.98 -10.80
N TRP A 60 11.57 -4.97 -9.47
CA TRP A 60 11.99 -6.16 -8.74
C TRP A 60 10.84 -6.88 -8.00
N MET A 61 9.72 -6.21 -7.69
CA MET A 61 8.62 -6.82 -6.93
C MET A 61 7.29 -6.07 -7.07
N LEU A 62 6.23 -6.60 -6.44
CA LEU A 62 4.95 -5.94 -6.24
C LEU A 62 4.53 -6.42 -4.86
N SER A 63 4.20 -5.48 -3.98
CA SER A 63 3.78 -5.78 -2.63
C SER A 63 2.60 -4.91 -2.27
N ALA A 64 1.55 -5.53 -1.75
CA ALA A 64 0.45 -4.80 -1.14
C ALA A 64 0.98 -4.28 0.20
N VAL A 65 0.50 -3.13 0.65
CA VAL A 65 0.87 -2.56 1.94
C VAL A 65 -0.39 -2.04 2.63
N ILE A 66 -0.40 -2.02 3.95
CA ILE A 66 -1.49 -1.51 4.78
C ILE A 66 -0.81 -0.68 5.87
N PHE A 67 -1.32 0.52 6.14
CA PHE A 67 -0.68 1.51 6.99
C PHE A 67 -1.66 2.03 8.06
N PRO A 68 -1.24 2.30 9.31
CA PRO A 68 -2.13 2.75 10.37
C PRO A 68 -2.92 4.00 10.02
N GLY A 69 -4.18 4.04 10.46
CA GLY A 69 -5.12 5.13 10.21
C GLY A 69 -4.84 6.37 11.07
N PRO A 70 -5.56 7.48 10.84
CA PRO A 70 -5.33 8.74 11.53
C PRO A 70 -5.65 8.64 13.03
N ASP A 71 -4.91 9.41 13.83
CA ASP A 71 -5.07 9.53 15.29
C ASP A 71 -5.05 8.15 15.98
N GLN A 72 -4.10 7.32 15.55
CA GLN A 72 -3.79 6.02 16.16
C GLN A 72 -2.36 6.06 16.67
N LEU A 73 -2.09 5.33 17.76
CA LEU A 73 -0.76 5.13 18.31
C LEU A 73 -0.53 3.63 18.18
N TRP A 74 -0.08 3.20 16.99
CA TRP A 74 0.01 1.80 16.60
C TRP A 74 1.14 1.16 17.41
N PRO A 75 0.90 0.10 18.20
CA PRO A 75 1.92 -0.49 19.06
C PRO A 75 3.15 -0.91 18.28
N LEU A 76 4.33 -0.83 18.91
CA LEU A 76 5.55 -1.41 18.36
C LEU A 76 5.33 -2.91 18.16
N ARG A 77 5.61 -3.41 16.96
CA ARG A 77 5.43 -4.81 16.58
C ARG A 77 6.79 -5.47 16.41
N LYS A 78 6.82 -6.81 16.49
CA LYS A 78 7.97 -7.60 16.10
C LYS A 78 7.84 -7.83 14.61
N VAL A 79 8.96 -7.81 13.91
CA VAL A 79 9.02 -7.77 12.46
C VAL A 79 9.02 -9.22 11.95
N SER A 80 8.55 -9.40 10.71
CA SER A 80 8.41 -10.70 10.05
C SER A 80 7.37 -11.62 10.71
N GLU A 81 6.57 -11.10 11.64
CA GLU A 81 5.40 -11.77 12.19
C GLU A 81 4.24 -11.58 11.21
N LYS A 82 3.26 -12.49 11.20
CA LYS A 82 2.07 -12.38 10.35
C LYS A 82 0.86 -12.04 11.20
N ILE A 83 -0.02 -11.19 10.64
CA ILE A 83 -1.31 -10.82 11.21
C ILE A 83 -2.34 -11.29 10.17
N GLY A 84 -3.30 -12.11 10.59
CA GLY A 84 -4.38 -12.56 9.72
C GLY A 84 -5.41 -11.45 9.60
N LEU A 85 -5.67 -10.99 8.37
CA LEU A 85 -6.71 -10.00 8.08
C LEU A 85 -7.85 -10.74 7.39
N GLN A 86 -9.07 -10.62 7.93
CA GLN A 86 -10.25 -11.23 7.34
C GLN A 86 -10.80 -10.23 6.32
N LEU A 87 -10.18 -10.21 5.12
CA LEU A 87 -10.69 -9.42 4.00
C LEU A 87 -11.91 -10.14 3.44
N PRO A 88 -12.95 -9.44 2.93
CA PRO A 88 -14.03 -10.09 2.19
C PRO A 88 -13.54 -10.82 0.93
N TYR A 89 -12.39 -10.39 0.36
CA TYR A 89 -11.67 -11.07 -0.70
C TYR A 89 -11.31 -12.52 -0.33
N GLY A 90 -11.10 -12.77 0.97
CA GLY A 90 -10.58 -14.00 1.53
C GLY A 90 -9.57 -13.66 2.60
N THR A 91 -9.51 -14.42 3.68
CA THR A 91 -8.57 -14.17 4.77
C THR A 91 -7.14 -14.28 4.23
N MET A 92 -6.30 -13.29 4.53
CA MET A 92 -4.96 -13.16 3.99
C MET A 92 -4.06 -12.68 5.13
N THR A 93 -2.92 -13.33 5.37
CA THR A 93 -1.96 -12.85 6.33
C THR A 93 -1.13 -11.74 5.69
N PHE A 94 -0.96 -10.62 6.41
CA PHE A 94 -0.02 -9.58 6.06
C PHE A 94 1.13 -9.72 7.05
N THR A 95 2.35 -9.65 6.56
CA THR A 95 3.55 -9.74 7.36
C THR A 95 3.90 -8.33 7.84
N VAL A 96 4.29 -8.17 9.11
CA VAL A 96 4.82 -6.90 9.59
C VAL A 96 6.18 -6.70 8.91
N GLY A 97 6.35 -5.60 8.19
CA GLY A 97 7.61 -5.17 7.64
C GLY A 97 8.10 -3.98 8.43
N GLU A 98 9.40 -3.73 8.42
CA GLU A 98 10.00 -2.53 8.96
C GLU A 98 10.75 -1.90 7.79
N LEU A 99 10.11 -0.94 7.09
CA LEU A 99 10.69 -0.34 5.89
C LEU A 99 11.82 0.57 6.35
N ASP A 100 13.05 0.25 5.95
CA ASP A 100 14.24 0.95 6.42
C ASP A 100 14.20 2.43 6.05
N GLY A 101 14.48 3.30 7.04
CA GLY A 101 14.44 4.75 6.88
C GLY A 101 13.02 5.32 6.85
N VAL A 102 11.99 4.48 7.02
CA VAL A 102 10.59 4.88 7.02
C VAL A 102 10.00 4.41 8.35
N SER A 103 9.22 3.32 8.42
CA SER A 103 8.51 2.90 9.63
C SER A 103 8.04 1.45 9.52
N GLN A 104 7.53 0.88 10.63
CA GLN A 104 6.84 -0.41 10.61
C GLN A 104 5.46 -0.23 9.97
N TYR A 105 5.03 -1.26 9.24
CA TYR A 105 3.76 -1.32 8.52
C TYR A 105 3.45 -2.80 8.22
N LEU A 106 2.31 -3.08 7.58
CA LEU A 106 1.90 -4.43 7.20
C LEU A 106 2.01 -4.56 5.69
N SER A 107 2.52 -5.69 5.19
CA SER A 107 2.81 -5.90 3.76
C SER A 107 2.44 -7.32 3.33
N CYS A 108 2.22 -7.54 2.04
CA CYS A 108 2.07 -8.86 1.44
C CYS A 108 2.74 -8.80 0.06
N SER A 109 3.89 -9.45 -0.11
CA SER A 109 4.63 -9.50 -1.38
C SER A 109 4.09 -10.62 -2.26
N LEU A 110 4.05 -10.40 -3.59
CA LEU A 110 3.42 -11.34 -4.52
C LEU A 110 4.12 -11.49 -5.87
N MET A 111 5.10 -10.65 -6.24
CA MET A 111 5.65 -10.63 -7.60
C MET A 111 7.16 -10.81 -7.60
N SER A 112 7.66 -11.46 -8.64
CA SER A 112 9.09 -11.70 -8.86
C SER A 112 9.72 -10.58 -9.72
N PRO A 113 11.07 -10.49 -9.80
CA PRO A 113 11.74 -9.49 -10.62
C PRO A 113 11.47 -9.64 -12.12
N LEU A 114 11.63 -8.52 -12.84
CA LEU A 114 11.57 -8.41 -14.29
C LEU A 114 10.32 -9.07 -14.87
N SER A 115 9.16 -8.45 -14.58
CA SER A 115 7.89 -8.85 -15.16
C SER A 115 7.95 -8.79 -16.69
N HIS A 116 7.18 -9.63 -17.38
CA HIS A 116 7.14 -9.61 -18.84
C HIS A 116 6.23 -8.46 -19.30
N SER A 117 6.58 -7.85 -20.44
CA SER A 117 5.85 -6.73 -21.04
C SER A 117 5.70 -5.54 -20.08
N MET A 118 6.63 -5.38 -19.13
CA MET A 118 6.57 -4.33 -18.11
C MET A 118 6.78 -2.96 -18.79
N SER A 119 6.03 -1.95 -18.36
CA SER A 119 5.94 -0.64 -18.98
C SER A 119 5.39 0.35 -17.96
N ILE A 120 5.24 1.62 -18.33
CA ILE A 120 4.53 2.60 -17.51
C ILE A 120 3.05 2.20 -17.37
N GLU A 121 2.49 1.48 -18.34
CA GLU A 121 1.11 1.03 -18.26
C GLU A 121 1.00 -0.01 -17.15
N GLU A 122 1.89 -1.01 -17.12
CA GLU A 122 1.89 -2.02 -16.07
C GLU A 122 2.26 -1.39 -14.72
N GLY A 123 3.21 -0.45 -14.71
CA GLY A 123 3.64 0.27 -13.52
C GLY A 123 2.51 1.04 -12.85
N GLN A 124 1.47 1.41 -13.59
CA GLN A 124 0.27 2.02 -13.02
C GLN A 124 -0.82 0.96 -12.78
N ARG A 125 -1.17 0.17 -13.81
CA ARG A 125 -2.32 -0.74 -13.78
C ARG A 125 -2.15 -1.85 -12.76
N LEU A 126 -0.97 -2.45 -12.63
CA LEU A 126 -0.83 -3.64 -11.80
C LEU A 126 -0.83 -3.27 -10.32
N THR A 127 -0.25 -2.14 -9.95
CA THR A 127 -0.29 -1.64 -8.58
C THR A 127 -1.74 -1.40 -8.16
N ASP A 128 -2.51 -0.76 -9.04
CA ASP A 128 -3.91 -0.45 -8.85
C ASP A 128 -4.77 -1.72 -8.79
N ASP A 129 -4.61 -2.65 -9.72
CA ASP A 129 -5.37 -3.89 -9.74
C ASP A 129 -5.05 -4.78 -8.54
N CYS A 130 -3.77 -4.82 -8.14
CA CYS A 130 -3.36 -5.65 -7.00
C CYS A 130 -3.86 -5.07 -5.68
N ALA A 131 -4.14 -3.77 -5.62
CA ALA A 131 -4.83 -3.20 -4.47
C ALA A 131 -6.31 -3.49 -4.59
N ARG A 132 -6.92 -3.25 -5.76
CA ARG A 132 -8.35 -3.43 -5.99
C ARG A 132 -8.81 -4.84 -5.64
N MET A 133 -8.05 -5.87 -6.01
CA MET A 133 -8.38 -7.24 -5.62
C MET A 133 -8.52 -7.34 -4.09
N ILE A 134 -7.56 -6.85 -3.28
CA ILE A 134 -7.60 -6.97 -1.83
C ILE A 134 -8.61 -5.97 -1.21
N LEU A 135 -8.97 -4.92 -1.98
CA LEU A 135 -10.05 -3.98 -1.70
C LEU A 135 -11.41 -4.69 -1.76
N SER A 136 -11.42 -5.99 -2.10
CA SER A 136 -12.58 -6.86 -2.22
C SER A 136 -13.55 -6.40 -3.32
N LEU A 137 -13.00 -5.71 -4.32
CA LEU A 137 -13.69 -5.38 -5.57
C LEU A 137 -13.28 -6.43 -6.61
N PRO A 138 -14.08 -6.62 -7.68
CA PRO A 138 -13.70 -7.44 -8.83
C PRO A 138 -12.38 -6.96 -9.45
N VAL A 139 -11.66 -7.84 -10.14
CA VAL A 139 -10.45 -7.46 -10.85
C VAL A 139 -10.79 -6.56 -12.04
N THR A 140 -9.77 -5.89 -12.57
CA THR A 140 -9.87 -4.94 -13.68
C THR A 140 -10.54 -5.58 -14.91
N ASN A 141 -11.50 -4.86 -15.51
CA ASN A 141 -12.06 -5.18 -16.81
C ASN A 141 -11.19 -4.44 -17.83
N PRO A 142 -10.56 -5.11 -18.81
CA PRO A 142 -9.57 -4.48 -19.67
C PRO A 142 -10.18 -3.45 -20.62
N ASP A 143 -9.34 -2.52 -21.09
CA ASP A 143 -9.68 -1.59 -22.15
C ASP A 143 -9.79 -2.36 -23.47
N VAL A 144 -10.88 -2.17 -24.21
CA VAL A 144 -11.26 -2.96 -25.37
C VAL A 144 -11.79 -2.04 -26.49
N PRO A 145 -11.77 -2.48 -27.76
CA PRO A 145 -12.27 -1.68 -28.87
C PRO A 145 -13.79 -1.51 -28.81
N HIS A 146 -14.26 -0.36 -29.33
CA HIS A 146 -15.67 -0.01 -29.51
C HIS A 146 -16.52 -0.11 -28.23
N ALA A 147 -15.90 -0.01 -27.03
CA ALA A 147 -16.59 -0.05 -25.75
C ALA A 147 -15.75 0.58 -24.63
N GLY A 148 -14.43 0.33 -24.60
CA GLY A 148 -13.58 0.81 -23.53
C GLY A 148 -13.38 2.32 -23.63
N ARG A 149 -13.60 3.04 -22.53
CA ARG A 149 -13.25 4.46 -22.41
C ARG A 149 -11.77 4.52 -22.05
N ARG A 150 -10.97 5.29 -22.79
CA ARG A 150 -9.53 5.35 -22.55
C ARG A 150 -9.28 6.16 -21.27
N ALA A 151 -8.31 5.74 -20.46
CA ALA A 151 -7.91 6.42 -19.23
C ALA A 151 -6.37 6.36 -19.05
N LEU A 152 -5.63 6.23 -20.15
CA LEU A 152 -4.17 6.06 -20.12
C LEU A 152 -3.47 7.40 -19.93
N LEU A 153 -2.30 7.36 -19.31
CA LEU A 153 -1.34 8.46 -19.19
C LEU A 153 0.05 7.85 -19.10
N PHE A 154 1.06 8.55 -19.61
CA PHE A 154 2.41 8.03 -19.81
C PHE A 154 3.46 9.07 -19.35
N GLY A 155 4.71 8.61 -19.24
CA GLY A 155 5.86 9.46 -18.96
C GLY A 155 5.96 9.89 -17.49
N ARG A 156 7.07 10.54 -17.16
CA ARG A 156 7.39 11.17 -15.88
C ARG A 156 8.20 12.44 -16.20
N ARG A 157 8.30 13.35 -15.25
CA ARG A 157 9.12 14.56 -15.40
C ARG A 157 10.58 14.10 -15.55
N SER A 158 11.28 14.62 -16.56
CA SER A 158 12.64 14.22 -16.89
C SER A 158 13.61 14.52 -15.73
N GLY A 159 14.67 13.70 -15.62
CA GLY A 159 15.68 13.79 -14.58
C GLY A 159 16.92 13.04 -15.08
N GLU A 160 17.34 12.01 -14.36
CA GLU A 160 18.43 11.12 -14.81
C GLU A 160 17.97 10.40 -16.09
N ASN A 161 16.70 9.99 -16.14
CA ASN A 161 16.07 9.48 -17.36
C ASN A 161 15.49 10.67 -18.13
N ALA A 162 15.73 10.75 -19.43
CA ALA A 162 15.18 11.76 -20.33
C ALA A 162 15.00 11.12 -21.71
N MET A 1 13.81 3.98 21.14
CA MET A 1 12.56 3.69 20.37
C MET A 1 11.33 3.74 21.31
N THR A 2 10.21 4.28 20.85
CA THR A 2 8.95 4.34 21.59
C THR A 2 8.32 2.93 21.64
N GLU A 3 7.54 2.63 22.69
CA GLU A 3 6.81 1.36 22.81
C GLU A 3 5.45 1.39 22.08
N GLU A 4 5.30 2.37 21.19
CA GLU A 4 4.11 2.71 20.43
C GLU A 4 4.55 3.19 19.04
N ILE A 5 3.64 3.13 18.07
CA ILE A 5 3.77 3.67 16.72
C ILE A 5 2.59 4.62 16.54
N ALA A 6 2.85 5.85 16.11
CA ALA A 6 1.79 6.83 15.85
C ALA A 6 1.10 6.48 14.53
N GLY A 7 -0.21 6.68 14.48
CA GLY A 7 -1.03 6.47 13.29
C GLY A 7 -0.68 7.45 12.18
N PHE A 8 -0.89 7.04 10.92
CA PHE A 8 -0.65 7.85 9.73
C PHE A 8 -1.96 8.40 9.19
N GLN A 9 -1.92 9.53 8.47
CA GLN A 9 -3.13 10.16 7.93
C GLN A 9 -3.55 9.54 6.57
N THR A 10 -2.63 8.88 5.87
CA THR A 10 -2.78 8.06 4.66
C THR A 10 -1.56 7.15 4.62
N SER A 11 -1.42 6.33 3.57
CA SER A 11 -0.17 5.62 3.35
C SER A 11 0.97 6.65 3.21
N PRO A 12 2.20 6.37 3.69
CA PRO A 12 3.39 7.20 3.41
C PRO A 12 3.82 6.97 1.95
N LYS A 13 2.93 7.25 0.99
CA LYS A 13 3.03 6.89 -0.42
C LYS A 13 4.37 7.29 -1.04
N ALA A 14 4.77 8.55 -0.88
CA ALA A 14 6.05 9.04 -1.41
C ALA A 14 7.24 8.37 -0.74
N GLN A 15 7.17 8.18 0.58
CA GLN A 15 8.25 7.66 1.39
C GLN A 15 8.48 6.17 1.06
N VAL A 16 7.40 5.40 0.97
CA VAL A 16 7.43 3.99 0.57
C VAL A 16 7.96 3.92 -0.87
N GLN A 17 7.52 4.82 -1.77
CA GLN A 17 7.98 4.82 -3.16
C GLN A 17 9.49 5.03 -3.20
N ALA A 18 10.01 6.09 -2.56
CA ALA A 18 11.42 6.44 -2.62
C ALA A 18 12.29 5.37 -1.97
N ALA A 19 11.84 4.79 -0.85
CA ALA A 19 12.60 3.76 -0.16
C ALA A 19 12.69 2.51 -1.03
N PHE A 20 11.56 2.08 -1.61
CA PHE A 20 11.57 0.91 -2.48
C PHE A 20 12.27 1.18 -3.81
N GLU A 21 12.30 2.42 -4.30
CA GLU A 21 13.11 2.79 -5.47
C GLU A 21 14.59 2.57 -5.18
N GLU A 22 15.06 2.84 -3.95
CA GLU A 22 16.46 2.69 -3.61
C GLU A 22 16.80 1.20 -3.48
N ILE A 23 15.91 0.44 -2.85
CA ILE A 23 16.04 -1.02 -2.75
C ILE A 23 16.05 -1.62 -4.16
N ALA A 24 15.16 -1.18 -5.05
CA ALA A 24 15.09 -1.69 -6.42
C ALA A 24 16.35 -1.38 -7.22
N ARG A 25 17.06 -0.31 -6.89
CA ARG A 25 18.26 0.14 -7.60
C ARG A 25 19.45 -0.71 -7.17
N ARG A 26 19.54 -0.96 -5.87
CA ARG A 26 20.60 -1.77 -5.27
C ARG A 26 20.37 -3.26 -5.50
N SER A 27 19.11 -3.68 -5.69
CA SER A 27 18.77 -5.05 -6.07
C SER A 27 19.18 -5.28 -7.53
N MET A 28 20.31 -5.96 -7.74
CA MET A 28 20.84 -6.49 -8.99
C MET A 28 21.25 -5.47 -10.07
N HIS A 29 20.54 -4.33 -10.20
CA HIS A 29 20.82 -3.35 -11.25
C HIS A 29 22.18 -2.68 -11.00
N ASP A 30 22.35 -2.07 -9.82
CA ASP A 30 23.57 -1.32 -9.43
C ASP A 30 24.01 -0.33 -10.52
N LEU A 31 23.01 0.29 -11.16
CA LEU A 31 23.17 1.12 -12.37
C LEU A 31 22.08 2.20 -12.45
N SER A 32 20.92 1.96 -11.82
CA SER A 32 19.72 2.79 -11.98
C SER A 32 19.79 4.13 -11.22
N PHE A 33 20.99 4.59 -10.87
CA PHE A 33 21.23 5.94 -10.36
C PHE A 33 21.22 6.94 -11.54
N LEU A 34 21.51 6.47 -12.77
CA LEU A 34 21.41 7.29 -13.97
C LEU A 34 19.94 7.60 -14.25
N HIS A 35 19.11 6.56 -14.28
CA HIS A 35 17.66 6.60 -14.43
C HIS A 35 17.12 5.25 -13.92
N PRO A 36 15.87 5.17 -13.42
CA PRO A 36 15.30 3.90 -12.98
C PRO A 36 15.15 2.94 -14.16
N SER A 37 15.31 1.63 -13.91
CA SER A 37 15.07 0.58 -14.89
C SER A 37 13.58 0.54 -15.24
N MET A 38 12.75 0.57 -14.18
CA MET A 38 11.30 0.77 -14.24
C MET A 38 10.95 1.55 -12.99
N PRO A 39 10.26 2.70 -13.09
CA PRO A 39 9.86 3.47 -11.92
C PRO A 39 9.10 2.64 -10.90
N VAL A 40 9.51 2.74 -9.63
CA VAL A 40 8.75 2.19 -8.51
C VAL A 40 7.54 3.11 -8.32
N TYR A 41 6.35 2.56 -8.05
CA TYR A 41 5.11 3.32 -7.93
C TYR A 41 4.26 2.70 -6.81
N VAL A 42 3.38 3.50 -6.18
CA VAL A 42 2.61 3.10 -5.02
C VAL A 42 1.19 3.66 -5.14
N SER A 43 0.16 2.80 -5.05
CA SER A 43 -1.23 3.21 -4.91
C SER A 43 -1.56 3.35 -3.42
N ASP A 44 -2.40 4.32 -3.04
CA ASP A 44 -2.99 4.48 -1.71
C ASP A 44 -4.50 4.41 -1.85
N PHE A 45 -5.18 3.67 -0.97
CA PHE A 45 -6.62 3.47 -1.04
C PHE A 45 -7.21 2.85 0.23
N THR A 46 -8.42 3.27 0.60
CA THR A 46 -9.30 2.68 1.62
C THR A 46 -8.70 2.56 3.03
N LEU A 47 -9.55 2.29 4.02
CA LEU A 47 -9.17 2.12 5.43
C LEU A 47 -9.61 0.71 5.88
N PHE A 48 -9.00 -0.33 5.32
CA PHE A 48 -9.38 -1.71 5.58
C PHE A 48 -8.97 -2.12 7.00
N GLU A 49 -9.90 -2.71 7.76
CA GLU A 49 -9.71 -3.07 9.17
C GLU A 49 -9.21 -1.88 10.01
N GLY A 50 -9.61 -0.66 9.64
CA GLY A 50 -9.22 0.57 10.31
C GLY A 50 -7.80 1.04 9.97
N GLN A 51 -7.13 0.46 8.96
CA GLN A 51 -5.74 0.73 8.60
C GLN A 51 -5.70 1.13 7.12
N TRP A 52 -4.84 2.06 6.72
CA TRP A 52 -4.81 2.52 5.33
C TRP A 52 -4.31 1.39 4.43
N THR A 53 -4.92 1.20 3.25
CA THR A 53 -4.47 0.17 2.32
C THR A 53 -3.59 0.85 1.26
N GLY A 54 -2.70 0.07 0.64
CA GLY A 54 -1.89 0.50 -0.47
C GLY A 54 -1.34 -0.72 -1.20
N CYS A 55 -0.72 -0.49 -2.34
CA CYS A 55 0.06 -1.49 -3.08
C CYS A 55 1.29 -0.76 -3.61
N VAL A 56 2.40 -1.45 -3.78
CA VAL A 56 3.62 -0.94 -4.37
C VAL A 56 4.03 -1.90 -5.49
N ILE A 57 4.53 -1.36 -6.59
CA ILE A 57 5.18 -2.14 -7.65
C ILE A 57 6.62 -1.66 -7.76
N THR A 58 7.49 -2.56 -8.14
CA THR A 58 8.87 -2.30 -8.46
C THR A 58 9.25 -3.20 -9.64
N PRO A 59 10.44 -3.06 -10.25
CA PRO A 59 10.92 -4.07 -11.21
C PRO A 59 11.16 -5.42 -10.52
N TRP A 60 11.30 -5.48 -9.19
CA TRP A 60 11.70 -6.69 -8.49
C TRP A 60 10.52 -7.43 -7.80
N MET A 61 9.43 -6.74 -7.47
CA MET A 61 8.28 -7.29 -6.74
C MET A 61 7.03 -6.42 -6.89
N LEU A 62 5.86 -6.95 -6.50
CA LEU A 62 4.62 -6.20 -6.34
C LEU A 62 4.08 -6.67 -5.01
N SER A 63 3.81 -5.75 -4.08
CA SER A 63 3.38 -6.09 -2.74
C SER A 63 2.26 -5.16 -2.30
N ALA A 64 1.21 -5.75 -1.74
CA ALA A 64 0.17 -5.02 -1.03
C ALA A 64 0.81 -4.50 0.26
N VAL A 65 0.38 -3.36 0.76
CA VAL A 65 0.92 -2.74 1.97
C VAL A 65 -0.23 -2.14 2.78
N ILE A 66 -0.05 -2.05 4.10
CA ILE A 66 -1.05 -1.54 5.03
C ILE A 66 -0.30 -0.67 6.05
N PHE A 67 -0.92 0.41 6.52
CA PHE A 67 -0.31 1.37 7.45
C PHE A 67 -1.26 1.68 8.60
N PRO A 68 -0.76 1.85 9.84
CA PRO A 68 -1.54 2.27 10.99
C PRO A 68 -2.48 3.44 10.67
N GLY A 69 -3.77 3.29 11.03
CA GLY A 69 -4.83 4.23 10.67
C GLY A 69 -4.70 5.61 11.34
N PRO A 70 -5.63 6.53 11.04
CA PRO A 70 -5.54 7.93 11.46
C PRO A 70 -5.68 8.04 12.99
N ASP A 71 -4.77 8.79 13.60
CA ASP A 71 -4.75 9.12 15.03
C ASP A 71 -4.91 7.89 15.95
N GLN A 72 -4.41 6.74 15.49
CA GLN A 72 -4.31 5.53 16.30
C GLN A 72 -2.97 5.55 17.04
N LEU A 73 -2.90 4.84 18.17
CA LEU A 73 -1.67 4.60 18.89
C LEU A 73 -1.47 3.09 18.84
N TRP A 74 -0.82 2.63 17.78
CA TRP A 74 -0.44 1.23 17.63
C TRP A 74 0.61 0.88 18.69
N PRO A 75 0.70 -0.38 19.15
CA PRO A 75 1.81 -0.84 19.98
C PRO A 75 3.07 -0.95 19.11
N LEU A 76 4.25 -0.95 19.73
CA LEU A 76 5.50 -1.28 19.04
C LEU A 76 5.39 -2.75 18.63
N ARG A 77 5.42 -3.05 17.32
CA ARG A 77 5.36 -4.42 16.82
C ARG A 77 6.78 -4.98 16.74
N LYS A 78 6.91 -6.31 16.72
CA LYS A 78 8.15 -6.99 16.41
C LYS A 78 8.08 -7.27 14.92
N VAL A 79 9.21 -7.06 14.25
CA VAL A 79 9.30 -7.04 12.80
C VAL A 79 9.40 -8.48 12.29
N SER A 80 8.99 -8.72 11.05
CA SER A 80 8.97 -10.01 10.39
C SER A 80 7.97 -11.01 11.03
N GLU A 81 7.11 -10.55 11.94
CA GLU A 81 5.97 -11.29 12.45
C GLU A 81 4.81 -11.11 11.46
N LYS A 82 3.77 -11.95 11.52
CA LYS A 82 2.59 -11.81 10.67
C LYS A 82 1.37 -11.39 11.49
N ILE A 83 0.55 -10.52 10.90
CA ILE A 83 -0.72 -10.04 11.44
C ILE A 83 -1.80 -10.59 10.52
N GLY A 84 -2.85 -11.20 11.07
CA GLY A 84 -3.98 -11.70 10.28
C GLY A 84 -4.90 -10.55 9.92
N LEU A 85 -5.13 -10.35 8.62
CA LEU A 85 -6.13 -9.42 8.08
C LEU A 85 -7.26 -10.25 7.47
N GLN A 86 -8.44 -9.63 7.40
CA GLN A 86 -9.58 -10.16 6.66
C GLN A 86 -10.04 -9.03 5.74
N LEU A 87 -10.26 -9.39 4.47
CA LEU A 87 -10.73 -8.50 3.40
C LEU A 87 -11.39 -9.39 2.34
N PRO A 88 -12.16 -8.87 1.38
CA PRO A 88 -12.91 -9.68 0.43
C PRO A 88 -12.07 -10.66 -0.40
N TYR A 89 -10.77 -10.40 -0.56
CA TYR A 89 -9.81 -11.31 -1.18
C TYR A 89 -9.77 -12.67 -0.46
N GLY A 90 -9.96 -12.67 0.87
CA GLY A 90 -9.88 -13.83 1.74
C GLY A 90 -9.15 -13.47 3.03
N THR A 91 -9.04 -14.42 3.96
CA THR A 91 -8.18 -14.28 5.12
C THR A 91 -6.74 -14.25 4.59
N MET A 92 -5.94 -13.26 4.97
CA MET A 92 -4.57 -13.13 4.48
C MET A 92 -3.70 -12.51 5.57
N THR A 93 -2.56 -13.11 5.88
CA THR A 93 -1.59 -12.52 6.77
C THR A 93 -0.75 -11.49 6.03
N PHE A 94 -0.43 -10.37 6.70
CA PHE A 94 0.53 -9.38 6.24
C PHE A 94 1.69 -9.47 7.21
N THR A 95 2.92 -9.46 6.70
CA THR A 95 4.12 -9.43 7.51
C THR A 95 4.36 -7.99 7.98
N VAL A 96 4.84 -7.79 9.20
CA VAL A 96 5.30 -6.50 9.68
C VAL A 96 6.67 -6.23 9.03
N GLY A 97 6.81 -5.10 8.35
CA GLY A 97 8.07 -4.59 7.86
C GLY A 97 8.46 -3.36 8.69
N GLU A 98 9.76 -3.06 8.73
CA GLU A 98 10.28 -1.83 9.29
C GLU A 98 11.30 -1.31 8.28
N LEU A 99 11.13 -0.07 7.79
CA LEU A 99 11.96 0.46 6.70
C LEU A 99 12.26 1.94 6.97
N ASP A 100 13.47 2.36 6.60
CA ASP A 100 13.93 3.75 6.74
C ASP A 100 12.96 4.71 6.07
N GLY A 101 12.58 5.77 6.77
CA GLY A 101 11.64 6.78 6.29
C GLY A 101 10.18 6.32 6.31
N VAL A 102 9.89 5.08 6.71
CA VAL A 102 8.54 4.52 6.77
C VAL A 102 8.21 4.09 8.21
N SER A 103 9.24 3.70 8.99
CA SER A 103 9.10 3.06 10.28
C SER A 103 8.32 1.75 10.10
N GLN A 104 7.48 1.35 11.06
CA GLN A 104 6.76 0.08 11.02
C GLN A 104 5.50 0.19 10.17
N TYR A 105 5.27 -0.82 9.34
CA TYR A 105 4.15 -0.92 8.40
C TYR A 105 3.95 -2.41 8.11
N LEU A 106 2.92 -2.75 7.34
CA LEU A 106 2.56 -4.13 7.00
C LEU A 106 2.71 -4.31 5.49
N SER A 107 3.08 -5.50 5.03
CA SER A 107 3.29 -5.83 3.63
C SER A 107 2.84 -7.27 3.35
N CYS A 108 2.44 -7.57 2.11
CA CYS A 108 2.18 -8.92 1.64
C CYS A 108 2.55 -8.97 0.15
N SER A 109 3.47 -9.86 -0.24
CA SER A 109 3.90 -9.97 -1.63
C SER A 109 2.81 -10.64 -2.47
N LEU A 110 2.56 -10.12 -3.68
CA LEU A 110 1.69 -10.75 -4.66
C LEU A 110 2.54 -11.70 -5.51
N MET A 111 3.46 -11.14 -6.29
CA MET A 111 4.31 -11.87 -7.23
C MET A 111 5.42 -10.94 -7.72
N SER A 112 6.36 -11.48 -8.51
CA SER A 112 7.35 -10.71 -9.24
C SER A 112 6.72 -10.25 -10.57
N PRO A 113 6.63 -8.94 -10.85
CA PRO A 113 5.92 -8.42 -12.03
C PRO A 113 6.82 -8.32 -13.28
N LEU A 114 8.08 -8.80 -13.22
CA LEU A 114 9.08 -8.57 -14.26
C LEU A 114 8.68 -9.31 -15.54
N SER A 115 8.45 -8.53 -16.60
CA SER A 115 8.24 -8.97 -17.97
C SER A 115 8.91 -7.91 -18.88
N HIS A 116 9.22 -8.27 -20.13
CA HIS A 116 9.83 -7.32 -21.06
C HIS A 116 8.77 -6.43 -21.73
N SER A 117 7.55 -6.95 -21.91
CA SER A 117 6.40 -6.21 -22.44
C SER A 117 5.74 -5.43 -21.28
N MET A 118 6.52 -4.52 -20.67
CA MET A 118 6.18 -3.82 -19.44
C MET A 118 6.65 -2.37 -19.57
N SER A 119 5.82 -1.43 -19.11
CA SER A 119 6.02 0.02 -19.23
C SER A 119 5.47 0.67 -17.96
N ILE A 120 5.76 1.96 -17.74
CA ILE A 120 5.28 2.69 -16.56
C ILE A 120 3.75 2.68 -16.46
N GLU A 121 3.06 2.55 -17.60
CA GLU A 121 1.61 2.42 -17.63
C GLU A 121 1.16 1.13 -16.94
N GLU A 122 1.86 0.01 -17.16
CA GLU A 122 1.65 -1.24 -16.43
C GLU A 122 2.09 -1.09 -14.98
N GLY A 123 3.07 -0.23 -14.69
CA GLY A 123 3.42 0.16 -13.34
C GLY A 123 2.20 0.69 -12.60
N GLN A 124 1.60 1.76 -13.10
CA GLN A 124 0.44 2.38 -12.46
C GLN A 124 -0.76 1.43 -12.49
N ARG A 125 -1.06 0.87 -13.67
CA ARG A 125 -2.21 0.01 -13.90
C ARG A 125 -2.18 -1.19 -12.97
N LEU A 126 -1.04 -1.87 -12.81
CA LEU A 126 -1.01 -3.12 -12.04
C LEU A 126 -0.99 -2.85 -10.56
N THR A 127 -0.49 -1.70 -10.09
CA THR A 127 -0.59 -1.37 -8.67
C THR A 127 -2.05 -1.09 -8.32
N ASP A 128 -2.76 -0.34 -9.18
CA ASP A 128 -4.18 -0.05 -9.01
C ASP A 128 -5.04 -1.30 -9.19
N ASP A 129 -4.72 -2.13 -10.18
CA ASP A 129 -5.40 -3.40 -10.40
C ASP A 129 -5.12 -4.36 -9.23
N CYS A 130 -3.95 -4.25 -8.58
CA CYS A 130 -3.68 -5.08 -7.41
C CYS A 130 -4.58 -4.65 -6.24
N ALA A 131 -4.72 -3.34 -6.01
CA ALA A 131 -5.67 -2.78 -5.04
C ALA A 131 -7.08 -3.27 -5.37
N ARG A 132 -7.52 -3.09 -6.61
CA ARG A 132 -8.84 -3.52 -7.11
C ARG A 132 -9.07 -5.00 -6.81
N MET A 133 -8.14 -5.85 -7.23
CA MET A 133 -8.16 -7.30 -7.04
C MET A 133 -8.44 -7.64 -5.56
N ILE A 134 -7.71 -7.04 -4.61
CA ILE A 134 -7.85 -7.41 -3.21
C ILE A 134 -9.06 -6.72 -2.53
N LEU A 135 -9.56 -5.62 -3.09
CA LEU A 135 -10.83 -5.02 -2.68
C LEU A 135 -12.00 -5.89 -3.17
N SER A 136 -11.83 -6.54 -4.33
CA SER A 136 -12.82 -7.41 -4.97
C SER A 136 -14.18 -6.74 -5.21
N LEU A 137 -14.17 -5.42 -5.37
CA LEU A 137 -15.36 -4.60 -5.61
C LEU A 137 -15.68 -4.59 -7.10
N PRO A 138 -16.98 -4.52 -7.49
CA PRO A 138 -17.40 -4.39 -8.88
C PRO A 138 -16.91 -3.07 -9.49
N VAL A 139 -16.77 -3.04 -10.82
CA VAL A 139 -16.19 -1.92 -11.55
C VAL A 139 -17.00 -0.64 -11.30
N THR A 140 -16.30 0.49 -11.12
CA THR A 140 -16.92 1.78 -10.82
C THR A 140 -17.59 2.33 -12.09
N ASN A 141 -18.69 3.07 -11.93
CA ASN A 141 -19.31 3.84 -13.01
C ASN A 141 -19.05 5.32 -12.72
N PRO A 142 -18.15 6.00 -13.45
CA PRO A 142 -17.69 7.35 -13.11
C PRO A 142 -18.66 8.44 -13.61
N ASP A 143 -19.96 8.16 -13.58
CA ASP A 143 -21.04 9.07 -13.95
C ASP A 143 -22.30 8.68 -13.17
N VAL A 144 -23.07 9.67 -12.72
CA VAL A 144 -24.35 9.48 -12.05
C VAL A 144 -25.26 10.64 -12.48
N PRO A 145 -26.59 10.42 -12.58
CA PRO A 145 -27.57 11.47 -12.76
C PRO A 145 -27.43 12.57 -11.68
N HIS A 146 -27.90 13.78 -11.99
CA HIS A 146 -27.92 14.86 -11.02
C HIS A 146 -28.82 14.48 -9.84
N ALA A 147 -28.39 14.79 -8.62
CA ALA A 147 -29.10 14.43 -7.40
C ALA A 147 -30.32 15.34 -7.20
N GLY A 148 -31.38 14.80 -6.61
CA GLY A 148 -32.56 15.57 -6.23
C GLY A 148 -32.28 16.44 -5.00
N ARG A 149 -33.11 17.47 -4.79
CA ARG A 149 -33.12 18.32 -3.61
C ARG A 149 -34.57 18.76 -3.38
N ARG A 150 -35.00 18.84 -2.12
CA ARG A 150 -36.35 19.29 -1.79
C ARG A 150 -36.45 20.80 -2.02
N ALA A 151 -37.60 21.25 -2.53
CA ALA A 151 -37.95 22.66 -2.70
C ALA A 151 -39.35 22.95 -2.11
N LEU A 152 -39.82 22.10 -1.20
CA LEU A 152 -41.14 22.18 -0.60
C LEU A 152 -41.16 23.21 0.53
N LEU A 153 -42.37 23.67 0.88
CA LEU A 153 -42.66 24.50 2.05
C LEU A 153 -44.03 24.10 2.59
N PHE A 154 -44.28 24.37 3.88
CA PHE A 154 -45.59 24.13 4.48
C PHE A 154 -46.57 25.17 3.95
N GLY A 155 -47.73 24.72 3.47
CA GLY A 155 -48.77 25.62 2.98
C GLY A 155 -49.40 26.38 4.13
N ARG A 156 -49.65 27.68 3.93
CA ARG A 156 -50.40 28.50 4.88
C ARG A 156 -51.89 28.35 4.58
N ARG A 157 -52.74 28.47 5.61
CA ARG A 157 -54.21 28.33 5.49
C ARG A 157 -54.96 29.51 6.12
N SER A 158 -54.28 30.64 6.32
CA SER A 158 -54.78 31.83 7.02
C SER A 158 -55.18 31.52 8.47
N GLY A 159 -55.64 32.53 9.20
CA GLY A 159 -56.03 32.44 10.60
C GLY A 159 -56.65 33.77 11.01
N GLU A 160 -56.14 34.36 12.09
CA GLU A 160 -56.50 35.73 12.49
C GLU A 160 -56.02 36.73 11.43
N ASN A 161 -54.91 36.41 10.74
CA ASN A 161 -54.44 37.13 9.56
C ASN A 161 -55.01 36.43 8.32
N ALA A 162 -55.56 37.19 7.37
CA ALA A 162 -56.08 36.70 6.11
C ALA A 162 -55.89 37.80 5.07
N MET A 1 10.82 3.28 27.63
CA MET A 1 10.64 3.36 26.14
C MET A 1 9.16 3.17 25.77
N THR A 2 8.74 3.72 24.63
CA THR A 2 7.38 3.55 24.09
C THR A 2 7.21 2.12 23.55
N GLU A 3 5.95 1.66 23.45
CA GLU A 3 5.60 0.33 22.97
C GLU A 3 4.37 0.44 22.05
N GLU A 4 4.37 1.47 21.20
CA GLU A 4 3.24 1.85 20.35
C GLU A 4 3.78 2.32 18.98
N ILE A 5 2.91 2.29 17.96
CA ILE A 5 3.13 2.84 16.63
C ILE A 5 2.00 3.86 16.44
N ALA A 6 2.35 5.08 16.04
CA ALA A 6 1.38 6.12 15.74
C ALA A 6 0.69 5.79 14.42
N GLY A 7 -0.64 5.86 14.41
CA GLY A 7 -1.46 5.70 13.22
C GLY A 7 -1.20 6.84 12.22
N PHE A 8 -1.39 6.55 10.94
CA PHE A 8 -1.10 7.45 9.85
C PHE A 8 -2.36 8.23 9.48
N GLN A 9 -2.23 9.52 9.21
CA GLN A 9 -3.36 10.34 8.77
C GLN A 9 -3.75 9.96 7.33
N THR A 10 -2.77 9.59 6.51
CA THR A 10 -2.87 9.00 5.18
C THR A 10 -1.55 8.25 4.92
N SER A 11 -1.54 7.33 3.95
CA SER A 11 -0.42 6.46 3.66
C SER A 11 0.89 7.25 3.46
N PRO A 12 2.04 6.77 4.00
CA PRO A 12 3.37 7.33 3.77
C PRO A 12 3.90 6.91 2.40
N LYS A 13 3.09 7.02 1.33
CA LYS A 13 3.42 6.44 0.03
C LYS A 13 4.69 7.02 -0.59
N ALA A 14 4.99 8.29 -0.34
CA ALA A 14 6.22 8.91 -0.84
C ALA A 14 7.46 8.27 -0.20
N GLN A 15 7.39 8.02 1.11
CA GLN A 15 8.50 7.46 1.86
C GLN A 15 8.68 5.97 1.49
N VAL A 16 7.57 5.24 1.32
CA VAL A 16 7.60 3.87 0.79
C VAL A 16 8.25 3.91 -0.61
N GLN A 17 7.85 4.84 -1.48
CA GLN A 17 8.37 4.96 -2.84
C GLN A 17 9.88 5.21 -2.81
N ALA A 18 10.34 6.22 -2.09
CA ALA A 18 11.75 6.63 -2.08
C ALA A 18 12.63 5.51 -1.51
N ALA A 19 12.18 4.85 -0.45
CA ALA A 19 12.95 3.77 0.14
C ALA A 19 13.01 2.57 -0.80
N PHE A 20 11.89 2.23 -1.45
CA PHE A 20 11.89 1.16 -2.44
C PHE A 20 12.65 1.53 -3.71
N GLU A 21 12.75 2.81 -4.06
CA GLU A 21 13.58 3.27 -5.16
C GLU A 21 15.05 2.96 -4.84
N GLU A 22 15.45 3.07 -3.57
CA GLU A 22 16.82 2.80 -3.18
C GLU A 22 17.09 1.31 -3.25
N ILE A 23 16.18 0.51 -2.71
CA ILE A 23 16.26 -0.96 -2.75
C ILE A 23 16.26 -1.44 -4.21
N ALA A 24 15.49 -0.79 -5.09
CA ALA A 24 15.47 -1.12 -6.52
C ALA A 24 16.80 -0.75 -7.18
N ARG A 25 17.45 0.37 -6.78
CA ARG A 25 18.73 0.82 -7.31
C ARG A 25 19.85 -0.10 -6.85
N ARG A 26 19.73 -0.62 -5.63
CA ARG A 26 20.54 -1.69 -5.09
C ARG A 26 20.33 -3.02 -5.85
N SER A 27 19.42 -3.06 -6.84
CA SER A 27 19.24 -4.13 -7.79
C SER A 27 19.03 -5.51 -7.13
N MET A 28 17.84 -5.70 -6.55
CA MET A 28 17.40 -7.01 -6.09
C MET A 28 17.31 -7.93 -7.33
N HIS A 29 16.57 -7.46 -8.34
CA HIS A 29 16.55 -8.07 -9.68
C HIS A 29 17.79 -7.56 -10.44
N ASP A 30 18.17 -8.20 -11.54
CA ASP A 30 19.34 -7.77 -12.30
C ASP A 30 18.79 -6.74 -13.26
N LEU A 31 19.08 -5.46 -13.00
CA LEU A 31 18.52 -4.37 -13.77
C LEU A 31 19.31 -4.27 -15.08
N SER A 32 18.88 -5.10 -16.03
CA SER A 32 19.32 -5.06 -17.43
C SER A 32 19.31 -3.62 -18.00
N PHE A 33 20.04 -3.42 -19.10
CA PHE A 33 20.35 -2.10 -19.68
C PHE A 33 19.13 -1.31 -20.19
N LEU A 34 17.94 -1.92 -20.26
CA LEU A 34 16.70 -1.25 -20.65
C LEU A 34 16.31 -0.17 -19.62
N HIS A 35 15.38 0.71 -20.00
CA HIS A 35 14.75 1.65 -19.08
C HIS A 35 13.92 0.86 -18.04
N PRO A 36 13.57 1.46 -16.88
CA PRO A 36 12.84 0.74 -15.83
C PRO A 36 11.54 0.15 -16.38
N SER A 37 11.38 -1.17 -16.22
CA SER A 37 10.31 -1.92 -16.86
C SER A 37 8.95 -1.66 -16.22
N MET A 38 8.93 -1.31 -14.93
CA MET A 38 7.77 -0.83 -14.20
C MET A 38 8.33 0.23 -13.27
N PRO A 39 7.69 1.41 -13.16
CA PRO A 39 8.27 2.50 -12.41
C PRO A 39 8.19 2.17 -10.92
N VAL A 40 9.18 2.55 -10.12
CA VAL A 40 9.01 2.46 -8.67
C VAL A 40 7.92 3.48 -8.31
N TYR A 41 6.73 2.98 -7.93
CA TYR A 41 5.51 3.76 -7.79
C TYR A 41 4.64 3.12 -6.69
N VAL A 42 3.76 3.91 -6.06
CA VAL A 42 2.91 3.44 -4.98
C VAL A 42 1.52 4.06 -5.15
N SER A 43 0.48 3.23 -5.30
CA SER A 43 -0.91 3.66 -5.26
C SER A 43 -1.40 3.69 -3.79
N ASP A 44 -2.34 4.58 -3.44
CA ASP A 44 -2.89 4.80 -2.10
C ASP A 44 -4.43 4.71 -2.13
N PHE A 45 -5.05 4.12 -1.10
CA PHE A 45 -6.46 3.76 -1.07
C PHE A 45 -7.12 3.80 0.32
N THR A 46 -8.45 3.64 0.25
CA THR A 46 -9.48 3.42 1.24
C THR A 46 -9.03 3.17 2.69
N LEU A 47 -9.72 3.81 3.63
CA LEU A 47 -9.60 3.51 5.04
C LEU A 47 -10.44 2.24 5.21
N PHE A 48 -9.75 1.11 5.33
CA PHE A 48 -10.32 -0.22 5.40
C PHE A 48 -10.70 -0.50 6.86
N GLU A 49 -10.45 -1.70 7.39
CA GLU A 49 -10.76 -2.08 8.77
C GLU A 49 -9.76 -1.40 9.73
N GLY A 50 -9.91 -0.09 9.96
CA GLY A 50 -9.07 0.69 10.86
C GLY A 50 -7.67 0.95 10.32
N GLN A 51 -7.43 0.77 9.02
CA GLN A 51 -6.10 0.83 8.39
C GLN A 51 -6.25 1.21 6.92
N TRP A 52 -5.35 2.06 6.39
CA TRP A 52 -5.33 2.51 5.01
C TRP A 52 -4.77 1.43 4.10
N THR A 53 -5.25 1.34 2.85
CA THR A 53 -4.73 0.40 1.86
C THR A 53 -3.76 1.11 0.92
N GLY A 54 -2.88 0.33 0.28
CA GLY A 54 -1.95 0.80 -0.72
C GLY A 54 -1.34 -0.38 -1.46
N CYS A 55 -0.64 -0.11 -2.55
CA CYS A 55 0.17 -1.11 -3.25
C CYS A 55 1.41 -0.38 -3.75
N VAL A 56 2.56 -1.04 -3.72
CA VAL A 56 3.81 -0.57 -4.30
C VAL A 56 4.18 -1.50 -5.45
N ILE A 57 4.86 -0.96 -6.46
CA ILE A 57 5.48 -1.72 -7.51
C ILE A 57 6.86 -1.12 -7.74
N THR A 58 7.75 -1.92 -8.30
CA THR A 58 9.10 -1.56 -8.70
C THR A 58 9.44 -2.39 -9.95
N PRO A 59 10.62 -2.22 -10.59
CA PRO A 59 11.05 -3.16 -11.62
C PRO A 59 11.15 -4.58 -11.07
N TRP A 60 11.43 -4.73 -9.76
CA TRP A 60 11.75 -6.01 -9.15
C TRP A 60 10.56 -6.70 -8.45
N MET A 61 9.48 -6.00 -8.08
CA MET A 61 8.35 -6.60 -7.35
C MET A 61 7.06 -5.78 -7.42
N LEU A 62 5.97 -6.36 -6.89
CA LEU A 62 4.69 -5.71 -6.61
C LEU A 62 4.34 -6.24 -5.23
N SER A 63 4.05 -5.37 -4.28
CA SER A 63 3.63 -5.75 -2.94
C SER A 63 2.46 -4.89 -2.51
N ALA A 64 1.43 -5.51 -1.95
CA ALA A 64 0.36 -4.79 -1.27
C ALA A 64 0.93 -4.25 0.05
N VAL A 65 0.46 -3.08 0.48
CA VAL A 65 0.93 -2.44 1.72
C VAL A 65 -0.27 -1.84 2.45
N ILE A 66 -0.23 -1.82 3.78
CA ILE A 66 -1.33 -1.44 4.64
C ILE A 66 -0.72 -0.64 5.80
N PHE A 67 -1.40 0.40 6.28
CA PHE A 67 -0.89 1.32 7.31
C PHE A 67 -1.96 1.53 8.38
N PRO A 68 -1.65 1.59 9.69
CA PRO A 68 -2.64 1.88 10.72
C PRO A 68 -3.34 3.23 10.46
N GLY A 69 -4.65 3.27 10.75
CA GLY A 69 -5.52 4.40 10.41
C GLY A 69 -5.27 5.68 11.24
N PRO A 70 -6.05 6.74 10.99
CA PRO A 70 -5.80 8.05 11.56
C PRO A 70 -6.07 8.09 13.07
N ASP A 71 -5.27 8.88 13.78
CA ASP A 71 -5.39 9.18 15.22
C ASP A 71 -5.70 7.93 16.05
N GLN A 72 -4.82 6.92 15.94
CA GLN A 72 -5.00 5.59 16.52
C GLN A 72 -3.61 5.14 17.00
N LEU A 73 -3.53 4.38 18.09
CA LEU A 73 -2.27 3.90 18.63
C LEU A 73 -2.28 2.38 18.54
N TRP A 74 -1.60 1.84 17.54
CA TRP A 74 -1.34 0.39 17.47
C TRP A 74 -0.22 0.06 18.47
N PRO A 75 -0.13 -1.18 18.97
CA PRO A 75 1.00 -1.61 19.79
C PRO A 75 2.28 -1.73 18.94
N LEU A 76 3.46 -1.68 19.58
CA LEU A 76 4.72 -2.01 18.93
C LEU A 76 4.66 -3.49 18.53
N ARG A 77 5.11 -3.86 17.33
CA ARG A 77 5.16 -5.25 16.87
C ARG A 77 6.61 -5.63 16.58
N LYS A 78 6.90 -6.92 16.54
CA LYS A 78 8.18 -7.43 16.06
C LYS A 78 8.05 -7.57 14.55
N VAL A 79 9.17 -7.41 13.86
CA VAL A 79 9.22 -7.29 12.41
C VAL A 79 9.40 -8.70 11.85
N SER A 80 8.98 -8.92 10.60
CA SER A 80 8.99 -10.22 9.95
C SER A 80 8.11 -11.25 10.68
N GLU A 81 7.06 -10.78 11.37
CA GLU A 81 5.97 -11.55 11.95
C GLU A 81 4.73 -11.31 11.10
N LYS A 82 3.76 -12.23 11.06
CA LYS A 82 2.56 -12.07 10.25
C LYS A 82 1.35 -11.71 11.11
N ILE A 83 0.45 -10.94 10.52
CA ILE A 83 -0.84 -10.49 11.07
C ILE A 83 -1.88 -10.97 10.06
N GLY A 84 -2.96 -11.61 10.51
CA GLY A 84 -4.03 -12.06 9.64
C GLY A 84 -4.97 -10.89 9.35
N LEU A 85 -5.18 -10.57 8.06
CA LEU A 85 -6.20 -9.64 7.61
C LEU A 85 -7.30 -10.47 6.96
N GLN A 86 -8.56 -10.19 7.29
CA GLN A 86 -9.68 -10.77 6.57
C GLN A 86 -9.99 -9.81 5.42
N LEU A 87 -9.84 -10.28 4.18
CA LEU A 87 -10.29 -9.59 2.99
C LEU A 87 -11.53 -10.34 2.50
N PRO A 88 -12.45 -9.71 1.74
CA PRO A 88 -13.52 -10.47 1.09
C PRO A 88 -12.96 -11.42 0.02
N TYR A 89 -11.80 -11.05 -0.57
CA TYR A 89 -10.99 -11.90 -1.45
C TYR A 89 -10.68 -13.25 -0.80
N GLY A 90 -10.41 -13.26 0.51
CA GLY A 90 -9.98 -14.41 1.28
C GLY A 90 -9.18 -13.95 2.49
N THR A 91 -8.89 -14.85 3.41
CA THR A 91 -8.01 -14.55 4.54
C THR A 91 -6.58 -14.44 3.98
N MET A 92 -5.87 -13.37 4.32
CA MET A 92 -4.52 -13.10 3.81
C MET A 92 -3.66 -12.60 4.97
N THR A 93 -2.55 -13.24 5.27
CA THR A 93 -1.58 -12.73 6.22
C THR A 93 -0.74 -11.64 5.53
N PHE A 94 -0.52 -10.54 6.24
CA PHE A 94 0.43 -9.50 5.87
C PHE A 94 1.56 -9.57 6.89
N THR A 95 2.78 -9.39 6.44
CA THR A 95 3.96 -9.42 7.31
C THR A 95 4.20 -8.00 7.80
N VAL A 96 4.61 -7.83 9.06
CA VAL A 96 5.08 -6.55 9.58
C VAL A 96 6.43 -6.28 8.93
N GLY A 97 6.53 -5.19 8.17
CA GLY A 97 7.79 -4.67 7.66
C GLY A 97 8.19 -3.48 8.52
N GLU A 98 9.48 -3.15 8.51
CA GLU A 98 10.00 -1.93 9.09
C GLU A 98 10.93 -1.32 8.04
N LEU A 99 10.67 -0.08 7.61
CA LEU A 99 11.33 0.54 6.46
C LEU A 99 11.67 2.00 6.80
N ASP A 100 12.77 2.52 6.26
CA ASP A 100 13.29 3.84 6.63
C ASP A 100 12.25 4.94 6.40
N GLY A 101 12.01 5.76 7.41
CA GLY A 101 11.06 6.89 7.40
C GLY A 101 9.61 6.44 7.58
N VAL A 102 9.29 5.23 7.11
CA VAL A 102 7.99 4.59 7.20
C VAL A 102 7.80 4.00 8.60
N SER A 103 8.88 3.58 9.27
CA SER A 103 8.84 2.80 10.50
C SER A 103 8.03 1.54 10.21
N GLN A 104 7.17 1.09 11.13
CA GLN A 104 6.44 -0.17 10.97
C GLN A 104 5.19 0.03 10.13
N TYR A 105 4.94 -0.93 9.24
CA TYR A 105 3.83 -1.00 8.30
C TYR A 105 3.61 -2.47 7.95
N LEU A 106 2.52 -2.81 7.27
CA LEU A 106 2.19 -4.20 6.93
C LEU A 106 2.30 -4.36 5.42
N SER A 107 2.84 -5.49 4.96
CA SER A 107 3.15 -5.74 3.55
C SER A 107 2.75 -7.17 3.17
N CYS A 108 2.40 -7.40 1.91
CA CYS A 108 2.20 -8.74 1.35
C CYS A 108 2.83 -8.73 -0.05
N SER A 109 3.88 -9.52 -0.26
CA SER A 109 4.53 -9.64 -1.56
C SER A 109 3.55 -10.32 -2.53
N LEU A 110 3.26 -9.67 -3.64
CA LEU A 110 2.19 -10.09 -4.56
C LEU A 110 2.78 -10.85 -5.75
N MET A 111 3.84 -10.32 -6.38
CA MET A 111 4.56 -10.96 -7.46
C MET A 111 5.95 -10.34 -7.59
N SER A 112 6.84 -11.03 -8.31
CA SER A 112 8.23 -10.60 -8.53
C SER A 112 8.57 -10.49 -10.03
N PRO A 113 8.44 -11.54 -10.86
CA PRO A 113 8.86 -11.46 -12.26
C PRO A 113 7.99 -10.51 -13.08
N LEU A 114 8.59 -9.89 -14.11
CA LEU A 114 7.90 -9.07 -15.10
C LEU A 114 7.11 -10.00 -16.03
N SER A 115 5.82 -9.74 -16.26
CA SER A 115 5.05 -10.48 -17.26
C SER A 115 5.54 -10.09 -18.66
N HIS A 116 5.65 -11.08 -19.56
CA HIS A 116 6.31 -10.95 -20.87
C HIS A 116 5.96 -9.66 -21.61
N SER A 117 4.66 -9.38 -21.77
CA SER A 117 4.17 -8.29 -22.61
C SER A 117 3.82 -7.03 -21.81
N MET A 118 4.19 -6.97 -20.53
CA MET A 118 3.83 -5.87 -19.64
C MET A 118 4.94 -4.81 -19.63
N SER A 119 4.55 -3.54 -19.48
CA SER A 119 5.41 -2.37 -19.46
C SER A 119 4.95 -1.44 -18.33
N ILE A 120 5.44 -0.20 -18.31
CA ILE A 120 5.20 0.76 -17.24
C ILE A 120 3.72 1.10 -17.03
N GLU A 121 2.90 0.95 -18.06
CA GLU A 121 1.48 1.26 -18.01
C GLU A 121 0.76 0.15 -17.24
N GLU A 122 1.04 -1.11 -17.56
CA GLU A 122 0.60 -2.27 -16.80
C GLU A 122 1.20 -2.21 -15.40
N GLY A 123 2.42 -1.72 -15.21
CA GLY A 123 2.98 -1.58 -13.88
C GLY A 123 2.11 -0.69 -13.00
N GLN A 124 1.81 0.52 -13.46
CA GLN A 124 0.98 1.47 -12.70
C GLN A 124 -0.44 0.92 -12.54
N ARG A 125 -1.04 0.45 -13.64
CA ARG A 125 -2.42 -0.06 -13.63
C ARG A 125 -2.56 -1.30 -12.75
N LEU A 126 -1.53 -2.12 -12.63
CA LEU A 126 -1.54 -3.33 -11.81
C LEU A 126 -1.26 -3.00 -10.35
N THR A 127 -0.60 -1.89 -10.02
CA THR A 127 -0.52 -1.45 -8.63
C THR A 127 -1.94 -1.11 -8.15
N ASP A 128 -2.69 -0.38 -8.98
CA ASP A 128 -4.07 -0.03 -8.70
C ASP A 128 -4.97 -1.26 -8.68
N ASP A 129 -4.91 -2.11 -9.72
CA ASP A 129 -5.73 -3.30 -9.80
C ASP A 129 -5.42 -4.24 -8.64
N CYS A 130 -4.16 -4.32 -8.20
CA CYS A 130 -3.81 -5.16 -7.07
C CYS A 130 -4.50 -4.65 -5.80
N ALA A 131 -4.56 -3.33 -5.62
CA ALA A 131 -5.24 -2.77 -4.46
C ALA A 131 -6.73 -3.07 -4.53
N ARG A 132 -7.42 -2.82 -5.65
CA ARG A 132 -8.86 -3.12 -5.67
C ARG A 132 -9.15 -4.61 -5.59
N MET A 133 -8.23 -5.46 -6.04
CA MET A 133 -8.29 -6.90 -5.83
C MET A 133 -8.37 -7.22 -4.33
N ILE A 134 -7.55 -6.59 -3.47
CA ILE A 134 -7.63 -6.80 -2.01
C ILE A 134 -8.74 -5.97 -1.33
N LEU A 135 -9.16 -4.83 -1.91
CA LEU A 135 -10.35 -4.12 -1.44
C LEU A 135 -11.58 -5.01 -1.63
N SER A 136 -11.62 -5.76 -2.74
CA SER A 136 -12.75 -6.52 -3.25
C SER A 136 -14.00 -5.64 -3.48
N LEU A 137 -13.77 -4.33 -3.60
CA LEU A 137 -14.73 -3.24 -3.64
C LEU A 137 -14.11 -2.09 -4.43
N PRO A 138 -14.92 -1.19 -5.01
CA PRO A 138 -14.44 0.06 -5.59
C PRO A 138 -13.85 0.94 -4.48
N VAL A 139 -13.08 1.96 -4.87
CA VAL A 139 -12.43 2.86 -3.92
C VAL A 139 -13.51 3.65 -3.17
N THR A 140 -13.26 3.89 -1.88
CA THR A 140 -14.24 4.42 -0.95
C THR A 140 -13.68 5.64 -0.24
N ASN A 141 -14.42 6.76 -0.28
CA ASN A 141 -14.12 7.93 0.54
C ASN A 141 -14.62 7.62 1.95
N PRO A 142 -13.80 7.74 3.02
CA PRO A 142 -14.19 7.29 4.35
C PRO A 142 -15.46 7.97 4.86
N ASP A 143 -16.41 7.18 5.36
CA ASP A 143 -17.68 7.60 5.95
C ASP A 143 -18.20 6.46 6.83
N VAL A 144 -18.90 6.79 7.92
CA VAL A 144 -19.51 5.82 8.82
C VAL A 144 -20.78 6.43 9.44
N PRO A 145 -21.80 5.61 9.75
CA PRO A 145 -22.96 6.03 10.53
C PRO A 145 -22.58 6.61 11.90
N HIS A 146 -23.55 7.23 12.58
CA HIS A 146 -23.36 7.70 13.95
C HIS A 146 -23.12 6.49 14.86
N ALA A 147 -21.91 6.39 15.42
CA ALA A 147 -21.46 5.22 16.18
C ALA A 147 -21.80 5.32 17.67
N GLY A 148 -22.19 6.51 18.16
CA GLY A 148 -22.37 6.78 19.57
C GLY A 148 -21.02 6.77 20.31
N ARG A 149 -21.07 6.67 21.64
CA ARG A 149 -19.89 6.58 22.51
C ARG A 149 -20.28 5.73 23.72
N ARG A 150 -19.35 4.92 24.23
CA ARG A 150 -19.57 4.13 25.44
C ARG A 150 -19.61 5.05 26.66
N ALA A 151 -20.30 4.66 27.72
CA ALA A 151 -20.23 5.35 29.00
C ALA A 151 -18.89 4.98 29.64
N LEU A 152 -18.03 5.97 29.89
CA LEU A 152 -16.76 5.83 30.61
C LEU A 152 -16.38 7.15 31.26
N LEU A 153 -15.41 7.11 32.18
CA LEU A 153 -14.80 8.29 32.81
C LEU A 153 -13.33 7.96 33.06
N PHE A 154 -12.44 8.92 32.83
CA PHE A 154 -11.02 8.78 33.19
C PHE A 154 -10.90 9.02 34.69
N GLY A 155 -10.42 8.01 35.44
CA GLY A 155 -10.39 8.05 36.90
C GLY A 155 -11.81 8.14 37.48
N ARG A 156 -11.91 8.63 38.71
CA ARG A 156 -13.17 8.94 39.39
C ARG A 156 -12.87 10.08 40.36
N ARG A 157 -13.84 10.99 40.58
CA ARG A 157 -13.66 12.07 41.54
C ARG A 157 -13.54 11.48 42.94
N SER A 158 -12.59 11.98 43.73
CA SER A 158 -12.29 11.50 45.08
C SER A 158 -13.34 11.92 46.14
N GLY A 159 -14.37 12.68 45.76
CA GLY A 159 -15.43 13.17 46.64
C GLY A 159 -14.99 14.43 47.39
N GLU A 160 -13.89 14.33 48.14
CA GLU A 160 -13.37 15.43 48.95
C GLU A 160 -12.60 16.45 48.09
N ASN A 161 -12.15 16.04 46.88
CA ASN A 161 -11.45 16.92 45.95
C ASN A 161 -12.46 17.86 45.28
N ALA A 162 -12.12 19.15 45.13
CA ALA A 162 -12.92 20.17 44.47
C ALA A 162 -11.96 21.13 43.78
N MET A 1 8.77 7.31 28.10
CA MET A 1 8.25 5.99 28.51
C MET A 1 7.38 5.39 27.38
N THR A 2 7.31 4.05 27.32
CA THR A 2 6.61 3.27 26.29
C THR A 2 7.26 3.45 24.90
N GLU A 3 7.02 2.50 23.99
CA GLU A 3 7.43 2.55 22.59
C GLU A 3 6.15 2.45 21.76
N GLU A 4 6.00 3.31 20.74
CA GLU A 4 4.74 3.50 20.02
C GLU A 4 5.05 3.84 18.54
N ILE A 5 4.00 3.83 17.71
CA ILE A 5 4.03 4.27 16.32
C ILE A 5 3.03 5.44 16.24
N ALA A 6 3.39 6.50 15.50
CA ALA A 6 2.52 7.64 15.26
C ALA A 6 1.36 7.26 14.33
N GLY A 7 0.29 8.07 14.36
CA GLY A 7 -0.80 7.97 13.41
C GLY A 7 -0.42 8.51 12.04
N PHE A 8 -1.17 8.11 11.00
CA PHE A 8 -0.92 8.46 9.61
C PHE A 8 -2.08 9.23 8.99
N GLN A 9 -1.76 10.17 8.11
CA GLN A 9 -2.73 10.85 7.26
C GLN A 9 -2.55 10.27 5.86
N THR A 10 -3.16 9.10 5.70
CA THR A 10 -3.02 8.18 4.56
C THR A 10 -1.58 7.63 4.46
N SER A 11 -1.34 6.72 3.52
CA SER A 11 -0.07 6.00 3.44
C SER A 11 1.10 6.98 3.24
N PRO A 12 2.32 6.64 3.72
CA PRO A 12 3.57 7.36 3.43
C PRO A 12 4.02 7.04 1.99
N LYS A 13 3.14 7.26 1.02
CA LYS A 13 3.24 6.85 -0.38
C LYS A 13 4.56 7.28 -1.01
N ALA A 14 4.93 8.55 -0.87
CA ALA A 14 6.17 9.08 -1.44
C ALA A 14 7.40 8.44 -0.80
N GLN A 15 7.37 8.24 0.51
CA GLN A 15 8.53 7.74 1.24
C GLN A 15 8.72 6.24 0.96
N VAL A 16 7.63 5.48 0.87
CA VAL A 16 7.68 4.07 0.45
C VAL A 16 8.23 4.01 -0.98
N GLN A 17 7.78 4.91 -1.87
CA GLN A 17 8.26 4.95 -3.25
C GLN A 17 9.76 5.24 -3.28
N ALA A 18 10.23 6.29 -2.60
CA ALA A 18 11.62 6.70 -2.62
C ALA A 18 12.52 5.62 -2.02
N ALA A 19 12.07 4.97 -0.93
CA ALA A 19 12.81 3.88 -0.33
C ALA A 19 12.93 2.74 -1.31
N PHE A 20 11.83 2.28 -1.91
CA PHE A 20 11.91 1.17 -2.85
C PHE A 20 12.68 1.55 -4.10
N GLU A 21 12.65 2.80 -4.56
CA GLU A 21 13.43 3.27 -5.70
C GLU A 21 14.93 3.13 -5.40
N GLU A 22 15.33 3.28 -4.14
CA GLU A 22 16.72 3.09 -3.71
C GLU A 22 17.01 1.60 -3.49
N ILE A 23 16.12 0.86 -2.81
CA ILE A 23 16.33 -0.54 -2.45
C ILE A 23 16.38 -1.38 -3.73
N ALA A 24 15.54 -1.10 -4.72
CA ALA A 24 15.53 -1.79 -6.00
C ALA A 24 16.88 -1.62 -6.73
N ARG A 25 17.56 -0.49 -6.52
CA ARG A 25 18.85 -0.17 -7.13
C ARG A 25 19.97 -0.86 -6.36
N ARG A 26 19.91 -0.86 -5.03
CA ARG A 26 20.85 -1.61 -4.18
C ARG A 26 20.81 -3.09 -4.51
N SER A 27 19.62 -3.64 -4.82
CA SER A 27 19.44 -5.02 -5.26
C SER A 27 19.71 -5.22 -6.77
N MET A 28 20.05 -4.15 -7.51
CA MET A 28 20.40 -4.15 -8.93
C MET A 28 19.34 -4.79 -9.83
N HIS A 29 18.05 -4.56 -9.52
CA HIS A 29 16.92 -5.07 -10.32
C HIS A 29 16.66 -4.14 -11.51
N ASP A 30 17.67 -3.92 -12.35
CA ASP A 30 17.56 -3.06 -13.54
C ASP A 30 17.08 -3.83 -14.77
N LEU A 31 17.37 -5.15 -14.83
CA LEU A 31 17.08 -6.05 -15.96
C LEU A 31 17.32 -5.41 -17.34
N SER A 32 18.47 -4.73 -17.45
CA SER A 32 18.97 -4.08 -18.65
C SER A 32 18.05 -2.99 -19.23
N PHE A 33 17.11 -2.45 -18.45
CA PHE A 33 16.35 -1.27 -18.87
C PHE A 33 17.28 -0.04 -18.94
N LEU A 34 18.28 0.04 -18.05
CA LEU A 34 19.18 1.18 -17.86
C LEU A 34 18.42 2.50 -17.64
N HIS A 35 17.14 2.44 -17.25
CA HIS A 35 16.21 3.55 -17.06
C HIS A 35 15.04 3.02 -16.23
N PRO A 36 14.25 3.87 -15.53
CA PRO A 36 13.05 3.46 -14.79
C PRO A 36 11.85 3.05 -15.69
N SER A 37 12.09 2.32 -16.80
CA SER A 37 11.08 1.96 -17.78
C SER A 37 9.95 1.11 -17.19
N MET A 38 10.24 0.34 -16.13
CA MET A 38 9.24 -0.33 -15.31
C MET A 38 9.31 0.42 -13.98
N PRO A 39 8.20 0.99 -13.50
CA PRO A 39 8.25 1.91 -12.38
C PRO A 39 8.39 1.25 -11.02
N VAL A 40 8.83 2.06 -10.07
CA VAL A 40 8.81 1.78 -8.66
C VAL A 40 7.75 2.80 -8.23
N TYR A 41 6.52 2.35 -8.00
CA TYR A 41 5.34 3.21 -7.81
C TYR A 41 4.43 2.62 -6.73
N VAL A 42 3.59 3.44 -6.11
CA VAL A 42 2.77 3.05 -4.97
C VAL A 42 1.38 3.68 -5.09
N SER A 43 0.31 2.88 -5.15
CA SER A 43 -1.07 3.35 -5.04
C SER A 43 -1.41 3.47 -3.54
N ASP A 44 -2.19 4.48 -3.14
CA ASP A 44 -2.76 4.64 -1.79
C ASP A 44 -4.27 4.70 -1.91
N PHE A 45 -4.99 4.02 -1.02
CA PHE A 45 -6.44 3.87 -1.09
C PHE A 45 -7.06 3.26 0.18
N THR A 46 -8.27 3.71 0.52
CA THR A 46 -9.18 3.15 1.53
C THR A 46 -8.63 3.03 2.96
N LEU A 47 -9.54 2.89 3.93
CA LEU A 47 -9.23 2.56 5.30
C LEU A 47 -9.78 1.17 5.59
N PHE A 48 -9.01 0.15 5.24
CA PHE A 48 -9.37 -1.26 5.40
C PHE A 48 -9.22 -1.64 6.87
N GLU A 49 -10.31 -2.05 7.52
CA GLU A 49 -10.31 -2.51 8.93
C GLU A 49 -9.63 -1.51 9.88
N GLY A 50 -9.78 -0.20 9.60
CA GLY A 50 -9.20 0.86 10.42
C GLY A 50 -7.72 1.13 10.12
N GLN A 51 -7.19 0.68 8.99
CA GLN A 51 -5.79 0.79 8.58
C GLN A 51 -5.75 1.28 7.12
N TRP A 52 -4.85 2.20 6.75
CA TRP A 52 -4.83 2.73 5.38
C TRP A 52 -4.30 1.65 4.44
N THR A 53 -4.83 1.53 3.22
CA THR A 53 -4.38 0.51 2.28
C THR A 53 -3.48 1.15 1.22
N GLY A 54 -2.65 0.33 0.59
CA GLY A 54 -1.84 0.70 -0.55
C GLY A 54 -1.35 -0.56 -1.25
N CYS A 55 -0.77 -0.38 -2.44
CA CYS A 55 -0.05 -1.42 -3.16
C CYS A 55 1.20 -0.75 -3.71
N VAL A 56 2.32 -1.47 -3.80
CA VAL A 56 3.56 -1.00 -4.39
C VAL A 56 3.94 -1.97 -5.49
N ILE A 57 4.46 -1.46 -6.61
CA ILE A 57 5.09 -2.24 -7.66
C ILE A 57 6.51 -1.75 -7.77
N THR A 58 7.40 -2.62 -8.21
CA THR A 58 8.77 -2.33 -8.60
C THR A 58 9.09 -3.17 -9.84
N PRO A 59 10.27 -3.04 -10.45
CA PRO A 59 10.73 -3.96 -11.49
C PRO A 59 10.84 -5.42 -11.03
N TRP A 60 10.64 -5.71 -9.74
CA TRP A 60 10.93 -7.01 -9.16
C TRP A 60 9.78 -7.60 -8.33
N MET A 61 8.83 -6.80 -7.82
CA MET A 61 7.75 -7.30 -6.98
C MET A 61 6.48 -6.44 -7.08
N LEU A 62 5.37 -6.97 -6.58
CA LEU A 62 4.13 -6.23 -6.36
C LEU A 62 3.63 -6.72 -5.01
N SER A 63 3.44 -5.80 -4.07
CA SER A 63 3.05 -6.13 -2.71
C SER A 63 1.98 -5.17 -2.24
N ALA A 64 0.96 -5.73 -1.61
CA ALA A 64 -0.03 -4.95 -0.87
C ALA A 64 0.68 -4.40 0.37
N VAL A 65 0.34 -3.20 0.80
CA VAL A 65 0.92 -2.54 1.97
C VAL A 65 -0.20 -1.88 2.77
N ILE A 66 -0.07 -1.84 4.09
CA ILE A 66 -1.10 -1.35 5.00
C ILE A 66 -0.38 -0.58 6.12
N PHE A 67 -1.01 0.47 6.64
CA PHE A 67 -0.42 1.40 7.60
C PHE A 67 -1.39 1.68 8.76
N PRO A 68 -0.92 2.11 9.97
CA PRO A 68 -1.70 2.22 11.21
C PRO A 68 -2.98 3.08 11.26
N GLY A 69 -3.49 3.58 10.13
CA GLY A 69 -4.75 4.32 10.10
C GLY A 69 -4.57 5.76 10.62
N PRO A 70 -5.64 6.41 11.12
CA PRO A 70 -5.65 7.81 11.54
C PRO A 70 -4.75 8.10 12.75
N ASP A 71 -5.14 9.05 13.62
CA ASP A 71 -4.42 9.41 14.85
C ASP A 71 -4.61 8.33 15.94
N GLN A 72 -4.22 7.11 15.61
CA GLN A 72 -4.21 5.93 16.46
C GLN A 72 -2.76 5.70 16.89
N LEU A 73 -2.54 5.42 18.17
CA LEU A 73 -1.20 5.23 18.73
C LEU A 73 -1.04 3.74 19.01
N TRP A 74 -0.57 3.01 18.00
CA TRP A 74 -0.19 1.61 18.17
C TRP A 74 1.07 1.51 19.04
N PRO A 75 1.25 0.43 19.81
CA PRO A 75 2.52 0.17 20.48
C PRO A 75 3.56 -0.15 19.38
N LEU A 76 4.85 0.03 19.66
CA LEU A 76 5.89 -0.34 18.70
C LEU A 76 5.80 -1.86 18.49
N ARG A 77 5.63 -2.31 17.24
CA ARG A 77 5.41 -3.72 16.93
C ARG A 77 6.77 -4.40 16.72
N LYS A 78 6.80 -5.73 16.85
CA LYS A 78 7.97 -6.50 16.45
C LYS A 78 7.82 -6.81 14.96
N VAL A 79 8.96 -6.98 14.33
CA VAL A 79 9.10 -7.05 12.89
C VAL A 79 9.21 -8.53 12.51
N SER A 80 8.84 -8.84 11.27
CA SER A 80 8.73 -10.19 10.73
C SER A 80 7.64 -11.04 11.42
N GLU A 81 6.82 -10.43 12.30
CA GLU A 81 5.61 -11.01 12.86
C GLU A 81 4.51 -10.91 11.81
N LYS A 82 3.47 -11.74 11.91
CA LYS A 82 2.38 -11.78 10.93
C LYS A 82 1.05 -11.53 11.61
N ILE A 83 0.19 -10.78 10.92
CA ILE A 83 -1.14 -10.38 11.36
C ILE A 83 -2.10 -11.02 10.37
N GLY A 84 -3.02 -11.86 10.81
CA GLY A 84 -4.04 -12.45 9.95
C GLY A 84 -5.07 -11.38 9.62
N LEU A 85 -5.28 -11.09 8.33
CA LEU A 85 -6.27 -10.14 7.85
C LEU A 85 -7.24 -10.86 6.93
N GLN A 86 -8.54 -10.65 7.13
CA GLN A 86 -9.58 -11.17 6.25
C GLN A 86 -9.78 -10.15 5.12
N LEU A 87 -9.72 -10.58 3.86
CA LEU A 87 -10.02 -9.79 2.67
C LEU A 87 -10.87 -10.65 1.73
N PRO A 88 -11.67 -10.07 0.81
CA PRO A 88 -12.35 -10.85 -0.22
C PRO A 88 -11.43 -11.63 -1.17
N TYR A 89 -10.15 -11.23 -1.26
CA TYR A 89 -9.12 -12.00 -1.96
C TYR A 89 -8.98 -13.41 -1.34
N GLY A 90 -9.22 -13.51 -0.04
CA GLY A 90 -8.96 -14.64 0.83
C GLY A 90 -8.28 -14.09 2.07
N THR A 91 -8.35 -14.82 3.19
CA THR A 91 -7.63 -14.44 4.39
C THR A 91 -6.13 -14.58 4.10
N MET A 92 -5.34 -13.54 4.40
CA MET A 92 -3.92 -13.49 4.12
C MET A 92 -3.21 -12.89 5.33
N THR A 93 -2.03 -13.40 5.68
CA THR A 93 -1.20 -12.79 6.70
C THR A 93 -0.44 -11.63 6.07
N PHE A 94 -0.49 -10.46 6.73
CA PHE A 94 0.35 -9.32 6.41
C PHE A 94 1.49 -9.35 7.42
N THR A 95 2.72 -9.37 6.94
CA THR A 95 3.90 -9.35 7.77
C THR A 95 4.17 -7.91 8.20
N VAL A 96 4.58 -7.70 9.45
CA VAL A 96 5.08 -6.41 9.91
C VAL A 96 6.48 -6.27 9.33
N GLY A 97 6.72 -5.24 8.53
CA GLY A 97 8.04 -4.89 8.03
C GLY A 97 8.48 -3.60 8.70
N GLU A 98 9.78 -3.31 8.63
CA GLU A 98 10.34 -2.04 9.04
C GLU A 98 11.11 -1.53 7.83
N LEU A 99 10.47 -0.69 7.01
CA LEU A 99 11.00 -0.31 5.71
C LEU A 99 12.16 0.67 5.92
N ASP A 100 13.33 0.34 5.35
CA ASP A 100 14.55 1.12 5.51
C ASP A 100 14.33 2.55 5.01
N GLY A 101 14.67 3.54 5.84
CA GLY A 101 14.48 4.96 5.52
C GLY A 101 13.03 5.44 5.68
N VAL A 102 12.11 4.60 6.16
CA VAL A 102 10.71 4.95 6.41
C VAL A 102 10.38 4.56 7.87
N SER A 103 9.41 3.66 8.08
CA SER A 103 8.83 3.34 9.38
C SER A 103 8.36 1.88 9.37
N GLN A 104 7.77 1.41 10.48
CA GLN A 104 7.09 0.12 10.49
C GLN A 104 5.81 0.23 9.67
N TYR A 105 5.46 -0.84 8.95
CA TYR A 105 4.28 -0.97 8.12
C TYR A 105 3.90 -2.44 8.03
N LEU A 106 2.75 -2.74 7.44
CA LEU A 106 2.33 -4.11 7.14
C LEU A 106 2.47 -4.31 5.63
N SER A 107 2.90 -5.49 5.20
CA SER A 107 3.06 -5.81 3.79
C SER A 107 2.63 -7.26 3.51
N CYS A 108 2.19 -7.55 2.29
CA CYS A 108 1.91 -8.90 1.83
C CYS A 108 2.31 -8.96 0.35
N SER A 109 3.25 -9.83 0.00
CA SER A 109 3.66 -10.00 -1.39
C SER A 109 2.51 -10.63 -2.17
N LEU A 110 2.15 -10.02 -3.30
CA LEU A 110 1.06 -10.50 -4.16
C LEU A 110 1.65 -11.44 -5.21
N MET A 111 2.67 -10.98 -5.93
CA MET A 111 3.48 -11.79 -6.86
C MET A 111 4.78 -11.03 -7.12
N SER A 112 5.70 -11.65 -7.86
CA SER A 112 7.03 -11.13 -8.15
C SER A 112 7.22 -10.87 -9.65
N PRO A 113 6.44 -9.94 -10.26
CA PRO A 113 6.55 -9.63 -11.68
C PRO A 113 7.94 -9.02 -11.96
N LEU A 114 8.62 -9.58 -12.96
CA LEU A 114 9.86 -9.04 -13.51
C LEU A 114 9.87 -9.50 -14.97
N SER A 115 9.71 -8.55 -15.88
CA SER A 115 9.62 -8.77 -17.31
C SER A 115 10.22 -7.55 -18.01
N HIS A 116 10.91 -7.72 -19.14
CA HIS A 116 11.38 -6.59 -19.93
C HIS A 116 10.24 -6.07 -20.82
N SER A 117 9.28 -6.93 -21.18
CA SER A 117 8.04 -6.54 -21.84
C SER A 117 7.05 -5.99 -20.80
N MET A 118 7.42 -4.87 -20.18
CA MET A 118 6.68 -4.22 -19.10
C MET A 118 6.91 -2.70 -19.22
N SER A 119 6.06 -1.90 -18.59
CA SER A 119 6.04 -0.45 -18.83
C SER A 119 5.54 0.33 -17.61
N ILE A 120 5.65 1.66 -17.69
CA ILE A 120 5.03 2.60 -16.76
C ILE A 120 3.50 2.56 -16.82
N GLU A 121 2.93 2.04 -17.89
CA GLU A 121 1.50 1.94 -18.07
C GLU A 121 1.01 0.73 -17.30
N GLU A 122 1.57 -0.45 -17.55
CA GLU A 122 1.23 -1.69 -16.84
C GLU A 122 1.65 -1.59 -15.38
N GLY A 123 2.71 -0.86 -15.04
CA GLY A 123 3.08 -0.66 -13.65
C GLY A 123 2.02 0.11 -12.89
N GLN A 124 1.59 1.26 -13.40
CA GLN A 124 0.58 2.07 -12.74
C GLN A 124 -0.76 1.33 -12.72
N ARG A 125 -1.16 0.78 -13.87
CA ARG A 125 -2.43 0.04 -14.00
C ARG A 125 -2.45 -1.14 -13.04
N LEU A 126 -1.36 -1.90 -12.92
CA LEU A 126 -1.38 -3.12 -12.12
C LEU A 126 -1.32 -2.82 -10.64
N THR A 127 -0.72 -1.71 -10.20
CA THR A 127 -0.76 -1.36 -8.78
C THR A 127 -2.20 -0.96 -8.39
N ASP A 128 -2.90 -0.23 -9.25
CA ASP A 128 -4.29 0.14 -9.04
C ASP A 128 -5.22 -1.06 -9.16
N ASP A 129 -5.02 -1.89 -10.19
CA ASP A 129 -5.76 -3.15 -10.33
C ASP A 129 -5.54 -4.01 -9.10
N CYS A 130 -4.32 -4.03 -8.56
CA CYS A 130 -4.03 -4.81 -7.38
C CYS A 130 -4.82 -4.29 -6.17
N ALA A 131 -5.04 -2.98 -6.09
CA ALA A 131 -5.88 -2.37 -5.06
C ALA A 131 -7.31 -2.90 -5.18
N ARG A 132 -7.97 -2.76 -6.33
CA ARG A 132 -9.37 -3.20 -6.47
C ARG A 132 -9.47 -4.70 -6.23
N MET A 133 -8.51 -5.45 -6.77
CA MET A 133 -8.37 -6.88 -6.60
C MET A 133 -8.46 -7.25 -5.12
N ILE A 134 -7.63 -6.69 -4.24
CA ILE A 134 -7.67 -7.08 -2.84
C ILE A 134 -8.80 -6.42 -2.05
N LEU A 135 -9.33 -5.29 -2.53
CA LEU A 135 -10.46 -4.60 -1.89
C LEU A 135 -11.74 -5.43 -1.99
N SER A 136 -12.14 -5.80 -3.21
CA SER A 136 -13.45 -6.39 -3.46
C SER A 136 -13.49 -7.46 -4.55
N LEU A 137 -12.30 -7.82 -5.04
CA LEU A 137 -12.11 -8.83 -6.06
C LEU A 137 -13.08 -8.74 -7.26
N PRO A 138 -13.19 -7.57 -7.92
CA PRO A 138 -14.07 -7.38 -9.06
C PRO A 138 -13.61 -8.23 -10.26
N VAL A 139 -14.52 -8.43 -11.21
CA VAL A 139 -14.28 -9.11 -12.49
C VAL A 139 -14.68 -8.13 -13.61
N THR A 140 -14.02 -8.21 -14.76
CA THR A 140 -14.22 -7.30 -15.88
C THR A 140 -15.69 -7.33 -16.33
N ASN A 141 -16.28 -6.16 -16.53
CA ASN A 141 -17.64 -5.98 -17.05
C ASN A 141 -17.66 -4.67 -17.86
N PRO A 142 -18.02 -4.69 -19.16
CA PRO A 142 -18.12 -3.48 -19.97
C PRO A 142 -19.15 -2.49 -19.39
N ASP A 143 -18.91 -1.20 -19.63
CA ASP A 143 -19.72 -0.10 -19.11
C ASP A 143 -19.86 0.98 -20.19
N VAL A 144 -21.02 1.65 -20.23
CA VAL A 144 -21.36 2.71 -21.17
C VAL A 144 -22.33 3.66 -20.47
N PRO A 145 -22.30 4.98 -20.75
CA PRO A 145 -23.21 5.94 -20.16
C PRO A 145 -24.69 5.63 -20.45
N HIS A 146 -25.00 5.19 -21.67
CA HIS A 146 -26.32 4.71 -22.09
C HIS A 146 -26.12 3.72 -23.24
N ALA A 147 -26.66 2.51 -23.10
CA ALA A 147 -26.55 1.48 -24.14
C ALA A 147 -27.56 1.74 -25.27
N GLY A 148 -28.73 2.32 -24.94
CA GLY A 148 -29.82 2.56 -25.87
C GLY A 148 -30.52 1.26 -26.28
N ARG A 149 -31.51 1.39 -27.16
CA ARG A 149 -32.24 0.30 -27.81
C ARG A 149 -32.59 0.75 -29.23
N ARG A 150 -32.82 -0.19 -30.14
CA ARG A 150 -33.35 0.09 -31.48
C ARG A 150 -34.88 0.22 -31.37
N ALA A 151 -35.36 1.22 -30.65
CA ALA A 151 -36.77 1.34 -30.28
C ALA A 151 -37.69 1.44 -31.51
N LEU A 152 -37.18 2.04 -32.59
CA LEU A 152 -37.92 2.25 -33.83
C LEU A 152 -37.97 1.02 -34.74
N LEU A 153 -37.31 -0.09 -34.39
CA LEU A 153 -37.26 -1.31 -35.17
C LEU A 153 -38.52 -2.14 -34.86
N PHE A 154 -39.69 -1.61 -35.25
CA PHE A 154 -40.98 -2.21 -34.94
C PHE A 154 -41.21 -3.51 -35.74
N GLY A 155 -40.65 -3.59 -36.97
CA GLY A 155 -40.92 -4.69 -37.89
C GLY A 155 -42.38 -4.67 -38.36
N ARG A 156 -42.83 -5.82 -38.89
CA ARG A 156 -44.10 -6.03 -39.61
C ARG A 156 -44.09 -5.30 -40.95
N ARG A 157 -44.62 -5.94 -42.00
CA ARG A 157 -44.51 -5.50 -43.40
C ARG A 157 -43.04 -5.27 -43.79
N SER A 158 -42.11 -6.00 -43.19
CA SER A 158 -40.69 -5.75 -43.29
C SER A 158 -40.23 -5.81 -44.76
N GLY A 159 -39.34 -4.89 -45.14
CA GLY A 159 -38.85 -4.71 -46.50
C GLY A 159 -39.58 -3.56 -47.18
N GLU A 160 -40.91 -3.53 -47.11
CA GLU A 160 -41.70 -2.37 -47.53
C GLU A 160 -41.61 -1.32 -46.42
N ASN A 161 -41.77 -1.76 -45.17
CA ASN A 161 -41.53 -1.00 -43.95
C ASN A 161 -40.05 -1.19 -43.60
N ALA A 162 -39.32 -0.09 -43.39
CA ALA A 162 -37.92 -0.07 -43.01
C ALA A 162 -37.68 1.20 -42.19
N MET A 1 4.35 7.24 24.40
CA MET A 1 5.34 6.22 24.86
C MET A 1 6.04 5.59 23.65
N THR A 2 7.28 5.08 23.82
CA THR A 2 8.09 4.51 22.74
C THR A 2 7.52 3.17 22.23
N GLU A 3 6.77 2.44 23.08
CA GLU A 3 6.22 1.12 22.76
C GLU A 3 4.88 1.26 22.01
N GLU A 4 4.78 2.22 21.09
CA GLU A 4 3.58 2.54 20.32
C GLU A 4 3.98 2.84 18.86
N ILE A 5 3.01 2.79 17.96
CA ILE A 5 3.12 3.14 16.55
C ILE A 5 2.16 4.33 16.32
N ALA A 6 2.59 5.32 15.55
CA ALA A 6 1.74 6.47 15.20
C ALA A 6 0.68 6.05 14.17
N GLY A 7 -0.44 6.79 14.14
CA GLY A 7 -1.43 6.67 13.09
C GLY A 7 -1.04 7.52 11.88
N PHE A 8 -1.55 7.19 10.69
CA PHE A 8 -1.30 7.91 9.46
C PHE A 8 -2.63 8.31 8.81
N GLN A 9 -2.63 9.41 8.06
CA GLN A 9 -3.83 9.97 7.45
C GLN A 9 -4.12 9.31 6.08
N THR A 10 -3.11 8.70 5.47
CA THR A 10 -3.15 7.90 4.24
C THR A 10 -1.88 7.03 4.28
N SER A 11 -1.65 6.21 3.26
CA SER A 11 -0.37 5.55 3.10
C SER A 11 0.73 6.63 2.98
N PRO A 12 1.91 6.47 3.60
CA PRO A 12 3.09 7.33 3.37
C PRO A 12 3.70 6.92 2.01
N LYS A 13 2.89 6.92 0.95
CA LYS A 13 3.23 6.34 -0.35
C LYS A 13 4.47 6.97 -0.99
N ALA A 14 4.69 8.27 -0.81
CA ALA A 14 5.89 8.94 -1.33
C ALA A 14 7.14 8.43 -0.63
N GLN A 15 7.06 8.26 0.69
CA GLN A 15 8.19 7.82 1.51
C GLN A 15 8.47 6.33 1.23
N VAL A 16 7.43 5.51 1.08
CA VAL A 16 7.55 4.12 0.66
C VAL A 16 8.18 4.07 -0.73
N GLN A 17 7.78 4.96 -1.65
CA GLN A 17 8.31 5.00 -3.01
C GLN A 17 9.80 5.27 -2.98
N ALA A 18 10.24 6.34 -2.30
CA ALA A 18 11.64 6.73 -2.26
C ALA A 18 12.49 5.64 -1.61
N ALA A 19 12.00 5.02 -0.54
CA ALA A 19 12.73 3.95 0.14
C ALA A 19 12.88 2.75 -0.79
N PHE A 20 11.80 2.33 -1.47
CA PHE A 20 11.88 1.19 -2.37
C PHE A 20 12.67 1.51 -3.64
N GLU A 21 12.70 2.76 -4.08
CA GLU A 21 13.51 3.19 -5.22
C GLU A 21 14.99 2.96 -4.90
N GLU A 22 15.42 3.18 -3.64
CA GLU A 22 16.78 2.87 -3.24
C GLU A 22 17.04 1.36 -3.30
N ILE A 23 16.09 0.51 -2.87
CA ILE A 23 16.28 -0.94 -2.94
C ILE A 23 16.38 -1.38 -4.41
N ALA A 24 15.53 -0.82 -5.28
CA ALA A 24 15.53 -1.15 -6.71
C ALA A 24 16.80 -0.64 -7.40
N ARG A 25 17.44 0.40 -6.88
CA ARG A 25 18.75 0.86 -7.35
C ARG A 25 19.79 -0.15 -6.91
N ARG A 26 19.77 -0.54 -5.64
CA ARG A 26 20.63 -1.56 -5.05
C ARG A 26 20.61 -2.92 -5.78
N SER A 27 19.62 -3.19 -6.64
CA SER A 27 19.60 -4.38 -7.49
C SER A 27 20.78 -4.39 -8.49
N MET A 28 21.37 -3.23 -8.81
CA MET A 28 22.61 -3.09 -9.55
C MET A 28 23.71 -2.56 -8.60
N HIS A 29 24.96 -2.56 -9.05
CA HIS A 29 26.08 -2.08 -8.25
C HIS A 29 25.91 -0.59 -7.93
N ASP A 30 26.49 -0.13 -6.82
CA ASP A 30 26.23 1.20 -6.29
C ASP A 30 26.68 2.33 -7.24
N LEU A 31 27.71 2.07 -8.05
CA LEU A 31 28.23 3.02 -9.03
C LEU A 31 27.46 3.03 -10.35
N SER A 32 26.55 2.07 -10.58
CA SER A 32 25.77 1.97 -11.80
C SER A 32 24.60 2.97 -11.74
N PHE A 33 24.21 3.51 -12.90
CA PHE A 33 23.18 4.55 -13.01
C PHE A 33 22.21 4.24 -14.17
N LEU A 34 21.99 2.96 -14.46
CA LEU A 34 21.06 2.52 -15.51
C LEU A 34 19.64 2.94 -15.11
N HIS A 35 18.81 3.26 -16.12
CA HIS A 35 17.41 3.60 -15.91
C HIS A 35 16.64 2.34 -15.46
N PRO A 36 15.66 2.44 -14.52
CA PRO A 36 14.92 1.27 -14.04
C PRO A 36 14.01 0.64 -15.12
N SER A 37 13.47 1.46 -16.02
CA SER A 37 12.51 1.11 -17.09
C SER A 37 11.14 0.64 -16.59
N MET A 38 10.97 0.50 -15.26
CA MET A 38 9.71 0.27 -14.57
C MET A 38 9.81 1.10 -13.30
N PRO A 39 9.38 2.37 -13.32
CA PRO A 39 9.49 3.26 -12.18
C PRO A 39 8.93 2.64 -10.90
N VAL A 40 9.67 2.76 -9.80
CA VAL A 40 9.13 2.39 -8.49
C VAL A 40 7.97 3.36 -8.23
N TYR A 41 6.80 2.84 -7.87
CA TYR A 41 5.55 3.59 -7.78
C TYR A 41 4.69 2.96 -6.68
N VAL A 42 3.83 3.76 -6.02
CA VAL A 42 2.99 3.30 -4.92
C VAL A 42 1.63 4.00 -5.05
N SER A 43 0.53 3.25 -5.18
CA SER A 43 -0.82 3.81 -5.08
C SER A 43 -1.39 3.61 -3.66
N ASP A 44 -2.34 4.48 -3.26
CA ASP A 44 -2.90 4.58 -1.90
C ASP A 44 -4.41 4.32 -1.95
N PHE A 45 -4.96 3.65 -0.94
CA PHE A 45 -6.32 3.12 -0.96
C PHE A 45 -7.04 3.12 0.41
N THR A 46 -8.35 2.88 0.30
CA THR A 46 -9.40 2.58 1.27
C THR A 46 -8.94 2.17 2.68
N LEU A 47 -9.66 2.67 3.71
CA LEU A 47 -9.49 2.20 5.08
C LEU A 47 -10.23 0.88 5.22
N PHE A 48 -9.54 -0.15 5.73
CA PHE A 48 -10.08 -1.47 6.04
C PHE A 48 -9.32 -2.01 7.24
N GLU A 49 -9.94 -2.79 8.14
CA GLU A 49 -9.29 -3.27 9.38
C GLU A 49 -8.68 -2.13 10.23
N GLY A 50 -9.23 -0.91 10.11
CA GLY A 50 -8.70 0.28 10.80
C GLY A 50 -7.34 0.74 10.27
N GLN A 51 -7.00 0.44 9.01
CA GLN A 51 -5.70 0.69 8.40
C GLN A 51 -5.87 0.97 6.90
N TRP A 52 -5.00 1.79 6.32
CA TRP A 52 -5.09 2.19 4.92
C TRP A 52 -4.53 1.07 4.05
N THR A 53 -5.16 0.79 2.91
CA THR A 53 -4.59 -0.11 1.91
C THR A 53 -3.64 0.69 1.01
N GLY A 54 -2.75 -0.01 0.33
CA GLY A 54 -1.80 0.55 -0.61
C GLY A 54 -1.19 -0.60 -1.41
N CYS A 55 -0.57 -0.30 -2.53
CA CYS A 55 0.22 -1.26 -3.27
C CYS A 55 1.47 -0.52 -3.75
N VAL A 56 2.59 -1.22 -3.83
CA VAL A 56 3.83 -0.72 -4.40
C VAL A 56 4.24 -1.67 -5.52
N ILE A 57 4.88 -1.12 -6.55
CA ILE A 57 5.53 -1.87 -7.61
C ILE A 57 6.95 -1.35 -7.73
N THR A 58 7.86 -2.20 -8.16
CA THR A 58 9.22 -1.88 -8.51
C THR A 58 9.59 -2.73 -9.74
N PRO A 59 10.80 -2.60 -10.31
CA PRO A 59 11.26 -3.55 -11.31
C PRO A 59 11.33 -4.96 -10.70
N TRP A 60 11.59 -5.07 -9.39
CA TRP A 60 11.90 -6.33 -8.73
C TRP A 60 10.68 -7.02 -8.09
N MET A 61 9.62 -6.30 -7.71
CA MET A 61 8.47 -6.87 -6.99
C MET A 61 7.19 -6.04 -7.14
N LEU A 62 6.06 -6.60 -6.67
CA LEU A 62 4.80 -5.92 -6.50
C LEU A 62 4.29 -6.42 -5.15
N SER A 63 4.00 -5.53 -4.22
CA SER A 63 3.56 -5.91 -2.89
C SER A 63 2.41 -5.01 -2.44
N ALA A 64 1.38 -5.63 -1.88
CA ALA A 64 0.31 -4.95 -1.18
C ALA A 64 0.90 -4.50 0.16
N VAL A 65 0.57 -3.30 0.61
CA VAL A 65 1.15 -2.66 1.78
C VAL A 65 0.02 -1.96 2.53
N ILE A 66 0.02 -2.02 3.85
CA ILE A 66 -1.09 -1.59 4.70
C ILE A 66 -0.50 -0.79 5.86
N PHE A 67 -1.13 0.34 6.26
CA PHE A 67 -0.55 1.30 7.20
C PHE A 67 -1.54 1.66 8.32
N PRO A 68 -1.09 1.93 9.56
CA PRO A 68 -1.96 2.30 10.67
C PRO A 68 -2.91 3.45 10.32
N GLY A 69 -4.17 3.33 10.74
CA GLY A 69 -5.22 4.29 10.40
C GLY A 69 -5.06 5.64 11.09
N PRO A 70 -5.97 6.59 10.83
CA PRO A 70 -5.87 7.95 11.33
C PRO A 70 -5.94 7.97 12.86
N ASP A 71 -4.90 8.53 13.49
CA ASP A 71 -4.76 8.68 14.93
C ASP A 71 -5.02 7.37 15.70
N GLN A 72 -4.62 6.21 15.13
CA GLN A 72 -4.68 4.93 15.81
C GLN A 72 -3.33 4.63 16.44
N LEU A 73 -3.34 4.32 17.72
CA LEU A 73 -2.14 4.21 18.56
C LEU A 73 -1.97 2.74 18.91
N TRP A 74 -1.51 1.99 17.91
CA TRP A 74 -1.22 0.56 18.09
C TRP A 74 0.00 0.41 19.02
N PRO A 75 0.10 -0.67 19.80
CA PRO A 75 1.32 -0.99 20.53
C PRO A 75 2.42 -1.36 19.53
N LEU A 76 3.68 -1.13 19.88
CA LEU A 76 4.83 -1.45 19.02
C LEU A 76 4.79 -2.94 18.65
N ARG A 77 4.95 -3.28 17.36
CA ARG A 77 4.97 -4.67 16.88
C ARG A 77 6.42 -5.10 16.69
N LYS A 78 6.65 -6.41 16.70
CA LYS A 78 7.94 -6.99 16.32
C LYS A 78 7.86 -7.26 14.82
N VAL A 79 9.00 -7.18 14.17
CA VAL A 79 9.11 -7.19 12.72
C VAL A 79 9.31 -8.65 12.28
N SER A 80 8.93 -8.96 11.04
CA SER A 80 8.98 -10.31 10.49
C SER A 80 8.09 -11.29 11.29
N GLU A 81 6.97 -10.77 11.81
CA GLU A 81 5.87 -11.50 12.41
C GLU A 81 4.67 -11.35 11.48
N LYS A 82 3.70 -12.26 11.50
CA LYS A 82 2.50 -12.16 10.66
C LYS A 82 1.29 -11.76 11.51
N ILE A 83 0.44 -10.92 10.93
CA ILE A 83 -0.83 -10.46 11.49
C ILE A 83 -1.90 -10.89 10.48
N GLY A 84 -2.98 -11.51 10.95
CA GLY A 84 -4.12 -11.84 10.09
C GLY A 84 -4.94 -10.58 9.83
N LEU A 85 -5.18 -10.28 8.56
CA LEU A 85 -6.06 -9.19 8.13
C LEU A 85 -7.28 -9.81 7.45
N GLN A 86 -8.47 -9.48 7.92
CA GLN A 86 -9.70 -9.81 7.23
C GLN A 86 -9.76 -8.87 6.02
N LEU A 87 -10.05 -9.38 4.83
CA LEU A 87 -10.13 -8.59 3.60
C LEU A 87 -11.30 -9.10 2.76
N PRO A 88 -11.84 -8.30 1.84
CA PRO A 88 -12.82 -8.76 0.86
C PRO A 88 -12.29 -9.92 -0.01
N TYR A 89 -10.97 -9.99 -0.24
CA TYR A 89 -10.30 -11.09 -0.91
C TYR A 89 -10.39 -12.42 -0.15
N GLY A 90 -10.69 -12.34 1.16
CA GLY A 90 -10.61 -13.43 2.11
C GLY A 90 -9.46 -13.12 3.07
N THR A 91 -9.53 -13.66 4.28
CA THR A 91 -8.56 -13.36 5.33
C THR A 91 -7.17 -13.89 4.90
N MET A 92 -6.14 -13.05 5.04
CA MET A 92 -4.77 -13.36 4.65
C MET A 92 -3.83 -12.78 5.71
N THR A 93 -2.71 -13.44 5.99
CA THR A 93 -1.68 -12.88 6.85
C THR A 93 -0.83 -11.89 6.05
N PHE A 94 -0.52 -10.75 6.67
CA PHE A 94 0.44 -9.78 6.17
C PHE A 94 1.57 -9.76 7.19
N THR A 95 2.81 -9.67 6.71
CA THR A 95 3.99 -9.68 7.56
C THR A 95 4.26 -8.24 7.99
N VAL A 96 4.60 -8.02 9.26
CA VAL A 96 5.08 -6.73 9.73
C VAL A 96 6.45 -6.50 9.10
N GLY A 97 6.61 -5.40 8.38
CA GLY A 97 7.87 -4.90 7.89
C GLY A 97 8.19 -3.62 8.67
N GLU A 98 9.45 -3.20 8.64
CA GLU A 98 9.88 -1.92 9.17
C GLU A 98 10.77 -1.30 8.10
N LEU A 99 10.18 -0.46 7.24
CA LEU A 99 10.85 0.04 6.04
C LEU A 99 11.77 1.18 6.45
N ASP A 100 13.05 1.09 6.07
CA ASP A 100 14.07 2.05 6.46
C ASP A 100 13.71 3.46 5.97
N GLY A 101 13.80 4.46 6.86
CA GLY A 101 13.44 5.84 6.56
C GLY A 101 11.92 6.07 6.51
N VAL A 102 11.10 5.07 6.84
CA VAL A 102 9.64 5.16 6.85
C VAL A 102 9.17 4.72 8.25
N SER A 103 8.44 3.61 8.39
CA SER A 103 7.76 3.22 9.63
C SER A 103 7.45 1.71 9.60
N GLN A 104 6.85 1.19 10.68
CA GLN A 104 6.30 -0.16 10.69
C GLN A 104 5.02 -0.15 9.86
N TYR A 105 4.84 -1.19 9.05
CA TYR A 105 3.75 -1.35 8.10
C TYR A 105 3.54 -2.85 7.88
N LEU A 106 2.41 -3.24 7.29
CA LEU A 106 2.07 -4.65 7.06
C LEU A 106 2.12 -4.89 5.56
N SER A 107 2.80 -5.93 5.12
CA SER A 107 3.08 -6.15 3.70
C SER A 107 2.74 -7.59 3.28
N CYS A 108 2.37 -7.79 2.02
CA CYS A 108 2.20 -9.09 1.41
C CYS A 108 2.69 -8.98 -0.03
N SER A 109 3.68 -9.77 -0.42
CA SER A 109 4.21 -9.78 -1.79
C SER A 109 3.23 -10.53 -2.69
N LEU A 110 2.99 -10.00 -3.89
CA LEU A 110 2.15 -10.67 -4.91
C LEU A 110 3.06 -11.53 -5.77
N MET A 111 3.93 -10.90 -6.55
CA MET A 111 4.82 -11.56 -7.52
C MET A 111 5.86 -10.55 -8.01
N SER A 112 6.83 -11.03 -8.79
CA SER A 112 7.77 -10.19 -9.51
C SER A 112 7.07 -9.78 -10.82
N PRO A 113 6.94 -8.48 -11.15
CA PRO A 113 6.13 -8.00 -12.27
C PRO A 113 6.89 -8.10 -13.60
N LEU A 114 7.62 -9.20 -13.83
CA LEU A 114 8.51 -9.41 -14.97
C LEU A 114 7.72 -10.01 -16.15
N SER A 115 6.51 -9.49 -16.39
CA SER A 115 5.63 -9.95 -17.45
C SER A 115 6.22 -9.65 -18.83
N HIS A 116 5.82 -10.42 -19.83
CA HIS A 116 6.23 -10.17 -21.21
C HIS A 116 5.52 -8.92 -21.75
N SER A 117 4.19 -8.94 -21.70
CA SER A 117 3.37 -7.82 -22.12
C SER A 117 3.27 -6.89 -20.91
N MET A 118 4.09 -5.83 -20.92
CA MET A 118 4.31 -4.97 -19.77
C MET A 118 4.80 -3.61 -20.30
N SER A 119 4.30 -2.52 -19.71
CA SER A 119 4.60 -1.14 -20.06
C SER A 119 4.52 -0.29 -18.78
N ILE A 120 5.07 0.92 -18.80
CA ILE A 120 5.09 1.85 -17.67
C ILE A 120 3.68 2.06 -17.10
N GLU A 121 2.68 2.10 -17.97
CA GLU A 121 1.30 2.40 -17.58
C GLU A 121 0.68 1.15 -16.91
N GLU A 122 1.03 -0.06 -17.36
CA GLU A 122 0.69 -1.31 -16.70
C GLU A 122 1.43 -1.44 -15.38
N GLY A 123 2.62 -0.85 -15.21
CA GLY A 123 3.25 -0.79 -13.91
C GLY A 123 2.35 -0.08 -12.91
N GLN A 124 1.94 1.15 -13.22
CA GLN A 124 1.08 1.94 -12.35
C GLN A 124 -0.29 1.26 -12.18
N ARG A 125 -0.93 0.89 -13.30
CA ARG A 125 -2.28 0.31 -13.28
C ARG A 125 -2.30 -1.09 -12.67
N LEU A 126 -1.18 -1.80 -12.54
CA LEU A 126 -1.15 -3.10 -11.89
C LEU A 126 -0.94 -2.92 -10.40
N THR A 127 -0.30 -1.83 -9.97
CA THR A 127 -0.25 -1.47 -8.58
C THR A 127 -1.70 -1.21 -8.13
N ASP A 128 -2.43 -0.39 -8.91
CA ASP A 128 -3.84 -0.08 -8.70
C ASP A 128 -4.70 -1.33 -8.79
N ASP A 129 -4.56 -2.15 -9.83
CA ASP A 129 -5.32 -3.38 -9.97
C ASP A 129 -5.01 -4.34 -8.82
N CYS A 130 -3.77 -4.35 -8.31
CA CYS A 130 -3.43 -5.23 -7.21
C CYS A 130 -4.11 -4.80 -5.90
N ALA A 131 -4.40 -3.51 -5.72
CA ALA A 131 -5.22 -3.03 -4.62
C ALA A 131 -6.69 -3.33 -4.90
N ARG A 132 -7.19 -2.96 -6.09
CA ARG A 132 -8.59 -3.18 -6.48
C ARG A 132 -8.98 -4.65 -6.29
N MET A 133 -8.17 -5.59 -6.78
CA MET A 133 -8.47 -7.01 -6.66
C MET A 133 -8.66 -7.43 -5.20
N ILE A 134 -7.86 -6.91 -4.26
CA ILE A 134 -7.98 -7.31 -2.84
C ILE A 134 -9.08 -6.52 -2.12
N LEU A 135 -9.46 -5.34 -2.63
CA LEU A 135 -10.65 -4.61 -2.17
C LEU A 135 -11.92 -5.31 -2.72
N SER A 136 -11.79 -6.03 -3.83
CA SER A 136 -12.81 -6.83 -4.51
C SER A 136 -14.09 -6.07 -4.88
N LEU A 137 -14.01 -4.74 -4.89
CA LEU A 137 -15.10 -3.80 -5.11
C LEU A 137 -14.52 -2.54 -5.76
N PRO A 138 -15.22 -1.92 -6.72
CA PRO A 138 -14.85 -0.60 -7.22
C PRO A 138 -15.18 0.43 -6.13
N VAL A 139 -14.20 1.23 -5.72
CA VAL A 139 -14.37 2.25 -4.69
C VAL A 139 -13.34 3.36 -4.93
N THR A 140 -13.73 4.61 -4.65
CA THR A 140 -12.88 5.79 -4.82
C THR A 140 -12.04 5.99 -3.54
N ASN A 141 -10.80 6.46 -3.69
CA ASN A 141 -9.96 6.91 -2.57
C ASN A 141 -9.20 8.16 -3.04
N PRO A 142 -9.57 9.37 -2.60
CA PRO A 142 -8.88 10.60 -2.98
C PRO A 142 -7.42 10.56 -2.54
N ASP A 143 -6.52 10.99 -3.43
CA ASP A 143 -5.12 11.22 -3.10
C ASP A 143 -4.98 12.56 -2.38
N VAL A 144 -4.13 12.62 -1.36
CA VAL A 144 -3.85 13.84 -0.59
C VAL A 144 -2.35 13.87 -0.26
N PRO A 145 -1.73 15.05 -0.20
CA PRO A 145 -0.39 15.23 0.32
C PRO A 145 -0.30 14.67 1.74
N HIS A 146 0.86 14.13 2.12
CA HIS A 146 1.03 13.52 3.43
C HIS A 146 0.98 14.62 4.49
N ALA A 147 0.09 14.47 5.47
CA ALA A 147 -0.17 15.47 6.49
C ALA A 147 0.93 15.43 7.56
N GLY A 148 1.13 16.55 8.27
CA GLY A 148 1.98 16.61 9.46
C GLY A 148 3.47 16.50 9.16
N ARG A 149 3.91 16.72 7.91
CA ARG A 149 5.32 16.75 7.56
C ARG A 149 6.01 17.91 8.27
N ARG A 150 7.29 17.74 8.63
CA ARG A 150 8.07 18.79 9.27
C ARG A 150 8.35 19.92 8.27
N ALA A 151 8.56 21.13 8.78
CA ALA A 151 8.94 22.29 7.98
C ALA A 151 10.43 22.31 7.64
N LEU A 152 11.24 21.41 8.23
CA LEU A 152 12.68 21.32 8.05
C LEU A 152 13.12 19.85 8.04
N LEU A 153 14.31 19.60 7.48
CA LEU A 153 14.96 18.29 7.51
C LEU A 153 16.15 18.35 8.48
N PHE A 154 16.63 17.17 8.89
CA PHE A 154 17.76 17.00 9.82
C PHE A 154 18.84 16.17 9.15
N GLY A 155 20.10 16.43 9.50
CA GLY A 155 21.26 15.65 9.08
C GLY A 155 21.65 14.64 10.17
N ARG A 156 22.74 13.90 9.94
CA ARG A 156 23.26 12.95 10.93
C ARG A 156 23.79 13.69 12.17
N ARG A 157 24.33 14.90 11.99
CA ARG A 157 24.89 15.70 13.08
C ARG A 157 23.82 16.33 13.97
N SER A 158 22.58 16.45 13.47
CA SER A 158 21.48 17.08 14.21
C SER A 158 21.10 16.23 15.43
N GLY A 159 20.54 16.86 16.46
CA GLY A 159 20.06 16.21 17.66
C GLY A 159 19.44 17.23 18.62
N GLU A 160 18.71 16.73 19.62
CA GLU A 160 18.07 17.53 20.67
C GLU A 160 18.27 16.82 22.01
N ASN A 161 18.14 17.57 23.12
CA ASN A 161 18.19 17.00 24.46
C ASN A 161 16.88 16.26 24.77
N ALA A 162 16.96 15.14 25.50
CA ALA A 162 15.85 14.28 25.89
C ALA A 162 14.95 13.97 24.68
N MET A 1 9.79 7.16 20.43
CA MET A 1 9.72 5.84 21.14
C MET A 1 9.16 4.77 20.19
N THR A 2 9.57 3.51 20.36
CA THR A 2 9.06 2.37 19.59
C THR A 2 7.70 1.89 20.10
N GLU A 3 7.43 2.04 21.41
CA GLU A 3 6.12 1.74 21.98
C GLU A 3 5.09 2.73 21.42
N GLU A 4 3.90 2.22 21.08
CA GLU A 4 2.72 2.96 20.64
C GLU A 4 3.05 4.02 19.56
N ILE A 5 3.16 3.56 18.31
CA ILE A 5 3.47 4.42 17.18
C ILE A 5 2.23 5.27 16.89
N ALA A 6 2.40 6.56 16.60
CA ALA A 6 1.27 7.41 16.24
C ALA A 6 0.69 6.95 14.89
N GLY A 7 -0.63 6.80 14.82
CA GLY A 7 -1.33 6.49 13.58
C GLY A 7 -1.15 7.62 12.55
N PHE A 8 -1.07 7.28 11.26
CA PHE A 8 -0.78 8.22 10.19
C PHE A 8 -2.08 8.79 9.64
N GLN A 9 -2.06 10.05 9.20
CA GLN A 9 -3.22 10.73 8.67
C GLN A 9 -3.55 10.21 7.25
N THR A 10 -2.54 9.77 6.50
CA THR A 10 -2.63 9.08 5.21
C THR A 10 -1.36 8.23 5.04
N SER A 11 -1.41 7.30 4.10
CA SER A 11 -0.29 6.47 3.68
C SER A 11 1.00 7.31 3.46
N PRO A 12 2.18 6.85 3.93
CA PRO A 12 3.48 7.48 3.65
C PRO A 12 3.95 7.13 2.23
N LYS A 13 3.09 7.36 1.23
CA LYS A 13 3.23 6.90 -0.15
C LYS A 13 4.57 7.32 -0.75
N ALA A 14 4.93 8.60 -0.62
CA ALA A 14 6.19 9.13 -1.18
C ALA A 14 7.39 8.49 -0.51
N GLN A 15 7.34 8.32 0.81
CA GLN A 15 8.47 7.84 1.59
C GLN A 15 8.71 6.35 1.31
N VAL A 16 7.64 5.55 1.21
CA VAL A 16 7.74 4.16 0.78
C VAL A 16 8.29 4.15 -0.65
N GLN A 17 7.76 4.98 -1.56
CA GLN A 17 8.19 5.00 -2.95
C GLN A 17 9.69 5.29 -3.05
N ALA A 18 10.19 6.37 -2.44
CA ALA A 18 11.58 6.80 -2.57
C ALA A 18 12.53 5.76 -1.97
N ALA A 19 12.18 5.21 -0.80
CA ALA A 19 13.01 4.19 -0.16
C ALA A 19 13.07 2.96 -1.05
N PHE A 20 11.93 2.50 -1.57
CA PHE A 20 11.92 1.32 -2.43
C PHE A 20 12.54 1.60 -3.78
N GLU A 21 12.56 2.84 -4.27
CA GLU A 21 13.27 3.21 -5.48
C GLU A 21 14.77 2.97 -5.28
N GLU A 22 15.28 3.19 -4.07
CA GLU A 22 16.68 2.95 -3.75
C GLU A 22 16.93 1.46 -3.50
N ILE A 23 16.08 0.81 -2.71
CA ILE A 23 16.20 -0.63 -2.39
C ILE A 23 16.14 -1.43 -3.69
N ALA A 24 15.26 -1.06 -4.64
CA ALA A 24 15.17 -1.72 -5.93
C ALA A 24 16.46 -1.57 -6.73
N ARG A 25 17.13 -0.42 -6.63
CA ARG A 25 18.35 -0.13 -7.37
C ARG A 25 19.52 -0.91 -6.75
N ARG A 26 19.57 -0.99 -5.42
CA ARG A 26 20.49 -1.85 -4.70
C ARG A 26 20.26 -3.32 -5.07
N SER A 27 19.01 -3.75 -5.21
CA SER A 27 18.66 -5.16 -5.40
C SER A 27 18.93 -5.63 -6.84
N MET A 28 18.54 -4.84 -7.85
CA MET A 28 18.60 -5.26 -9.25
C MET A 28 20.03 -5.13 -9.78
N HIS A 29 20.42 -6.03 -10.68
CA HIS A 29 21.73 -6.05 -11.35
C HIS A 29 21.54 -5.85 -12.85
N ASP A 30 22.65 -5.57 -13.57
CA ASP A 30 22.64 -5.14 -14.97
C ASP A 30 21.80 -3.86 -15.12
N LEU A 31 21.87 -3.02 -14.07
CA LEU A 31 21.12 -1.78 -13.92
C LEU A 31 22.10 -0.60 -14.01
N SER A 32 23.05 -0.67 -14.94
CA SER A 32 24.10 0.33 -15.16
C SER A 32 23.54 1.74 -15.48
N PHE A 33 22.26 1.85 -15.85
CA PHE A 33 21.55 3.13 -16.00
C PHE A 33 21.30 3.82 -14.65
N LEU A 34 21.48 3.11 -13.53
CA LEU A 34 21.34 3.57 -12.14
C LEU A 34 19.97 4.18 -11.83
N HIS A 35 18.93 3.78 -12.55
CA HIS A 35 17.53 4.08 -12.27
C HIS A 35 16.72 2.82 -12.63
N PRO A 36 15.63 2.50 -11.92
CA PRO A 36 14.84 1.30 -12.18
C PRO A 36 14.38 1.14 -13.64
N SER A 37 14.37 -0.11 -14.11
CA SER A 37 14.01 -0.50 -15.48
C SER A 37 12.50 -0.55 -15.71
N MET A 38 11.73 -0.66 -14.61
CA MET A 38 10.27 -0.67 -14.53
C MET A 38 9.96 0.21 -13.31
N PRO A 39 8.74 0.75 -13.18
CA PRO A 39 8.47 1.78 -12.20
C PRO A 39 8.51 1.25 -10.76
N VAL A 40 9.04 2.08 -9.86
CA VAL A 40 8.91 1.85 -8.43
C VAL A 40 7.85 2.88 -8.04
N TYR A 41 6.63 2.40 -7.76
CA TYR A 41 5.45 3.22 -7.58
C TYR A 41 4.58 2.63 -6.48
N VAL A 42 3.74 3.45 -5.84
CA VAL A 42 2.90 3.03 -4.71
C VAL A 42 1.51 3.64 -4.92
N SER A 43 0.47 2.83 -5.07
CA SER A 43 -0.91 3.34 -5.03
C SER A 43 -1.31 3.56 -3.55
N ASP A 44 -2.19 4.52 -3.31
CA ASP A 44 -2.80 4.81 -2.01
C ASP A 44 -4.31 4.86 -2.18
N PHE A 45 -5.04 4.16 -1.30
CA PHE A 45 -6.49 4.06 -1.37
C PHE A 45 -7.10 3.44 -0.10
N THR A 46 -8.33 3.82 0.21
CA THR A 46 -9.26 3.24 1.20
C THR A 46 -8.73 3.13 2.63
N LEU A 47 -9.68 3.06 3.59
CA LEU A 47 -9.41 2.74 4.98
C LEU A 47 -10.05 1.36 5.22
N PHE A 48 -9.23 0.36 5.52
CA PHE A 48 -9.63 -1.04 5.64
C PHE A 48 -8.91 -1.66 6.84
N GLU A 49 -9.58 -2.54 7.59
CA GLU A 49 -9.08 -3.11 8.87
C GLU A 49 -8.67 -2.00 9.88
N GLY A 50 -9.26 -0.81 9.77
CA GLY A 50 -8.89 0.35 10.60
C GLY A 50 -7.58 1.03 10.15
N GLN A 51 -6.98 0.60 9.04
CA GLN A 51 -5.67 1.01 8.52
C GLN A 51 -5.84 1.66 7.15
N TRP A 52 -4.83 2.37 6.62
CA TRP A 52 -4.87 2.88 5.24
C TRP A 52 -4.39 1.80 4.27
N THR A 53 -4.89 1.76 3.02
CA THR A 53 -4.56 0.68 2.09
C THR A 53 -3.67 1.21 0.95
N GLY A 54 -2.92 0.32 0.31
CA GLY A 54 -2.05 0.66 -0.81
C GLY A 54 -1.50 -0.60 -1.46
N CYS A 55 -0.76 -0.42 -2.54
CA CYS A 55 0.05 -1.46 -3.17
C CYS A 55 1.34 -0.78 -3.59
N VAL A 56 2.42 -1.53 -3.71
CA VAL A 56 3.69 -1.06 -4.23
C VAL A 56 4.07 -1.98 -5.39
N ILE A 57 4.70 -1.42 -6.42
CA ILE A 57 5.33 -2.17 -7.48
C ILE A 57 6.77 -1.68 -7.53
N THR A 58 7.66 -2.56 -7.96
CA THR A 58 9.05 -2.28 -8.27
C THR A 58 9.41 -3.14 -9.51
N PRO A 59 10.63 -3.07 -10.08
CA PRO A 59 11.03 -4.04 -11.09
C PRO A 59 11.14 -5.46 -10.49
N TRP A 60 11.17 -5.61 -9.16
CA TRP A 60 11.44 -6.88 -8.50
C TRP A 60 10.20 -7.50 -7.82
N MET A 61 9.15 -6.74 -7.49
CA MET A 61 7.97 -7.25 -6.79
C MET A 61 6.72 -6.37 -7.01
N LEU A 62 5.54 -6.90 -6.68
CA LEU A 62 4.28 -6.17 -6.56
C LEU A 62 3.69 -6.70 -5.27
N SER A 63 3.38 -5.82 -4.32
CA SER A 63 2.96 -6.23 -2.99
C SER A 63 1.88 -5.30 -2.48
N ALA A 64 0.82 -5.86 -1.92
CA ALA A 64 -0.17 -5.09 -1.18
C ALA A 64 0.53 -4.54 0.07
N VAL A 65 0.19 -3.31 0.48
CA VAL A 65 0.77 -2.68 1.66
C VAL A 65 -0.33 -1.93 2.41
N ILE A 66 -0.24 -1.90 3.73
CA ILE A 66 -1.25 -1.38 4.63
C ILE A 66 -0.48 -0.62 5.72
N PHE A 67 -0.92 0.60 6.04
CA PHE A 67 -0.17 1.54 6.89
C PHE A 67 -1.00 1.94 8.11
N PRO A 68 -0.38 2.34 9.24
CA PRO A 68 -1.07 2.75 10.45
C PRO A 68 -2.19 3.75 10.17
N GLY A 69 -3.42 3.39 10.50
CA GLY A 69 -4.59 4.21 10.24
C GLY A 69 -4.63 5.46 11.11
N PRO A 70 -5.66 6.31 10.95
CA PRO A 70 -5.76 7.58 11.64
C PRO A 70 -6.19 7.40 13.09
N ASP A 71 -5.92 8.44 13.90
CA ASP A 71 -6.41 8.64 15.27
C ASP A 71 -6.38 7.37 16.13
N GLN A 72 -5.22 6.70 16.18
CA GLN A 72 -5.00 5.48 16.94
C GLN A 72 -3.52 5.42 17.32
N LEU A 73 -3.20 4.61 18.32
CA LEU A 73 -1.83 4.27 18.66
C LEU A 73 -1.63 2.86 18.13
N TRP A 74 -0.79 2.72 17.10
CA TRP A 74 -0.47 1.43 16.52
C TRP A 74 0.35 0.64 17.54
N PRO A 75 0.00 -0.61 17.85
CA PRO A 75 0.74 -1.41 18.81
C PRO A 75 2.14 -1.71 18.28
N LEU A 76 3.13 -1.80 19.17
CA LEU A 76 4.48 -2.22 18.79
C LEU A 76 4.42 -3.70 18.41
N ARG A 77 4.81 -4.05 17.19
CA ARG A 77 4.87 -5.43 16.70
C ARG A 77 6.33 -5.82 16.47
N LYS A 78 6.61 -7.12 16.43
CA LYS A 78 7.89 -7.65 15.99
C LYS A 78 7.88 -7.64 14.48
N VAL A 79 9.04 -7.50 13.88
CA VAL A 79 9.20 -7.25 12.46
C VAL A 79 9.53 -8.59 11.79
N SER A 80 9.15 -8.76 10.52
CA SER A 80 9.30 -10.00 9.78
C SER A 80 8.53 -11.17 10.43
N GLU A 81 7.49 -10.85 11.21
CA GLU A 81 6.48 -11.71 11.77
C GLU A 81 5.19 -11.37 11.00
N LYS A 82 4.22 -12.27 10.96
CA LYS A 82 2.98 -12.07 10.20
C LYS A 82 1.78 -11.83 11.11
N ILE A 83 0.85 -11.02 10.64
CA ILE A 83 -0.44 -10.72 11.28
C ILE A 83 -1.50 -11.10 10.26
N GLY A 84 -2.53 -11.84 10.69
CA GLY A 84 -3.67 -12.17 9.83
C GLY A 84 -4.56 -10.93 9.71
N LEU A 85 -4.84 -10.51 8.48
CA LEU A 85 -5.81 -9.47 8.15
C LEU A 85 -6.97 -10.11 7.42
N GLN A 86 -8.20 -9.74 7.77
CA GLN A 86 -9.40 -10.19 7.09
C GLN A 86 -9.68 -9.18 5.97
N LEU A 87 -9.90 -9.67 4.75
CA LEU A 87 -10.32 -8.90 3.59
C LEU A 87 -11.06 -9.82 2.63
N PRO A 88 -11.90 -9.32 1.71
CA PRO A 88 -12.78 -10.17 0.90
C PRO A 88 -12.03 -11.07 -0.10
N TYR A 89 -10.75 -10.79 -0.37
CA TYR A 89 -9.88 -11.70 -1.12
C TYR A 89 -9.77 -13.07 -0.43
N GLY A 90 -9.97 -13.09 0.89
CA GLY A 90 -9.72 -14.20 1.79
C GLY A 90 -8.76 -13.68 2.84
N THR A 91 -8.85 -14.19 4.08
CA THR A 91 -7.96 -13.79 5.16
C THR A 91 -6.53 -14.14 4.74
N MET A 92 -5.59 -13.19 4.88
CA MET A 92 -4.21 -13.33 4.45
C MET A 92 -3.30 -12.83 5.56
N THR A 93 -2.17 -13.51 5.76
CA THR A 93 -1.12 -13.08 6.67
C THR A 93 -0.26 -12.04 5.94
N PHE A 94 -0.31 -10.80 6.43
CA PHE A 94 0.58 -9.73 6.00
C PHE A 94 1.78 -9.76 6.95
N THR A 95 2.99 -9.62 6.41
CA THR A 95 4.21 -9.57 7.19
C THR A 95 4.40 -8.12 7.67
N VAL A 96 4.82 -7.94 8.93
CA VAL A 96 5.16 -6.64 9.47
C VAL A 96 6.51 -6.22 8.87
N GLY A 97 6.55 -5.05 8.26
CA GLY A 97 7.77 -4.39 7.83
C GLY A 97 8.02 -3.23 8.78
N GLU A 98 9.28 -2.81 8.93
CA GLU A 98 9.65 -1.60 9.64
C GLU A 98 10.54 -0.83 8.69
N LEU A 99 10.01 0.21 8.06
CA LEU A 99 10.74 0.96 7.06
C LEU A 99 11.57 2.02 7.80
N ASP A 100 12.89 2.00 7.61
CA ASP A 100 13.82 2.85 8.34
C ASP A 100 13.51 4.33 8.10
N GLY A 101 13.44 5.11 9.18
CA GLY A 101 13.09 6.53 9.14
C GLY A 101 11.61 6.80 8.88
N VAL A 102 10.76 5.77 8.80
CA VAL A 102 9.33 5.88 8.55
C VAL A 102 8.61 5.25 9.75
N SER A 103 8.06 4.03 9.64
CA SER A 103 7.21 3.42 10.66
C SER A 103 7.07 1.91 10.43
N GLN A 104 6.42 1.23 11.38
CA GLN A 104 6.00 -0.16 11.19
C GLN A 104 4.74 -0.15 10.33
N TYR A 105 4.62 -1.12 9.43
CA TYR A 105 3.52 -1.24 8.48
C TYR A 105 3.38 -2.72 8.10
N LEU A 106 2.41 -3.08 7.27
CA LEU A 106 2.08 -4.46 6.93
C LEU A 106 2.12 -4.63 5.41
N SER A 107 2.69 -5.73 4.93
CA SER A 107 2.95 -5.99 3.51
C SER A 107 2.54 -7.42 3.15
N CYS A 108 2.07 -7.67 1.94
CA CYS A 108 1.80 -9.03 1.43
C CYS A 108 2.23 -9.07 -0.03
N SER A 109 3.20 -9.93 -0.36
CA SER A 109 3.69 -10.08 -1.72
C SER A 109 2.60 -10.70 -2.60
N LEU A 110 2.41 -10.15 -3.81
CA LEU A 110 1.36 -10.60 -4.74
C LEU A 110 1.98 -11.32 -5.93
N MET A 111 3.02 -10.75 -6.55
CA MET A 111 3.68 -11.34 -7.72
C MET A 111 5.08 -10.73 -7.89
N SER A 112 5.88 -11.31 -8.78
CA SER A 112 7.16 -10.76 -9.22
C SER A 112 6.97 -10.36 -10.70
N PRO A 113 6.92 -9.06 -11.05
CA PRO A 113 6.74 -8.62 -12.44
C PRO A 113 8.01 -8.93 -13.27
N LEU A 114 7.84 -8.94 -14.60
CA LEU A 114 8.93 -9.10 -15.56
C LEU A 114 8.65 -8.24 -16.79
N SER A 115 9.70 -7.91 -17.55
CA SER A 115 9.66 -6.92 -18.64
C SER A 115 8.83 -7.36 -19.86
N HIS A 116 8.55 -8.66 -20.01
CA HIS A 116 7.75 -9.15 -21.13
C HIS A 116 6.26 -8.97 -20.85
N SER A 117 5.48 -8.59 -21.88
CA SER A 117 4.05 -8.31 -21.77
C SER A 117 3.77 -7.27 -20.68
N MET A 118 4.66 -6.26 -20.57
CA MET A 118 4.71 -5.30 -19.48
C MET A 118 5.24 -3.97 -20.02
N SER A 119 4.70 -2.86 -19.48
CA SER A 119 5.13 -1.50 -19.73
C SER A 119 4.97 -0.72 -18.43
N ILE A 120 5.56 0.46 -18.30
CA ILE A 120 5.50 1.21 -17.04
C ILE A 120 4.10 1.74 -16.73
N GLU A 121 3.25 1.87 -17.75
CA GLU A 121 1.86 2.23 -17.55
C GLU A 121 1.13 1.06 -16.91
N GLU A 122 1.35 -0.16 -17.39
CA GLU A 122 0.83 -1.39 -16.78
C GLU A 122 1.37 -1.51 -15.37
N GLY A 123 2.64 -1.18 -15.12
CA GLY A 123 3.19 -1.24 -13.77
C GLY A 123 2.39 -0.37 -12.81
N GLN A 124 2.24 0.92 -13.12
CA GLN A 124 1.50 1.84 -12.26
C GLN A 124 0.03 1.40 -12.13
N ARG A 125 -0.62 1.11 -13.25
CA ARG A 125 -2.05 0.78 -13.29
C ARG A 125 -2.33 -0.58 -12.68
N LEU A 126 -1.33 -1.46 -12.54
CA LEU A 126 -1.47 -2.78 -11.93
C LEU A 126 -1.22 -2.67 -10.44
N THR A 127 -0.57 -1.61 -9.97
CA THR A 127 -0.50 -1.34 -8.55
C THR A 127 -1.90 -0.93 -8.09
N ASP A 128 -2.59 -0.06 -8.84
CA ASP A 128 -3.98 0.32 -8.58
C ASP A 128 -4.94 -0.85 -8.81
N ASP A 129 -4.75 -1.62 -9.88
CA ASP A 129 -5.63 -2.76 -10.13
C ASP A 129 -5.41 -3.87 -9.10
N CYS A 130 -4.19 -3.99 -8.56
CA CYS A 130 -3.93 -4.93 -7.48
C CYS A 130 -4.60 -4.46 -6.19
N ALA A 131 -4.50 -3.15 -5.90
CA ALA A 131 -5.19 -2.50 -4.80
C ALA A 131 -6.70 -2.79 -4.88
N ARG A 132 -7.29 -2.66 -6.07
CA ARG A 132 -8.70 -2.93 -6.28
C ARG A 132 -9.01 -4.41 -6.16
N MET A 133 -8.28 -5.29 -6.84
CA MET A 133 -8.64 -6.70 -6.93
C MET A 133 -8.68 -7.40 -5.56
N ILE A 134 -7.92 -6.93 -4.55
CA ILE A 134 -8.00 -7.48 -3.19
C ILE A 134 -9.23 -6.97 -2.40
N LEU A 135 -9.95 -5.95 -2.90
CA LEU A 135 -11.26 -5.56 -2.37
C LEU A 135 -12.30 -6.60 -2.79
N SER A 136 -12.13 -7.20 -3.99
CA SER A 136 -12.92 -8.31 -4.53
C SER A 136 -14.43 -8.06 -4.56
N LEU A 137 -14.83 -6.79 -4.61
CA LEU A 137 -16.21 -6.31 -4.55
C LEU A 137 -16.35 -5.09 -5.46
N PRO A 138 -17.55 -4.84 -6.04
CA PRO A 138 -17.86 -3.60 -6.74
C PRO A 138 -17.96 -2.43 -5.76
N VAL A 139 -18.01 -1.20 -6.28
CA VAL A 139 -18.26 -0.01 -5.48
C VAL A 139 -19.71 -0.08 -4.94
N THR A 140 -19.89 0.29 -3.67
CA THR A 140 -21.19 0.20 -2.98
C THR A 140 -22.20 1.17 -3.63
N ASN A 141 -23.47 0.77 -3.67
CA ASN A 141 -24.60 1.62 -4.08
C ASN A 141 -25.63 1.58 -2.96
N PRO A 142 -25.50 2.42 -1.91
CA PRO A 142 -26.39 2.39 -0.76
C PRO A 142 -27.78 2.92 -1.11
N ASP A 143 -28.75 2.58 -0.27
CA ASP A 143 -30.11 3.11 -0.27
C ASP A 143 -30.62 3.11 1.16
N VAL A 144 -31.21 4.22 1.61
CA VAL A 144 -31.56 4.49 2.99
C VAL A 144 -32.94 5.17 3.08
N PRO A 145 -33.64 5.08 4.23
CA PRO A 145 -34.83 5.87 4.49
C PRO A 145 -34.48 7.37 4.63
N HIS A 146 -35.51 8.22 4.74
CA HIS A 146 -35.33 9.65 4.95
C HIS A 146 -34.46 9.90 6.20
N ALA A 147 -33.44 10.76 6.06
CA ALA A 147 -32.59 11.14 7.18
C ALA A 147 -33.30 12.17 8.08
N GLY A 148 -34.03 13.11 7.46
CA GLY A 148 -34.88 14.08 8.13
C GLY A 148 -36.29 13.54 8.29
N ARG A 149 -37.29 14.43 8.29
CA ARG A 149 -38.71 14.07 8.29
C ARG A 149 -39.07 13.28 7.04
N ARG A 150 -40.20 12.57 7.08
CA ARG A 150 -40.79 11.94 5.89
C ARG A 150 -41.19 13.05 4.92
N ALA A 151 -41.07 12.78 3.62
CA ALA A 151 -41.51 13.71 2.58
C ALA A 151 -43.03 13.65 2.34
N LEU A 152 -43.71 12.67 2.95
CA LEU A 152 -45.15 12.49 2.87
C LEU A 152 -45.85 13.69 3.53
N LEU A 153 -47.04 14.04 3.03
CA LEU A 153 -47.92 15.00 3.68
C LEU A 153 -48.51 14.29 4.90
N PHE A 154 -48.31 14.86 6.10
CA PHE A 154 -48.68 14.25 7.37
C PHE A 154 -48.96 15.36 8.39
N GLY A 155 -49.66 15.03 9.48
CA GLY A 155 -49.91 15.95 10.58
C GLY A 155 -50.95 17.03 10.25
N ARG A 156 -51.85 16.77 9.30
CA ARG A 156 -52.96 17.66 8.96
C ARG A 156 -54.27 16.86 8.99
N ARG A 157 -55.34 17.47 9.50
CA ARG A 157 -56.67 16.84 9.53
C ARG A 157 -57.35 16.94 8.18
N SER A 158 -57.09 18.00 7.42
CA SER A 158 -57.78 18.30 6.17
C SER A 158 -57.48 17.24 5.11
N GLY A 159 -58.48 16.94 4.28
CA GLY A 159 -58.31 16.11 3.08
C GLY A 159 -57.77 16.93 1.92
N GLU A 160 -57.74 16.33 0.73
CA GLU A 160 -57.34 16.97 -0.53
C GLU A 160 -58.24 16.43 -1.64
N ASN A 161 -58.56 17.28 -2.63
CA ASN A 161 -59.42 16.90 -3.75
C ASN A 161 -58.71 15.87 -4.65
N ALA A 162 -59.42 14.84 -5.08
CA ALA A 162 -58.95 13.81 -6.00
C ALA A 162 -60.12 13.36 -6.86
N MET A 1 10.00 5.55 22.56
CA MET A 1 9.83 5.59 24.04
C MET A 1 8.76 4.57 24.48
N THR A 2 7.47 4.86 24.30
CA THR A 2 6.37 3.96 24.62
C THR A 2 6.26 2.85 23.55
N GLU A 3 5.60 1.74 23.89
CA GLU A 3 5.38 0.61 22.98
C GLU A 3 4.11 0.88 22.16
N GLU A 4 4.08 2.01 21.45
CA GLU A 4 2.94 2.54 20.73
C GLU A 4 3.42 3.21 19.43
N ILE A 5 2.49 3.40 18.49
CA ILE A 5 2.68 4.09 17.22
C ILE A 5 1.50 5.06 17.10
N ALA A 6 1.75 6.32 16.76
CA ALA A 6 0.68 7.25 16.42
C ALA A 6 0.18 6.90 15.02
N GLY A 7 -1.14 6.72 14.87
CA GLY A 7 -1.77 6.39 13.61
C GLY A 7 -1.55 7.49 12.56
N PHE A 8 -1.42 7.11 11.29
CA PHE A 8 -1.00 8.00 10.22
C PHE A 8 -2.20 8.64 9.53
N GLN A 9 -2.09 9.93 9.22
CA GLN A 9 -3.14 10.69 8.55
C GLN A 9 -3.31 10.23 7.10
N THR A 10 -2.28 9.64 6.49
CA THR A 10 -2.33 9.00 5.18
C THR A 10 -1.12 8.09 5.02
N SER A 11 -1.14 7.32 3.94
CA SER A 11 -0.11 6.40 3.53
C SER A 11 1.22 7.13 3.30
N PRO A 12 2.38 6.59 3.73
CA PRO A 12 3.71 7.09 3.38
C PRO A 12 4.06 6.84 1.90
N LYS A 13 3.18 7.16 0.95
CA LYS A 13 3.25 6.79 -0.47
C LYS A 13 4.61 7.14 -1.10
N ALA A 14 5.00 8.42 -1.04
CA ALA A 14 6.25 8.86 -1.66
C ALA A 14 7.45 8.28 -0.91
N GLN A 15 7.35 8.21 0.41
CA GLN A 15 8.41 7.66 1.27
C GLN A 15 8.67 6.18 0.93
N VAL A 16 7.63 5.37 0.76
CA VAL A 16 7.77 3.97 0.36
C VAL A 16 8.35 3.92 -1.06
N GLN A 17 7.89 4.79 -1.97
CA GLN A 17 8.39 4.80 -3.35
C GLN A 17 9.89 5.11 -3.36
N ALA A 18 10.33 6.18 -2.69
CA ALA A 18 11.72 6.64 -2.69
C ALA A 18 12.62 5.60 -2.02
N ALA A 19 12.15 4.98 -0.92
CA ALA A 19 12.89 3.92 -0.27
C ALA A 19 13.08 2.74 -1.23
N PHE A 20 12.03 2.31 -1.93
CA PHE A 20 12.18 1.20 -2.86
C PHE A 20 12.95 1.59 -4.11
N GLU A 21 12.95 2.85 -4.53
CA GLU A 21 13.80 3.32 -5.63
C GLU A 21 15.28 3.20 -5.22
N GLU A 22 15.59 3.31 -3.93
CA GLU A 22 16.92 3.15 -3.39
C GLU A 22 17.23 1.65 -3.21
N ILE A 23 16.32 0.89 -2.61
CA ILE A 23 16.54 -0.53 -2.30
C ILE A 23 16.62 -1.34 -3.60
N ALA A 24 15.80 -1.02 -4.61
CA ALA A 24 15.84 -1.70 -5.90
C ALA A 24 17.18 -1.45 -6.60
N ARG A 25 17.81 -0.30 -6.37
CA ARG A 25 19.15 0.01 -6.88
C ARG A 25 20.20 -0.72 -6.06
N ARG A 26 20.02 -0.84 -4.75
CA ARG A 26 20.88 -1.64 -3.87
C ARG A 26 20.97 -3.08 -4.37
N SER A 27 19.88 -3.67 -4.87
CA SER A 27 19.89 -5.00 -5.48
C SER A 27 20.67 -5.07 -6.81
N MET A 28 21.09 -3.93 -7.35
CA MET A 28 21.89 -3.78 -8.57
C MET A 28 23.18 -3.00 -8.21
N HIS A 29 23.72 -3.20 -7.01
CA HIS A 29 24.93 -2.50 -6.55
C HIS A 29 26.10 -2.71 -7.50
N ASP A 30 27.00 -1.73 -7.55
CA ASP A 30 28.11 -1.57 -8.50
C ASP A 30 27.61 -1.23 -9.92
N LEU A 31 26.45 -1.75 -10.32
CA LEU A 31 25.71 -1.38 -11.52
C LEU A 31 24.76 -0.21 -11.19
N SER A 32 25.06 0.56 -10.13
CA SER A 32 24.20 1.56 -9.54
C SER A 32 23.79 2.69 -10.50
N PHE A 33 24.49 2.86 -11.61
CA PHE A 33 24.17 3.80 -12.69
C PHE A 33 22.87 3.42 -13.42
N LEU A 34 22.39 2.17 -13.29
CA LEU A 34 21.15 1.71 -13.90
C LEU A 34 19.94 2.43 -13.27
N HIS A 35 18.83 2.43 -13.99
CA HIS A 35 17.51 2.84 -13.51
C HIS A 35 16.55 1.65 -13.60
N PRO A 36 15.45 1.62 -12.81
CA PRO A 36 14.52 0.49 -12.81
C PRO A 36 13.95 0.20 -14.19
N SER A 37 13.92 -1.08 -14.58
CA SER A 37 13.43 -1.55 -15.88
C SER A 37 11.90 -1.43 -16.02
N MET A 38 11.20 -1.25 -14.89
CA MET A 38 9.77 -1.00 -14.79
C MET A 38 9.64 -0.05 -13.60
N PRO A 39 8.70 0.90 -13.62
CA PRO A 39 8.58 1.91 -12.56
C PRO A 39 8.50 1.32 -11.15
N VAL A 40 9.18 1.96 -10.21
CA VAL A 40 9.00 1.70 -8.79
C VAL A 40 7.94 2.74 -8.42
N TYR A 41 6.72 2.30 -8.09
CA TYR A 41 5.55 3.18 -7.94
C TYR A 41 4.64 2.66 -6.82
N VAL A 42 3.78 3.51 -6.25
CA VAL A 42 2.93 3.16 -5.12
C VAL A 42 1.54 3.77 -5.31
N SER A 43 0.48 2.95 -5.29
CA SER A 43 -0.92 3.40 -5.23
C SER A 43 -1.39 3.55 -3.76
N ASP A 44 -2.38 4.41 -3.50
CA ASP A 44 -2.99 4.71 -2.20
C ASP A 44 -4.48 4.35 -2.21
N PHE A 45 -5.03 3.92 -1.05
CA PHE A 45 -6.38 3.37 -0.96
C PHE A 45 -7.04 3.48 0.44
N THR A 46 -8.34 3.15 0.43
CA THR A 46 -9.33 2.90 1.47
C THR A 46 -8.83 2.61 2.90
N LEU A 47 -9.68 2.92 3.89
CA LEU A 47 -9.48 2.50 5.28
C LEU A 47 -10.07 1.10 5.41
N PHE A 48 -9.23 0.13 5.75
CA PHE A 48 -9.51 -1.28 5.81
C PHE A 48 -9.20 -1.73 7.24
N GLU A 49 -10.23 -2.03 8.03
CA GLU A 49 -10.14 -2.27 9.47
C GLU A 49 -9.41 -1.11 10.18
N GLY A 50 -9.67 0.13 9.73
CA GLY A 50 -9.10 1.34 10.29
C GLY A 50 -7.66 1.63 9.85
N GLN A 51 -7.16 0.94 8.81
CA GLN A 51 -5.79 1.06 8.30
C GLN A 51 -5.85 1.50 6.84
N TRP A 52 -5.04 2.46 6.39
CA TRP A 52 -4.97 2.80 4.97
C TRP A 52 -4.44 1.61 4.18
N THR A 53 -4.96 1.36 2.98
CA THR A 53 -4.39 0.40 2.05
C THR A 53 -3.47 1.15 1.07
N GLY A 54 -2.62 0.39 0.39
CA GLY A 54 -1.81 0.84 -0.72
C GLY A 54 -1.28 -0.39 -1.44
N CYS A 55 -0.62 -0.19 -2.58
CA CYS A 55 0.13 -1.23 -3.26
C CYS A 55 1.44 -0.58 -3.68
N VAL A 56 2.55 -1.31 -3.69
CA VAL A 56 3.81 -0.89 -4.27
C VAL A 56 4.14 -1.87 -5.38
N ILE A 57 4.69 -1.38 -6.48
CA ILE A 57 5.25 -2.20 -7.54
C ILE A 57 6.70 -1.76 -7.72
N THR A 58 7.52 -2.68 -8.18
CA THR A 58 8.90 -2.47 -8.57
C THR A 58 9.13 -3.35 -9.82
N PRO A 59 10.31 -3.37 -10.46
CA PRO A 59 10.59 -4.37 -11.49
C PRO A 59 10.70 -5.79 -10.87
N TRP A 60 10.83 -5.90 -9.54
CA TRP A 60 11.16 -7.15 -8.86
C TRP A 60 10.00 -7.72 -8.01
N MET A 61 9.01 -6.92 -7.61
CA MET A 61 7.90 -7.38 -6.77
C MET A 61 6.66 -6.47 -6.90
N LEU A 62 5.49 -6.99 -6.53
CA LEU A 62 4.27 -6.22 -6.34
C LEU A 62 3.78 -6.66 -4.97
N SER A 63 3.61 -5.72 -4.06
CA SER A 63 3.19 -6.03 -2.71
C SER A 63 2.08 -5.08 -2.27
N ALA A 64 1.02 -5.63 -1.72
CA ALA A 64 0.00 -4.83 -1.04
C ALA A 64 0.64 -4.33 0.24
N VAL A 65 0.28 -3.12 0.67
CA VAL A 65 0.84 -2.47 1.86
C VAL A 65 -0.31 -1.85 2.64
N ILE A 66 -0.18 -1.79 3.96
CA ILE A 66 -1.23 -1.36 4.88
C ILE A 66 -0.54 -0.53 5.96
N PHE A 67 -1.14 0.59 6.37
CA PHE A 67 -0.59 1.53 7.35
C PHE A 67 -1.67 1.84 8.40
N PRO A 68 -1.36 1.92 9.71
CA PRO A 68 -2.31 2.36 10.72
C PRO A 68 -2.95 3.70 10.33
N GLY A 69 -4.28 3.79 10.38
CA GLY A 69 -5.02 4.96 9.92
C GLY A 69 -5.02 6.10 10.95
N PRO A 70 -5.87 7.12 10.79
CA PRO A 70 -5.87 8.30 11.66
C PRO A 70 -6.40 8.00 13.06
N ASP A 71 -6.13 8.93 13.98
CA ASP A 71 -6.69 9.05 15.33
C ASP A 71 -6.79 7.71 16.07
N GLN A 72 -5.65 7.02 16.18
CA GLN A 72 -5.54 5.73 16.86
C GLN A 72 -4.12 5.56 17.38
N LEU A 73 -3.98 4.86 18.51
CA LEU A 73 -2.70 4.57 19.15
C LEU A 73 -2.50 3.08 18.96
N TRP A 74 -1.76 2.75 17.90
CA TRP A 74 -1.46 1.36 17.55
C TRP A 74 -0.40 0.81 18.50
N PRO A 75 -0.37 -0.49 18.79
CA PRO A 75 0.73 -1.10 19.54
C PRO A 75 2.02 -1.05 18.73
N LEU A 76 3.17 -0.88 19.39
CA LEU A 76 4.47 -1.05 18.74
C LEU A 76 4.58 -2.54 18.39
N ARG A 77 4.86 -2.89 17.13
CA ARG A 77 4.91 -4.28 16.67
C ARG A 77 6.34 -4.79 16.65
N LYS A 78 6.51 -6.11 16.63
CA LYS A 78 7.80 -6.75 16.38
C LYS A 78 7.79 -7.08 14.89
N VAL A 79 8.93 -6.88 14.26
CA VAL A 79 9.07 -6.91 12.81
C VAL A 79 9.22 -8.36 12.34
N SER A 80 8.84 -8.63 11.10
CA SER A 80 8.84 -9.95 10.47
C SER A 80 7.83 -10.93 11.10
N GLU A 81 6.96 -10.46 12.00
CA GLU A 81 5.82 -11.21 12.51
C GLU A 81 4.70 -11.13 11.46
N LYS A 82 3.72 -12.03 11.52
CA LYS A 82 2.57 -12.03 10.61
C LYS A 82 1.29 -11.71 11.37
N ILE A 83 0.41 -10.95 10.72
CA ILE A 83 -0.90 -10.54 11.21
C ILE A 83 -1.89 -11.14 10.21
N GLY A 84 -2.81 -11.99 10.66
CA GLY A 84 -3.86 -12.54 9.80
C GLY A 84 -4.91 -11.45 9.57
N LEU A 85 -5.21 -11.15 8.31
CA LEU A 85 -6.27 -10.22 7.91
C LEU A 85 -7.27 -10.97 7.04
N GLN A 86 -8.57 -10.68 7.19
CA GLN A 86 -9.63 -11.22 6.35
C GLN A 86 -9.82 -10.23 5.20
N LEU A 87 -9.80 -10.70 3.96
CA LEU A 87 -10.02 -9.90 2.75
C LEU A 87 -10.97 -10.66 1.82
N PRO A 88 -11.62 -9.99 0.84
CA PRO A 88 -12.41 -10.67 -0.18
C PRO A 88 -11.60 -11.66 -1.04
N TYR A 89 -10.28 -11.50 -1.10
CA TYR A 89 -9.35 -12.43 -1.76
C TYR A 89 -9.17 -13.74 -0.98
N GLY A 90 -9.78 -13.84 0.19
CA GLY A 90 -9.55 -14.89 1.18
C GLY A 90 -8.65 -14.33 2.27
N THR A 91 -8.62 -14.98 3.42
CA THR A 91 -7.82 -14.56 4.56
C THR A 91 -6.34 -14.76 4.20
N MET A 92 -5.50 -13.75 4.44
CA MET A 92 -4.08 -13.76 4.11
C MET A 92 -3.32 -13.09 5.25
N THR A 93 -2.12 -13.59 5.56
CA THR A 93 -1.24 -12.95 6.52
C THR A 93 -0.48 -11.82 5.84
N PHE A 94 -0.45 -10.65 6.48
CA PHE A 94 0.42 -9.54 6.12
C PHE A 94 1.56 -9.57 7.12
N THR A 95 2.79 -9.46 6.65
CA THR A 95 3.98 -9.44 7.47
C THR A 95 4.18 -8.00 7.96
N VAL A 96 4.63 -7.82 9.20
CA VAL A 96 5.06 -6.52 9.71
C VAL A 96 6.42 -6.24 9.09
N GLY A 97 6.58 -5.10 8.42
CA GLY A 97 7.86 -4.61 7.95
C GLY A 97 8.20 -3.35 8.72
N GLU A 98 9.47 -2.95 8.71
CA GLU A 98 9.94 -1.70 9.26
C GLU A 98 10.85 -1.10 8.19
N LEU A 99 10.28 -0.25 7.32
CA LEU A 99 10.97 0.22 6.12
C LEU A 99 11.98 1.29 6.51
N ASP A 100 13.20 1.22 5.98
CA ASP A 100 14.33 2.03 6.42
C ASP A 100 14.03 3.53 6.30
N GLY A 101 14.14 4.24 7.42
CA GLY A 101 13.88 5.68 7.51
C GLY A 101 12.40 6.06 7.45
N VAL A 102 11.48 5.10 7.26
CA VAL A 102 10.05 5.34 7.26
C VAL A 102 9.53 4.89 8.64
N SER A 103 8.63 3.92 8.70
CA SER A 103 7.88 3.52 9.89
C SER A 103 7.59 2.03 9.82
N GLN A 104 7.01 1.46 10.88
CA GLN A 104 6.47 0.10 10.82
C GLN A 104 5.19 0.15 9.97
N TYR A 105 4.97 -0.89 9.17
CA TYR A 105 3.85 -1.03 8.26
C TYR A 105 3.59 -2.52 8.05
N LEU A 106 2.49 -2.86 7.38
CA LEU A 106 2.15 -4.24 7.06
C LEU A 106 2.28 -4.39 5.54
N SER A 107 2.77 -5.53 5.07
CA SER A 107 2.98 -5.80 3.65
C SER A 107 2.63 -7.25 3.32
N CYS A 108 2.25 -7.51 2.06
CA CYS A 108 2.02 -8.86 1.55
C CYS A 108 2.50 -8.86 0.10
N SER A 109 3.53 -9.64 -0.22
CA SER A 109 4.03 -9.81 -1.58
C SER A 109 3.04 -10.70 -2.35
N LEU A 110 2.70 -10.32 -3.58
CA LEU A 110 1.61 -10.95 -4.33
C LEU A 110 2.04 -11.51 -5.69
N MET A 111 2.97 -10.86 -6.42
CA MET A 111 3.49 -11.39 -7.69
C MET A 111 4.84 -10.77 -8.04
N SER A 112 5.50 -11.32 -9.05
CA SER A 112 6.69 -10.76 -9.67
C SER A 112 6.27 -10.04 -10.98
N PRO A 113 6.52 -8.71 -11.11
CA PRO A 113 6.28 -7.95 -12.34
C PRO A 113 7.27 -8.28 -13.48
N LEU A 114 7.45 -7.33 -14.42
CA LEU A 114 8.25 -7.49 -15.64
C LEU A 114 7.65 -8.59 -16.54
N SER A 115 6.31 -8.60 -16.65
CA SER A 115 5.62 -9.46 -17.60
C SER A 115 5.80 -8.92 -19.03
N HIS A 116 5.64 -9.77 -20.05
CA HIS A 116 5.99 -9.39 -21.42
C HIS A 116 5.11 -8.25 -21.95
N SER A 117 3.87 -8.13 -21.46
CA SER A 117 2.93 -7.10 -21.85
C SER A 117 3.04 -5.83 -21.00
N MET A 118 3.94 -5.77 -20.01
CA MET A 118 4.03 -4.65 -19.08
C MET A 118 4.64 -3.41 -19.73
N SER A 119 4.32 -2.26 -19.15
CA SER A 119 4.66 -0.91 -19.60
C SER A 119 4.60 0.01 -18.38
N ILE A 120 4.94 1.29 -18.53
CA ILE A 120 4.77 2.32 -17.53
C ILE A 120 3.30 2.34 -17.06
N GLU A 121 2.37 2.18 -18.00
CA GLU A 121 0.94 2.27 -17.75
C GLU A 121 0.49 1.05 -16.94
N GLU A 122 0.95 -0.15 -17.30
CA GLU A 122 0.69 -1.36 -16.53
C GLU A 122 1.38 -1.31 -15.18
N GLY A 123 2.50 -0.61 -15.04
CA GLY A 123 3.13 -0.39 -13.74
C GLY A 123 2.12 0.27 -12.80
N GLN A 124 1.59 1.43 -13.19
CA GLN A 124 0.64 2.16 -12.37
C GLN A 124 -0.67 1.35 -12.22
N ARG A 125 -1.26 0.92 -13.32
CA ARG A 125 -2.57 0.26 -13.34
C ARG A 125 -2.53 -1.09 -12.63
N LEU A 126 -1.40 -1.78 -12.54
CA LEU A 126 -1.35 -3.08 -11.88
C LEU A 126 -1.13 -2.89 -10.39
N THR A 127 -0.45 -1.83 -9.97
CA THR A 127 -0.39 -1.46 -8.57
C THR A 127 -1.83 -1.22 -8.07
N ASP A 128 -2.58 -0.43 -8.84
CA ASP A 128 -3.98 -0.10 -8.58
C ASP A 128 -4.88 -1.33 -8.64
N ASP A 129 -4.81 -2.11 -9.70
CA ASP A 129 -5.65 -3.30 -9.87
C ASP A 129 -5.33 -4.35 -8.81
N CYS A 130 -4.05 -4.44 -8.42
CA CYS A 130 -3.62 -5.44 -7.44
C CYS A 130 -4.17 -5.07 -6.05
N ALA A 131 -4.28 -3.78 -5.72
CA ALA A 131 -4.98 -3.33 -4.51
C ALA A 131 -6.46 -3.63 -4.70
N ARG A 132 -7.08 -3.18 -5.80
CA ARG A 132 -8.51 -3.32 -6.05
C ARG A 132 -8.97 -4.78 -5.93
N MET A 133 -8.28 -5.73 -6.53
CA MET A 133 -8.69 -7.14 -6.50
C MET A 133 -8.82 -7.68 -5.06
N ILE A 134 -8.07 -7.12 -4.09
CA ILE A 134 -8.13 -7.50 -2.67
C ILE A 134 -8.95 -6.48 -1.86
N LEU A 135 -9.65 -5.54 -2.51
CA LEU A 135 -10.28 -4.37 -1.91
C LEU A 135 -11.49 -3.97 -2.74
N SER A 136 -12.53 -4.79 -2.68
CA SER A 136 -13.78 -4.57 -3.40
C SER A 136 -14.66 -3.44 -2.83
N LEU A 137 -14.07 -2.38 -2.25
CA LEU A 137 -14.77 -1.16 -1.86
C LEU A 137 -13.79 0.03 -1.92
N PRO A 138 -14.11 1.12 -2.64
CA PRO A 138 -13.26 2.31 -2.68
C PRO A 138 -13.82 3.42 -1.77
N VAL A 139 -12.93 4.21 -1.16
CA VAL A 139 -13.29 5.43 -0.43
C VAL A 139 -12.08 6.40 -0.47
N THR A 140 -12.35 7.69 -0.29
CA THR A 140 -11.35 8.76 -0.34
C THR A 140 -10.20 8.51 0.66
N ASN A 141 -8.99 8.95 0.29
CA ASN A 141 -7.81 8.99 1.16
C ASN A 141 -7.18 10.38 1.03
N PRO A 142 -6.94 11.11 2.14
CA PRO A 142 -6.30 12.42 2.11
C PRO A 142 -4.87 12.38 1.58
N ASP A 143 -4.38 13.53 1.15
CA ASP A 143 -3.04 13.78 0.62
C ASP A 143 -2.48 15.05 1.25
N VAL A 144 -1.18 15.06 1.53
CA VAL A 144 -0.46 16.11 2.24
C VAL A 144 0.84 16.43 1.49
N PRO A 145 1.47 17.60 1.70
CA PRO A 145 2.83 17.82 1.21
C PRO A 145 3.66 16.75 1.92
N HIS A 146 4.25 15.83 1.15
CA HIS A 146 4.84 14.63 1.73
C HIS A 146 5.99 14.94 2.68
N ALA A 147 6.01 14.21 3.80
CA ALA A 147 7.01 14.37 4.84
C ALA A 147 8.32 13.71 4.39
N GLY A 148 9.46 14.29 4.79
CA GLY A 148 10.77 13.71 4.52
C GLY A 148 10.98 12.46 5.38
N ARG A 149 11.76 11.49 4.88
CA ARG A 149 12.11 10.30 5.66
C ARG A 149 13.00 10.68 6.85
N ARG A 150 12.94 9.90 7.92
CA ARG A 150 13.72 10.11 9.13
C ARG A 150 15.19 9.84 8.82
N ALA A 151 16.09 10.63 9.40
CA ALA A 151 17.52 10.36 9.36
C ALA A 151 17.84 9.38 10.50
N LEU A 152 18.63 8.35 10.21
CA LEU A 152 19.03 7.31 11.17
C LEU A 152 20.31 6.62 10.68
N LEU A 153 20.93 5.85 11.56
CA LEU A 153 22.05 4.95 11.25
C LEU A 153 21.84 3.70 12.09
N PHE A 154 21.79 2.53 11.46
CA PHE A 154 21.61 1.24 12.11
C PHE A 154 22.29 0.15 11.27
N GLY A 155 22.63 -0.97 11.89
CA GLY A 155 23.14 -2.17 11.24
C GLY A 155 23.16 -3.32 12.25
N ARG A 156 22.96 -4.56 11.78
CA ARG A 156 22.89 -5.75 12.63
C ARG A 156 24.29 -6.32 12.84
N ARG A 157 25.19 -5.50 13.39
CA ARG A 157 26.58 -5.92 13.64
C ARG A 157 26.66 -6.86 14.84
N SER A 158 25.70 -6.78 15.77
CA SER A 158 25.63 -7.67 16.91
C SER A 158 25.31 -9.09 16.42
N GLY A 159 26.05 -10.09 16.90
CA GLY A 159 25.84 -11.50 16.53
C GLY A 159 26.26 -11.81 15.08
N GLU A 160 27.04 -10.92 14.44
CA GLU A 160 27.54 -11.12 13.10
C GLU A 160 28.56 -12.28 13.10
N ASN A 161 28.43 -13.20 12.14
CA ASN A 161 29.33 -14.35 12.02
C ASN A 161 30.65 -13.92 11.39
N ALA A 162 31.77 -14.45 11.91
CA ALA A 162 33.11 -14.25 11.40
C ALA A 162 33.90 -15.54 11.60
N MET A 1 11.02 5.62 26.01
CA MET A 1 10.31 4.33 25.78
C MET A 1 9.84 4.23 24.31
N THR A 2 8.80 4.98 23.93
CA THR A 2 8.35 5.13 22.54
C THR A 2 8.00 3.76 21.92
N GLU A 3 7.30 2.91 22.68
CA GLU A 3 6.90 1.56 22.27
C GLU A 3 5.57 1.64 21.50
N GLU A 4 5.48 2.58 20.56
CA GLU A 4 4.25 2.96 19.86
C GLU A 4 4.57 3.30 18.40
N ILE A 5 3.54 3.24 17.55
CA ILE A 5 3.53 3.71 16.17
C ILE A 5 2.34 4.67 16.08
N ALA A 6 2.56 5.89 15.61
CA ALA A 6 1.49 6.87 15.42
C ALA A 6 0.74 6.56 14.11
N GLY A 7 -0.55 6.90 14.09
CA GLY A 7 -1.42 6.73 12.95
C GLY A 7 -1.02 7.58 11.75
N PHE A 8 -1.43 7.16 10.55
CA PHE A 8 -1.14 7.82 9.28
C PHE A 8 -2.43 8.40 8.68
N GLN A 9 -2.32 9.48 7.93
CA GLN A 9 -3.46 10.16 7.31
C GLN A 9 -3.86 9.47 5.99
N THR A 10 -2.91 8.85 5.30
CA THR A 10 -3.00 8.01 4.11
C THR A 10 -1.72 7.16 4.11
N SER A 11 -1.50 6.31 3.09
CA SER A 11 -0.21 5.65 2.93
C SER A 11 0.90 6.71 2.80
N PRO A 12 2.12 6.47 3.34
CA PRO A 12 3.31 7.29 3.10
C PRO A 12 3.84 7.02 1.68
N LYS A 13 3.00 7.26 0.67
CA LYS A 13 3.16 6.90 -0.75
C LYS A 13 4.51 7.33 -1.31
N ALA A 14 4.88 8.60 -1.16
CA ALA A 14 6.14 9.12 -1.69
C ALA A 14 7.34 8.47 -1.01
N GLN A 15 7.26 8.30 0.32
CA GLN A 15 8.36 7.77 1.10
C GLN A 15 8.56 6.28 0.78
N VAL A 16 7.48 5.51 0.61
CA VAL A 16 7.56 4.12 0.18
C VAL A 16 8.16 4.08 -1.23
N GLN A 17 7.79 5.00 -2.12
CA GLN A 17 8.30 5.04 -3.48
C GLN A 17 9.81 5.27 -3.48
N ALA A 18 10.28 6.31 -2.79
CA ALA A 18 11.69 6.66 -2.69
C ALA A 18 12.48 5.54 -2.01
N ALA A 19 11.92 4.92 -0.97
CA ALA A 19 12.56 3.82 -0.27
C ALA A 19 12.78 2.66 -1.24
N PHE A 20 11.73 2.25 -1.97
CA PHE A 20 11.86 1.12 -2.88
C PHE A 20 12.67 1.47 -4.11
N GLU A 21 12.69 2.72 -4.59
CA GLU A 21 13.61 3.13 -5.63
C GLU A 21 15.06 2.94 -5.15
N GLU A 22 15.34 3.15 -3.86
CA GLU A 22 16.68 2.98 -3.32
C GLU A 22 16.97 1.48 -3.16
N ILE A 23 16.10 0.74 -2.48
CA ILE A 23 16.27 -0.68 -2.15
C ILE A 23 16.38 -1.51 -3.45
N ALA A 24 15.59 -1.18 -4.48
CA ALA A 24 15.63 -1.89 -5.76
C ALA A 24 16.98 -1.72 -6.47
N ARG A 25 17.71 -0.65 -6.16
CA ARG A 25 18.97 -0.27 -6.78
C ARG A 25 20.13 -0.70 -5.89
N ARG A 26 19.92 -0.74 -4.57
CA ARG A 26 20.88 -1.36 -3.64
C ARG A 26 20.99 -2.84 -4.00
N SER A 27 19.86 -3.48 -4.28
CA SER A 27 19.81 -4.84 -4.76
C SER A 27 20.52 -4.83 -6.11
N MET A 28 21.61 -5.60 -6.22
CA MET A 28 22.41 -5.64 -7.43
C MET A 28 21.56 -6.24 -8.56
N HIS A 29 21.32 -5.44 -9.60
CA HIS A 29 20.64 -5.78 -10.82
C HIS A 29 21.39 -5.08 -11.96
N ASP A 30 21.16 -5.48 -13.21
CA ASP A 30 21.74 -4.78 -14.37
C ASP A 30 21.26 -3.31 -14.41
N LEU A 31 20.00 -3.09 -14.01
CA LEU A 31 19.42 -1.75 -13.91
C LEU A 31 20.08 -0.89 -12.82
N SER A 32 20.81 -1.46 -11.86
CA SER A 32 21.38 -0.68 -10.77
C SER A 32 22.54 0.21 -11.26
N PHE A 33 23.15 -0.15 -12.39
CA PHE A 33 24.22 0.61 -13.03
C PHE A 33 23.69 1.61 -14.06
N LEU A 34 22.39 1.55 -14.41
CA LEU A 34 21.77 2.28 -15.52
C LEU A 34 20.50 3.03 -15.08
N HIS A 35 20.21 3.06 -13.77
CA HIS A 35 18.98 3.51 -13.12
C HIS A 35 17.76 2.62 -13.49
N PRO A 36 16.69 2.60 -12.66
CA PRO A 36 15.55 1.70 -12.85
C PRO A 36 14.98 1.72 -14.28
N SER A 37 14.70 0.53 -14.81
CA SER A 37 14.23 0.32 -16.17
C SER A 37 12.85 0.94 -16.37
N MET A 38 11.99 0.84 -15.34
CA MET A 38 10.66 1.44 -15.27
C MET A 38 10.53 2.01 -13.85
N PRO A 39 10.06 3.25 -13.69
CA PRO A 39 9.88 3.87 -12.39
C PRO A 39 9.17 2.98 -11.36
N VAL A 40 9.78 2.88 -10.18
CA VAL A 40 9.14 2.27 -9.00
C VAL A 40 7.95 3.19 -8.66
N TYR A 41 6.78 2.63 -8.34
CA TYR A 41 5.54 3.40 -8.17
C TYR A 41 4.72 2.83 -7.02
N VAL A 42 3.85 3.65 -6.42
CA VAL A 42 3.02 3.27 -5.28
C VAL A 42 1.64 3.89 -5.49
N SER A 43 0.57 3.09 -5.41
CA SER A 43 -0.81 3.57 -5.36
C SER A 43 -1.33 3.54 -3.91
N ASP A 44 -2.27 4.41 -3.54
CA ASP A 44 -2.82 4.58 -2.18
C ASP A 44 -4.34 4.41 -2.20
N PHE A 45 -4.92 3.80 -1.16
CA PHE A 45 -6.32 3.36 -1.11
C PHE A 45 -6.96 3.49 0.28
N THR A 46 -8.29 3.28 0.28
CA THR A 46 -9.24 3.53 1.36
C THR A 46 -8.90 2.85 2.71
N LEU A 47 -9.65 3.25 3.73
CA LEU A 47 -9.52 2.73 5.08
C LEU A 47 -10.22 1.36 5.10
N PHE A 48 -9.46 0.36 5.51
CA PHE A 48 -9.82 -1.05 5.56
C PHE A 48 -10.10 -1.40 7.03
N GLU A 49 -9.45 -2.42 7.60
CA GLU A 49 -9.60 -2.81 9.01
C GLU A 49 -8.82 -1.84 9.90
N GLY A 50 -9.30 -0.59 10.02
CA GLY A 50 -8.68 0.47 10.82
C GLY A 50 -7.33 0.92 10.28
N GLN A 51 -7.01 0.59 9.02
CA GLN A 51 -5.70 0.75 8.40
C GLN A 51 -5.92 1.15 6.93
N TRP A 52 -5.09 2.02 6.37
CA TRP A 52 -5.14 2.36 4.95
C TRP A 52 -4.63 1.20 4.10
N THR A 53 -5.08 1.11 2.84
CA THR A 53 -4.52 0.18 1.87
C THR A 53 -3.58 0.95 0.93
N GLY A 54 -2.67 0.24 0.28
CA GLY A 54 -1.78 0.75 -0.74
C GLY A 54 -1.17 -0.44 -1.48
N CYS A 55 -0.51 -0.18 -2.60
CA CYS A 55 0.30 -1.19 -3.27
C CYS A 55 1.55 -0.49 -3.79
N VAL A 56 2.69 -1.17 -3.79
CA VAL A 56 3.92 -0.72 -4.40
C VAL A 56 4.27 -1.70 -5.52
N ILE A 57 4.82 -1.21 -6.62
CA ILE A 57 5.34 -2.02 -7.70
C ILE A 57 6.73 -1.51 -8.04
N THR A 58 7.56 -2.40 -8.56
CA THR A 58 8.92 -2.11 -8.93
C THR A 58 9.27 -2.92 -10.20
N PRO A 59 10.48 -2.77 -10.74
CA PRO A 59 10.99 -3.66 -11.77
C PRO A 59 11.16 -5.12 -11.29
N TRP A 60 10.83 -5.45 -10.03
CA TRP A 60 11.15 -6.74 -9.42
C TRP A 60 10.02 -7.35 -8.56
N MET A 61 9.02 -6.58 -8.09
CA MET A 61 7.96 -7.06 -7.21
C MET A 61 6.68 -6.23 -7.35
N LEU A 62 5.56 -6.76 -6.84
CA LEU A 62 4.28 -6.10 -6.66
C LEU A 62 3.82 -6.54 -5.28
N SER A 63 3.69 -5.60 -4.36
CA SER A 63 3.41 -5.90 -2.98
C SER A 63 2.35 -4.95 -2.45
N ALA A 64 1.26 -5.54 -1.97
CA ALA A 64 0.26 -4.78 -1.22
C ALA A 64 0.90 -4.32 0.09
N VAL A 65 0.51 -3.14 0.57
CA VAL A 65 1.04 -2.51 1.77
C VAL A 65 -0.13 -1.87 2.54
N ILE A 66 -0.05 -1.86 3.87
CA ILE A 66 -1.15 -1.47 4.76
C ILE A 66 -0.52 -0.69 5.93
N PHE A 67 -1.19 0.37 6.40
CA PHE A 67 -0.64 1.32 7.37
C PHE A 67 -1.70 1.66 8.42
N PRO A 68 -1.35 1.88 9.70
CA PRO A 68 -2.30 2.32 10.74
C PRO A 68 -3.09 3.57 10.33
N GLY A 69 -4.40 3.59 10.62
CA GLY A 69 -5.29 4.68 10.27
C GLY A 69 -5.03 5.96 11.09
N PRO A 70 -5.81 7.03 10.88
CA PRO A 70 -5.54 8.34 11.48
C PRO A 70 -5.64 8.32 13.00
N ASP A 71 -4.73 9.05 13.66
CA ASP A 71 -4.74 9.34 15.10
C ASP A 71 -4.85 8.10 15.99
N GLN A 72 -4.39 6.94 15.48
CA GLN A 72 -4.27 5.71 16.26
C GLN A 72 -2.92 5.72 16.96
N LEU A 73 -2.82 5.03 18.09
CA LEU A 73 -1.58 4.76 18.79
C LEU A 73 -1.44 3.24 18.78
N TRP A 74 -0.90 2.72 17.67
CA TRP A 74 -0.55 1.31 17.57
C TRP A 74 0.61 1.02 18.53
N PRO A 75 0.76 -0.22 19.02
CA PRO A 75 1.95 -0.62 19.74
C PRO A 75 3.13 -0.74 18.77
N LEU A 76 4.37 -0.68 19.27
CA LEU A 76 5.55 -1.00 18.48
C LEU A 76 5.48 -2.51 18.18
N ARG A 77 5.37 -2.89 16.91
CA ARG A 77 5.26 -4.29 16.51
C ARG A 77 6.65 -4.90 16.40
N LYS A 78 6.74 -6.22 16.57
CA LYS A 78 7.97 -6.97 16.25
C LYS A 78 7.90 -7.26 14.77
N VAL A 79 9.05 -7.20 14.11
CA VAL A 79 9.16 -7.21 12.67
C VAL A 79 9.27 -8.67 12.19
N SER A 80 8.85 -8.92 10.95
CA SER A 80 8.80 -10.24 10.33
C SER A 80 7.77 -11.19 10.97
N GLU A 81 6.93 -10.68 11.88
CA GLU A 81 5.77 -11.37 12.42
C GLU A 81 4.64 -11.27 11.39
N LYS A 82 3.62 -12.13 11.46
CA LYS A 82 2.45 -12.05 10.58
C LYS A 82 1.21 -11.68 11.38
N ILE A 83 0.34 -10.87 10.78
CA ILE A 83 -0.94 -10.44 11.31
C ILE A 83 -1.98 -10.97 10.34
N GLY A 84 -2.99 -11.70 10.82
CA GLY A 84 -4.11 -12.17 10.00
C GLY A 84 -5.04 -10.99 9.74
N LEU A 85 -5.30 -10.69 8.47
CA LEU A 85 -6.26 -9.67 8.04
C LEU A 85 -7.39 -10.37 7.28
N GLN A 86 -8.61 -9.88 7.42
CA GLN A 86 -9.77 -10.38 6.70
C GLN A 86 -9.97 -9.47 5.49
N LEU A 87 -10.07 -10.05 4.29
CA LEU A 87 -10.27 -9.34 3.03
C LEU A 87 -11.29 -10.13 2.20
N PRO A 88 -12.04 -9.51 1.26
CA PRO A 88 -12.94 -10.25 0.38
C PRO A 88 -12.22 -11.25 -0.54
N TYR A 89 -10.90 -11.06 -0.78
CA TYR A 89 -10.06 -12.04 -1.46
C TYR A 89 -10.04 -13.39 -0.71
N GLY A 90 -10.23 -13.34 0.60
CA GLY A 90 -10.04 -14.40 1.56
C GLY A 90 -9.16 -13.86 2.67
N THR A 91 -9.23 -14.44 3.87
CA THR A 91 -8.38 -14.05 4.98
C THR A 91 -6.93 -14.40 4.60
N MET A 92 -6.01 -13.46 4.79
CA MET A 92 -4.60 -13.59 4.41
C MET A 92 -3.74 -12.95 5.48
N THR A 93 -2.57 -13.52 5.77
CA THR A 93 -1.61 -12.90 6.66
C THR A 93 -0.81 -11.84 5.89
N PHE A 94 -0.62 -10.68 6.51
CA PHE A 94 0.30 -9.64 6.06
C PHE A 94 1.45 -9.65 7.06
N THR A 95 2.68 -9.52 6.56
CA THR A 95 3.87 -9.57 7.39
C THR A 95 4.14 -8.14 7.87
N VAL A 96 4.58 -7.98 9.13
CA VAL A 96 5.07 -6.71 9.64
C VAL A 96 6.45 -6.49 9.01
N GLY A 97 6.67 -5.35 8.37
CA GLY A 97 7.97 -4.93 7.90
C GLY A 97 8.35 -3.62 8.58
N GLU A 98 9.63 -3.27 8.54
CA GLU A 98 10.13 -1.99 9.01
C GLU A 98 10.90 -1.40 7.82
N LEU A 99 10.24 -0.57 7.03
CA LEU A 99 10.77 -0.13 5.74
C LEU A 99 11.84 0.94 6.00
N ASP A 100 13.05 0.70 5.46
CA ASP A 100 14.20 1.59 5.67
C ASP A 100 13.89 2.99 5.16
N GLY A 101 14.20 4.00 5.97
CA GLY A 101 13.94 5.40 5.65
C GLY A 101 12.46 5.79 5.78
N VAL A 102 11.58 4.88 6.24
CA VAL A 102 10.16 5.13 6.45
C VAL A 102 9.84 4.70 7.89
N SER A 103 8.94 3.74 8.11
CA SER A 103 8.37 3.37 9.39
C SER A 103 7.97 1.88 9.34
N GLN A 104 7.39 1.36 10.44
CA GLN A 104 6.77 0.04 10.40
C GLN A 104 5.50 0.11 9.55
N TYR A 105 5.24 -0.96 8.80
CA TYR A 105 4.07 -1.14 7.95
C TYR A 105 3.74 -2.63 7.87
N LEU A 106 2.59 -2.96 7.31
CA LEU A 106 2.23 -4.34 6.98
C LEU A 106 2.37 -4.47 5.47
N SER A 107 2.86 -5.62 5.00
CA SER A 107 3.11 -5.85 3.58
C SER A 107 2.74 -7.29 3.20
N CYS A 108 2.42 -7.52 1.93
CA CYS A 108 2.23 -8.84 1.36
C CYS A 108 2.75 -8.78 -0.08
N SER A 109 3.85 -9.47 -0.35
CA SER A 109 4.36 -9.64 -1.72
C SER A 109 3.42 -10.60 -2.44
N LEU A 110 2.92 -10.20 -3.62
CA LEU A 110 1.84 -10.91 -4.30
C LEU A 110 2.26 -11.42 -5.68
N MET A 111 3.02 -10.64 -6.45
CA MET A 111 3.50 -11.00 -7.79
C MET A 111 4.93 -10.49 -7.95
N SER A 112 5.65 -11.03 -8.93
CA SER A 112 7.05 -10.68 -9.23
C SER A 112 7.16 -10.22 -10.70
N PRO A 113 6.56 -9.08 -11.08
CA PRO A 113 6.71 -8.51 -12.41
C PRO A 113 8.18 -8.18 -12.70
N LEU A 114 8.54 -8.19 -13.98
CA LEU A 114 9.85 -7.76 -14.51
C LEU A 114 9.56 -6.81 -15.66
N SER A 115 10.47 -5.88 -15.95
CA SER A 115 10.29 -4.82 -16.95
C SER A 115 10.40 -5.33 -18.40
N HIS A 116 9.53 -6.28 -18.79
CA HIS A 116 9.38 -6.78 -20.15
C HIS A 116 7.90 -6.91 -20.48
N SER A 117 7.19 -7.84 -19.82
CA SER A 117 5.74 -8.03 -19.95
C SER A 117 5.06 -7.11 -18.93
N MET A 118 5.47 -5.83 -18.99
CA MET A 118 5.22 -4.77 -18.04
C MET A 118 5.42 -3.44 -18.78
N SER A 119 4.90 -2.35 -18.23
CA SER A 119 5.10 -0.99 -18.73
C SER A 119 5.02 -0.05 -17.53
N ILE A 120 5.32 1.24 -17.69
CA ILE A 120 5.05 2.22 -16.65
C ILE A 120 3.54 2.42 -16.47
N GLU A 121 2.77 2.17 -17.53
CA GLU A 121 1.31 2.21 -17.46
C GLU A 121 0.82 1.08 -16.56
N GLU A 122 1.37 -0.13 -16.70
CA GLU A 122 1.11 -1.22 -15.75
C GLU A 122 1.71 -0.88 -14.38
N GLY A 123 2.80 -0.10 -14.34
CA GLY A 123 3.37 0.45 -13.12
C GLY A 123 2.36 1.28 -12.32
N GLN A 124 1.36 1.86 -12.99
CA GLN A 124 0.23 2.52 -12.32
C GLN A 124 -0.96 1.56 -12.20
N ARG A 125 -1.42 0.99 -13.31
CA ARG A 125 -2.68 0.25 -13.40
C ARG A 125 -2.64 -1.11 -12.70
N LEU A 126 -1.49 -1.78 -12.61
CA LEU A 126 -1.41 -3.08 -11.92
C LEU A 126 -1.26 -2.87 -10.44
N THR A 127 -0.65 -1.77 -10.01
CA THR A 127 -0.60 -1.37 -8.62
C THR A 127 -2.02 -1.06 -8.14
N ASP A 128 -2.80 -0.35 -8.94
CA ASP A 128 -4.21 -0.10 -8.67
C ASP A 128 -5.02 -1.39 -8.68
N ASP A 129 -4.87 -2.24 -9.71
CA ASP A 129 -5.67 -3.46 -9.77
C ASP A 129 -5.24 -4.45 -8.69
N CYS A 130 -3.98 -4.37 -8.22
CA CYS A 130 -3.50 -5.18 -7.11
C CYS A 130 -4.25 -4.82 -5.84
N ALA A 131 -4.47 -3.51 -5.62
CA ALA A 131 -5.28 -3.05 -4.50
C ALA A 131 -6.73 -3.48 -4.71
N ARG A 132 -7.31 -3.28 -5.90
CA ARG A 132 -8.69 -3.66 -6.16
C ARG A 132 -8.93 -5.14 -5.89
N MET A 133 -8.04 -5.99 -6.38
CA MET A 133 -8.03 -7.44 -6.13
C MET A 133 -8.19 -7.77 -4.64
N ILE A 134 -7.71 -6.93 -3.71
CA ILE A 134 -7.84 -7.16 -2.28
C ILE A 134 -8.92 -6.30 -1.61
N LEU A 135 -9.37 -5.19 -2.23
CA LEU A 135 -10.54 -4.41 -1.82
C LEU A 135 -11.71 -4.81 -2.73
N SER A 136 -11.83 -6.11 -2.96
CA SER A 136 -12.70 -6.76 -3.93
C SER A 136 -14.16 -6.80 -3.47
N LEU A 137 -14.66 -5.62 -3.12
CA LEU A 137 -16.06 -5.38 -2.79
C LEU A 137 -16.89 -5.58 -4.05
N PRO A 138 -18.12 -6.13 -3.95
CA PRO A 138 -18.97 -6.49 -5.08
C PRO A 138 -19.74 -5.27 -5.62
N VAL A 139 -18.99 -4.23 -6.00
CA VAL A 139 -19.47 -2.91 -6.44
C VAL A 139 -20.16 -2.16 -5.28
N THR A 140 -20.15 -0.83 -5.35
CA THR A 140 -20.80 0.04 -4.37
C THR A 140 -22.31 -0.22 -4.35
N ASN A 141 -22.92 -0.21 -3.16
CA ASN A 141 -24.36 -0.34 -2.96
C ASN A 141 -24.77 0.62 -1.83
N PRO A 142 -25.61 1.65 -2.08
CA PRO A 142 -26.06 2.59 -1.06
C PRO A 142 -27.20 1.97 -0.24
N ASP A 143 -26.88 0.90 0.50
CA ASP A 143 -27.76 -0.03 1.23
C ASP A 143 -28.72 -0.83 0.34
N VAL A 144 -29.39 -0.17 -0.60
CA VAL A 144 -30.26 -0.78 -1.60
C VAL A 144 -30.21 0.07 -2.89
N PRO A 145 -30.36 -0.56 -4.08
CA PRO A 145 -30.56 0.14 -5.34
C PRO A 145 -31.74 1.10 -5.31
N HIS A 146 -31.83 1.99 -6.31
CA HIS A 146 -33.03 2.80 -6.51
C HIS A 146 -34.19 1.84 -6.82
N ALA A 147 -35.26 1.91 -6.02
CA ALA A 147 -36.40 1.00 -6.07
C ALA A 147 -37.69 1.72 -6.47
N GLY A 148 -37.64 3.01 -6.79
CA GLY A 148 -38.81 3.81 -7.15
C GLY A 148 -39.39 3.36 -8.48
N ARG A 149 -40.72 3.36 -8.60
CA ARG A 149 -41.41 3.00 -9.84
C ARG A 149 -41.18 4.10 -10.87
N ARG A 150 -40.97 3.70 -12.13
CA ARG A 150 -40.84 4.65 -13.25
C ARG A 150 -42.22 4.97 -13.78
N ALA A 151 -42.35 6.07 -14.53
CA ALA A 151 -43.63 6.54 -15.06
C ALA A 151 -44.30 5.49 -15.96
N LEU A 152 -43.51 4.67 -16.67
CA LEU A 152 -43.98 3.65 -17.60
C LEU A 152 -44.23 2.29 -16.95
N LEU A 153 -44.27 2.21 -15.61
CA LEU A 153 -44.68 1.02 -14.87
C LEU A 153 -46.05 1.31 -14.26
N PHE A 154 -47.11 0.74 -14.86
CA PHE A 154 -48.47 0.79 -14.33
C PHE A 154 -49.25 -0.43 -14.84
N GLY A 155 -50.31 -0.79 -14.11
CA GLY A 155 -51.11 -1.98 -14.39
C GLY A 155 -50.28 -3.27 -14.21
N ARG A 156 -50.76 -4.38 -14.78
CA ARG A 156 -50.00 -5.63 -14.80
C ARG A 156 -48.87 -5.51 -15.81
N ARG A 157 -49.21 -5.17 -17.06
CA ARG A 157 -48.26 -4.86 -18.14
C ARG A 157 -48.83 -3.75 -19.03
N SER A 158 -49.64 -2.85 -18.46
CA SER A 158 -50.28 -1.78 -19.22
C SER A 158 -49.21 -0.74 -19.60
N GLY A 159 -48.31 -0.45 -18.66
CA GLY A 159 -47.11 0.33 -18.89
C GLY A 159 -46.04 -0.62 -19.42
N GLU A 160 -45.20 -0.13 -20.34
CA GLU A 160 -44.26 -0.95 -21.11
C GLU A 160 -42.88 -1.10 -20.44
N ASN A 161 -42.81 -0.92 -19.11
CA ASN A 161 -41.61 -1.18 -18.31
C ASN A 161 -41.11 -2.62 -18.52
N ALA A 162 -42.04 -3.58 -18.65
CA ALA A 162 -41.74 -4.96 -19.01
C ALA A 162 -42.30 -5.22 -20.42
#